data_7RMV
#
_entry.id   7RMV
#
_cell.length_a   1.00
_cell.length_b   1.00
_cell.length_c   1.00
_cell.angle_alpha   90.00
_cell.angle_beta   90.00
_cell.angle_gamma   90.00
#
_symmetry.space_group_name_H-M   'P 1'
#
loop_
_entity.id
_entity.type
_entity.pdbx_description
1 polymer 'CTP synthase'
2 non-polymer "ADENOSINE-5'-TRIPHOSPHATE"
3 non-polymer "URIDINE 5'-TRIPHOSPHATE"
#
_entity_poly.entity_id   1
_entity_poly.type   'polypeptide(L)'
_entity_poly.pdbx_seq_one_letter_code
;MKYVVVSGGVISGIGKGVLASSTGMLMKTLGLKVTSIKIDPYMNIDAGTMSPLEHGECFVLDDGGETDLDLGNYERYLGV
TLTKDHNITTGKIYSHVIAKERKGDYLGKTVQIVPHLTNAIQDWIERVAKIPVDDTGMEPDVCIIELGGTVGDIESAPFV
EALRQFQFKVGKENFALIHVSLVPVIHGEQKTKPTQAAIKGLRSLGLVPDMIACRCSETLDKPTIDKIAMFCHVGPEQVV
NVHDVNSTYHVPLLLLEQKMIDYLHARLKLDEISLTEEEELLSKWKATTGNFDETVKIALVGKYTNLKDSYLSVIKALEH
SSMKCRRKLDIKWVEATDLEPEAQESNKTKFREAWNMVSTADGILIPGGFGVRGTEGMVLAARWARENHIPFLGVCLGLQ
IATIEFTRSVLGRKDSHSAEFYPDIDEKNHVVVFMMRLGLRPTFFQNETEWSQIKKLYGDVSEVHERHRHRYEINPKMVD
ELENNGLIFVGKDDTGKRCEILELKNHPYYIATQYHPEYTSKVLDPSKPFLGLVAASAGILQDVIEGKYDLEA
;
_entity_poly.pdbx_strand_id   A,B,C,D,E,F,G,H
#
# COMPACT_ATOMS: atom_id res chain seq x y z
N MET A 1 -7.43 -31.44 60.64
CA MET A 1 -6.53 -32.28 61.47
C MET A 1 -5.16 -31.63 61.64
N LYS A 2 -4.49 -31.88 62.77
CA LYS A 2 -3.13 -31.37 63.01
C LYS A 2 -2.06 -32.32 62.47
N TYR A 3 -0.90 -31.79 62.11
CA TYR A 3 0.19 -32.63 61.58
C TYR A 3 1.56 -32.11 62.04
N VAL A 4 2.55 -32.99 62.24
CA VAL A 4 3.92 -32.62 62.60
C VAL A 4 4.90 -33.36 61.72
N VAL A 5 5.61 -32.71 60.82
CA VAL A 5 6.72 -33.34 60.11
C VAL A 5 7.94 -33.44 61.02
N VAL A 6 8.65 -34.56 60.95
CA VAL A 6 10.02 -34.72 61.42
C VAL A 6 10.88 -35.08 60.22
N SER A 7 11.95 -34.35 59.97
CA SER A 7 12.76 -34.50 58.75
C SER A 7 14.22 -34.12 58.97
N GLY A 8 15.07 -34.24 57.97
CA GLY A 8 16.26 -33.37 57.88
C GLY A 8 17.66 -33.95 58.02
N GLY A 9 18.62 -33.04 58.12
CA GLY A 9 20.03 -33.27 58.46
C GLY A 9 20.99 -33.27 57.27
N VAL A 10 22.30 -33.21 57.53
CA VAL A 10 23.36 -33.50 56.54
C VAL A 10 23.76 -34.98 56.45
N ILE A 11 23.20 -35.86 57.27
CA ILE A 11 23.52 -37.29 57.34
C ILE A 11 22.25 -38.09 57.60
N SER A 12 22.16 -39.28 57.02
CA SER A 12 21.21 -40.30 57.47
C SER A 12 21.72 -40.91 58.78
N GLY A 13 20.84 -41.33 59.70
CA GLY A 13 21.22 -41.89 61.00
C GLY A 13 21.35 -40.87 62.14
N ILE A 14 20.89 -39.65 61.93
CA ILE A 14 21.01 -38.52 62.87
C ILE A 14 20.17 -38.63 64.15
N GLY A 15 19.05 -39.34 64.15
CA GLY A 15 18.18 -39.50 65.32
C GLY A 15 16.67 -39.32 65.14
N LYS A 16 16.12 -39.26 63.96
CA LYS A 16 14.73 -38.94 63.63
C LYS A 16 13.71 -39.68 64.48
N GLY A 17 13.56 -40.98 64.33
CA GLY A 17 12.58 -41.79 65.01
C GLY A 17 12.36 -41.54 66.47
N VAL A 18 13.38 -41.36 67.27
CA VAL A 18 13.38 -41.04 68.71
C VAL A 18 12.80 -39.67 68.91
N LEU A 19 13.04 -38.73 68.02
CA LEU A 19 12.52 -37.37 67.98
C LEU A 19 11.09 -37.41 67.49
N ALA A 20 10.71 -38.40 66.74
CA ALA A 20 9.41 -38.61 66.10
C ALA A 20 8.41 -39.21 67.07
N SER A 21 8.47 -40.48 67.34
CA SER A 21 7.56 -41.20 68.22
C SER A 21 7.64 -40.53 69.56
N SER A 22 8.83 -40.25 70.05
CA SER A 22 8.93 -39.47 71.31
C SER A 22 8.15 -38.14 71.33
N THR A 23 8.04 -37.39 70.26
CA THR A 23 7.21 -36.21 70.08
C THR A 23 5.77 -36.65 70.14
N GLY A 24 5.43 -37.77 69.53
CA GLY A 24 4.12 -38.36 69.50
C GLY A 24 3.64 -38.92 70.79
N MET A 25 4.52 -39.42 71.64
CA MET A 25 4.19 -39.85 73.00
C MET A 25 3.70 -38.64 73.78
N LEU A 26 4.43 -37.55 73.60
CA LEU A 26 4.12 -36.32 74.26
C LEU A 26 2.80 -35.75 73.80
N MET A 27 2.41 -35.94 72.53
CA MET A 27 1.08 -35.50 72.10
C MET A 27 -0.01 -36.24 72.89
N LYS A 28 0.19 -37.54 73.15
CA LYS A 28 -0.68 -38.34 74.00
C LYS A 28 -0.73 -37.89 75.45
N THR A 29 0.36 -37.30 75.94
CA THR A 29 0.42 -36.69 77.26
C THR A 29 -0.64 -35.61 77.42
N LEU A 30 -0.91 -34.86 76.35
CA LEU A 30 -1.95 -33.86 76.34
C LEU A 30 -3.36 -34.49 76.28
N GLY A 31 -3.45 -35.82 76.20
CA GLY A 31 -4.68 -36.60 76.09
C GLY A 31 -5.12 -36.89 74.66
N LEU A 32 -4.29 -36.57 73.67
CA LEU A 32 -4.66 -36.55 72.25
C LEU A 32 -4.75 -37.95 71.63
N LYS A 33 -5.65 -38.12 70.64
CA LYS A 33 -5.63 -39.27 69.72
C LYS A 33 -4.48 -39.07 68.75
N VAL A 34 -3.59 -40.04 68.60
CA VAL A 34 -2.33 -39.81 67.84
C VAL A 34 -2.05 -40.94 66.88
N THR A 35 -1.42 -40.62 65.76
CA THR A 35 -1.03 -41.55 64.71
C THR A 35 0.32 -41.18 64.14
N SER A 36 0.91 -42.02 63.32
CA SER A 36 2.22 -41.80 62.74
C SER A 36 2.36 -42.39 61.36
N ILE A 37 3.05 -41.74 60.45
CA ILE A 37 3.33 -42.24 59.11
C ILE A 37 4.83 -42.16 58.89
N LYS A 38 5.46 -43.24 58.42
CA LYS A 38 6.85 -43.15 57.99
C LYS A 38 6.93 -43.16 56.48
N ILE A 39 7.54 -42.13 55.97
CA ILE A 39 7.82 -41.97 54.55
C ILE A 39 9.23 -42.47 54.31
N ASP A 40 9.35 -43.50 53.50
CA ASP A 40 10.62 -44.12 53.16
C ASP A 40 11.09 -43.83 51.75
N PRO A 41 12.29 -43.27 51.59
CA PRO A 41 12.74 -43.00 50.24
C PRO A 41 13.17 -44.22 49.43
N TYR A 42 13.33 -45.40 50.04
CA TYR A 42 13.73 -46.58 49.28
C TYR A 42 12.63 -47.10 48.33
N MET A 43 13.02 -47.94 47.39
CA MET A 43 12.11 -48.43 46.34
C MET A 43 11.48 -49.80 46.58
N ASN A 44 11.83 -50.52 47.63
CA ASN A 44 11.06 -51.70 48.01
C ASN A 44 9.63 -51.28 48.37
N ILE A 45 8.63 -52.02 47.86
CA ILE A 45 7.23 -51.80 48.23
C ILE A 45 6.94 -52.26 49.66
N ASP A 46 7.63 -53.31 50.12
CA ASP A 46 7.52 -53.87 51.46
C ASP A 46 8.80 -54.63 51.88
N ALA A 47 8.93 -54.96 53.16
CA ALA A 47 10.06 -55.71 53.67
C ALA A 47 9.99 -57.22 53.41
N GLY A 48 8.92 -57.73 52.79
CA GLY A 48 8.78 -59.15 52.55
C GLY A 48 9.82 -59.69 51.58
N THR A 49 10.26 -58.87 50.63
CA THR A 49 11.39 -59.20 49.76
C THR A 49 12.76 -58.99 50.44
N MET A 50 12.81 -58.22 51.52
CA MET A 50 14.05 -57.79 52.13
C MET A 50 14.55 -58.81 53.14
N SER A 51 15.70 -59.44 52.85
CA SER A 51 16.38 -60.34 53.77
C SER A 51 16.85 -59.60 55.03
N PRO A 52 16.65 -60.10 56.26
CA PRO A 52 17.00 -59.39 57.49
C PRO A 52 18.47 -58.99 57.67
N LEU A 53 19.37 -59.50 56.82
CA LEU A 53 20.78 -59.14 56.77
C LEU A 53 21.01 -57.64 56.62
N GLU A 54 20.15 -56.97 55.86
CA GLU A 54 20.26 -55.54 55.58
C GLU A 54 18.89 -54.89 55.64
N HIS A 55 18.85 -53.66 56.15
CA HIS A 55 17.67 -53.01 56.73
C HIS A 55 17.04 -53.74 57.93
N GLY A 56 17.60 -54.89 58.33
CA GLY A 56 17.23 -55.55 59.56
C GLY A 56 15.87 -56.26 59.53
N GLU A 57 15.37 -56.49 60.72
CA GLU A 57 14.15 -57.21 61.09
C GLU A 57 12.87 -56.76 60.37
N CYS A 58 12.18 -57.65 59.64
CA CYS A 58 10.89 -57.35 58.99
C CYS A 58 9.77 -57.22 60.04
N PHE A 59 9.49 -56.00 60.54
CA PHE A 59 8.46 -55.81 61.57
C PHE A 59 7.07 -56.24 61.09
N VAL A 60 6.27 -56.84 61.95
CA VAL A 60 4.93 -57.31 61.53
C VAL A 60 3.70 -56.71 62.24
N LEU A 61 2.81 -56.28 61.39
CA LEU A 61 1.56 -55.64 61.76
C LEU A 61 0.54 -56.62 62.35
N ASP A 62 -0.43 -56.04 63.02
CA ASP A 62 -1.75 -56.64 63.23
C ASP A 62 -2.34 -57.16 61.90
N ASP A 63 -2.37 -56.32 60.85
CA ASP A 63 -2.77 -56.70 59.49
C ASP A 63 -1.79 -57.63 58.75
N GLY A 64 -0.70 -58.07 59.39
CA GLY A 64 0.19 -59.12 58.86
C GLY A 64 1.09 -58.73 57.69
N GLY A 65 1.16 -57.46 57.34
CA GLY A 65 2.19 -56.93 56.45
C GLY A 65 3.57 -56.91 57.10
N GLU A 66 4.58 -57.38 56.36
CA GLU A 66 6.01 -57.21 56.67
C GLU A 66 6.46 -55.80 56.32
N THR A 67 6.39 -54.92 57.32
CA THR A 67 6.71 -53.47 57.22
C THR A 67 8.18 -53.16 57.39
N ASP A 68 8.52 -51.90 57.10
CA ASP A 68 9.66 -51.24 57.70
C ASP A 68 9.73 -51.50 59.20
N LEU A 69 10.93 -51.81 59.67
CA LEU A 69 11.19 -52.05 61.07
C LEU A 69 10.73 -50.90 61.97
N ASP A 70 11.05 -49.67 61.57
CA ASP A 70 10.93 -48.51 62.45
C ASP A 70 9.49 -48.21 62.88
N LEU A 71 8.49 -48.68 62.12
CA LEU A 71 7.10 -48.57 62.57
C LEU A 71 6.89 -49.16 63.96
N GLY A 72 7.61 -50.24 64.29
CA GLY A 72 7.59 -50.80 65.63
C GLY A 72 7.89 -49.72 66.67
N ASN A 73 8.80 -48.79 66.39
CA ASN A 73 9.21 -47.75 67.31
C ASN A 73 8.00 -46.89 67.65
N TYR A 74 7.00 -46.77 66.82
CA TYR A 74 5.78 -45.99 66.92
C TYR A 74 4.66 -46.74 67.62
N GLU A 75 4.64 -48.06 67.47
CA GLU A 75 3.61 -48.84 68.13
C GLU A 75 3.93 -48.83 69.62
N ARG A 76 5.23 -48.92 69.94
CA ARG A 76 5.80 -48.88 71.31
C ARG A 76 5.53 -47.57 72.04
N TYR A 77 5.92 -46.47 71.40
CA TYR A 77 5.97 -45.13 72.01
C TYR A 77 4.60 -44.45 72.09
N LEU A 78 3.62 -44.86 71.28
CA LEU A 78 2.26 -44.35 71.19
C LEU A 78 1.24 -45.29 71.78
N GLY A 79 1.41 -46.60 71.61
CA GLY A 79 0.38 -47.57 71.97
C GLY A 79 -0.74 -47.59 70.95
N VAL A 80 -0.39 -47.84 69.68
CA VAL A 80 -1.32 -47.79 68.54
C VAL A 80 -1.12 -48.97 67.63
N THR A 81 -2.19 -49.39 66.95
CA THR A 81 -2.11 -50.40 65.88
C THR A 81 -2.07 -49.71 64.53
N LEU A 82 -0.92 -49.73 63.87
CA LEU A 82 -0.79 -49.19 62.52
C LEU A 82 -1.24 -50.22 61.47
N THR A 83 -1.15 -49.85 60.19
CA THR A 83 -1.56 -50.68 59.05
C THR A 83 -0.50 -50.65 57.95
N LYS A 84 -0.61 -51.52 56.94
CA LYS A 84 0.34 -51.57 55.82
C LYS A 84 0.46 -50.24 55.06
N ASP A 85 -0.58 -49.40 55.12
CA ASP A 85 -0.59 -48.09 54.49
C ASP A 85 0.18 -47.01 55.24
N HIS A 86 0.47 -47.15 56.54
CA HIS A 86 1.24 -46.17 57.31
C HIS A 86 2.73 -46.14 56.97
N ASN A 87 3.21 -47.07 56.17
CA ASN A 87 4.56 -47.04 55.65
C ASN A 87 4.52 -46.67 54.17
N ILE A 88 4.54 -45.37 53.88
CA ILE A 88 4.69 -44.86 52.52
C ILE A 88 6.11 -45.18 52.06
N THR A 89 6.30 -45.67 50.85
CA THR A 89 7.65 -45.87 50.29
C THR A 89 7.69 -45.39 48.84
N THR A 90 8.87 -45.06 48.34
CA THR A 90 9.00 -44.60 46.95
C THR A 90 8.53 -45.66 45.96
N GLY A 91 8.79 -46.94 46.21
CA GLY A 91 8.27 -48.00 45.37
C GLY A 91 6.76 -48.18 45.46
N LYS A 92 6.18 -47.90 46.62
CA LYS A 92 4.74 -48.03 46.85
C LYS A 92 3.98 -46.94 46.11
N ILE A 93 4.43 -45.70 46.15
CA ILE A 93 3.74 -44.58 45.52
C ILE A 93 3.97 -44.52 44.02
N TYR A 94 5.15 -44.81 43.48
CA TYR A 94 5.26 -44.97 42.03
C TYR A 94 4.36 -46.09 41.50
N SER A 95 4.23 -47.21 42.19
CA SER A 95 3.32 -48.29 41.79
C SER A 95 1.86 -47.86 41.78
N HIS A 96 1.42 -47.09 42.77
CA HIS A 96 0.03 -46.65 42.87
C HIS A 96 -0.35 -45.66 41.77
N VAL A 97 0.50 -44.67 41.49
CA VAL A 97 0.27 -43.77 40.36
C VAL A 97 0.40 -44.48 39.00
N ILE A 98 1.37 -45.36 38.82
CA ILE A 98 1.47 -46.16 37.59
C ILE A 98 0.26 -47.08 37.41
N ALA A 99 -0.36 -47.61 38.47
CA ALA A 99 -1.58 -48.39 38.32
C ALA A 99 -2.72 -47.53 37.76
N LYS A 100 -2.94 -46.36 38.36
CA LYS A 100 -3.92 -45.39 37.87
C LYS A 100 -3.64 -44.91 36.44
N GLU A 101 -2.38 -44.83 36.01
CA GLU A 101 -2.00 -44.52 34.63
C GLU A 101 -2.49 -45.56 33.62
N ARG A 102 -2.38 -46.85 33.91
CA ARG A 102 -2.83 -47.93 33.00
C ARG A 102 -4.31 -48.23 33.09
N LYS A 103 -4.92 -48.02 34.26
CA LYS A 103 -6.39 -47.99 34.41
C LYS A 103 -7.00 -46.79 33.68
N GLY A 104 -6.23 -45.73 33.49
CA GLY A 104 -6.66 -44.53 32.77
C GLY A 104 -7.38 -43.50 33.64
N ASP A 105 -7.17 -43.49 34.96
CA ASP A 105 -7.85 -42.59 35.90
C ASP A 105 -7.45 -41.12 35.71
N TYR A 106 -6.39 -40.84 34.97
CA TYR A 106 -5.97 -39.50 34.57
C TYR A 106 -6.66 -38.99 33.30
N LEU A 107 -7.72 -39.65 32.80
CA LEU A 107 -8.55 -39.16 31.69
C LEU A 107 -7.71 -38.79 30.46
N GLY A 108 -6.69 -39.58 30.18
CA GLY A 108 -5.80 -39.42 29.03
C GLY A 108 -4.88 -38.20 29.07
N LYS A 109 -4.83 -37.41 30.16
CA LYS A 109 -3.76 -36.42 30.36
C LYS A 109 -2.40 -37.12 30.40
N THR A 110 -1.31 -36.43 30.13
CA THR A 110 0.01 -36.93 30.57
C THR A 110 0.11 -36.77 32.08
N VAL A 111 0.74 -37.74 32.75
CA VAL A 111 0.87 -37.77 34.20
C VAL A 111 2.31 -37.49 34.58
N GLN A 112 2.51 -36.60 35.53
CA GLN A 112 3.77 -35.91 35.77
C GLN A 112 4.18 -36.05 37.23
N ILE A 113 5.47 -35.91 37.55
CA ILE A 113 5.86 -35.97 38.96
C ILE A 113 5.27 -34.79 39.73
N VAL A 114 5.19 -33.61 39.12
CA VAL A 114 4.41 -32.48 39.61
C VAL A 114 3.41 -32.06 38.54
N PRO A 115 2.10 -31.94 38.81
CA PRO A 115 1.45 -32.06 40.10
C PRO A 115 0.91 -33.45 40.43
N HIS A 116 0.83 -34.41 39.50
CA HIS A 116 0.07 -35.63 39.76
C HIS A 116 0.64 -36.52 40.86
N LEU A 117 1.93 -36.85 40.84
CA LEU A 117 2.51 -37.66 41.91
C LEU A 117 2.61 -36.90 43.24
N THR A 118 2.90 -35.60 43.24
CA THR A 118 2.88 -34.83 44.49
C THR A 118 1.49 -34.65 45.06
N ASN A 119 0.44 -34.67 44.24
CA ASN A 119 -0.93 -34.80 44.71
C ASN A 119 -1.17 -36.19 45.30
N ALA A 120 -0.70 -37.27 44.67
CA ALA A 120 -0.88 -38.61 45.20
C ALA A 120 -0.32 -38.75 46.62
N ILE A 121 0.89 -38.24 46.87
CA ILE A 121 1.50 -38.27 48.20
C ILE A 121 0.65 -37.49 49.22
N GLN A 122 0.18 -36.29 48.91
CA GLN A 122 -0.71 -35.55 49.81
C GLN A 122 -2.03 -36.29 50.05
N ASP A 123 -2.61 -36.85 49.00
CA ASP A 123 -3.86 -37.60 49.11
C ASP A 123 -3.67 -38.90 49.92
N TRP A 124 -2.48 -39.50 49.91
CA TRP A 124 -2.13 -40.64 50.77
C TRP A 124 -1.97 -40.23 52.23
N ILE A 125 -1.21 -39.19 52.54
CA ILE A 125 -1.02 -38.72 53.91
C ILE A 125 -2.37 -38.35 54.55
N GLU A 126 -3.20 -37.55 53.89
CA GLU A 126 -4.50 -37.20 54.47
C GLU A 126 -5.48 -38.36 54.46
N ARG A 127 -5.34 -39.36 53.58
CA ARG A 127 -6.14 -40.60 53.64
C ARG A 127 -5.80 -41.35 54.89
N VAL A 128 -4.53 -41.69 55.08
CA VAL A 128 -4.06 -42.54 56.18
C VAL A 128 -4.26 -41.87 57.53
N ALA A 129 -4.10 -40.55 57.62
CA ALA A 129 -4.32 -39.81 58.86
C ALA A 129 -5.77 -39.83 59.38
N LYS A 130 -6.75 -40.29 58.60
CA LYS A 130 -8.12 -40.55 59.07
C LYS A 130 -8.27 -41.85 59.86
N ILE A 131 -7.43 -42.85 59.61
CA ILE A 131 -7.61 -44.21 60.13
C ILE A 131 -7.51 -44.21 61.67
N PRO A 132 -8.46 -44.81 62.41
CA PRO A 132 -8.50 -44.78 63.87
C PRO A 132 -7.58 -45.84 64.49
N VAL A 133 -6.29 -45.53 64.60
CA VAL A 133 -5.26 -46.47 65.12
C VAL A 133 -5.25 -46.63 66.64
N ASP A 134 -6.04 -45.84 67.34
CA ASP A 134 -5.98 -45.59 68.79
C ASP A 134 -7.01 -46.41 69.59
N ASP A 135 -6.97 -46.32 70.92
CA ASP A 135 -7.79 -47.11 71.86
C ASP A 135 -9.31 -46.82 71.84
N THR A 136 -9.79 -45.95 70.95
CA THR A 136 -11.20 -45.82 70.59
C THR A 136 -11.30 -45.40 69.14
N GLY A 137 -12.38 -45.77 68.47
CA GLY A 137 -12.54 -45.69 67.02
C GLY A 137 -12.62 -44.30 66.39
N MET A 138 -12.36 -43.21 67.13
CA MET A 138 -12.29 -41.86 66.56
C MET A 138 -11.04 -41.64 65.72
N GLU A 139 -11.15 -40.80 64.70
CA GLU A 139 -9.99 -40.41 63.89
C GLU A 139 -8.95 -39.64 64.73
N PRO A 140 -7.63 -39.81 64.50
CA PRO A 140 -6.59 -39.12 65.21
C PRO A 140 -6.68 -37.59 65.15
N ASP A 141 -6.22 -36.93 66.21
CA ASP A 141 -6.19 -35.47 66.30
C ASP A 141 -4.90 -34.93 65.66
N VAL A 142 -3.80 -35.66 65.84
CA VAL A 142 -2.48 -35.29 65.31
C VAL A 142 -1.82 -36.48 64.62
N CYS A 143 -1.12 -36.21 63.53
CA CYS A 143 -0.31 -37.20 62.83
C CYS A 143 1.16 -36.79 62.81
N ILE A 144 2.07 -37.65 63.26
CA ILE A 144 3.52 -37.43 63.18
C ILE A 144 4.01 -38.02 61.87
N ILE A 145 4.54 -37.22 60.95
CA ILE A 145 5.03 -37.69 59.66
C ILE A 145 6.55 -37.69 59.68
N GLU A 146 7.20 -38.84 59.64
CA GLU A 146 8.66 -38.88 59.58
C GLU A 146 9.11 -39.07 58.15
N LEU A 147 9.85 -38.11 57.63
CA LEU A 147 10.44 -38.13 56.31
C LEU A 147 11.83 -38.76 56.40
N GLY A 148 12.00 -39.98 55.93
CA GLY A 148 13.31 -40.64 55.85
C GLY A 148 14.24 -40.03 54.79
N GLY A 149 15.47 -40.56 54.75
CA GLY A 149 16.55 -40.00 53.94
C GLY A 149 17.03 -38.65 54.47
N THR A 150 17.61 -37.82 53.61
CA THR A 150 17.95 -36.42 53.93
C THR A 150 17.38 -35.47 52.89
N VAL A 151 16.94 -34.30 53.31
CA VAL A 151 16.49 -33.25 52.38
C VAL A 151 17.66 -32.87 51.46
N GLY A 152 17.43 -32.85 50.14
CA GLY A 152 18.48 -32.68 49.13
C GLY A 152 19.03 -33.97 48.52
N ASP A 153 18.43 -35.10 48.91
CA ASP A 153 18.74 -36.39 48.25
C ASP A 153 17.92 -36.38 46.95
N ILE A 154 18.37 -37.06 45.87
CA ILE A 154 17.58 -37.17 44.60
C ILE A 154 16.50 -38.23 44.81
N GLU A 155 16.45 -38.90 45.94
CA GLU A 155 15.56 -39.96 46.37
C GLU A 155 14.40 -39.39 47.17
N SER A 156 14.60 -38.30 47.86
CA SER A 156 13.68 -37.63 48.78
C SER A 156 13.03 -36.41 48.16
N ALA A 157 13.38 -36.07 46.92
CA ALA A 157 12.91 -34.82 46.27
C ALA A 157 11.38 -34.85 46.02
N PRO A 158 10.74 -35.96 45.61
CA PRO A 158 9.29 -35.99 45.44
C PRO A 158 8.50 -35.70 46.72
N PHE A 159 8.99 -36.14 47.86
CA PHE A 159 8.32 -35.97 49.15
C PHE A 159 8.42 -34.58 49.74
N VAL A 160 9.56 -33.90 49.61
CA VAL A 160 9.65 -32.48 50.03
C VAL A 160 8.82 -31.55 49.14
N GLU A 161 8.64 -31.86 47.85
CA GLU A 161 7.62 -31.20 47.05
C GLU A 161 6.23 -31.47 47.59
N ALA A 162 5.86 -32.73 47.82
CA ALA A 162 4.52 -33.04 48.26
C ALA A 162 4.20 -32.43 49.61
N LEU A 163 5.15 -32.48 50.56
CA LEU A 163 5.00 -31.85 51.86
C LEU A 163 4.94 -30.32 51.73
N ARG A 164 5.69 -29.65 50.85
CA ARG A 164 5.56 -28.19 50.67
C ARG A 164 4.13 -27.83 50.27
N GLN A 165 3.60 -28.48 49.24
CA GLN A 165 2.23 -28.25 48.78
C GLN A 165 1.24 -28.58 49.92
N PHE A 166 1.54 -29.59 50.74
CA PHE A 166 0.75 -29.94 51.89
C PHE A 166 0.72 -28.87 52.97
N GLN A 167 1.71 -27.98 53.08
CA GLN A 167 1.65 -26.83 54.00
C GLN A 167 0.54 -25.83 53.64
N PHE A 168 -0.09 -25.98 52.47
CA PHE A 168 -1.16 -25.11 51.97
C PHE A 168 -2.48 -25.88 51.85
N LYS A 169 -2.44 -27.15 51.43
CA LYS A 169 -3.61 -28.02 51.40
C LYS A 169 -4.17 -28.23 52.82
N VAL A 170 -3.28 -28.47 53.77
CA VAL A 170 -3.46 -28.22 55.20
C VAL A 170 -3.05 -26.78 55.48
N GLY A 171 -3.64 -26.09 56.44
CA GLY A 171 -3.20 -24.73 56.80
C GLY A 171 -1.94 -24.65 57.65
N LYS A 172 -1.25 -23.50 57.62
CA LYS A 172 -0.40 -23.08 58.74
C LYS A 172 -1.31 -22.90 59.98
N GLU A 173 -0.78 -23.10 61.18
CA GLU A 173 -1.56 -23.37 62.40
C GLU A 173 -2.34 -24.70 62.37
N ASN A 174 -2.11 -25.58 61.38
CA ASN A 174 -2.43 -27.01 61.45
C ASN A 174 -1.23 -27.89 61.15
N PHE A 175 -0.26 -27.44 60.36
CA PHE A 175 0.99 -28.14 60.06
C PHE A 175 2.18 -27.46 60.72
N ALA A 176 3.14 -28.23 61.26
CA ALA A 176 4.44 -27.75 61.77
C ALA A 176 5.57 -28.72 61.45
N LEU A 177 6.81 -28.26 61.39
CA LEU A 177 7.97 -29.08 61.05
C LEU A 177 9.09 -29.00 62.09
N ILE A 178 9.63 -30.15 62.48
CA ILE A 178 10.82 -30.31 63.29
C ILE A 178 11.95 -30.78 62.37
N HIS A 179 13.05 -30.05 62.27
CA HIS A 179 14.19 -30.43 61.43
C HIS A 179 15.32 -30.90 62.32
N VAL A 180 15.83 -32.09 62.09
CA VAL A 180 16.85 -32.69 62.95
C VAL A 180 18.19 -32.53 62.27
N SER A 181 19.21 -31.98 62.91
CA SER A 181 20.43 -31.52 62.22
C SER A 181 21.70 -31.71 63.05
N LEU A 182 22.87 -31.69 62.40
CA LEU A 182 24.13 -32.09 63.04
C LEU A 182 24.91 -30.88 63.56
N VAL A 183 25.38 -30.96 64.80
CA VAL A 183 26.38 -30.04 65.33
C VAL A 183 27.64 -30.88 65.59
N PRO A 184 28.56 -31.07 64.63
CA PRO A 184 29.76 -31.83 64.89
C PRO A 184 30.65 -31.06 65.85
N VAL A 185 31.23 -31.75 66.85
CA VAL A 185 32.11 -31.11 67.90
C VAL A 185 33.54 -31.63 67.66
N ILE A 186 34.36 -30.94 66.85
CA ILE A 186 35.79 -31.32 66.58
C ILE A 186 36.68 -30.07 66.73
N HIS A 187 37.99 -30.25 66.99
CA HIS A 187 38.97 -29.14 67.08
C HIS A 187 38.54 -28.17 68.21
N GLY A 188 37.97 -28.68 69.31
CA GLY A 188 37.62 -27.84 70.49
C GLY A 188 36.54 -26.79 70.21
N GLU A 189 35.50 -27.11 69.42
CA GLU A 189 34.35 -26.16 69.17
C GLU A 189 33.13 -26.88 68.58
N GLN A 190 31.90 -26.52 68.97
CA GLN A 190 30.63 -27.07 68.40
C GLN A 190 30.36 -26.28 67.10
N LYS A 191 30.52 -26.89 65.91
CA LYS A 191 30.42 -26.14 64.65
C LYS A 191 28.97 -26.09 64.17
N THR A 192 28.46 -24.90 63.85
CA THR A 192 27.07 -24.72 63.40
C THR A 192 26.86 -24.93 61.92
N LYS A 193 27.90 -24.84 61.10
CA LYS A 193 27.75 -24.72 59.63
C LYS A 193 27.01 -25.86 58.93
N PRO A 194 27.08 -27.14 59.31
CA PRO A 194 26.27 -28.16 58.67
C PRO A 194 24.78 -27.90 58.86
N THR A 195 24.35 -27.36 59.99
CA THR A 195 22.96 -26.89 60.17
C THR A 195 22.62 -25.70 59.29
N GLN A 196 23.52 -24.73 59.08
CA GLN A 196 23.27 -23.63 58.15
C GLN A 196 23.11 -24.12 56.71
N ALA A 197 24.03 -24.94 56.18
CA ALA A 197 23.94 -25.49 54.84
C ALA A 197 22.74 -26.41 54.63
N ALA A 198 22.32 -27.21 55.61
CA ALA A 198 21.12 -28.05 55.51
C ALA A 198 19.82 -27.27 55.69
N ILE A 199 19.82 -26.13 56.37
CA ILE A 199 18.66 -25.24 56.45
C ILE A 199 18.54 -24.41 55.18
N LYS A 200 19.64 -23.96 54.59
CA LYS A 200 19.68 -23.43 53.23
C LYS A 200 19.07 -24.43 52.24
N GLY A 201 19.47 -25.70 52.29
CA GLY A 201 18.81 -26.76 51.51
C GLY A 201 17.32 -26.85 51.80
N LEU A 202 16.89 -26.88 53.06
CA LEU A 202 15.48 -26.99 53.42
C LEU A 202 14.64 -25.84 52.86
N ARG A 203 15.04 -24.58 53.06
CA ARG A 203 14.27 -23.45 52.54
C ARG A 203 14.26 -23.40 51.02
N SER A 204 15.28 -23.92 50.34
CA SER A 204 15.29 -24.02 48.88
C SER A 204 14.09 -24.80 48.36
N LEU A 205 13.80 -25.95 48.96
CA LEU A 205 12.65 -26.80 48.63
C LEU A 205 11.32 -26.32 49.23
N GLY A 206 11.37 -25.40 50.20
CA GLY A 206 10.29 -24.48 50.56
C GLY A 206 9.60 -24.75 51.89
N LEU A 207 9.98 -25.83 52.56
CA LEU A 207 9.60 -26.09 53.94
C LEU A 207 10.33 -25.11 54.86
N VAL A 208 9.70 -24.69 55.95
CA VAL A 208 10.32 -23.84 56.99
C VAL A 208 10.21 -24.53 58.35
N PRO A 209 11.29 -24.66 59.12
CA PRO A 209 11.27 -25.39 60.36
C PRO A 209 10.72 -24.53 61.47
N ASP A 210 9.77 -25.06 62.21
CA ASP A 210 9.23 -24.45 63.42
C ASP A 210 10.06 -24.80 64.64
N MET A 211 10.85 -25.86 64.55
CA MET A 211 11.90 -26.23 65.48
C MET A 211 13.11 -26.77 64.76
N ILE A 212 14.28 -26.61 65.36
CA ILE A 212 15.46 -27.38 64.99
C ILE A 212 15.79 -28.27 66.17
N ALA A 213 16.24 -29.50 65.92
CA ALA A 213 16.68 -30.42 66.96
C ALA A 213 18.05 -30.98 66.66
N CYS A 214 19.02 -30.83 67.55
CA CYS A 214 20.40 -31.16 67.20
C CYS A 214 20.87 -32.52 67.70
N ARG A 215 21.42 -33.35 66.81
CA ARG A 215 22.38 -34.38 67.17
C ARG A 215 23.68 -33.70 67.52
N CYS A 216 24.13 -33.87 68.74
CA CYS A 216 25.40 -33.33 69.19
C CYS A 216 26.02 -34.29 70.21
N SER A 217 27.36 -34.35 70.26
CA SER A 217 28.10 -35.13 71.26
C SER A 217 27.99 -34.52 72.66
N GLU A 218 27.46 -33.31 72.81
CA GLU A 218 27.48 -32.51 74.03
C GLU A 218 26.13 -31.86 74.35
N THR A 219 25.99 -31.25 75.52
CA THR A 219 24.97 -30.20 75.67
C THR A 219 25.35 -29.03 74.77
N LEU A 220 24.45 -28.54 73.90
CA LEU A 220 24.72 -27.36 73.10
C LEU A 220 25.10 -26.18 73.99
N ASP A 221 26.19 -25.51 73.67
CA ASP A 221 26.54 -24.25 74.32
C ASP A 221 25.48 -23.19 74.05
N LYS A 222 25.26 -22.30 75.01
CA LYS A 222 24.43 -21.10 74.87
C LYS A 222 24.72 -20.32 73.58
N PRO A 223 25.97 -20.03 73.19
CA PRO A 223 26.29 -19.44 71.90
C PRO A 223 25.94 -20.32 70.69
N THR A 224 26.01 -21.64 70.77
CA THR A 224 25.64 -22.50 69.63
C THR A 224 24.15 -22.40 69.33
N ILE A 225 23.30 -22.41 70.35
CA ILE A 225 21.87 -22.14 70.19
C ILE A 225 21.63 -20.78 69.55
N ASP A 226 22.33 -19.73 70.02
CA ASP A 226 22.18 -18.40 69.45
C ASP A 226 22.65 -18.32 68.00
N LYS A 227 23.76 -18.97 67.63
CA LYS A 227 24.29 -18.96 66.27
C LYS A 227 23.53 -19.88 65.30
N ILE A 228 22.76 -20.86 65.78
CA ILE A 228 21.73 -21.53 64.95
C ILE A 228 20.49 -20.64 64.82
N ALA A 229 19.93 -20.09 65.89
CA ALA A 229 18.73 -19.26 65.80
C ALA A 229 18.94 -17.92 65.05
N MET A 230 20.16 -17.38 64.99
CA MET A 230 20.52 -16.23 64.14
C MET A 230 20.55 -16.59 62.64
N PHE A 231 20.44 -17.86 62.29
CA PHE A 231 20.55 -18.38 60.91
C PHE A 231 19.33 -19.16 60.44
N CYS A 232 18.31 -19.28 61.28
CA CYS A 232 17.06 -20.00 61.01
C CYS A 232 15.87 -19.24 61.60
N HIS A 233 14.66 -19.51 61.14
CA HIS A 233 13.48 -18.71 61.53
C HIS A 233 12.81 -19.20 62.84
N VAL A 234 13.62 -19.60 63.81
CA VAL A 234 13.20 -20.16 65.11
C VAL A 234 13.69 -19.27 66.25
N GLY A 235 12.95 -19.15 67.36
CA GLY A 235 13.48 -18.53 68.57
C GLY A 235 14.58 -19.40 69.18
N PRO A 236 15.44 -18.88 70.05
CA PRO A 236 16.48 -19.69 70.68
C PRO A 236 15.94 -20.81 71.58
N GLU A 237 14.69 -20.70 72.05
CA GLU A 237 13.98 -21.70 72.85
C GLU A 237 13.42 -22.88 72.01
N GLN A 238 13.45 -22.82 70.67
CA GLN A 238 13.09 -23.92 69.77
C GLN A 238 14.29 -24.55 69.05
N VAL A 239 15.50 -24.33 69.53
CA VAL A 239 16.64 -25.20 69.19
C VAL A 239 16.76 -26.29 70.24
N VAL A 240 15.81 -27.23 70.12
CA VAL A 240 15.78 -28.43 71.02
C VAL A 240 17.15 -29.09 70.86
N ASN A 241 17.67 -29.76 71.87
CA ASN A 241 18.89 -30.61 71.75
C ASN A 241 18.39 -31.98 72.19
N VAL A 242 18.94 -33.09 71.69
CA VAL A 242 18.58 -34.44 72.21
C VAL A 242 19.94 -35.05 72.51
N HIS A 243 20.48 -34.80 73.72
CA HIS A 243 21.85 -35.22 74.12
C HIS A 243 21.84 -36.59 74.79
N ASP A 244 23.01 -37.04 75.26
CA ASP A 244 23.16 -38.28 76.02
C ASP A 244 22.26 -38.29 77.28
N VAL A 245 21.50 -39.36 77.46
CA VAL A 245 20.57 -39.58 78.58
C VAL A 245 20.68 -41.02 79.09
N ASN A 246 20.18 -41.29 80.30
CA ASN A 246 20.39 -42.58 80.95
C ASN A 246 19.85 -43.76 80.12
N SER A 247 18.71 -43.53 79.47
CA SER A 247 18.13 -44.41 78.45
C SER A 247 17.28 -43.62 77.47
N THR A 248 17.05 -44.20 76.29
CA THR A 248 16.25 -43.64 75.20
C THR A 248 14.87 -43.14 75.66
N TYR A 249 14.19 -43.85 76.55
CA TYR A 249 12.87 -43.45 77.03
C TYR A 249 12.89 -42.19 77.93
N HIS A 250 14.05 -41.74 78.42
CA HIS A 250 14.15 -40.43 79.04
C HIS A 250 13.97 -39.32 78.02
N VAL A 251 14.24 -39.57 76.74
CA VAL A 251 14.15 -38.58 75.68
C VAL A 251 12.80 -37.84 75.66
N PRO A 252 11.62 -38.47 75.68
CA PRO A 252 10.38 -37.69 75.73
C PRO A 252 10.32 -36.74 76.93
N LEU A 253 10.77 -37.18 78.11
CA LEU A 253 10.82 -36.28 79.25
C LEU A 253 11.87 -35.19 79.03
N LEU A 254 13.01 -35.51 78.42
CA LEU A 254 13.98 -34.53 77.97
C LEU A 254 13.35 -33.46 77.06
N LEU A 255 12.58 -33.87 76.06
CA LEU A 255 11.87 -32.95 75.16
C LEU A 255 10.88 -32.10 75.93
N LEU A 256 10.10 -32.69 76.83
CA LEU A 256 9.20 -31.99 77.72
C LEU A 256 9.94 -30.95 78.58
N GLU A 257 11.07 -31.33 79.16
CA GLU A 257 11.86 -30.47 80.03
C GLU A 257 12.45 -29.28 79.26
N GLN A 258 12.81 -29.49 78.00
CA GLN A 258 13.24 -28.47 77.05
C GLN A 258 12.06 -27.63 76.50
N LYS A 259 10.88 -27.68 77.12
CA LYS A 259 9.67 -26.93 76.76
C LYS A 259 9.24 -27.15 75.31
N MET A 260 9.53 -28.33 74.76
CA MET A 260 9.22 -28.62 73.37
C MET A 260 7.71 -28.60 73.11
N ILE A 261 6.91 -29.21 73.98
CA ILE A 261 5.44 -29.23 73.84
C ILE A 261 4.80 -27.90 74.21
N ASP A 262 5.35 -27.13 75.14
CA ASP A 262 4.80 -25.84 75.50
C ASP A 262 4.83 -24.85 74.32
N TYR A 263 5.70 -25.08 73.34
CA TYR A 263 5.62 -24.43 72.03
C TYR A 263 4.60 -25.11 71.12
N LEU A 264 4.65 -26.43 70.88
CA LEU A 264 3.71 -27.09 69.95
C LEU A 264 2.25 -26.89 70.33
N HIS A 265 1.92 -26.83 71.61
CA HIS A 265 0.60 -26.44 72.09
C HIS A 265 0.11 -25.11 71.49
N ALA A 266 0.96 -24.07 71.44
CA ALA A 266 0.64 -22.78 70.85
C ALA A 266 0.77 -22.81 69.32
N ARG A 267 1.84 -23.39 68.79
CA ARG A 267 2.16 -23.41 67.35
C ARG A 267 1.17 -24.21 66.51
N LEU A 268 0.59 -25.24 67.10
CA LEU A 268 -0.47 -26.02 66.49
C LEU A 268 -1.81 -25.79 67.17
N LYS A 269 -1.89 -24.84 68.10
CA LYS A 269 -3.14 -24.37 68.68
C LYS A 269 -3.98 -25.54 69.23
N LEU A 270 -3.33 -26.33 70.06
CA LEU A 270 -3.81 -27.61 70.57
C LEU A 270 -4.82 -27.43 71.71
N ASP A 271 -4.85 -26.23 72.28
CA ASP A 271 -5.96 -25.73 73.10
C ASP A 271 -7.31 -25.77 72.35
N GLU A 272 -7.30 -25.73 71.02
CA GLU A 272 -8.53 -25.93 70.24
C GLU A 272 -9.06 -27.37 70.31
N ILE A 273 -8.26 -28.34 70.73
CA ILE A 273 -8.72 -29.72 70.93
C ILE A 273 -9.40 -29.85 72.29
N SER A 274 -10.73 -29.64 72.30
CA SER A 274 -11.59 -29.75 73.48
C SER A 274 -11.87 -31.21 73.87
N LEU A 275 -10.86 -31.88 74.43
CA LEU A 275 -10.92 -33.27 74.89
C LEU A 275 -12.02 -33.48 75.95
N THR A 276 -12.61 -34.68 75.99
CA THR A 276 -13.41 -35.06 77.16
C THR A 276 -12.53 -35.19 78.40
N GLU A 277 -13.12 -35.11 79.59
CA GLU A 277 -12.40 -35.33 80.84
C GLU A 277 -12.01 -36.79 81.07
N GLU A 278 -12.47 -37.72 80.22
CA GLU A 278 -11.86 -39.05 80.09
C GLU A 278 -10.67 -39.09 79.11
N GLU A 279 -10.50 -38.05 78.30
CA GLU A 279 -9.33 -37.84 77.46
C GLU A 279 -8.40 -36.86 78.13
N GLU A 280 -5.67 -37.78 83.15
CA GLU A 280 -5.01 -38.73 84.03
C GLU A 280 -4.09 -39.69 83.27
N LEU A 281 -4.36 -40.02 82.01
CA LEU A 281 -3.43 -40.77 81.18
C LEU A 281 -2.07 -40.05 81.10
N LEU A 282 -2.11 -38.73 81.01
CA LEU A 282 -0.95 -37.85 81.19
C LEU A 282 -0.25 -38.16 82.51
N SER A 283 -1.00 -38.15 83.61
CA SER A 283 -0.47 -38.32 84.97
C SER A 283 0.13 -39.70 85.16
N LYS A 284 -0.73 -40.72 84.96
CA LYS A 284 -0.32 -42.14 85.01
C LYS A 284 0.86 -42.29 84.03
N TRP A 285 0.90 -41.54 82.92
CA TRP A 285 2.09 -41.61 82.01
C TRP A 285 3.22 -40.90 82.80
N LYS A 286 3.21 -39.60 83.14
CA LYS A 286 4.29 -38.88 83.90
C LYS A 286 4.68 -39.67 85.15
N ALA A 287 3.77 -40.48 85.71
CA ALA A 287 4.03 -41.35 86.88
C ALA A 287 5.00 -42.41 86.38
N THR A 288 4.77 -43.09 85.23
CA THR A 288 5.57 -44.23 84.63
C THR A 288 6.80 -43.82 83.79
N THR A 289 6.96 -42.59 83.34
CA THR A 289 8.18 -41.98 82.85
C THR A 289 9.20 -41.97 83.96
N GLY A 290 8.77 -41.47 85.13
CA GLY A 290 9.50 -41.62 86.36
C GLY A 290 9.72 -43.09 86.71
N ASN A 291 8.70 -43.95 86.64
CA ASN A 291 8.81 -45.32 87.13
C ASN A 291 9.73 -46.17 86.26
N PHE A 292 9.86 -45.85 84.97
CA PHE A 292 11.01 -46.30 84.20
C PHE A 292 12.29 -45.69 84.79
N ASP A 293 12.39 -44.37 84.79
CA ASP A 293 13.65 -43.65 84.98
C ASP A 293 14.30 -43.83 86.35
N GLU A 294 13.48 -43.99 87.38
CA GLU A 294 13.86 -44.14 88.78
C GLU A 294 14.56 -45.47 89.05
N THR A 295 21.48 -54.46 89.92
CA THR A 295 21.62 -54.99 88.56
C THR A 295 21.15 -56.43 88.38
N VAL A 296 20.58 -56.75 87.22
CA VAL A 296 20.38 -58.10 86.70
C VAL A 296 21.27 -58.29 85.47
N LYS A 297 22.12 -59.31 85.44
CA LYS A 297 23.04 -59.57 84.32
C LYS A 297 22.46 -60.69 83.46
N ILE A 298 22.24 -60.50 82.15
CA ILE A 298 21.67 -61.53 81.26
C ILE A 298 22.62 -61.78 80.10
N ALA A 299 23.00 -63.03 79.83
CA ALA A 299 23.77 -63.34 78.64
C ALA A 299 22.80 -63.58 77.49
N LEU A 300 22.89 -62.78 76.44
CA LEU A 300 22.16 -63.00 75.19
C LEU A 300 23.14 -63.67 74.23
N VAL A 301 22.84 -64.90 73.85
CA VAL A 301 23.76 -65.79 73.14
C VAL A 301 23.21 -66.08 71.75
N GLY A 302 23.88 -65.65 70.70
CA GLY A 302 23.40 -65.89 69.36
C GLY A 302 24.44 -65.66 68.29
N LYS A 303 24.06 -65.77 67.00
CA LYS A 303 24.93 -65.42 65.85
C LYS A 303 25.15 -63.92 65.73
N TYR A 304 26.39 -63.51 65.44
CA TYR A 304 26.75 -62.14 65.03
C TYR A 304 26.16 -61.05 65.94
N THR A 305 26.23 -61.27 67.25
CA THR A 305 25.81 -60.27 68.26
C THR A 305 26.54 -58.93 68.17
N ASN A 306 27.64 -58.85 67.42
CA ASN A 306 28.30 -57.61 67.03
C ASN A 306 27.34 -56.64 66.33
N LEU A 307 26.39 -57.20 65.58
CA LEU A 307 25.37 -56.53 64.81
C LEU A 307 24.17 -56.21 65.69
N LYS A 308 24.35 -55.27 66.63
CA LYS A 308 23.41 -55.11 67.75
C LYS A 308 21.99 -54.66 67.37
N ASP A 309 21.82 -53.95 66.26
CA ASP A 309 20.45 -53.65 65.80
C ASP A 309 19.66 -54.90 65.41
N SER A 310 20.32 -55.99 65.04
CA SER A 310 19.66 -57.23 64.64
C SER A 310 18.89 -57.90 65.79
N TYR A 311 19.14 -57.48 67.03
CA TYR A 311 18.48 -57.98 68.22
C TYR A 311 17.68 -56.91 68.93
N LEU A 312 17.40 -55.78 68.28
CA LEU A 312 16.83 -54.62 68.93
C LEU A 312 15.54 -54.91 69.70
N SER A 313 14.58 -55.61 69.11
CA SER A 313 13.31 -55.87 69.79
C SER A 313 13.53 -56.65 71.07
N VAL A 314 14.46 -57.61 71.03
CA VAL A 314 14.87 -58.39 72.19
C VAL A 314 15.38 -57.46 73.27
N ILE A 315 16.25 -56.52 72.90
CA ILE A 315 16.76 -55.56 73.88
C ILE A 315 15.63 -54.76 74.49
N LYS A 316 14.74 -54.21 73.66
CA LYS A 316 13.66 -53.37 74.18
C LYS A 316 12.72 -54.15 75.08
N ALA A 317 12.41 -55.39 74.72
CA ALA A 317 11.59 -56.25 75.56
C ALA A 317 12.21 -56.47 76.95
N LEU A 318 13.52 -56.73 77.01
CA LEU A 318 14.23 -56.83 78.28
C LEU A 318 14.22 -55.51 79.06
N GLU A 319 14.30 -54.35 78.40
CA GLU A 319 14.20 -53.06 79.05
C GLU A 319 12.83 -52.84 79.66
N HIS A 320 11.74 -53.13 78.93
CA HIS A 320 10.37 -52.90 79.44
C HIS A 320 10.14 -53.68 80.72
N SER A 321 10.52 -54.95 80.70
CA SER A 321 10.40 -55.84 81.84
C SER A 321 11.30 -55.43 82.99
N SER A 322 12.53 -55.03 82.74
CA SER A 322 13.46 -54.61 83.81
C SER A 322 12.96 -53.42 84.61
N MET A 323 12.27 -52.48 83.96
CA MET A 323 11.62 -51.37 84.66
C MET A 323 10.55 -51.85 85.65
N LYS A 324 9.78 -52.90 85.31
CA LYS A 324 8.78 -53.47 86.23
C LYS A 324 9.44 -54.12 87.45
N CYS A 325 10.53 -54.87 87.26
CA CYS A 325 11.33 -55.43 88.37
C CYS A 325 12.18 -54.41 89.14
N ARG A 326 12.13 -53.14 88.73
CA ARG A 326 12.89 -51.99 89.26
C ARG A 326 14.42 -52.24 89.30
N ARG A 327 14.94 -53.14 88.44
CA ARG A 327 16.34 -53.57 88.41
C ARG A 327 17.03 -53.16 87.13
N LYS A 328 18.29 -52.78 87.24
CA LYS A 328 19.10 -52.26 86.14
C LYS A 328 19.51 -53.41 85.23
N LEU A 329 19.30 -53.28 83.93
CA LEU A 329 19.59 -54.33 82.96
C LEU A 329 21.03 -54.23 82.46
N ASP A 330 21.73 -55.36 82.44
CA ASP A 330 23.08 -55.46 81.91
C ASP A 330 23.19 -56.66 80.95
N ILE A 331 22.90 -56.45 79.67
CA ILE A 331 23.01 -57.50 78.66
C ILE A 331 24.48 -57.76 78.37
N LYS A 332 24.95 -58.99 78.58
CA LYS A 332 26.23 -59.46 78.05
C LYS A 332 25.98 -60.01 76.65
N TRP A 333 26.68 -59.49 75.66
CA TRP A 333 26.61 -59.96 74.29
C TRP A 333 27.63 -61.07 74.04
N VAL A 334 27.15 -62.27 73.76
CA VAL A 334 27.98 -63.45 73.48
C VAL A 334 27.82 -63.86 72.03
N GLU A 335 28.89 -63.96 71.26
CA GLU A 335 28.84 -64.68 70.00
C GLU A 335 28.76 -66.17 70.30
N ALA A 336 27.69 -66.82 69.86
CA ALA A 336 27.44 -68.23 70.13
C ALA A 336 28.60 -69.11 69.66
N THR A 337 29.19 -68.84 68.50
CA THR A 337 30.29 -69.65 67.98
C THR A 337 31.56 -69.58 68.84
N ASP A 338 31.76 -68.53 69.64
CA ASP A 338 32.92 -68.45 70.53
C ASP A 338 32.80 -69.37 71.75
N LEU A 339 31.64 -69.97 72.02
CA LEU A 339 31.49 -70.96 73.06
C LEU A 339 31.99 -72.35 72.64
N GLU A 340 32.17 -72.59 71.35
CA GLU A 340 32.41 -73.94 70.83
C GLU A 340 33.75 -74.54 71.29
N PRO A 341 33.84 -75.86 71.53
CA PRO A 341 35.11 -76.54 71.82
C PRO A 341 36.19 -76.36 70.74
N GLU A 342 35.81 -76.09 69.49
CA GLU A 342 36.73 -75.77 68.39
C GLU A 342 37.31 -74.35 68.52
N ALA A 343 36.55 -73.40 69.05
CA ALA A 343 37.02 -72.02 69.19
C ALA A 343 38.22 -71.93 70.14
N GLN A 344 38.35 -72.87 71.08
CA GLN A 344 39.43 -72.90 72.07
C GLN A 344 40.84 -73.00 71.44
N GLU A 345 41.01 -73.74 70.35
CA GLU A 345 42.29 -73.73 69.62
C GLU A 345 42.37 -72.64 68.56
N SER A 346 41.23 -72.24 67.98
CA SER A 346 41.19 -71.29 66.87
C SER A 346 41.41 -69.85 67.32
N ASN A 347 40.75 -69.41 68.39
CA ASN A 347 40.70 -68.02 68.85
C ASN A 347 40.51 -67.95 70.38
N LYS A 348 41.44 -68.56 71.12
CA LYS A 348 41.30 -68.86 72.56
C LYS A 348 40.85 -67.67 73.41
N THR A 349 41.37 -66.47 73.15
CA THR A 349 41.08 -65.29 73.98
C THR A 349 39.60 -64.95 74.01
N LYS A 350 38.96 -64.90 72.84
CA LYS A 350 37.54 -64.58 72.74
C LYS A 350 36.66 -65.68 73.31
N PHE A 351 37.09 -66.94 73.21
CA PHE A 351 36.43 -68.08 73.82
C PHE A 351 36.36 -67.96 75.35
N ARG A 352 37.42 -67.52 76.02
CA ARG A 352 37.36 -67.24 77.46
C ARG A 352 36.44 -66.06 77.79
N GLU A 353 36.45 -65.00 76.99
CA GLU A 353 35.52 -63.88 77.22
C GLU A 353 34.06 -64.33 77.12
N ALA A 354 33.74 -65.15 76.11
CA ALA A 354 32.40 -65.70 75.92
C ALA A 354 31.98 -66.57 77.11
N TRP A 355 32.84 -67.47 77.56
CA TRP A 355 32.50 -68.33 78.68
C TRP A 355 32.44 -67.60 80.01
N ASN A 356 33.25 -66.57 80.25
CA ASN A 356 33.08 -65.75 81.44
C ASN A 356 31.70 -65.09 81.46
N MET A 357 31.22 -64.55 80.35
CA MET A 357 29.89 -63.96 80.29
C MET A 357 28.82 -65.00 80.62
N VAL A 358 28.86 -66.18 80.00
CA VAL A 358 27.89 -67.26 80.28
C VAL A 358 27.90 -67.67 81.75
N SER A 359 29.09 -67.78 82.35
CA SER A 359 29.29 -68.15 83.75
C SER A 359 28.88 -67.08 84.75
N THR A 360 28.95 -65.81 84.37
CA THR A 360 28.60 -64.67 85.22
C THR A 360 27.10 -64.46 85.29
N ALA A 361 26.39 -64.67 84.19
CA ALA A 361 25.04 -64.17 84.03
C ALA A 361 24.01 -64.77 84.99
N ASP A 362 23.08 -63.94 85.47
CA ASP A 362 21.95 -64.34 86.29
C ASP A 362 20.82 -64.97 85.48
N GLY A 363 20.85 -64.86 84.16
CA GLY A 363 19.92 -65.50 83.25
C GLY A 363 20.56 -65.73 81.88
N ILE A 364 20.07 -66.70 81.12
CA ILE A 364 20.51 -66.95 79.76
C ILE A 364 19.34 -66.76 78.80
N LEU A 365 19.63 -66.25 77.62
CA LEU A 365 18.66 -65.92 76.59
C LEU A 365 19.20 -66.32 75.25
N ILE A 366 18.51 -67.22 74.57
CA ILE A 366 18.83 -67.60 73.19
C ILE A 366 17.76 -66.93 72.31
N PRO A 367 18.11 -65.96 71.45
CA PRO A 367 17.18 -64.91 71.04
C PRO A 367 16.33 -65.21 69.78
N GLY A 368 16.44 -66.39 69.18
CA GLY A 368 15.82 -66.67 67.88
C GLY A 368 16.64 -66.22 66.68
N GLY A 369 17.91 -66.63 66.63
CA GLY A 369 18.88 -66.25 65.61
C GLY A 369 18.55 -66.70 64.17
N PHE A 370 19.33 -66.19 63.23
CA PHE A 370 19.20 -66.40 61.79
C PHE A 370 20.22 -67.43 61.31
N GLY A 371 19.77 -68.46 60.60
CA GLY A 371 20.64 -69.50 60.07
C GLY A 371 21.28 -70.43 61.11
N VAL A 372 22.11 -71.37 60.68
CA VAL A 372 22.57 -72.50 61.51
C VAL A 372 23.84 -72.24 62.32
N ARG A 373 24.72 -71.31 61.89
CA ARG A 373 26.12 -71.19 62.34
C ARG A 373 26.33 -71.27 63.86
N GLY A 374 25.58 -70.50 64.63
CA GLY A 374 25.75 -70.42 66.09
C GLY A 374 25.31 -71.65 66.89
N THR A 375 24.63 -72.61 66.26
CA THR A 375 23.87 -73.65 66.96
C THR A 375 24.71 -74.40 67.99
N GLU A 376 25.92 -74.81 67.67
CA GLU A 376 26.71 -75.69 68.54
C GLU A 376 27.04 -75.03 69.89
N GLY A 377 27.34 -73.73 69.90
CA GLY A 377 27.52 -73.00 71.15
C GLY A 377 26.22 -72.76 71.90
N MET A 378 25.15 -72.44 71.21
CA MET A 378 23.84 -72.24 71.81
C MET A 378 23.31 -73.50 72.51
N VAL A 379 23.69 -74.69 72.06
CA VAL A 379 23.42 -75.95 72.76
C VAL A 379 24.08 -75.96 74.14
N LEU A 380 25.37 -75.63 74.23
CA LEU A 380 26.14 -75.60 75.47
C LEU A 380 25.64 -74.51 76.42
N ALA A 381 25.17 -73.38 75.93
CA ALA A 381 24.49 -72.38 76.74
C ALA A 381 23.15 -72.88 77.31
N ALA A 382 22.38 -73.66 76.55
CA ALA A 382 21.14 -74.24 77.06
C ALA A 382 21.39 -75.34 78.11
N ARG A 383 22.44 -76.15 77.93
CA ARG A 383 22.93 -77.18 78.86
C ARG A 383 23.37 -76.57 80.17
N TRP A 384 24.11 -75.47 80.09
CA TRP A 384 24.55 -74.71 81.25
C TRP A 384 23.42 -74.25 82.14
N ALA A 385 22.29 -73.83 81.56
CA ALA A 385 21.11 -73.42 82.31
C ALA A 385 20.12 -74.56 82.64
N ARG A 386 20.15 -75.69 81.94
CA ARG A 386 19.36 -76.86 82.32
C ARG A 386 19.92 -77.45 83.61
N GLU A 387 21.23 -77.70 83.65
CA GLU A 387 21.87 -78.47 84.71
C GLU A 387 22.00 -77.66 86.00
N ASN A 388 22.78 -76.58 85.95
CA ASN A 388 22.81 -75.56 86.98
C ASN A 388 21.51 -74.75 86.87
N HIS A 389 20.78 -74.48 87.94
CA HIS A 389 19.43 -73.86 87.89
C HIS A 389 19.39 -72.35 87.51
N ILE A 390 20.11 -71.93 86.47
CA ILE A 390 20.09 -70.59 85.89
C ILE A 390 18.74 -70.34 85.17
N PRO A 391 18.04 -69.22 85.38
CA PRO A 391 16.89 -68.83 84.57
C PRO A 391 17.21 -68.74 83.07
N PHE A 392 16.28 -69.15 82.22
CA PHE A 392 16.47 -69.25 80.78
C PHE A 392 15.23 -68.87 80.00
N LEU A 393 15.41 -68.20 78.85
CA LEU A 393 14.40 -68.10 77.81
C LEU A 393 14.98 -68.46 76.44
N GLY A 394 14.32 -69.37 75.73
CA GLY A 394 14.60 -69.68 74.33
C GLY A 394 13.51 -69.10 73.43
N VAL A 395 13.87 -68.27 72.46
CA VAL A 395 12.90 -67.70 71.50
C VAL A 395 13.12 -68.33 70.13
N CYS A 396 12.08 -68.86 69.51
CA CYS A 396 12.10 -69.51 68.20
C CYS A 396 13.22 -70.58 68.07
N LEU A 397 14.32 -70.27 67.39
CA LEU A 397 15.53 -71.13 67.37
C LEU A 397 16.02 -71.48 68.79
N GLY A 398 15.76 -70.64 69.79
CA GLY A 398 16.01 -70.97 71.17
C GLY A 398 15.13 -72.11 71.69
N LEU A 399 13.84 -72.20 71.32
CA LEU A 399 13.04 -73.38 71.67
C LEU A 399 13.57 -74.62 70.96
N GLN A 400 13.93 -74.46 69.70
CA GLN A 400 14.55 -75.51 68.91
C GLN A 400 15.81 -76.03 69.59
N ILE A 401 16.67 -75.13 70.07
CA ILE A 401 17.90 -75.50 70.77
C ILE A 401 17.68 -75.96 72.20
N ALA A 402 16.68 -75.48 72.92
CA ALA A 402 16.26 -76.07 74.18
C ALA A 402 15.82 -77.53 73.97
N THR A 403 15.15 -77.84 72.88
CA THR A 403 14.71 -79.21 72.59
C THR A 403 15.84 -80.08 72.05
N ILE A 404 16.69 -79.58 71.15
CA ILE A 404 17.89 -80.28 70.73
C ILE A 404 18.77 -80.58 71.94
N GLU A 405 18.97 -79.66 72.87
CA GLU A 405 19.83 -79.92 74.03
C GLU A 405 19.21 -80.97 74.95
N PHE A 406 17.95 -80.80 75.35
CA PHE A 406 17.28 -81.77 76.20
C PHE A 406 17.25 -83.16 75.57
N THR A 407 17.08 -83.27 74.26
CA THR A 407 17.27 -84.52 73.51
C THR A 407 18.71 -85.02 73.65
N ARG A 408 19.70 -84.19 73.30
CA ARG A 408 21.14 -84.49 73.23
C ARG A 408 21.79 -84.82 74.59
N SER A 409 21.13 -84.56 75.71
CA SER A 409 21.71 -84.74 77.04
C SER A 409 20.83 -85.49 78.04
N VAL A 410 19.50 -85.41 77.92
CA VAL A 410 18.58 -86.11 78.83
C VAL A 410 18.14 -87.45 78.22
N LEU A 411 17.88 -87.51 76.90
CA LEU A 411 17.56 -88.76 76.19
C LEU A 411 18.78 -89.50 75.62
N GLY A 412 20.00 -89.03 75.88
CA GLY A 412 21.18 -89.46 75.12
C GLY A 412 21.18 -88.88 73.70
N ARG A 413 20.93 -89.71 72.68
CA ARG A 413 20.68 -89.31 71.27
C ARG A 413 21.65 -88.26 70.71
N LYS A 414 22.95 -88.43 70.93
CA LYS A 414 24.00 -87.42 70.67
C LYS A 414 24.12 -86.97 69.21
N ASP A 415 23.62 -87.76 68.26
CA ASP A 415 23.56 -87.43 66.83
C ASP A 415 22.43 -86.44 66.44
N SER A 416 21.47 -86.14 67.33
CA SER A 416 20.29 -85.33 66.97
C SER A 416 20.65 -83.86 66.68
N HIS A 417 19.92 -83.24 65.76
CA HIS A 417 20.23 -81.95 65.15
C HIS A 417 18.96 -81.31 64.58
N SER A 418 19.00 -80.04 64.22
CA SER A 418 17.93 -79.37 63.47
C SER A 418 17.65 -80.06 62.12
N ALA A 419 16.42 -79.96 61.64
CA ALA A 419 16.05 -80.41 60.29
C ALA A 419 16.87 -79.74 59.18
N GLU A 420 17.55 -78.63 59.47
CA GLU A 420 18.53 -78.01 58.60
C GLU A 420 19.63 -78.97 58.11
N PHE A 421 20.08 -79.93 58.94
CA PHE A 421 21.00 -81.00 58.54
C PHE A 421 20.21 -82.16 57.90
N TYR A 422 19.58 -81.83 56.77
CA TYR A 422 18.59 -82.65 56.08
C TYR A 422 19.01 -84.11 55.83
N PRO A 423 20.21 -84.43 55.28
CA PRO A 423 20.53 -85.80 54.86
C PRO A 423 20.81 -86.80 55.99
N ASP A 424 20.81 -86.39 57.26
CA ASP A 424 20.84 -87.33 58.38
C ASP A 424 19.51 -88.09 58.57
N ILE A 425 18.40 -87.50 58.12
CA ILE A 425 17.02 -88.05 58.11
C ILE A 425 16.53 -88.55 59.48
N ASP A 426 16.96 -89.72 59.95
CA ASP A 426 16.39 -90.43 61.10
C ASP A 426 16.51 -89.66 62.43
N GLU A 427 17.54 -88.80 62.56
CA GLU A 427 17.87 -88.05 63.79
C GLU A 427 17.50 -86.56 63.73
N LYS A 428 16.77 -86.11 62.72
CA LYS A 428 16.23 -84.75 62.64
C LYS A 428 15.27 -84.49 63.80
N ASN A 429 15.56 -83.48 64.61
CA ASN A 429 14.77 -83.09 65.78
C ASN A 429 13.49 -82.31 65.41
N HIS A 430 13.35 -81.88 64.16
CA HIS A 430 12.31 -80.98 63.66
C HIS A 430 11.66 -81.48 62.37
N VAL A 431 10.54 -80.89 61.97
CA VAL A 431 9.82 -81.15 60.71
C VAL A 431 9.43 -79.83 60.04
N VAL A 432 9.46 -79.81 58.71
CA VAL A 432 8.99 -78.69 57.89
C VAL A 432 7.49 -78.46 58.09
N VAL A 433 7.11 -77.19 58.16
CA VAL A 433 5.70 -76.76 58.21
C VAL A 433 5.56 -75.37 57.55
N PHE A 434 5.52 -75.33 56.22
CA PHE A 434 5.48 -74.09 55.44
C PHE A 434 4.12 -73.35 55.45
N MET A 435 3.00 -74.03 55.74
CA MET A 435 1.63 -73.53 55.60
C MET A 435 1.36 -72.78 54.28
N MET A 436 6.25 -70.13 55.14
CA MET A 436 6.54 -69.72 56.51
C MET A 436 5.27 -69.41 57.31
N ARG A 437 5.17 -69.87 58.56
CA ARG A 437 4.12 -69.46 59.50
C ARG A 437 4.45 -68.05 59.98
N LEU A 438 3.51 -67.12 59.84
CA LEU A 438 3.68 -65.67 60.09
C LEU A 438 2.49 -65.07 60.85
N GLY A 439 2.67 -63.87 61.38
CA GLY A 439 1.60 -63.03 61.92
C GLY A 439 1.00 -63.52 63.23
N LEU A 440 0.00 -62.79 63.72
CA LEU A 440 -0.66 -63.07 64.98
C LEU A 440 -1.49 -64.33 64.85
N ARG A 441 -1.07 -65.38 65.56
CA ARG A 441 -1.85 -66.62 65.71
C ARG A 441 -2.08 -66.91 67.21
N PRO A 442 -3.18 -67.58 67.60
CA PRO A 442 -3.42 -67.94 68.99
C PRO A 442 -2.45 -69.03 69.49
N THR A 443 -2.39 -69.26 70.78
CA THR A 443 -1.82 -70.44 71.41
C THR A 443 -2.59 -70.73 72.69
N PHE A 444 -2.83 -72.01 72.95
CA PHE A 444 -3.73 -72.48 73.99
C PHE A 444 -2.96 -73.32 75.00
N PHE A 445 -3.11 -73.03 76.29
CA PHE A 445 -2.44 -73.84 77.31
C PHE A 445 -3.02 -75.25 77.36
N GLN A 446 -2.19 -76.23 77.68
CA GLN A 446 -2.64 -77.62 77.89
C GLN A 446 -3.35 -77.72 79.26
N ASN A 447 -4.57 -78.25 79.30
CA ASN A 447 -5.53 -77.95 80.36
C ASN A 447 -5.17 -78.41 81.80
N GLU A 448 -4.16 -79.26 81.96
CA GLU A 448 -3.68 -79.80 83.25
C GLU A 448 -2.55 -78.96 83.88
N THR A 449 -1.88 -78.08 83.14
CA THR A 449 -0.58 -77.50 83.53
C THR A 449 -0.68 -76.34 84.52
N GLU A 450 -1.46 -76.49 85.59
CA GLU A 450 -1.70 -75.50 86.63
C GLU A 450 -0.44 -75.12 87.43
N TRP A 451 0.58 -75.98 87.42
CA TRP A 451 1.87 -75.77 88.07
C TRP A 451 2.75 -74.71 87.39
N SER A 452 2.52 -74.44 86.11
CA SER A 452 3.41 -73.68 85.22
C SER A 452 3.71 -72.28 85.71
N GLN A 453 4.98 -71.88 85.70
CA GLN A 453 5.38 -70.51 86.00
C GLN A 453 4.92 -69.55 84.90
N ILE A 454 5.06 -69.93 83.62
CA ILE A 454 4.70 -69.04 82.52
C ILE A 454 3.19 -68.81 82.41
N LYS A 455 2.36 -69.84 82.52
CA LYS A 455 0.90 -69.64 82.44
C LYS A 455 0.33 -68.93 83.66
N LYS A 456 1.09 -68.83 84.76
CA LYS A 456 0.77 -67.93 85.87
C LYS A 456 1.04 -66.48 85.48
N LEU A 457 2.15 -66.14 84.84
CA LEU A 457 2.44 -64.77 84.38
C LEU A 457 1.37 -64.23 83.42
N TYR A 458 0.82 -65.09 82.55
CA TYR A 458 -0.33 -64.79 81.68
C TYR A 458 -1.68 -64.66 82.41
N GLY A 459 -1.69 -64.55 83.73
CA GLY A 459 -2.87 -64.21 84.53
C GLY A 459 -3.94 -65.30 84.60
N ASP A 460 -3.57 -66.55 84.36
CA ASP A 460 -4.48 -67.70 84.25
C ASP A 460 -5.52 -67.59 83.09
N VAL A 461 -5.29 -66.72 82.11
CA VAL A 461 -6.11 -66.64 80.90
C VAL A 461 -5.96 -67.92 80.06
N SER A 462 -7.03 -68.36 79.40
CA SER A 462 -7.11 -69.62 78.66
C SER A 462 -6.23 -69.70 77.40
N GLU A 463 -5.94 -68.58 76.76
CA GLU A 463 -5.13 -68.51 75.56
C GLU A 463 -4.40 -67.17 75.43
N VAL A 464 -3.45 -67.16 74.50
CA VAL A 464 -2.59 -66.02 74.14
C VAL A 464 -2.53 -65.87 72.62
N HIS A 465 -2.15 -64.70 72.12
CA HIS A 465 -1.99 -64.44 70.69
C HIS A 465 -0.63 -63.82 70.41
N GLU A 466 0.12 -64.36 69.46
CA GLU A 466 1.56 -64.09 69.34
C GLU A 466 2.07 -64.09 67.90
N ARG A 467 3.23 -63.48 67.65
CA ARG A 467 3.85 -63.39 66.32
C ARG A 467 4.81 -64.54 66.03
N HIS A 468 4.78 -65.02 64.79
CA HIS A 468 5.54 -66.19 64.33
C HIS A 468 6.36 -65.87 63.08
N ARG A 469 7.43 -66.62 62.80
CA ARG A 469 8.29 -66.45 61.60
C ARG A 469 8.99 -67.74 61.17
N HIS A 470 8.40 -68.90 61.46
CA HIS A 470 9.15 -70.15 61.44
C HIS A 470 8.75 -71.06 60.29
N ARG A 471 9.74 -71.79 59.78
CA ARG A 471 9.54 -72.86 58.77
C ARG A 471 9.69 -74.28 59.33
N TYR A 472 10.24 -74.44 60.53
CA TYR A 472 10.42 -75.74 61.19
C TYR A 472 9.61 -75.80 62.48
N GLU A 473 9.19 -76.99 62.87
CA GLU A 473 8.66 -77.25 64.22
C GLU A 473 9.25 -78.53 64.79
N ILE A 474 9.22 -78.72 66.10
CA ILE A 474 9.68 -79.96 66.72
C ILE A 474 8.84 -81.12 66.22
N ASN A 475 9.48 -82.23 65.90
CA ASN A 475 8.82 -83.36 65.26
C ASN A 475 7.78 -83.99 66.22
N PRO A 476 6.46 -83.97 65.91
CA PRO A 476 5.42 -84.45 66.82
C PRO A 476 5.62 -85.87 67.30
N LYS A 477 6.25 -86.71 66.50
CA LYS A 477 6.60 -88.10 66.83
C LYS A 477 7.38 -88.21 68.16
N MET A 478 8.26 -87.25 68.44
CA MET A 478 9.10 -87.24 69.63
C MET A 478 8.43 -86.62 70.85
N VAL A 479 7.38 -85.82 70.70
CA VAL A 479 6.88 -84.94 71.77
C VAL A 479 6.37 -85.71 72.99
N ASP A 480 5.81 -86.90 72.82
CA ASP A 480 5.43 -87.73 73.98
C ASP A 480 6.65 -88.10 74.84
N GLU A 481 7.78 -88.39 74.22
CA GLU A 481 9.02 -88.76 74.90
C GLU A 481 9.56 -87.58 75.72
N LEU A 482 9.53 -86.39 75.14
CA LEU A 482 9.91 -85.15 75.80
C LEU A 482 8.94 -84.78 76.94
N GLU A 483 7.62 -84.89 76.72
CA GLU A 483 6.63 -84.66 77.77
C GLU A 483 6.78 -85.64 78.94
N ASN A 484 7.01 -86.93 78.66
CA ASN A 484 7.21 -87.98 79.67
C ASN A 484 8.52 -87.79 80.46
N ASN A 485 9.57 -87.26 79.83
CA ASN A 485 10.84 -86.96 80.50
C ASN A 485 10.86 -85.60 81.23
N GLY A 486 9.85 -84.74 81.03
CA GLY A 486 9.63 -83.53 81.83
C GLY A 486 9.78 -82.21 81.08
N LEU A 487 10.15 -82.22 79.81
CA LEU A 487 10.18 -81.05 78.94
C LEU A 487 8.74 -80.73 78.46
N ILE A 488 7.84 -80.40 79.38
CA ILE A 488 6.40 -80.36 79.12
C ILE A 488 6.05 -79.20 78.19
N PHE A 489 5.43 -79.49 77.04
CA PHE A 489 4.95 -78.47 76.11
C PHE A 489 3.66 -77.82 76.60
N VAL A 490 3.78 -76.85 77.50
CA VAL A 490 2.64 -76.22 78.18
C VAL A 490 1.69 -75.40 77.30
N GLY A 491 2.04 -75.14 76.03
CA GLY A 491 1.18 -74.48 75.07
C GLY A 491 1.31 -75.03 73.67
N LYS A 492 0.19 -75.21 72.99
CA LYS A 492 0.13 -75.67 71.60
C LYS A 492 -0.90 -74.85 70.81
N ASP A 493 -0.93 -75.06 69.52
CA ASP A 493 -1.82 -74.37 68.60
C ASP A 493 -3.27 -74.88 68.69
N ASP A 494 -4.13 -74.31 67.85
CA ASP A 494 -5.52 -74.73 67.67
C ASP A 494 -5.69 -76.23 67.39
N THR A 495 -4.84 -76.83 66.54
CA THR A 495 -4.93 -78.27 66.21
C THR A 495 -4.35 -79.18 67.30
N GLY A 496 -3.46 -78.67 68.15
CA GLY A 496 -2.68 -79.46 69.11
C GLY A 496 -1.51 -80.22 68.51
N LYS A 497 -1.23 -80.04 67.21
CA LYS A 497 -0.12 -80.68 66.52
C LYS A 497 1.20 -79.90 66.66
N ARG A 498 1.15 -78.59 66.91
CA ARG A 498 2.29 -77.67 66.84
C ARG A 498 2.82 -77.27 68.21
N CYS A 499 4.15 -77.31 68.38
CA CYS A 499 4.83 -77.00 69.63
C CYS A 499 5.02 -75.49 69.81
N GLU A 500 4.17 -74.82 70.61
CA GLU A 500 4.21 -73.36 70.72
C GLU A 500 4.98 -72.87 71.95
N ILE A 501 4.88 -73.60 73.07
CA ILE A 501 5.59 -73.30 74.32
C ILE A 501 6.08 -74.59 74.96
N LEU A 502 7.28 -74.55 75.55
CA LEU A 502 7.71 -75.53 76.54
C LEU A 502 8.13 -74.88 77.87
N GLU A 503 7.96 -75.62 78.94
CA GLU A 503 8.51 -75.38 80.25
C GLU A 503 9.08 -76.69 80.80
N LEU A 504 10.31 -76.68 81.29
CA LEU A 504 10.89 -77.83 81.95
C LEU A 504 10.33 -77.93 83.37
N LYS A 505 9.62 -79.02 83.66
CA LYS A 505 9.01 -79.31 84.97
C LYS A 505 10.07 -79.27 86.08
N ASN A 506 9.76 -78.59 87.19
CA ASN A 506 10.60 -78.47 88.38
C ASN A 506 12.02 -77.91 88.09
N HIS A 507 12.05 -76.76 87.43
CA HIS A 507 13.21 -75.86 87.31
C HIS A 507 12.77 -74.42 87.64
N PRO A 508 13.57 -73.56 88.29
CA PRO A 508 13.13 -72.23 88.72
C PRO A 508 12.55 -71.33 87.62
N TYR A 509 13.08 -71.36 86.40
CA TYR A 509 12.53 -70.70 85.22
C TYR A 509 13.26 -71.17 83.96
N TYR A 510 12.73 -72.16 83.25
CA TYR A 510 13.32 -72.61 81.99
C TYR A 510 12.21 -72.75 80.98
N ILE A 511 12.10 -71.71 80.17
CA ILE A 511 11.03 -71.51 79.21
C ILE A 511 11.63 -71.46 77.82
N ALA A 512 10.87 -71.94 76.83
CA ALA A 512 11.05 -71.47 75.48
C ALA A 512 9.72 -71.29 74.73
N THR A 513 9.73 -70.42 73.73
CA THR A 513 8.59 -70.09 72.88
C THR A 513 8.99 -70.27 71.43
N GLN A 514 8.13 -70.87 70.61
CA GLN A 514 8.37 -70.91 69.18
C GLN A 514 8.18 -69.53 68.53
N TYR A 515 7.20 -68.77 69.03
CA TYR A 515 6.94 -67.39 68.66
C TYR A 515 8.01 -66.41 69.19
N HIS A 516 7.92 -65.17 68.71
CA HIS A 516 8.76 -64.01 69.05
C HIS A 516 8.03 -62.99 69.93
N PRO A 517 7.98 -63.21 71.26
CA PRO A 517 7.23 -62.36 72.18
C PRO A 517 7.69 -60.89 72.23
N GLU A 518 8.94 -60.62 71.85
CA GLU A 518 9.49 -59.28 71.72
C GLU A 518 8.78 -58.46 70.64
N TYR A 519 8.00 -59.10 69.77
CA TYR A 519 7.12 -58.38 68.86
C TYR A 519 5.82 -57.90 69.53
N THR A 520 5.63 -58.12 70.82
CA THR A 520 4.46 -57.59 71.54
C THR A 520 4.77 -57.06 72.93
N SER A 521 6.04 -56.93 73.29
CA SER A 521 6.45 -56.20 74.49
C SER A 521 6.15 -54.71 74.37
N LYS A 522 5.45 -54.12 75.35
CA LYS A 522 5.13 -52.68 75.41
C LYS A 522 5.75 -52.07 76.68
N VAL A 523 6.04 -50.77 76.65
CA VAL A 523 6.73 -50.06 77.75
C VAL A 523 5.95 -50.15 79.07
N LEU A 524 4.61 -50.10 78.99
CA LEU A 524 3.72 -50.22 80.16
C LEU A 524 3.08 -51.62 80.31
N ASP A 525 3.22 -52.50 79.32
CA ASP A 525 2.79 -53.90 79.36
C ASP A 525 3.89 -54.80 78.78
N PRO A 526 4.85 -55.25 79.61
CA PRO A 526 5.96 -56.07 79.15
C PRO A 526 5.50 -57.48 78.70
N SER A 527 6.12 -58.05 77.66
CA SER A 527 5.78 -59.38 77.15
C SER A 527 6.15 -60.46 78.17
N LYS A 528 5.18 -61.27 78.60
CA LYS A 528 5.31 -62.16 79.78
C LYS A 528 6.54 -63.07 79.81
N PRO A 529 6.98 -63.72 78.71
CA PRO A 529 8.14 -64.63 78.73
C PRO A 529 9.47 -63.95 79.11
N PHE A 530 9.62 -62.69 78.69
CA PHE A 530 10.74 -61.86 79.10
C PHE A 530 10.56 -61.32 80.52
N LEU A 531 9.34 -60.94 80.94
CA LEU A 531 9.18 -60.54 82.34
C LEU A 531 9.60 -61.66 83.29
N GLY A 532 9.20 -62.90 83.01
CA GLY A 532 9.63 -64.05 83.79
C GLY A 532 11.14 -64.24 83.80
N LEU A 533 11.83 -64.10 82.67
CA LEU A 533 13.29 -64.20 82.60
C LEU A 533 13.96 -63.16 83.48
N VAL A 534 13.56 -61.90 83.44
CA VAL A 534 14.18 -60.89 84.30
C VAL A 534 13.81 -61.16 85.76
N ALA A 535 12.54 -61.39 86.06
CA ALA A 535 12.10 -61.57 87.45
C ALA A 535 12.77 -62.79 88.11
N ALA A 536 12.95 -63.90 87.41
CA ALA A 536 13.67 -65.04 87.94
C ALA A 536 15.18 -64.77 88.04
N SER A 537 15.78 -64.01 87.12
CA SER A 537 17.17 -63.58 87.23
C SER A 537 17.39 -62.70 88.46
N ALA A 538 16.41 -61.86 88.80
CA ALA A 538 16.33 -61.09 90.04
C ALA A 538 15.96 -61.92 91.28
N GLY A 539 15.57 -63.18 91.11
CA GLY A 539 15.14 -64.05 92.20
C GLY A 539 13.83 -63.64 92.86
N ILE A 540 12.98 -62.90 92.13
CA ILE A 540 11.74 -62.27 92.63
C ILE A 540 10.47 -62.76 91.92
N LEU A 541 10.58 -63.78 91.06
CA LEU A 541 9.53 -64.26 90.16
C LEU A 541 8.20 -64.50 90.87
N GLN A 542 8.21 -65.14 92.03
CA GLN A 542 7.00 -65.39 92.82
C GLN A 542 6.22 -64.09 93.09
N ASP A 543 6.91 -63.05 93.49
CA ASP A 543 6.31 -61.81 93.96
C ASP A 543 5.80 -60.93 92.83
N VAL A 544 6.42 -61.03 91.65
CA VAL A 544 5.94 -60.45 90.39
C VAL A 544 4.64 -61.12 89.97
N ILE A 545 4.54 -62.45 90.08
CA ILE A 545 3.30 -63.18 89.78
C ILE A 545 2.21 -62.84 90.79
N GLU A 546 2.55 -62.75 92.07
CA GLU A 546 1.63 -62.37 93.15
C GLU A 546 1.19 -60.90 93.10
N GLY A 547 1.91 -60.03 92.39
CA GLY A 547 1.50 -58.66 92.07
C GLY A 547 2.21 -57.53 92.83
N LYS A 548 3.37 -57.78 93.43
CA LYS A 548 4.17 -56.78 94.18
C LYS A 548 4.82 -55.67 93.32
N TYR A 549 4.54 -55.64 92.02
CA TYR A 549 5.21 -54.76 91.05
C TYR A 549 4.30 -54.20 89.93
N ASP A 550 2.97 -54.35 90.01
CA ASP A 550 2.07 -53.60 89.14
C ASP A 550 2.13 -52.08 89.42
N LEU A 551 1.94 -51.25 88.39
CA LEU A 551 2.31 -49.84 88.44
C LEU A 551 1.27 -48.92 89.12
N GLU A 552 0.05 -49.43 89.36
CA GLU A 552 -1.05 -48.74 90.07
C GLU A 552 -1.74 -49.74 91.03
N ALA A 553 -2.13 -49.33 92.25
CA ALA A 553 -2.77 -50.24 93.20
C ALA A 553 -4.13 -50.76 92.70
N MET B 1 53.93 -23.00 36.01
CA MET B 1 54.11 -23.42 37.42
C MET B 1 53.02 -24.41 37.85
N LYS B 2 53.32 -25.31 38.78
CA LYS B 2 52.35 -26.26 39.33
C LYS B 2 51.59 -25.68 40.52
N TYR B 3 50.36 -26.13 40.74
CA TYR B 3 49.57 -25.64 41.88
C TYR B 3 48.70 -26.76 42.48
N VAL B 4 48.44 -26.73 43.79
CA VAL B 4 47.57 -27.69 44.48
C VAL B 4 46.60 -26.94 45.36
N VAL B 5 45.31 -26.93 45.07
CA VAL B 5 44.31 -26.42 46.01
C VAL B 5 44.05 -27.44 47.11
N VAL B 6 43.90 -26.98 48.34
CA VAL B 6 43.27 -27.71 49.44
C VAL B 6 42.06 -26.93 49.88
N SER B 7 40.90 -27.54 49.94
CA SER B 7 39.62 -26.86 50.19
C SER B 7 38.61 -27.75 50.88
N GLY B 8 37.42 -27.24 51.22
CA GLY B 8 36.23 -28.12 51.28
C GLY B 8 35.53 -28.35 52.62
N GLY B 9 34.60 -29.31 52.57
CA GLY B 9 33.90 -29.90 53.72
C GLY B 9 32.49 -29.38 53.96
N VAL B 10 31.71 -30.06 54.81
CA VAL B 10 30.45 -29.53 55.39
C VAL B 10 30.63 -28.73 56.69
N ILE B 11 31.84 -28.62 57.22
CA ILE B 11 32.15 -27.92 58.48
C ILE B 11 33.49 -27.20 58.35
N SER B 12 33.60 -26.04 58.99
CA SER B 12 34.90 -25.45 59.27
C SER B 12 35.58 -26.21 60.42
N GLY B 13 36.90 -26.33 60.44
CA GLY B 13 37.64 -27.07 61.47
C GLY B 13 37.91 -28.55 61.15
N ILE B 14 37.66 -28.97 59.91
CA ILE B 14 37.78 -30.35 59.44
C ILE B 14 39.20 -30.92 59.38
N GLY B 15 40.23 -30.10 59.21
CA GLY B 15 41.63 -30.57 59.13
C GLY B 15 42.51 -30.02 58.00
N LYS B 16 42.15 -29.00 57.27
CA LYS B 16 42.81 -28.47 56.09
C LYS B 16 44.31 -28.29 56.23
N GLY B 17 44.78 -27.37 57.04
CA GLY B 17 46.17 -27.04 57.23
C GLY B 17 47.14 -28.17 57.34
N VAL B 18 46.87 -29.22 58.08
CA VAL B 18 47.65 -30.44 58.27
C VAL B 18 47.70 -31.21 56.96
N LEU B 19 46.65 -31.20 56.18
CA LEU B 19 46.52 -31.79 54.85
C LEU B 19 47.23 -30.91 53.85
N ALA B 20 47.38 -29.64 54.11
CA ALA B 20 47.96 -28.60 53.27
C ALA B 20 49.47 -28.60 53.37
N SER B 21 50.05 -28.07 54.42
CA SER B 21 51.48 -27.96 54.63
C SER B 21 52.03 -29.38 54.59
N SER B 22 51.39 -30.30 55.26
CA SER B 22 51.83 -31.72 55.14
C SER B 22 51.94 -32.23 53.69
N THR B 23 51.09 -31.87 52.76
CA THR B 23 51.14 -32.15 51.33
C THR B 23 52.35 -31.43 50.78
N GLY B 24 52.60 -30.21 51.20
CA GLY B 24 53.70 -29.38 50.80
C GLY B 24 55.04 -29.81 51.30
N MET B 25 55.13 -30.46 52.46
CA MET B 25 56.35 -31.06 52.96
C MET B 25 56.75 -32.18 52.01
N LEU B 26 55.75 -32.94 51.62
CA LEU B 26 55.94 -34.06 50.74
C LEU B 26 56.40 -33.59 49.35
N MET B 27 55.95 -32.42 48.88
CA MET B 27 56.45 -31.90 47.61
C MET B 27 57.96 -31.65 47.71
N LYS B 28 58.44 -31.15 48.85
CA LYS B 28 59.87 -30.99 49.15
C LYS B 28 60.65 -32.30 49.22
N THR B 29 59.98 -33.37 49.61
CA THR B 29 60.55 -34.71 49.59
C THR B 29 61.01 -35.10 48.19
N LEU B 30 60.27 -34.68 47.17
CA LEU B 30 60.65 -34.89 45.78
C LEU B 30 61.83 -33.99 45.36
N GLY B 31 62.30 -33.11 46.24
CA GLY B 31 63.37 -32.14 46.02
C GLY B 31 62.90 -30.78 45.54
N LEU B 32 61.58 -30.54 45.52
CA LEU B 32 60.96 -29.38 44.86
C LEU B 32 61.13 -28.07 45.64
N LYS B 33 61.20 -26.94 44.92
CA LYS B 33 61.01 -25.61 45.49
C LYS B 33 59.52 -25.41 45.77
N VAL B 34 59.15 -25.05 46.99
CA VAL B 34 57.73 -25.07 47.38
C VAL B 34 57.32 -23.79 48.10
N THR B 35 56.08 -23.39 47.92
CA THR B 35 55.47 -22.21 48.53
C THR B 35 54.03 -22.49 48.92
N SER B 36 53.41 -21.60 49.66
CA SER B 36 52.05 -21.77 50.14
C SER B 36 51.30 -20.47 50.26
N ILE B 37 50.03 -20.42 49.95
CA ILE B 37 49.17 -19.25 50.10
C ILE B 37 47.95 -19.66 50.89
N LYS B 38 47.59 -18.90 51.93
CA LYS B 38 46.31 -19.13 52.60
C LYS B 38 45.34 -18.06 52.21
N ILE B 39 44.22 -18.51 51.70
CA ILE B 39 43.09 -17.67 51.33
C ILE B 39 42.13 -17.69 52.49
N ASP B 40 41.90 -16.53 53.08
CA ASP B 40 41.02 -16.36 54.22
C ASP B 40 39.71 -15.66 53.89
N PRO B 41 38.57 -16.29 54.17
CA PRO B 41 37.32 -15.63 53.86
C PRO B 41 36.94 -14.47 54.78
N TYR B 42 37.62 -14.27 55.91
CA TYR B 42 37.28 -13.16 56.79
C TYR B 42 37.65 -11.79 56.20
N MET B 43 37.07 -10.73 56.77
CA MET B 43 37.23 -9.37 56.27
C MET B 43 38.31 -8.51 56.95
N ASN B 44 38.96 -8.98 58.00
CA ASN B 44 40.14 -8.28 58.48
C ASN B 44 41.23 -8.28 57.40
N ILE B 45 41.87 -7.14 57.18
CA ILE B 45 43.01 -7.05 56.26
C ILE B 45 44.26 -7.71 56.83
N ASP B 46 44.42 -7.66 58.15
CA ASP B 46 45.53 -8.28 58.89
C ASP B 46 45.14 -8.58 60.36
N ALA B 47 45.98 -9.35 61.05
CA ALA B 47 45.75 -9.68 62.45
C ALA B 47 46.17 -8.57 63.43
N GLY B 48 46.71 -7.45 62.94
CA GLY B 48 47.16 -6.38 63.83
C GLY B 48 46.01 -5.72 64.58
N THR B 49 44.83 -5.67 63.99
CA THR B 49 43.60 -5.23 64.67
C THR B 49 43.00 -6.33 65.56
N MET B 50 43.36 -7.58 65.34
CA MET B 50 42.71 -8.72 65.98
C MET B 50 43.34 -9.03 67.35
N SER B 51 42.58 -8.85 68.41
CA SER B 51 42.98 -9.22 69.77
C SER B 51 43.18 -10.74 69.89
N PRO B 52 44.26 -11.25 70.49
CA PRO B 52 44.53 -12.70 70.55
C PRO B 52 43.47 -13.57 71.22
N LEU B 53 42.50 -12.97 71.91
CA LEU B 53 41.33 -13.65 72.51
C LEU B 53 40.55 -14.51 71.51
N GLU B 54 40.45 -14.04 70.27
CA GLU B 54 39.71 -14.71 69.21
C GLU B 54 40.49 -14.68 67.91
N HIS B 55 40.39 -15.77 67.15
CA HIS B 55 41.35 -16.15 66.11
C HIS B 55 42.79 -16.38 66.60
N GLY B 56 43.05 -16.18 67.90
CA GLY B 56 44.31 -16.55 68.52
C GLY B 56 45.49 -15.64 68.18
N GLU B 57 46.66 -16.20 68.38
CA GLU B 57 48.00 -15.61 68.27
C GLU B 57 48.29 -14.91 66.92
N CYS B 58 48.64 -13.62 66.94
CA CYS B 58 49.04 -12.86 65.73
C CYS B 58 50.43 -13.32 65.25
N PHE B 59 50.52 -14.30 64.34
CA PHE B 59 51.80 -14.81 63.86
C PHE B 59 52.64 -13.73 63.17
N VAL B 60 53.95 -13.71 63.36
CA VAL B 60 54.79 -12.66 62.76
C VAL B 60 55.88 -13.10 61.76
N LEU B 61 55.83 -12.43 60.64
CA LEU B 61 56.73 -12.64 59.52
C LEU B 61 58.14 -12.13 59.77
N ASP B 62 59.04 -12.62 58.95
CA ASP B 62 60.31 -11.96 58.62
C ASP B 62 60.08 -10.48 58.25
N ASP B 63 59.15 -10.20 57.31
CA ASP B 63 58.73 -8.85 56.94
C ASP B 63 57.90 -8.11 58.00
N GLY B 64 57.69 -8.69 59.18
CA GLY B 64 57.10 -8.01 60.34
C GLY B 64 55.61 -7.69 60.28
N GLY B 65 54.89 -8.21 59.29
CA GLY B 65 53.44 -8.23 59.28
C GLY B 65 52.86 -9.20 60.32
N GLU B 66 51.86 -8.73 61.06
CA GLU B 66 50.99 -9.56 61.92
C GLU B 66 49.96 -10.31 61.07
N THR B 67 50.32 -11.52 60.68
CA THR B 67 49.52 -12.42 59.79
C THR B 67 48.49 -13.24 60.52
N ASP B 68 47.64 -13.89 59.72
CA ASP B 68 46.97 -15.11 60.14
C ASP B 68 47.95 -16.07 60.82
N LEU B 69 47.51 -16.65 61.91
CA LEU B 69 48.28 -17.62 62.67
C LEU B 69 48.75 -18.78 61.81
N ASP B 70 47.85 -19.33 61.00
CA ASP B 70 48.07 -20.62 60.34
C ASP B 70 49.25 -20.60 59.35
N LEU B 71 49.65 -19.43 58.86
CA LEU B 71 50.87 -19.34 58.05
C LEU B 71 52.08 -19.93 58.76
N GLY B 72 52.15 -19.77 60.08
CA GLY B 72 53.19 -20.41 60.86
C GLY B 72 53.25 -21.91 60.59
N ASN B 73 52.12 -22.58 60.38
CA ASN B 73 52.04 -24.01 60.15
C ASN B 73 52.81 -24.35 58.88
N TYR B 74 52.94 -23.45 57.93
CA TYR B 74 53.61 -23.57 56.63
C TYR B 74 55.08 -23.25 56.69
N GLU B 75 55.46 -22.35 57.60
CA GLU B 75 56.86 -22.01 57.71
C GLU B 75 57.56 -23.21 58.34
N ARG B 76 56.88 -23.84 59.31
CA ARG B 76 57.31 -25.05 60.04
C ARG B 76 57.49 -26.27 59.13
N TYR B 77 56.45 -26.59 58.38
CA TYR B 77 56.33 -27.83 57.62
C TYR B 77 57.10 -27.83 56.29
N LEU B 78 57.42 -26.65 55.77
CA LEU B 78 58.15 -26.43 54.51
C LEU B 78 59.56 -25.93 54.74
N GLY B 79 59.78 -25.09 55.75
CA GLY B 79 61.07 -24.43 55.93
C GLY B 79 61.23 -23.28 54.94
N VAL B 80 60.29 -22.33 54.97
CA VAL B 80 60.22 -21.21 54.02
C VAL B 80 59.92 -19.90 54.73
N THR B 81 60.39 -18.80 54.17
CA THR B 81 60.04 -17.46 54.63
C THR B 81 58.93 -16.89 53.77
N LEU B 82 57.72 -16.80 54.30
CA LEU B 82 56.60 -16.19 53.59
C LEU B 82 56.62 -14.66 53.75
N THR B 83 55.64 -13.98 53.17
CA THR B 83 55.51 -12.51 53.18
C THR B 83 54.07 -12.10 53.49
N LYS B 84 53.82 -10.81 53.76
CA LYS B 84 52.48 -10.30 54.06
C LYS B 84 51.46 -10.57 52.93
N ASP B 85 51.94 -10.76 51.70
CA ASP B 85 51.09 -11.06 50.54
C ASP B 85 50.64 -12.52 50.47
N HIS B 86 51.30 -13.49 51.12
CA HIS B 86 50.89 -14.90 51.13
C HIS B 86 49.62 -15.18 51.92
N ASN B 87 49.11 -14.21 52.66
CA ASN B 87 47.82 -14.32 53.32
C ASN B 87 46.81 -13.46 52.59
N ILE B 88 46.17 -14.02 51.57
CA ILE B 88 45.04 -13.39 50.89
C ILE B 88 43.87 -13.35 51.87
N THR B 89 43.16 -12.25 51.99
CA THR B 89 41.92 -12.19 52.80
C THR B 89 40.84 -11.44 52.06
N THR B 90 39.58 -11.69 52.39
CA THR B 90 38.47 -10.99 51.74
C THR B 90 38.56 -9.48 51.92
N GLY B 91 38.97 -9.00 53.09
CA GLY B 91 39.18 -7.57 53.30
C GLY B 91 40.36 -7.01 52.51
N LYS B 92 41.40 -7.82 52.29
CA LYS B 92 42.59 -7.40 51.56
C LYS B 92 42.29 -7.24 50.07
N ILE B 93 41.57 -8.17 49.48
CA ILE B 93 41.27 -8.12 48.04
C ILE B 93 40.16 -7.15 47.69
N TYR B 94 39.09 -7.00 48.49
CA TYR B 94 38.18 -5.89 48.23
C TYR B 94 38.86 -4.53 48.33
N SER B 95 39.78 -4.33 49.27
CA SER B 95 40.55 -3.08 49.38
C SER B 95 41.41 -2.82 48.16
N HIS B 96 42.07 -3.84 47.62
CA HIS B 96 42.96 -3.69 46.47
C HIS B 96 42.20 -3.34 45.19
N VAL B 97 41.09 -4.01 44.90
CA VAL B 97 40.23 -3.64 43.77
C VAL B 97 39.54 -2.28 43.97
N ILE B 98 39.05 -1.96 45.17
CA ILE B 98 38.50 -0.63 45.44
C ILE B 98 39.56 0.47 45.32
N ALA B 99 40.83 0.22 45.63
CA ALA B 99 41.88 1.22 45.39
C ALA B 99 42.03 1.51 43.89
N LYS B 100 42.14 0.46 43.09
CA LYS B 100 42.20 0.59 41.63
C LYS B 100 40.94 1.24 41.03
N GLU B 101 39.77 1.07 41.63
CA GLU B 101 38.53 1.76 41.24
C GLU B 101 38.60 3.27 41.38
N ARG B 102 39.16 3.80 42.49
CA ARG B 102 39.29 5.24 42.71
C ARG B 102 40.50 5.87 42.05
N LYS B 103 41.58 5.11 41.85
CA LYS B 103 42.69 5.50 40.98
C LYS B 103 42.25 5.53 39.51
N GLY B 104 41.22 4.77 39.15
CA GLY B 104 40.66 4.73 37.81
C GLY B 104 41.35 3.74 36.87
N ASP B 105 42.01 2.71 37.38
CA ASP B 105 42.76 1.73 36.58
C ASP B 105 41.86 0.85 35.69
N TYR B 106 40.55 0.86 35.94
CA TYR B 106 39.54 0.21 35.10
C TYR B 106 39.06 1.08 33.92
N LEU B 107 39.72 2.19 33.60
CA LEU B 107 39.45 3.01 32.41
C LEU B 107 37.97 3.39 32.29
N GLY B 108 37.35 3.71 33.42
CA GLY B 108 35.96 4.13 33.52
C GLY B 108 34.91 3.06 33.21
N LYS B 109 35.28 1.79 33.00
CA LYS B 109 34.31 0.68 32.99
C LYS B 109 33.62 0.60 34.36
N THR B 110 32.43 0.00 34.45
CA THR B 110 31.96 -0.48 35.76
C THR B 110 32.76 -1.71 36.15
N VAL B 111 33.08 -1.85 37.44
CA VAL B 111 33.90 -2.93 37.98
C VAL B 111 33.02 -3.86 38.77
N GLN B 112 33.16 -5.15 38.53
CA GLN B 112 32.19 -6.19 38.88
C GLN B 112 32.85 -7.30 39.67
N ILE B 113 32.10 -8.06 40.46
CA ILE B 113 32.72 -9.20 41.16
C ILE B 113 33.20 -10.24 40.15
N VAL B 114 32.46 -10.46 39.07
CA VAL B 114 32.92 -11.22 37.90
C VAL B 114 32.81 -10.33 36.66
N PRO B 115 33.86 -10.16 35.85
CA PRO B 115 35.16 -10.80 35.92
C PRO B 115 36.22 -10.02 36.70
N HIS B 116 36.05 -8.76 37.07
CA HIS B 116 37.16 -7.94 37.56
C HIS B 116 37.76 -8.43 38.88
N LEU B 117 36.95 -8.67 39.92
CA LEU B 117 37.48 -9.18 41.17
C LEU B 117 37.98 -10.62 41.08
N THR B 118 37.32 -11.50 40.31
CA THR B 118 37.85 -12.85 40.12
C THR B 118 39.12 -12.88 39.29
N ASN B 119 39.35 -11.91 38.41
CA ASN B 119 40.65 -11.69 37.79
C ASN B 119 41.66 -11.22 38.83
N ALA B 120 41.32 -10.29 39.72
CA ALA B 120 42.25 -9.82 40.74
C ALA B 120 42.77 -10.96 41.60
N ILE B 121 41.90 -11.87 42.06
CA ILE B 121 42.31 -13.03 42.85
C ILE B 121 43.27 -13.93 42.06
N GLN B 122 42.99 -14.25 40.80
CA GLN B 122 43.92 -15.04 39.98
C GLN B 122 45.25 -14.32 39.77
N ASP B 123 45.21 -13.02 39.51
CA ASP B 123 46.41 -12.22 39.31
C ASP B 123 47.22 -12.10 40.61
N TRP B 124 46.60 -12.16 41.79
CA TRP B 124 47.28 -12.23 43.08
C TRP B 124 47.92 -13.59 43.31
N ILE B 125 47.22 -14.69 43.11
CA ILE B 125 47.79 -16.04 43.29
C ILE B 125 49.00 -16.25 42.38
N GLU B 126 48.89 -15.95 41.09
CA GLU B 126 50.04 -16.13 40.19
C GLU B 126 51.13 -15.09 40.43
N ARG B 127 50.83 -13.91 40.99
CA ARG B 127 51.86 -12.94 41.41
C ARG B 127 52.67 -13.54 42.54
N VAL B 128 52.00 -13.91 43.62
CA VAL B 128 52.65 -14.37 44.86
C VAL B 128 53.39 -15.67 44.65
N ALA B 129 52.89 -16.58 43.81
CA ALA B 129 53.55 -17.84 43.50
C ALA B 129 54.90 -17.70 42.77
N LYS B 130 55.26 -16.52 42.27
CA LYS B 130 56.61 -16.23 41.76
C LYS B 130 57.66 -15.99 42.84
N ILE B 131 57.26 -15.50 44.01
CA ILE B 131 58.18 -15.02 45.05
C ILE B 131 59.06 -16.17 45.55
N PRO B 132 60.40 -16.02 45.62
CA PRO B 132 61.33 -17.09 46.00
C PRO B 132 61.43 -17.25 47.53
N VAL B 133 60.49 -17.95 48.13
CA VAL B 133 60.40 -18.13 49.60
C VAL B 133 61.39 -19.14 50.18
N ASP B 134 62.12 -19.84 49.32
CA ASP B 134 62.88 -21.06 49.60
C ASP B 134 64.39 -20.81 49.80
N ASP B 135 65.17 -21.84 50.14
CA ASP B 135 66.59 -21.77 50.49
C ASP B 135 67.54 -21.40 49.33
N THR B 136 67.03 -21.10 48.15
CA THR B 136 67.75 -20.42 47.07
C THR B 136 66.78 -19.59 46.27
N GLY B 137 67.25 -18.49 45.67
CA GLY B 137 66.43 -17.43 45.10
C GLY B 137 65.61 -17.77 43.83
N MET B 138 65.51 -19.03 43.43
CA MET B 138 64.64 -19.44 42.31
C MET B 138 63.16 -19.41 42.69
N GLU B 139 62.32 -19.12 41.70
CA GLU B 139 60.87 -19.18 41.91
C GLU B 139 60.38 -20.61 42.25
N PRO B 140 59.38 -20.78 43.12
CA PRO B 140 58.84 -22.08 43.46
C PRO B 140 58.33 -22.91 42.27
N ASP B 141 58.44 -24.23 42.40
CA ASP B 141 57.97 -25.16 41.38
C ASP B 141 56.48 -25.46 41.58
N VAL B 142 56.06 -25.56 42.85
CA VAL B 142 54.68 -25.85 43.25
C VAL B 142 54.20 -24.87 44.32
N CYS B 143 52.94 -24.48 44.25
CA CYS B 143 52.29 -23.67 45.27
C CYS B 143 51.10 -24.42 45.87
N ILE B 144 51.03 -24.55 47.19
CA ILE B 144 49.89 -25.13 47.90
C ILE B 144 48.94 -23.99 48.25
N ILE B 145 47.72 -23.99 47.72
CA ILE B 145 46.73 -22.94 47.99
C ILE B 145 45.68 -23.49 48.94
N GLU B 146 45.60 -23.00 50.16
CA GLU B 146 44.55 -23.44 51.08
C GLU B 146 43.41 -22.44 51.08
N LEU B 147 42.24 -22.89 50.68
CA LEU B 147 41.01 -22.13 50.68
C LEU B 147 40.30 -22.30 52.02
N GLY B 148 40.31 -21.29 52.88
CA GLY B 148 39.57 -21.30 54.14
C GLY B 148 38.06 -21.23 53.97
N GLY B 149 37.35 -21.31 55.09
CA GLY B 149 35.89 -21.43 55.12
C GLY B 149 35.41 -22.78 54.59
N THR B 150 34.18 -22.85 54.10
CA THR B 150 33.66 -24.02 53.38
C THR B 150 33.08 -23.63 52.04
N VAL B 151 33.24 -24.48 51.03
CA VAL B 151 32.62 -24.26 49.72
C VAL B 151 31.09 -24.23 49.89
N GLY B 152 30.42 -23.20 49.35
CA GLY B 152 29.00 -22.94 49.57
C GLY B 152 28.69 -21.92 50.68
N ASP B 153 29.74 -21.33 51.24
CA ASP B 153 29.57 -20.18 52.18
C ASP B 153 29.33 -18.96 51.29
N ILE B 154 28.59 -17.93 51.73
CA ILE B 154 28.39 -16.67 50.95
C ILE B 154 29.65 -15.82 51.12
N GLU B 155 30.61 -16.22 51.91
CA GLU B 155 31.88 -15.60 52.26
C GLU B 155 32.99 -16.11 51.36
N SER B 156 32.90 -17.33 50.89
CA SER B 156 33.88 -18.08 50.10
C SER B 156 33.53 -18.11 48.64
N ALA B 157 32.39 -17.54 48.23
CA ALA B 157 31.89 -17.64 46.84
C ALA B 157 32.82 -16.92 45.85
N PRO B 158 33.40 -15.73 46.13
CA PRO B 158 34.33 -15.08 45.20
C PRO B 158 35.58 -15.91 44.89
N PHE B 159 36.10 -16.65 45.85
CA PHE B 159 37.30 -17.45 45.69
C PHE B 159 37.11 -18.74 44.91
N VAL B 160 36.00 -19.45 45.08
CA VAL B 160 35.70 -20.62 44.22
C VAL B 160 35.41 -20.23 42.78
N GLU B 161 34.85 -19.05 42.52
CA GLU B 161 34.82 -18.50 41.16
C GLU B 161 36.24 -18.26 40.65
N ALA B 162 37.07 -17.55 41.40
CA ALA B 162 38.40 -17.22 40.94
C ALA B 162 39.26 -18.45 40.70
N LEU B 163 39.20 -19.44 41.59
CA LEU B 163 39.88 -20.71 41.42
C LEU B 163 39.32 -21.48 40.23
N ARG B 164 38.00 -21.51 39.96
CA ARG B 164 37.48 -22.19 38.75
C ARG B 164 38.11 -21.62 37.50
N GLN B 165 38.07 -20.31 37.34
CA GLN B 165 38.67 -19.63 36.19
C GLN B 165 40.18 -19.92 36.15
N PHE B 166 40.83 -20.03 37.30
CA PHE B 166 42.23 -20.38 37.41
C PHE B 166 42.55 -21.78 36.92
N GLN B 167 41.62 -22.73 36.93
CA GLN B 167 41.83 -24.06 36.34
C GLN B 167 42.04 -24.00 34.81
N PHE B 168 41.80 -22.85 34.18
CA PHE B 168 41.93 -22.62 32.75
C PHE B 168 43.05 -21.63 32.44
N LYS B 169 43.21 -20.59 33.27
CA LYS B 169 44.32 -19.63 33.17
C LYS B 169 45.66 -20.35 33.39
N VAL B 170 45.71 -21.21 34.40
CA VAL B 170 46.65 -22.34 34.53
C VAL B 170 46.02 -23.54 33.82
N GLY B 171 46.79 -24.44 33.23
CA GLY B 171 46.24 -25.64 32.62
C GLY B 171 45.84 -26.76 33.60
N LYS B 172 44.94 -27.65 33.18
CA LYS B 172 44.90 -29.01 33.73
C LYS B 172 46.24 -29.70 33.41
N GLU B 173 46.68 -30.65 34.22
CA GLU B 173 48.09 -31.10 34.29
C GLU B 173 49.07 -30.01 34.78
N ASN B 174 48.61 -28.86 35.27
CA ASN B 174 49.37 -27.95 36.12
C ASN B 174 48.64 -27.63 37.42
N PHE B 175 47.32 -27.66 37.47
CA PHE B 175 46.50 -27.46 38.66
C PHE B 175 45.83 -28.77 39.10
N ALA B 176 45.76 -29.04 40.40
CA ALA B 176 45.00 -30.14 41.02
C ALA B 176 44.34 -29.72 42.33
N LEU B 177 43.27 -30.40 42.74
CA LEU B 177 42.53 -30.06 43.97
C LEU B 177 42.37 -31.25 44.89
N ILE B 178 42.62 -31.05 46.18
CA ILE B 178 42.34 -31.95 47.28
C ILE B 178 41.14 -31.41 48.05
N HIS B 179 40.05 -32.15 48.17
CA HIS B 179 38.87 -31.71 48.90
C HIS B 179 38.78 -32.46 50.21
N VAL B 180 38.70 -31.78 51.33
CA VAL B 180 38.72 -32.40 52.65
C VAL B 180 37.30 -32.48 53.16
N SER B 181 36.80 -33.63 53.58
CA SER B 181 35.35 -33.82 53.81
C SER B 181 35.03 -34.74 54.98
N LEU B 182 33.80 -34.71 55.49
CA LEU B 182 33.45 -35.37 56.75
C LEU B 182 32.81 -36.73 56.51
N VAL B 183 33.27 -37.75 57.21
CA VAL B 183 32.57 -39.03 57.33
C VAL B 183 32.15 -39.15 58.80
N PRO B 184 30.97 -38.67 59.23
CA PRO B 184 30.55 -38.82 60.60
C PRO B 184 30.25 -40.29 60.87
N VAL B 185 30.70 -40.81 62.03
CA VAL B 185 30.51 -42.25 62.42
C VAL B 185 29.54 -42.28 63.61
N ILE B 186 28.22 -42.39 63.38
CA ILE B 186 27.18 -42.47 64.46
C ILE B 186 26.22 -43.62 64.16
N HIS B 187 25.51 -44.15 65.16
CA HIS B 187 24.49 -45.23 64.99
C HIS B 187 25.15 -46.47 64.35
N GLY B 188 26.41 -46.77 64.69
CA GLY B 188 27.10 -48.00 64.21
C GLY B 188 27.32 -48.04 62.69
N GLU B 189 27.68 -46.92 62.05
CA GLU B 189 28.00 -46.89 60.57
C GLU B 189 28.75 -45.61 60.17
N GLN B 190 29.73 -45.68 59.25
CA GLN B 190 30.46 -44.50 58.70
C GLN B 190 29.56 -43.92 57.59
N LYS B 191 28.93 -42.75 57.77
CA LYS B 191 27.96 -42.25 56.79
C LYS B 191 28.66 -41.42 55.71
N THR B 192 28.41 -41.71 54.44
CA THR B 192 29.05 -41.01 53.31
C THR B 192 28.34 -39.73 52.90
N LYS B 193 27.06 -39.55 53.24
CA LYS B 193 26.22 -38.50 52.63
C LYS B 193 26.71 -37.06 52.80
N PRO B 194 27.34 -36.61 53.88
CA PRO B 194 27.86 -35.25 53.92
C PRO B 194 28.95 -35.02 52.87
N THR B 195 29.76 -36.02 52.54
CA THR B 195 30.69 -35.95 51.40
C THR B 195 29.96 -35.88 50.06
N GLN B 196 28.87 -36.63 49.85
CA GLN B 196 28.08 -36.52 48.61
C GLN B 196 27.47 -35.12 48.46
N ALA B 197 26.78 -34.57 49.46
CA ALA B 197 26.20 -33.24 49.42
C ALA B 197 27.24 -32.12 49.28
N ALA B 198 28.42 -32.21 49.89
CA ALA B 198 29.49 -31.23 49.73
C ALA B 198 30.24 -31.37 48.41
N ILE B 199 30.27 -32.54 47.77
CA ILE B 199 30.83 -32.72 46.44
C ILE B 199 29.83 -32.24 45.37
N LYS B 200 28.54 -32.47 45.57
CA LYS B 200 27.48 -31.79 44.80
C LYS B 200 27.65 -30.27 44.86
N GLY B 201 27.84 -29.70 46.04
CA GLY B 201 28.19 -28.28 46.18
C GLY B 201 29.44 -27.91 45.40
N LEU B 202 30.54 -28.66 45.54
CA LEU B 202 31.79 -28.38 44.84
C LEU B 202 31.63 -28.34 43.33
N ARG B 203 31.03 -29.37 42.72
CA ARG B 203 30.86 -29.40 41.26
C ARG B 203 29.90 -28.32 40.77
N SER B 204 28.95 -27.87 41.58
CA SER B 204 28.07 -26.76 41.22
C SER B 204 28.87 -25.50 40.91
N LEU B 205 29.86 -25.16 41.74
CA LEU B 205 30.74 -24.00 41.54
C LEU B 205 31.89 -24.27 40.54
N GLY B 206 32.13 -25.54 40.20
CA GLY B 206 32.80 -25.95 38.96
C GLY B 206 34.19 -26.54 39.13
N LEU B 207 34.73 -26.52 40.34
CA LEU B 207 35.93 -27.22 40.71
C LEU B 207 35.66 -28.73 40.71
N VAL B 208 36.63 -29.56 40.33
CA VAL B 208 36.53 -31.03 40.42
C VAL B 208 37.70 -31.57 41.23
N PRO B 209 37.45 -32.44 42.23
CA PRO B 209 38.50 -32.90 43.12
C PRO B 209 39.28 -34.03 42.47
N ASP B 210 40.60 -33.91 42.49
CA ASP B 210 41.51 -34.96 42.07
C ASP B 210 41.80 -35.94 43.20
N MET B 211 41.56 -35.51 44.43
CA MET B 211 41.53 -36.34 45.63
C MET B 211 40.41 -35.92 46.55
N ILE B 212 39.91 -36.85 47.35
CA ILE B 212 39.11 -36.55 48.52
C ILE B 212 39.92 -36.99 49.73
N ALA B 213 39.88 -36.25 50.82
CA ALA B 213 40.54 -36.61 52.07
C ALA B 213 39.58 -36.53 53.23
N CYS B 214 39.40 -37.60 54.00
CA CYS B 214 38.32 -37.63 54.98
C CYS B 214 38.78 -37.36 56.42
N ARG B 215 38.13 -36.42 57.09
CA ARG B 215 38.04 -36.40 58.55
C ARG B 215 37.10 -37.51 58.95
N CYS B 216 37.61 -38.46 59.71
CA CYS B 216 36.80 -39.54 60.25
C CYS B 216 37.33 -39.94 61.64
N SER B 217 36.44 -40.40 62.51
CA SER B 217 36.82 -40.93 63.83
C SER B 217 37.55 -42.26 63.75
N GLU B 218 37.60 -42.91 62.57
CA GLU B 218 38.06 -44.28 62.37
C GLU B 218 38.97 -44.42 61.15
N THR B 219 39.59 -45.58 60.96
CA THR B 219 40.04 -45.95 59.62
C THR B 219 38.80 -46.13 58.73
N LEU B 220 38.72 -45.47 57.57
CA LEU B 220 37.63 -45.68 56.63
C LEU B 220 37.51 -47.16 56.27
N ASP B 221 36.30 -47.71 56.36
CA ASP B 221 36.02 -49.04 55.86
C ASP B 221 36.22 -49.10 54.35
N LYS B 222 36.67 -50.25 53.86
CA LYS B 222 36.75 -50.57 52.42
C LYS B 222 35.48 -50.19 51.65
N PRO B 223 34.25 -50.52 52.11
CA PRO B 223 33.02 -50.04 51.49
C PRO B 223 32.81 -48.52 51.56
N THR B 224 33.28 -47.82 52.59
CA THR B 224 33.15 -46.35 52.65
C THR B 224 33.96 -45.67 51.57
N ILE B 225 35.19 -46.11 51.34
CA ILE B 225 36.01 -45.66 50.22
C ILE B 225 35.31 -45.93 48.89
N ASP B 226 34.75 -47.11 48.70
CA ASP B 226 34.03 -47.45 47.46
C ASP B 226 32.77 -46.59 47.28
N LYS B 227 31.99 -46.33 48.33
CA LYS B 227 30.77 -45.52 48.25
C LYS B 227 31.03 -44.03 48.16
N ILE B 228 32.20 -43.50 48.53
CA ILE B 228 32.65 -42.16 48.14
C ILE B 228 33.12 -42.16 46.68
N ALA B 229 33.99 -43.07 46.25
CA ALA B 229 34.49 -43.08 44.88
C ALA B 229 33.42 -43.40 43.82
N MET B 230 32.33 -44.10 44.17
CA MET B 230 31.15 -44.27 43.31
C MET B 230 30.32 -43.00 43.13
N PHE B 231 30.62 -41.94 43.89
CA PHE B 231 29.87 -40.68 43.92
C PHE B 231 30.71 -39.45 43.60
N CYS B 232 32.00 -39.62 43.30
CA CYS B 232 32.95 -38.57 42.97
C CYS B 232 33.89 -39.04 41.86
N HIS B 233 34.54 -38.12 41.16
CA HIS B 233 35.34 -38.47 39.97
C HIS B 233 36.79 -38.89 40.29
N VAL B 234 36.97 -39.65 41.37
CA VAL B 234 38.26 -40.12 41.92
C VAL B 234 38.32 -41.65 41.90
N GLY B 235 39.49 -42.25 41.67
CA GLY B 235 39.64 -43.69 41.91
C GLY B 235 39.57 -44.00 43.41
N PRO B 236 39.31 -45.25 43.82
CA PRO B 236 39.25 -45.59 45.24
C PRO B 236 40.58 -45.40 45.98
N GLU B 237 41.70 -45.36 45.27
CA GLU B 237 43.04 -45.10 45.79
C GLU B 237 43.34 -43.60 46.05
N GLN B 238 42.47 -42.67 45.64
CA GLN B 238 42.55 -41.24 45.94
C GLN B 238 41.48 -40.76 46.94
N VAL B 239 40.84 -41.67 47.67
CA VAL B 239 40.12 -41.30 48.90
C VAL B 239 41.08 -41.47 50.08
N VAL B 240 41.99 -40.48 50.15
CA VAL B 240 42.99 -40.41 51.25
C VAL B 240 42.16 -40.39 52.54
N ASN B 241 42.65 -40.91 53.64
CA ASN B 241 42.02 -40.75 54.99
C ASN B 241 43.12 -40.08 55.80
N VAL B 242 42.81 -39.26 56.80
CA VAL B 242 43.85 -38.71 57.72
C VAL B 242 43.29 -39.04 59.11
N HIS B 243 43.58 -40.25 59.60
CA HIS B 243 43.01 -40.77 60.87
C HIS B 243 43.91 -40.46 62.07
N ASP B 244 43.54 -40.93 63.25
CA ASP B 244 44.34 -40.80 64.47
C ASP B 244 45.74 -41.40 64.29
N VAL B 245 46.77 -40.63 64.66
CA VAL B 245 48.20 -41.00 64.57
C VAL B 245 48.94 -40.56 65.83
N ASN B 246 50.13 -41.10 66.07
CA ASN B 246 50.84 -40.88 67.34
C ASN B 246 51.12 -39.40 67.61
N SER B 247 51.43 -38.66 66.55
CA SER B 247 51.50 -37.19 66.53
C SER B 247 51.23 -36.65 65.14
N THR B 248 50.86 -35.37 65.07
CA THR B 248 50.55 -34.64 63.85
C THR B 248 51.63 -34.78 62.77
N TYR B 249 52.91 -34.77 63.13
CA TYR B 249 54.00 -34.90 62.16
C TYR B 249 54.09 -36.29 61.51
N HIS B 250 53.43 -37.32 62.05
CA HIS B 250 53.30 -38.58 61.34
C HIS B 250 52.40 -38.44 60.12
N VAL B 251 51.49 -37.46 60.10
CA VAL B 251 50.56 -37.24 58.99
C VAL B 251 51.24 -37.19 57.63
N PRO B 252 52.30 -36.43 57.36
CA PRO B 252 52.93 -36.48 56.04
C PRO B 252 53.40 -37.90 55.67
N LEU B 253 53.95 -38.65 56.61
CA LEU B 253 54.32 -40.03 56.33
C LEU B 253 53.07 -40.88 56.12
N LEU B 254 52.00 -40.64 56.88
CA LEU B 254 50.69 -41.25 56.62
C LEU B 254 50.21 -40.99 55.19
N LEU B 255 50.26 -39.75 54.71
CA LEU B 255 49.88 -39.40 53.35
C LEU B 255 50.76 -40.12 52.34
N LEU B 256 52.08 -40.14 52.55
CA LEU B 256 53.02 -40.89 51.75
C LEU B 256 52.67 -42.38 51.70
N GLU B 257 52.37 -42.98 52.85
CA GLU B 257 52.04 -44.40 52.97
C GLU B 257 50.74 -44.75 52.24
N GLN B 258 49.78 -43.83 52.25
CA GLN B 258 48.53 -43.90 51.49
C GLN B 258 48.73 -43.58 49.98
N LYS B 259 49.97 -43.60 49.48
CA LYS B 259 50.34 -43.35 48.07
C LYS B 259 49.81 -42.01 47.54
N MET B 260 49.68 -41.02 48.41
CA MET B 260 49.13 -39.73 48.03
C MET B 260 50.02 -39.03 46.99
N ILE B 261 51.34 -39.01 47.20
CA ILE B 261 52.29 -38.40 46.26
C ILE B 261 52.52 -39.23 45.01
N ASP B 262 52.43 -40.55 45.07
CA ASP B 262 52.59 -41.38 43.88
C ASP B 262 51.50 -41.12 42.84
N TYR B 263 50.35 -40.58 43.26
CA TYR B 263 49.38 -39.98 42.36
C TYR B 263 49.77 -38.55 41.95
N LEU B 264 50.05 -37.62 42.87
CA LEU B 264 50.35 -36.23 42.50
C LEU B 264 51.55 -36.12 41.55
N HIS B 265 52.55 -36.97 41.67
CA HIS B 265 53.63 -37.09 40.72
C HIS B 265 53.14 -37.26 39.27
N ALA B 266 52.17 -38.14 39.03
CA ALA B 266 51.57 -38.36 37.72
C ALA B 266 50.55 -37.28 37.36
N ARG B 267 49.67 -36.91 38.30
CA ARG B 267 48.55 -35.97 38.09
C ARG B 267 49.01 -34.54 37.81
N LEU B 268 50.13 -34.16 38.38
CA LEU B 268 50.77 -32.88 38.09
C LEU B 268 52.06 -33.05 37.30
N LYS B 269 52.36 -34.26 36.84
CA LYS B 269 53.44 -34.52 35.89
C LYS B 269 54.77 -33.94 36.38
N LEU B 270 55.10 -34.31 37.62
CA LEU B 270 56.20 -33.74 38.39
C LEU B 270 57.56 -34.33 37.98
N ASP B 271 57.53 -35.45 37.25
CA ASP B 271 58.63 -35.94 36.44
C ASP B 271 59.12 -34.91 35.41
N GLU B 272 58.28 -33.96 34.99
CA GLU B 272 58.73 -32.85 34.14
C GLU B 272 59.66 -31.87 34.88
N ILE B 273 59.69 -31.89 36.21
CA ILE B 273 60.60 -31.05 36.99
C ILE B 273 61.98 -31.72 37.06
N SER B 274 62.85 -31.39 36.10
CA SER B 274 64.23 -31.89 35.97
C SER B 274 65.16 -31.21 36.98
N LEU B 275 65.03 -31.57 38.26
CA LEU B 275 65.86 -31.07 39.36
C LEU B 275 67.36 -31.32 39.16
N THR B 276 68.22 -30.44 39.67
CA THR B 276 69.64 -30.78 39.80
C THR B 276 69.83 -31.92 40.81
N GLU B 277 70.95 -32.62 40.73
CA GLU B 277 71.30 -33.66 41.71
C GLU B 277 71.68 -33.09 43.08
N GLU B 278 71.79 -31.77 43.22
CA GLU B 278 71.75 -31.10 44.53
C GLU B 278 70.33 -30.78 45.00
N GLU B 279 69.34 -30.86 44.12
CA GLU B 279 67.93 -30.78 44.44
C GLU B 279 67.34 -32.18 44.49
N GLU B 280 68.86 -36.24 48.33
CA GLU B 280 69.26 -36.54 49.71
C GLU B 280 68.49 -35.74 50.74
N LEU B 281 68.01 -34.54 50.44
CA LEU B 281 67.09 -33.81 51.32
C LEU B 281 65.85 -34.65 51.62
N LEU B 282 65.34 -35.36 50.61
CA LEU B 282 64.35 -36.42 50.73
C LEU B 282 64.77 -37.44 51.78
N SER B 283 65.98 -37.99 51.64
CA SER B 283 66.52 -39.05 52.49
C SER B 283 66.69 -38.58 53.93
N LYS B 284 67.53 -37.54 54.08
CA LYS B 284 67.76 -36.87 55.38
C LYS B 284 66.39 -36.48 55.94
N TRP B 285 65.40 -36.12 55.08
CA TRP B 285 64.03 -35.85 55.60
C TRP B 285 63.47 -37.23 56.02
N LYS B 286 63.23 -38.25 55.18
CA LYS B 286 62.68 -39.60 55.53
C LYS B 286 63.48 -40.18 56.72
N ALA B 287 64.75 -39.79 56.92
CA ALA B 287 65.59 -40.22 58.04
C ALA B 287 64.96 -39.57 59.28
N THR B 288 64.65 -38.25 59.29
CA THR B 288 64.12 -37.41 60.44
C THR B 288 62.58 -37.47 60.66
N THR B 289 61.77 -37.94 59.71
CA THR B 289 60.39 -38.36 59.89
C THR B 289 60.36 -39.54 60.84
N GLY B 290 61.20 -40.52 60.56
CA GLY B 290 61.51 -41.58 61.48
C GLY B 290 62.09 -41.04 62.79
N ASN B 291 63.06 -40.14 62.77
CA ASN B 291 63.77 -39.72 63.97
C ASN B 291 62.87 -38.91 64.91
N PHE B 292 61.87 -38.21 64.38
CA PHE B 292 60.75 -37.77 65.18
C PHE B 292 60.00 -39.01 65.71
N ASP B 293 59.46 -39.83 64.81
CA ASP B 293 58.44 -40.83 65.12
C ASP B 293 58.90 -41.95 66.06
N GLU B 294 60.18 -42.31 65.98
CA GLU B 294 60.83 -43.38 66.73
C GLU B 294 60.96 -43.03 68.22
N THR B 295 59.76 -40.75 79.29
CA THR B 295 59.00 -39.50 79.37
C THR B 295 59.74 -38.36 80.07
N VAL B 296 59.51 -37.13 79.61
CA VAL B 296 59.81 -35.88 80.31
C VAL B 296 58.49 -35.18 80.63
N LYS B 297 58.22 -34.86 81.90
CA LYS B 297 56.97 -34.20 82.33
C LYS B 297 57.25 -32.72 82.53
N ILE B 298 56.53 -31.81 81.87
CA ILE B 298 56.72 -30.35 82.00
C ILE B 298 55.42 -29.69 82.44
N ALA B 299 55.42 -28.89 83.50
CA ALA B 299 54.25 -28.11 83.85
C ALA B 299 54.30 -26.79 83.09
N LEU B 300 53.31 -26.53 82.24
CA LEU B 300 53.12 -25.24 81.60
C LEU B 300 52.07 -24.48 82.40
N VAL B 301 52.48 -23.37 83.00
CA VAL B 301 51.70 -22.65 84.00
C VAL B 301 51.33 -21.29 83.47
N GLY B 302 50.05 -21.01 83.27
CA GLY B 302 49.64 -19.72 82.74
C GLY B 302 48.16 -19.44 82.91
N LYS B 303 47.68 -18.31 82.37
CA LYS B 303 46.24 -17.98 82.32
C LYS B 303 45.47 -18.86 81.33
N TYR B 304 44.28 -19.32 81.72
CA TYR B 304 43.30 -19.95 80.81
C TYR B 304 43.90 -21.05 79.93
N THR B 305 44.74 -21.90 80.51
CA THR B 305 45.31 -23.07 79.83
C THR B 305 44.28 -24.06 79.28
N ASN B 306 43.01 -23.95 79.68
CA ASN B 306 41.88 -24.63 79.07
C ASN B 306 41.77 -24.35 77.56
N LEU B 307 42.18 -23.15 77.17
CA LEU B 307 42.18 -22.63 75.81
C LEU B 307 43.47 -23.04 75.10
N LYS B 308 43.59 -24.34 74.81
CA LYS B 308 44.88 -24.93 74.44
C LYS B 308 45.49 -24.42 73.11
N ASP B 309 44.69 -23.98 72.17
CA ASP B 309 45.25 -23.35 70.96
C ASP B 309 46.01 -22.04 71.27
N SER B 310 45.68 -21.36 72.36
CA SER B 310 46.34 -20.10 72.74
C SER B 310 47.82 -20.28 73.10
N TYR B 311 48.26 -21.52 73.30
CA TYR B 311 49.64 -21.85 73.61
C TYR B 311 50.28 -22.72 72.54
N LEU B 312 49.67 -22.83 71.37
CA LEU B 312 50.08 -23.77 70.34
C LEU B 312 51.56 -23.72 69.99
N SER B 313 52.11 -22.54 69.72
CA SER B 313 53.52 -22.43 69.33
C SER B 313 54.43 -22.99 70.41
N VAL B 314 54.08 -22.72 71.67
CA VAL B 314 54.79 -23.23 72.84
C VAL B 314 54.78 -24.75 72.80
N ILE B 315 53.61 -25.34 72.54
CA ILE B 315 53.52 -26.80 72.44
C ILE B 315 54.42 -27.32 71.33
N LYS B 316 54.34 -26.74 70.15
CA LYS B 316 55.13 -27.23 69.02
C LYS B 316 56.61 -27.09 69.28
N ALA B 317 57.04 -25.99 69.87
CA ALA B 317 58.44 -25.81 70.24
C ALA B 317 58.95 -26.91 71.20
N LEU B 318 58.15 -27.25 72.22
CA LEU B 318 58.47 -28.36 73.11
C LEU B 318 58.51 -29.71 72.36
N GLU B 319 57.63 -29.94 71.38
CA GLU B 319 57.65 -31.15 70.57
C GLU B 319 58.93 -31.24 69.73
N HIS B 320 59.34 -30.16 69.05
CA HIS B 320 60.53 -30.19 68.19
C HIS B 320 61.76 -30.58 68.99
N SER B 321 61.92 -29.94 70.14
CA SER B 321 63.02 -30.20 71.06
C SER B 321 62.98 -31.59 71.65
N SER B 322 61.80 -32.08 72.05
CA SER B 322 61.67 -33.43 72.64
C SER B 322 62.10 -34.54 71.69
N MET B 323 61.86 -34.39 70.39
CA MET B 323 62.36 -35.33 69.39
C MET B 323 63.89 -35.40 69.37
N LYS B 324 64.59 -34.26 69.55
CA LYS B 324 66.06 -34.23 69.63
C LYS B 324 66.58 -34.97 70.86
N CYS B 325 65.96 -34.77 72.03
CA CYS B 325 66.27 -35.51 73.25
C CYS B 325 65.82 -36.98 73.26
N ARG B 326 65.14 -37.41 72.19
CA ARG B 326 64.54 -38.75 71.99
C ARG B 326 63.58 -39.16 73.12
N ARG B 327 62.99 -38.19 73.85
CA ARG B 327 62.14 -38.40 75.03
C ARG B 327 60.71 -37.95 74.77
N LYS B 328 59.76 -38.69 75.31
CA LYS B 328 58.33 -38.48 75.11
C LYS B 328 57.87 -37.28 75.94
N LEU B 329 57.17 -36.34 75.32
CA LEU B 329 56.73 -35.12 75.98
C LEU B 329 55.38 -35.30 76.66
N ASP B 330 55.26 -34.88 77.90
CA ASP B 330 54.01 -34.90 78.66
C ASP B 330 53.77 -33.53 79.31
N ILE B 331 53.10 -32.63 78.59
CA ILE B 331 52.77 -31.31 79.14
C ILE B 331 51.65 -31.45 80.15
N LYS B 332 51.87 -31.04 81.40
CA LYS B 332 50.80 -30.82 82.37
C LYS B 332 50.30 -29.40 82.21
N TRP B 333 49.02 -29.23 81.98
CA TRP B 333 48.37 -27.93 81.87
C TRP B 333 47.89 -27.45 83.23
N VAL B 334 48.47 -26.36 83.72
CA VAL B 334 48.13 -25.76 85.01
C VAL B 334 47.49 -24.39 84.79
N GLU B 335 46.29 -24.16 85.30
CA GLU B 335 45.79 -22.80 85.42
C GLU B 335 46.55 -22.10 86.54
N ALA B 336 47.27 -21.03 86.22
CA ALA B 336 48.09 -20.31 87.18
C ALA B 336 47.29 -19.84 88.40
N THR B 337 46.07 -19.37 88.22
CA THR B 337 45.26 -18.90 89.34
C THR B 337 44.88 -20.00 90.34
N ASP B 338 44.86 -21.27 89.93
CA ASP B 338 44.57 -22.37 90.85
C ASP B 338 45.73 -22.68 91.81
N LEU B 339 46.92 -22.11 91.60
CA LEU B 339 48.02 -22.22 92.54
C LEU B 339 47.90 -21.28 93.73
N GLU B 340 47.05 -20.26 93.64
CA GLU B 340 47.02 -19.17 94.62
C GLU B 340 46.57 -19.62 96.02
N PRO B 341 47.12 -19.04 97.11
CA PRO B 341 46.64 -19.29 98.46
C PRO B 341 45.15 -19.00 98.70
N GLU B 342 44.55 -18.11 97.89
CA GLU B 342 43.12 -17.82 97.90
C GLU B 342 42.28 -18.95 97.28
N ALA B 343 42.82 -19.63 96.26
CA ALA B 343 42.09 -20.71 95.59
C ALA B 343 41.81 -21.88 96.55
N GLN B 344 42.63 -22.05 97.60
CA GLN B 344 42.49 -23.13 98.58
C GLN B 344 41.15 -23.11 99.34
N GLU B 345 40.61 -21.93 99.66
CA GLU B 345 39.26 -21.86 100.24
C GLU B 345 38.16 -21.77 99.17
N SER B 346 38.47 -21.17 98.01
CA SER B 346 37.47 -20.92 96.96
C SER B 346 37.09 -22.18 96.19
N ASN B 347 38.07 -22.98 95.77
CA ASN B 347 37.91 -24.12 94.87
C ASN B 347 38.96 -25.20 95.15
N LYS B 348 38.98 -25.72 96.38
CA LYS B 348 40.08 -26.53 96.94
C LYS B 348 40.51 -27.69 96.04
N THR B 349 39.57 -28.39 95.41
CA THR B 349 39.86 -29.59 94.62
C THR B 349 40.80 -29.30 93.48
N LYS B 350 40.52 -28.26 92.69
CA LYS B 350 41.35 -27.88 91.55
C LYS B 350 42.70 -27.34 91.98
N PHE B 351 42.76 -26.67 93.12
CA PHE B 351 44.01 -26.21 93.73
C PHE B 351 44.96 -27.36 94.05
N ARG B 352 44.48 -28.49 94.58
CA ARG B 352 45.32 -29.68 94.76
C ARG B 352 45.76 -30.29 93.43
N GLU B 353 44.90 -30.34 92.42
CA GLU B 353 45.30 -30.85 91.11
C GLU B 353 46.41 -29.99 90.50
N ALA B 354 46.29 -28.67 90.60
CA ALA B 354 47.31 -27.74 90.12
C ALA B 354 48.65 -27.94 90.84
N TRP B 355 48.64 -28.04 92.15
CA TRP B 355 49.87 -28.23 92.91
C TRP B 355 50.49 -29.61 92.73
N ASN B 356 49.70 -30.67 92.55
CA ASN B 356 50.28 -31.96 92.20
C ASN B 356 51.04 -31.89 90.87
N MET B 357 50.49 -31.23 89.86
CA MET B 357 51.18 -31.07 88.58
C MET B 357 52.50 -30.33 88.78
N VAL B 358 52.51 -29.19 89.47
CA VAL B 358 53.74 -28.42 89.74
C VAL B 358 54.78 -29.25 90.47
N SER B 359 54.36 -30.03 91.47
CA SER B 359 55.22 -30.89 92.28
C SER B 359 55.75 -32.11 91.54
N THR B 360 55.02 -32.62 90.55
CA THR B 360 55.41 -33.79 89.75
C THR B 360 56.43 -33.43 88.68
N ALA B 361 56.32 -32.26 88.08
CA ALA B 361 56.99 -31.97 86.83
C ALA B 361 58.53 -31.96 86.90
N ASP B 362 59.18 -32.47 85.88
CA ASP B 362 60.63 -32.44 85.70
C ASP B 362 61.13 -31.08 85.23
N GLY B 363 60.25 -30.21 84.77
CA GLY B 363 60.56 -28.84 84.39
C GLY B 363 59.35 -27.93 84.55
N ILE B 364 59.56 -26.64 84.74
CA ILE B 364 58.50 -25.64 84.79
C ILE B 364 58.65 -24.66 83.64
N LEU B 365 57.54 -24.20 83.10
CA LEU B 365 57.47 -23.31 81.95
C LEU B 365 56.39 -22.28 82.18
N ILE B 366 56.77 -21.01 82.22
CA ILE B 366 55.83 -19.90 82.28
C ILE B 366 55.79 -19.28 80.87
N PRO B 367 54.69 -19.35 80.14
CA PRO B 367 54.72 -19.36 78.67
C PRO B 367 54.64 -17.97 77.99
N GLY B 368 54.60 -16.87 78.75
CA GLY B 368 54.33 -15.53 78.18
C GLY B 368 52.85 -15.22 78.01
N GLY B 369 52.07 -15.38 79.08
CA GLY B 369 50.62 -15.20 79.10
C GLY B 369 50.12 -13.78 78.80
N PHE B 370 48.81 -13.66 78.65
CA PHE B 370 48.09 -12.44 78.29
C PHE B 370 47.42 -11.85 79.52
N GLY B 371 47.66 -10.57 79.79
CA GLY B 371 47.08 -9.86 80.93
C GLY B 371 47.60 -10.30 82.30
N VAL B 372 47.07 -9.71 83.38
CA VAL B 372 47.66 -9.80 84.73
C VAL B 372 47.17 -11.00 85.57
N ARG B 373 45.98 -11.54 85.31
CA ARG B 373 45.22 -12.43 86.23
C ARG B 373 46.04 -13.55 86.85
N GLY B 374 46.78 -14.31 86.06
CA GLY B 374 47.54 -15.48 86.54
C GLY B 374 48.77 -15.18 87.39
N THR B 375 49.20 -13.92 87.48
CA THR B 375 50.52 -13.54 87.98
C THR B 375 50.84 -14.15 89.34
N GLU B 376 49.93 -14.09 90.31
CA GLU B 376 50.22 -14.49 91.69
C GLU B 376 50.60 -15.97 91.80
N GLY B 377 49.94 -16.85 91.05
CA GLY B 377 50.33 -18.24 91.01
C GLY B 377 51.63 -18.49 90.25
N MET B 378 51.85 -17.79 89.13
CA MET B 378 53.07 -17.90 88.36
C MET B 378 54.31 -17.49 89.15
N VAL B 379 54.19 -16.57 90.11
CA VAL B 379 55.25 -16.26 91.07
C VAL B 379 55.63 -17.48 91.90
N LEU B 380 54.67 -18.19 92.48
CA LEU B 380 54.88 -19.37 93.30
C LEU B 380 55.45 -20.54 92.49
N ALA B 381 55.08 -20.69 91.21
CA ALA B 381 55.72 -21.63 90.32
C ALA B 381 57.18 -21.27 90.01
N ALA B 382 57.52 -20.00 89.88
CA ALA B 382 58.91 -19.59 89.69
C ALA B 382 59.77 -19.80 90.95
N ARG B 383 59.20 -19.55 92.13
CA ARG B 383 59.79 -19.78 93.47
C ARG B 383 60.09 -21.25 93.69
N TRP B 384 59.13 -22.10 93.32
CA TRP B 384 59.27 -23.55 93.38
C TRP B 384 60.47 -24.08 92.60
N ALA B 385 60.75 -23.51 91.42
CA ALA B 385 61.91 -23.88 90.61
C ALA B 385 63.20 -23.12 90.93
N ARG B 386 63.13 -21.94 91.57
CA ARG B 386 64.34 -21.25 92.05
C ARG B 386 64.95 -22.02 93.20
N GLU B 387 64.14 -22.38 94.20
CA GLU B 387 64.62 -22.92 95.47
C GLU B 387 65.04 -24.37 95.34
N ASN B 388 64.09 -25.24 95.02
CA ASN B 388 64.35 -26.61 94.60
C ASN B 388 64.91 -26.55 93.18
N HIS B 389 66.00 -27.24 92.84
CA HIS B 389 66.69 -27.10 91.54
C HIS B 389 65.97 -27.69 90.31
N ILE B 390 64.68 -27.43 90.13
CA ILE B 390 63.86 -27.80 88.97
C ILE B 390 64.27 -26.97 87.75
N PRO B 391 64.51 -27.52 86.57
CA PRO B 391 64.68 -26.77 85.33
C PRO B 391 63.50 -25.84 85.01
N PHE B 392 63.76 -24.66 84.49
CA PHE B 392 62.76 -23.61 84.26
C PHE B 392 63.03 -22.84 82.97
N LEU B 393 61.96 -22.47 82.27
CA LEU B 393 61.98 -21.42 81.27
C LEU B 393 60.84 -20.41 81.49
N GLY B 394 61.19 -19.13 81.53
CA GLY B 394 60.23 -18.03 81.50
C GLY B 394 60.24 -17.33 80.15
N VAL B 395 59.09 -17.24 79.48
CA VAL B 395 58.98 -16.55 78.19
C VAL B 395 58.20 -15.26 78.37
N CYS B 396 58.73 -14.12 77.93
CA CYS B 396 58.14 -12.80 78.04
C CYS B 396 57.64 -12.46 79.46
N LEU B 397 56.33 -12.53 79.73
CA LEU B 397 55.77 -12.42 81.09
C LEU B 397 56.42 -13.43 82.07
N GLY B 398 56.94 -14.55 81.59
CA GLY B 398 57.74 -15.45 82.39
C GLY B 398 59.07 -14.86 82.82
N LEU B 399 59.78 -14.09 82.00
CA LEU B 399 60.97 -13.35 82.45
C LEU B 399 60.59 -12.29 83.48
N GLN B 400 59.50 -11.59 83.20
CA GLN B 400 58.95 -10.61 84.12
C GLN B 400 58.66 -11.25 85.48
N ILE B 401 58.03 -12.43 85.50
CA ILE B 401 57.73 -13.14 86.74
C ILE B 401 58.93 -13.84 87.36
N ALA B 402 59.91 -14.29 86.59
CA ALA B 402 61.20 -14.70 87.14
C ALA B 402 61.88 -13.55 87.88
N THR B 403 61.78 -12.33 87.36
CA THR B 403 62.38 -11.16 87.99
C THR B 403 61.57 -10.64 89.18
N ILE B 404 60.24 -10.59 89.07
CA ILE B 404 59.37 -10.29 90.21
C ILE B 404 59.61 -11.29 91.32
N GLU B 405 59.74 -12.59 91.05
CA GLU B 405 59.93 -13.58 92.11
C GLU B 405 61.31 -13.41 92.76
N PHE B 406 62.38 -13.35 91.97
CA PHE B 406 63.71 -13.17 92.52
C PHE B 406 63.83 -11.88 93.34
N THR B 407 63.17 -10.81 92.91
CA THR B 407 63.01 -9.59 93.73
C THR B 407 62.25 -9.89 95.01
N ARG B 408 61.06 -10.47 94.93
CA ARG B 408 60.11 -10.74 96.01
C ARG B 408 60.61 -11.77 97.06
N SER B 409 61.68 -12.51 96.79
CA SER B 409 62.16 -13.58 97.66
C SER B 409 63.66 -13.55 97.97
N VAL B 410 64.49 -13.05 97.05
CA VAL B 410 65.94 -12.97 97.26
C VAL B 410 66.34 -11.58 97.76
N LEU B 411 65.73 -10.50 97.27
CA LEU B 411 65.95 -9.12 97.76
C LEU B 411 64.99 -8.70 98.90
N GLY B 412 64.13 -9.59 99.39
CA GLY B 412 62.97 -9.19 100.21
C GLY B 412 61.90 -8.51 99.37
N ARG B 413 61.73 -7.18 99.52
CA ARG B 413 60.89 -6.31 98.67
C ARG B 413 59.50 -6.86 98.33
N LYS B 414 58.78 -7.37 99.33
CA LYS B 414 57.53 -8.15 99.17
C LYS B 414 56.39 -7.40 98.48
N ASP B 415 56.42 -6.06 98.46
CA ASP B 415 55.46 -5.20 97.76
C ASP B 415 55.68 -5.12 96.23
N SER B 416 56.79 -5.59 95.68
CA SER B 416 57.11 -5.40 94.26
C SER B 416 56.17 -6.18 93.32
N HIS B 417 55.90 -5.63 92.14
CA HIS B 417 54.85 -6.05 91.22
C HIS B 417 55.17 -5.57 89.80
N SER B 418 54.48 -6.09 88.80
CA SER B 418 54.53 -5.56 87.43
C SER B 418 54.13 -4.08 87.36
N ALA B 419 54.66 -3.34 86.37
CA ALA B 419 54.24 -1.98 86.07
C ALA B 419 52.74 -1.84 85.78
N GLU B 420 52.06 -2.95 85.48
CA GLU B 420 50.61 -3.03 85.37
C GLU B 420 49.87 -2.49 86.62
N PHE B 421 50.39 -2.69 87.83
CA PHE B 421 49.88 -2.08 89.07
C PHE B 421 50.43 -0.65 89.22
N TYR B 422 50.08 0.19 88.26
CA TYR B 422 50.62 1.53 88.05
C TYR B 422 50.68 2.43 89.30
N PRO B 423 49.62 2.59 90.11
CA PRO B 423 49.60 3.61 91.18
C PRO B 423 50.45 3.28 92.42
N ASP B 424 51.10 2.11 92.49
CA ASP B 424 52.10 1.84 93.53
C ASP B 424 53.41 2.60 93.30
N ILE B 425 53.71 2.98 92.06
CA ILE B 425 54.86 3.79 91.60
C ILE B 425 56.24 3.25 92.07
N ASP B 426 56.63 3.47 93.32
CA ASP B 426 57.99 3.24 93.83
C ASP B 426 58.46 1.77 93.73
N GLU B 427 57.53 0.82 93.78
CA GLU B 427 57.79 -0.63 93.80
C GLU B 427 57.49 -1.36 92.47
N LYS B 428 57.23 -0.62 91.39
CA LYS B 428 57.08 -1.18 90.04
C LYS B 428 58.39 -1.84 89.61
N ASN B 429 58.33 -3.13 89.29
CA ASN B 429 59.48 -3.94 88.85
C ASN B 429 59.88 -3.69 87.38
N HIS B 430 59.05 -2.97 86.62
CA HIS B 430 59.17 -2.79 85.17
C HIS B 430 58.99 -1.32 84.75
N VAL B 431 59.33 -0.99 83.50
CA VAL B 431 59.15 0.32 82.89
C VAL B 431 58.54 0.17 81.49
N VAL B 432 57.69 1.12 81.10
CA VAL B 432 57.13 1.22 79.75
C VAL B 432 58.21 1.46 78.71
N VAL B 433 58.09 0.79 77.56
CA VAL B 433 58.95 0.98 76.40
C VAL B 433 58.16 0.69 75.11
N PHE B 434 57.36 1.65 74.66
CA PHE B 434 56.47 1.50 73.50
C PHE B 434 57.17 1.53 72.12
N MET B 435 58.37 2.11 72.01
CA MET B 435 59.07 2.39 70.75
C MET B 435 58.19 3.01 69.67
N MET B 436 54.36 -0.90 71.01
CA MET B 436 54.86 -2.23 71.30
C MET B 436 56.14 -2.55 70.52
N ARG B 437 57.15 -3.16 71.16
CA ARG B 437 58.33 -3.71 70.49
C ARG B 437 57.91 -5.02 69.81
N LEU B 438 58.15 -5.14 68.51
CA LEU B 438 57.69 -6.23 67.64
C LEU B 438 58.79 -6.72 66.68
N GLY B 439 58.56 -7.89 66.08
CA GLY B 439 59.37 -8.40 64.97
C GLY B 439 60.77 -8.86 65.33
N LEU B 440 61.52 -9.29 64.33
CA LEU B 440 62.86 -9.81 64.48
C LEU B 440 63.81 -8.69 64.85
N ARG B 441 64.32 -8.73 66.08
CA ARG B 441 65.40 -7.84 66.56
C ARG B 441 66.58 -8.66 67.06
N PRO B 442 67.83 -8.17 66.98
CA PRO B 442 68.98 -8.89 67.50
C PRO B 442 68.98 -8.94 69.04
N THR B 443 69.83 -9.76 69.63
CA THR B 443 70.24 -9.73 71.03
C THR B 443 71.67 -10.22 71.14
N PHE B 444 72.44 -9.58 72.00
CA PHE B 444 73.89 -9.73 72.09
C PHE B 444 74.26 -10.25 73.47
N PHE B 445 75.06 -11.29 73.56
CA PHE B 445 75.52 -11.80 74.85
C PHE B 445 76.44 -10.79 75.54
N GLN B 446 76.40 -10.73 76.86
CA GLN B 446 77.33 -9.92 77.65
C GLN B 446 78.71 -10.60 77.69
N ASN B 447 79.78 -9.89 77.33
CA ASN B 447 81.01 -10.51 76.82
C ASN B 447 81.80 -11.40 77.81
N GLU B 448 81.49 -11.37 79.10
CA GLU B 448 82.14 -12.16 80.17
C GLU B 448 81.45 -13.51 80.45
N THR B 449 80.21 -13.71 80.00
CA THR B 449 79.33 -14.79 80.51
C THR B 449 79.62 -16.17 79.88
N GLU B 450 80.87 -16.59 79.83
CA GLU B 450 81.35 -17.85 79.26
C GLU B 450 80.83 -19.10 80.01
N TRP B 451 80.40 -18.93 81.26
CA TRP B 451 79.83 -19.98 82.10
C TRP B 451 78.41 -20.41 81.68
N SER B 452 77.68 -19.56 80.96
CA SER B 452 76.24 -19.67 80.69
C SER B 452 75.86 -20.97 80.00
N GLN B 453 74.81 -21.64 80.50
CA GLN B 453 74.24 -22.80 79.84
C GLN B 453 73.55 -22.40 78.53
N ILE B 454 72.79 -21.30 78.52
CA ILE B 454 72.05 -20.90 77.32
C ILE B 454 72.97 -20.44 76.19
N LYS B 455 73.97 -19.61 76.46
CA LYS B 455 74.87 -19.17 75.38
C LYS B 455 75.79 -20.28 74.86
N LYS B 456 75.91 -21.40 75.58
CA LYS B 456 76.50 -22.63 75.07
C LYS B 456 75.58 -23.30 74.05
N LEU B 457 74.27 -23.42 74.32
CA LEU B 457 73.31 -24.00 73.37
C LEU B 457 73.27 -23.24 72.02
N TYR B 458 73.42 -21.91 72.05
CA TYR B 458 73.58 -21.06 70.86
C TYR B 458 74.95 -21.19 70.15
N GLY B 459 75.73 -22.21 70.46
CA GLY B 459 76.94 -22.57 69.71
C GLY B 459 78.12 -21.62 69.86
N ASP B 460 78.14 -20.83 70.93
CA ASP B 460 79.12 -19.75 71.17
C ASP B 460 79.09 -18.62 70.11
N VAL B 461 78.01 -18.51 69.32
CA VAL B 461 77.81 -17.38 68.40
C VAL B 461 77.63 -16.07 69.18
N SER B 462 78.13 -14.95 68.64
CA SER B 462 78.16 -13.64 69.29
C SER B 462 76.79 -12.98 69.52
N GLU B 463 75.80 -13.28 68.70
CA GLU B 463 74.45 -12.73 68.80
C GLU B 463 73.39 -13.68 68.24
N VAL B 464 72.15 -13.35 68.55
CA VAL B 464 70.93 -14.06 68.15
C VAL B 464 69.90 -13.07 67.62
N HIS B 465 68.90 -13.52 66.86
CA HIS B 465 67.82 -12.69 66.35
C HIS B 465 66.47 -13.32 66.66
N GLU B 466 65.54 -12.58 67.24
CA GLU B 466 64.36 -13.16 67.91
C GLU B 466 63.11 -12.28 67.78
N ARG B 467 61.93 -12.87 67.99
CA ARG B 467 60.63 -12.17 67.91
C ARG B 467 60.18 -11.62 69.26
N HIS B 468 59.61 -10.42 69.23
CA HIS B 468 59.19 -9.65 70.42
C HIS B 468 57.72 -9.22 70.31
N ARG B 469 57.06 -8.94 71.44
CA ARG B 469 55.65 -8.48 71.50
C ARG B 469 55.35 -7.64 72.75
N HIS B 470 56.34 -6.97 73.31
CA HIS B 470 56.25 -6.47 74.68
C HIS B 470 56.12 -4.95 74.75
N ARG B 471 55.36 -4.50 75.75
CA ARG B 471 55.25 -3.06 76.11
C ARG B 471 55.99 -2.69 77.41
N TYR B 472 56.40 -3.65 78.21
CA TYR B 472 57.14 -3.42 79.46
C TYR B 472 58.52 -4.05 79.38
N GLU B 473 59.49 -3.48 80.10
CA GLU B 473 60.77 -4.12 80.36
C GLU B 473 61.16 -3.99 81.83
N ILE B 474 62.07 -4.82 82.32
CA ILE B 474 62.55 -4.70 83.70
C ILE B 474 63.24 -3.35 83.87
N ASN B 475 62.98 -2.70 85.00
CA ASN B 475 63.43 -1.33 85.21
C ASN B 475 64.98 -1.29 85.30
N PRO B 476 65.70 -0.62 84.39
CA PRO B 476 67.17 -0.63 84.35
C PRO B 476 67.84 -0.21 85.65
N LYS B 477 67.17 0.65 86.43
CA LYS B 477 67.62 1.11 87.75
C LYS B 477 67.94 -0.06 88.70
N MET B 478 67.16 -1.13 88.63
CA MET B 478 67.30 -2.31 89.49
C MET B 478 68.31 -3.33 88.99
N VAL B 479 68.68 -3.32 87.71
CA VAL B 479 69.38 -4.45 87.08
C VAL B 479 70.76 -4.70 87.68
N ASP B 480 71.48 -3.68 88.15
CA ASP B 480 72.74 -3.90 88.86
C ASP B 480 72.56 -4.73 90.14
N GLU B 481 71.47 -4.50 90.88
CA GLU B 481 71.15 -5.22 92.11
C GLU B 481 70.87 -6.69 91.82
N LEU B 482 70.11 -6.97 90.77
CA LEU B 482 69.82 -8.31 90.29
C LEU B 482 71.09 -9.01 89.75
N GLU B 483 71.92 -8.34 88.96
CA GLU B 483 73.19 -8.89 88.48
C GLU B 483 74.15 -9.21 89.64
N ASN B 484 74.27 -8.32 90.63
CA ASN B 484 75.11 -8.52 91.82
C ASN B 484 74.61 -9.65 92.72
N ASN B 485 73.30 -9.88 92.81
CA ASN B 485 72.72 -10.99 93.56
C ASN B 485 72.69 -12.32 92.80
N GLY B 486 72.98 -12.33 91.50
CA GLY B 486 73.20 -13.55 90.72
C GLY B 486 72.18 -13.84 89.63
N LEU B 487 71.12 -13.04 89.49
CA LEU B 487 70.17 -13.11 88.40
C LEU B 487 70.76 -12.44 87.14
N ILE B 488 71.84 -13.00 86.61
CA ILE B 488 72.69 -12.33 85.61
C ILE B 488 71.95 -12.22 84.27
N PHE B 489 71.79 -11.00 83.76
CA PHE B 489 71.18 -10.75 82.46
C PHE B 489 72.16 -11.03 81.32
N VAL B 490 72.31 -12.31 80.95
CA VAL B 490 73.31 -12.80 79.99
C VAL B 490 73.14 -12.29 78.55
N GLY B 491 72.02 -11.66 78.21
CA GLY B 491 71.80 -11.06 76.91
C GLY B 491 71.02 -9.75 76.97
N LYS B 492 71.46 -8.75 76.21
CA LYS B 492 70.80 -7.45 76.10
C LYS B 492 70.74 -7.01 74.63
N ASP B 493 70.03 -5.93 74.39
CA ASP B 493 69.86 -5.37 73.06
C ASP B 493 71.11 -4.62 72.56
N ASP B 494 70.99 -4.05 71.36
CA ASP B 494 72.00 -3.18 70.75
C ASP B 494 72.48 -2.03 71.65
N THR B 495 71.56 -1.35 72.37
CA THR B 495 71.91 -0.24 73.27
C THR B 495 72.51 -0.69 74.61
N GLY B 496 72.23 -1.92 75.04
CA GLY B 496 72.55 -2.42 76.37
C GLY B 496 71.62 -1.93 77.48
N LYS B 497 70.56 -1.20 77.14
CA LYS B 497 69.56 -0.72 78.10
C LYS B 497 68.45 -1.74 78.38
N ARG B 498 68.19 -2.67 77.46
CA ARG B 498 67.01 -3.56 77.49
C ARG B 498 67.36 -4.98 77.94
N CYS B 499 66.55 -5.53 78.82
CA CYS B 499 66.73 -6.87 79.40
C CYS B 499 66.19 -7.96 78.47
N GLU B 500 67.05 -8.64 77.69
CA GLU B 500 66.58 -9.60 76.68
C GLU B 500 66.63 -11.06 77.17
N ILE B 501 67.64 -11.40 77.97
CA ILE B 501 67.81 -12.74 78.56
C ILE B 501 68.32 -12.62 79.99
N LEU B 502 67.84 -13.48 80.88
CA LEU B 502 68.48 -13.77 82.16
C LEU B 502 68.78 -15.26 82.33
N GLU B 503 69.83 -15.54 83.08
CA GLU B 503 70.17 -16.84 83.63
C GLU B 503 70.57 -16.66 85.09
N LEU B 504 70.00 -17.46 85.99
CA LEU B 504 70.41 -17.45 87.39
C LEU B 504 71.71 -18.23 87.53
N LYS B 505 72.78 -17.55 87.98
CA LYS B 505 74.11 -18.11 88.19
C LYS B 505 74.05 -19.32 89.15
N ASN B 506 74.71 -20.42 88.78
CA ASN B 506 74.82 -21.66 89.57
C ASN B 506 73.44 -22.27 89.95
N HIS B 507 72.60 -22.48 88.94
CA HIS B 507 71.40 -23.33 88.97
C HIS B 507 71.42 -24.27 87.74
N PRO B 508 70.96 -25.53 87.81
CA PRO B 508 71.07 -26.46 86.69
C PRO B 508 70.50 -26.00 85.36
N TYR B 509 69.38 -25.28 85.36
CA TYR B 509 68.80 -24.62 84.17
C TYR B 509 67.67 -23.68 84.60
N TYR B 510 67.94 -22.40 84.78
CA TYR B 510 66.90 -21.42 85.10
C TYR B 510 67.11 -20.21 84.22
N ILE B 511 66.32 -20.20 83.15
CA ILE B 511 66.40 -19.24 82.07
C ILE B 511 65.10 -18.46 81.99
N ALA B 512 65.20 -17.21 81.58
CA ALA B 512 64.06 -16.57 80.96
C ALA B 512 64.47 -15.68 79.78
N THR B 513 63.54 -15.45 78.86
CA THR B 513 63.70 -14.63 77.66
C THR B 513 62.59 -13.61 77.61
N GLN B 514 62.89 -12.37 77.26
CA GLN B 514 61.84 -11.38 77.03
C GLN B 514 61.10 -11.66 75.71
N TYR B 515 61.84 -12.12 74.71
CA TYR B 515 61.30 -12.59 73.42
C TYR B 515 60.54 -13.92 73.53
N HIS B 516 59.88 -14.28 72.43
CA HIS B 516 59.09 -15.49 72.21
C HIS B 516 59.81 -16.49 71.28
N PRO B 517 60.73 -17.31 71.80
CA PRO B 517 61.54 -18.22 70.99
C PRO B 517 60.72 -19.29 70.22
N GLU B 518 59.52 -19.60 70.68
CA GLU B 518 58.58 -20.50 70.01
C GLU B 518 58.14 -19.95 68.66
N TYR B 519 58.36 -18.67 68.38
CA TYR B 519 58.17 -18.12 67.05
C TYR B 519 59.32 -18.43 66.09
N THR B 520 60.34 -19.18 66.52
CA THR B 520 61.42 -19.61 65.61
C THR B 520 61.89 -21.05 65.83
N SER B 521 61.17 -21.82 66.63
CA SER B 521 61.37 -23.27 66.71
C SER B 521 60.99 -23.96 65.40
N LYS B 522 61.89 -24.77 64.82
CA LYS B 522 61.65 -25.57 63.60
C LYS B 522 61.79 -27.06 63.90
N VAL B 523 61.11 -27.90 63.13
CA VAL B 523 61.06 -29.37 63.38
C VAL B 523 62.45 -29.99 63.33
N LEU B 524 63.34 -29.51 62.45
CA LEU B 524 64.72 -29.98 62.34
C LEU B 524 65.76 -29.04 62.99
N ASP B 525 65.35 -27.84 63.43
CA ASP B 525 66.17 -26.89 64.19
C ASP B 525 65.35 -26.32 65.37
N PRO B 526 65.34 -27.00 66.52
CA PRO B 526 64.55 -26.56 67.68
C PRO B 526 65.10 -25.25 68.28
N SER B 527 64.22 -24.37 68.77
CA SER B 527 64.60 -23.09 69.39
C SER B 527 65.35 -23.32 70.70
N LYS B 528 66.58 -22.82 70.82
CA LYS B 528 67.53 -23.20 71.88
C LYS B 528 66.99 -23.10 73.33
N PRO B 529 66.23 -22.08 73.75
CA PRO B 529 65.74 -21.97 75.13
C PRO B 529 64.81 -23.10 75.56
N PHE B 530 64.01 -23.59 74.62
CA PHE B 530 63.18 -24.76 74.82
C PHE B 530 64.00 -26.05 74.75
N LEU B 531 64.99 -26.17 73.85
CA LEU B 531 65.83 -27.36 73.86
C LEU B 531 66.50 -27.54 75.21
N GLY B 532 67.05 -26.47 75.79
CA GLY B 532 67.63 -26.51 77.13
C GLY B 532 66.64 -26.92 78.21
N LEU B 533 65.41 -26.42 78.19
CA LEU B 533 64.38 -26.83 79.15
C LEU B 533 64.08 -28.32 79.07
N VAL B 534 63.90 -28.89 77.89
CA VAL B 534 63.66 -30.33 77.79
C VAL B 534 64.91 -31.09 78.18
N ALA B 535 66.08 -30.74 77.66
CA ALA B 535 67.30 -31.48 77.93
C ALA B 535 67.67 -31.48 79.43
N ALA B 536 67.49 -30.38 80.13
CA ALA B 536 67.71 -30.34 81.56
C ALA B 536 66.61 -31.10 82.34
N SER B 537 65.37 -31.08 81.88
CA SER B 537 64.30 -31.91 82.47
C SER B 537 64.60 -33.39 82.32
N ALA B 538 65.21 -33.80 81.20
CA ALA B 538 65.76 -35.13 80.96
C ALA B 538 67.09 -35.41 81.71
N GLY B 539 67.69 -34.41 82.32
CA GLY B 539 68.98 -34.54 83.02
C GLY B 539 70.16 -34.80 82.09
N ILE B 540 70.06 -34.42 80.82
CA ILE B 540 71.01 -34.71 79.74
C ILE B 540 71.63 -33.46 79.10
N LEU B 541 71.38 -32.28 79.67
CA LEU B 541 71.72 -30.97 79.10
C LEU B 541 73.18 -30.87 78.65
N GLN B 542 74.12 -31.35 79.46
CA GLN B 542 75.55 -31.36 79.13
C GLN B 542 75.81 -32.05 77.77
N ASP B 543 75.21 -33.20 77.56
CA ASP B 543 75.51 -34.07 76.43
C ASP B 543 74.85 -33.58 75.13
N VAL B 544 73.71 -32.88 75.26
CA VAL B 544 73.08 -32.14 74.17
C VAL B 544 73.96 -30.99 73.72
N ILE B 545 74.56 -30.25 74.66
CA ILE B 545 75.50 -29.16 74.33
C ILE B 545 76.78 -29.72 73.70
N GLU B 546 77.29 -30.82 74.23
CA GLU B 546 78.48 -31.51 73.70
C GLU B 546 78.24 -32.20 72.34
N GLY B 547 76.99 -32.44 71.95
CA GLY B 547 76.62 -32.87 70.60
C GLY B 547 76.20 -34.34 70.44
N LYS B 548 75.83 -35.04 71.51
CA LYS B 548 75.39 -36.45 71.50
C LYS B 548 74.02 -36.70 70.85
N TYR B 549 73.39 -35.68 70.27
CA TYR B 549 72.01 -35.73 69.76
C TYR B 549 71.76 -34.93 68.46
N ASP B 550 72.79 -34.44 67.77
CA ASP B 550 72.63 -33.93 66.40
C ASP B 550 72.23 -35.06 65.43
N LEU B 551 71.44 -34.73 64.40
CA LEU B 551 70.72 -35.74 63.62
C LEU B 551 71.56 -36.40 62.51
N GLU B 552 72.73 -35.86 62.18
CA GLU B 552 73.71 -36.40 61.23
C GLU B 552 75.14 -36.26 61.80
N ALA B 553 76.02 -37.25 61.63
CA ALA B 553 77.38 -37.18 62.16
C ALA B 553 78.21 -36.04 61.55
N MET C 1 9.38 2.13 60.24
CA MET C 1 9.23 2.60 58.84
C MET C 1 8.84 1.45 57.91
N LYS C 2 8.10 1.73 56.83
CA LYS C 2 7.74 0.72 55.83
C LYS C 2 8.79 0.57 54.75
N TYR C 3 8.89 -0.60 54.15
CA TYR C 3 9.87 -0.83 53.08
C TYR C 3 9.32 -1.78 51.99
N VAL C 4 9.72 -1.60 50.73
CA VAL C 4 9.33 -2.47 49.62
C VAL C 4 10.55 -2.85 48.82
N VAL C 5 10.97 -4.09 48.82
CA VAL C 5 12.01 -4.57 47.89
C VAL C 5 11.42 -4.77 46.51
N VAL C 6 12.14 -4.40 45.48
CA VAL C 6 11.95 -4.84 44.10
C VAL C 6 13.21 -5.57 43.67
N SER C 7 13.10 -6.80 43.19
CA SER C 7 14.26 -7.65 42.89
C SER C 7 13.98 -8.64 41.77
N GLY C 8 14.96 -9.45 41.37
CA GLY C 8 14.64 -10.77 40.79
C GLY C 8 14.95 -11.07 39.33
N GLY C 9 14.44 -12.22 38.88
CA GLY C 9 14.40 -12.68 37.49
C GLY C 9 15.46 -13.72 37.13
N VAL C 10 15.31 -14.38 35.97
CA VAL C 10 16.38 -15.18 35.33
C VAL C 10 17.32 -14.37 34.40
N ILE C 11 17.06 -13.09 34.19
CA ILE C 11 17.83 -12.21 33.30
C ILE C 11 17.96 -10.82 33.91
N SER C 12 19.10 -10.17 33.70
CA SER C 12 19.20 -8.73 33.88
C SER C 12 18.49 -8.00 32.72
N GLY C 13 17.90 -6.84 32.96
CA GLY C 13 17.15 -6.08 31.92
C GLY C 13 15.66 -6.40 31.82
N ILE C 14 15.11 -7.11 32.81
CA ILE C 14 13.73 -7.59 32.84
C ILE C 14 12.66 -6.50 33.03
N GLY C 15 12.98 -5.37 33.66
CA GLY C 15 12.01 -4.28 33.88
C GLY C 15 11.93 -3.65 35.27
N LYS C 16 12.84 -3.89 36.18
CA LYS C 16 12.83 -3.50 37.59
C LYS C 16 12.45 -2.03 37.82
N GLY C 17 13.28 -1.08 37.44
CA GLY C 17 13.09 0.33 37.67
C GLY C 17 11.72 0.90 37.43
N VAL C 18 11.03 0.54 36.36
CA VAL C 18 9.68 0.92 35.97
C VAL C 18 8.70 0.34 36.98
N LEU C 19 8.93 -0.84 37.49
CA LEU C 19 8.17 -1.54 38.51
C LEU C 19 8.48 -0.93 39.86
N ALA C 20 9.63 -0.32 40.03
CA ALA C 20 10.17 0.26 41.24
C ALA C 20 9.62 1.66 41.46
N SER C 21 10.10 2.65 40.77
CA SER C 21 9.71 4.05 40.91
C SER C 21 8.22 4.09 40.63
N SER C 22 7.76 3.44 39.59
CA SER C 22 6.29 3.36 39.38
C SER C 22 5.48 2.86 40.59
N THR C 23 5.95 1.92 41.40
CA THR C 23 5.37 1.46 42.64
C THR C 23 5.45 2.60 43.62
N GLY C 24 6.54 3.33 43.66
CA GLY C 24 6.80 4.46 44.51
C GLY C 24 6.00 5.68 44.20
N MET C 25 5.64 5.91 42.95
CA MET C 25 4.72 6.98 42.54
C MET C 25 3.37 6.72 43.17
N LEU C 26 2.97 5.45 43.10
CA LEU C 26 1.72 5.02 43.63
C LEU C 26 1.68 5.15 45.15
N MET C 27 2.80 4.97 45.84
CA MET C 27 2.82 5.19 47.29
C MET C 27 2.50 6.67 47.59
N LYS C 28 3.01 7.59 46.79
CA LYS C 28 2.67 9.02 46.86
C LYS C 28 1.22 9.35 46.56
N THR C 29 0.58 8.53 45.73
CA THR C 29 -0.86 8.62 45.46
C THR C 29 -1.67 8.50 46.74
N LEU C 30 -1.22 7.65 47.67
CA LEU C 30 -1.85 7.51 48.97
C LEU C 30 -1.56 8.71 49.88
N GLY C 31 -0.76 9.68 49.42
CA GLY C 31 -0.34 10.88 50.14
C GLY C 31 0.97 10.72 50.91
N LEU C 32 1.68 9.61 50.72
CA LEU C 32 2.82 9.20 51.55
C LEU C 32 4.10 9.99 51.26
N LYS C 33 4.94 10.18 52.29
CA LYS C 33 6.34 10.60 52.12
C LYS C 33 7.12 9.40 51.61
N VAL C 34 7.85 9.55 50.50
CA VAL C 34 8.47 8.37 49.84
C VAL C 34 9.91 8.62 49.47
N THR C 35 10.70 7.57 49.49
CA THR C 35 12.12 7.56 49.16
C THR C 35 12.50 6.31 48.40
N SER C 36 13.69 6.25 47.85
CA SER C 36 14.15 5.10 47.08
C SER C 36 15.63 4.88 47.21
N ILE C 37 16.09 3.63 47.24
CA ILE C 37 17.50 3.27 47.28
C ILE C 37 17.76 2.29 46.16
N LYS C 38 18.79 2.51 45.35
CA LYS C 38 19.21 1.49 44.39
C LYS C 38 20.47 0.82 44.87
N ILE C 39 20.37 -0.48 44.97
CA ILE C 39 21.47 -1.35 45.34
C ILE C 39 22.06 -1.88 44.05
N ASP C 40 23.33 -1.55 43.80
CA ASP C 40 24.04 -1.95 42.60
C ASP C 40 25.10 -3.01 42.86
N PRO C 41 25.02 -4.16 42.15
CA PRO C 41 26.02 -5.17 42.38
C PRO C 41 27.40 -4.86 41.81
N TYR C 42 27.56 -3.86 40.95
CA TYR C 42 28.88 -3.56 40.40
C TYR C 42 29.85 -2.99 41.44
N MET C 43 31.14 -2.99 41.10
CA MET C 43 32.20 -2.59 42.01
C MET C 43 32.72 -1.15 41.86
N ASN C 44 32.27 -0.39 40.89
CA ASN C 44 32.54 1.04 40.89
C ASN C 44 31.92 1.69 42.13
N ILE C 45 32.66 2.55 42.82
CA ILE C 45 32.12 3.33 43.94
C ILE C 45 31.17 4.43 43.46
N ASP C 46 31.42 5.00 42.28
CA ASP C 46 30.60 6.03 41.65
C ASP C 46 30.78 6.03 40.12
N ALA C 47 29.92 6.75 39.41
CA ALA C 47 29.99 6.88 37.96
C ALA C 47 31.04 7.88 37.48
N GLY C 48 31.75 8.58 38.38
CA GLY C 48 32.72 9.58 37.97
C GLY C 48 33.91 8.98 37.23
N THR C 49 34.29 7.74 37.55
CA THR C 49 35.28 6.97 36.79
C THR C 49 34.71 6.37 35.50
N MET C 50 33.38 6.24 35.40
CA MET C 50 32.74 5.50 34.33
C MET C 50 32.51 6.38 33.11
N SER C 51 33.18 6.07 32.00
CA SER C 51 32.98 6.73 30.72
C SER C 51 31.56 6.48 30.19
N PRO C 52 30.81 7.48 29.69
CA PRO C 52 29.42 7.30 29.26
C PRO C 52 29.17 6.27 28.14
N LEU C 53 30.22 5.78 27.48
CA LEU C 53 30.18 4.71 26.48
C LEU C 53 29.49 3.44 26.99
N GLU C 54 29.68 3.12 28.26
CA GLU C 54 29.13 1.92 28.88
C GLU C 54 28.61 2.24 30.27
N HIS C 55 27.50 1.59 30.64
CA HIS C 55 26.57 2.03 31.69
C HIS C 55 25.93 3.40 31.46
N GLY C 56 26.27 4.09 30.37
CA GLY C 56 25.60 5.29 29.94
C GLY C 56 25.92 6.54 30.78
N GLU C 57 25.00 7.48 30.67
CA GLU C 57 25.00 8.84 31.23
C GLU C 57 25.25 8.91 32.75
N CYS C 58 26.29 9.63 33.21
CA CYS C 58 26.55 9.85 34.64
C CYS C 58 25.52 10.83 35.25
N PHE C 59 24.43 10.33 35.81
CA PHE C 59 23.38 11.19 36.37
C PHE C 59 23.90 12.06 37.51
N VAL C 60 23.46 13.29 37.61
CA VAL C 60 23.97 14.20 38.66
C VAL C 60 22.94 14.75 39.69
N LEU C 61 23.33 14.57 40.93
CA LEU C 61 22.57 14.97 42.10
C LEU C 61 22.55 16.48 42.30
N ASP C 62 21.60 16.90 43.12
CA ASP C 62 21.64 18.14 43.88
C ASP C 62 22.99 18.27 44.63
N ASP C 63 23.40 17.25 45.39
CA ASP C 63 24.70 17.16 46.06
C ASP C 63 25.90 16.96 45.11
N GLY C 64 25.70 16.95 43.79
CA GLY C 64 26.78 16.98 42.81
C GLY C 64 27.62 15.72 42.64
N GLY C 65 27.22 14.61 43.27
CA GLY C 65 27.74 13.29 42.95
C GLY C 65 27.30 12.78 41.58
N GLU C 66 28.25 12.25 40.81
CA GLU C 66 28.01 11.47 39.59
C GLU C 66 27.56 10.06 39.93
N THR C 67 26.25 9.89 40.01
CA THR C 67 25.54 8.63 40.40
C THR C 67 25.35 7.67 39.25
N ASP C 68 24.92 6.45 39.62
CA ASP C 68 24.15 5.60 38.72
C ASP C 68 23.06 6.40 38.02
N LEU C 69 22.93 6.15 36.72
CA LEU C 69 21.93 6.78 35.89
C LEU C 69 20.51 6.59 36.43
N ASP C 70 20.18 5.35 36.84
CA ASP C 70 18.80 4.97 37.10
C ASP C 70 18.18 5.72 38.28
N LEU C 71 18.98 6.30 39.17
CA LEU C 71 18.43 7.18 40.21
C LEU C 71 17.60 8.31 39.63
N GLY C 72 17.98 8.82 38.46
CA GLY C 72 17.17 9.80 37.75
C GLY C 72 15.73 9.31 37.57
N ASN C 73 15.53 8.02 37.32
CA ASN C 73 14.21 7.44 37.09
C ASN C 73 13.35 7.65 38.33
N TYR C 74 13.91 7.76 39.51
CA TYR C 74 13.29 7.92 40.83
C TYR C 74 13.04 9.36 41.16
N GLU C 75 13.88 10.26 40.68
CA GLU C 75 13.69 11.67 40.97
C GLU C 75 12.46 12.12 40.17
N ARG C 76 12.36 11.61 38.93
CA ARG C 76 11.26 11.83 37.98
C ARG C 76 9.90 11.35 38.50
N TYR C 77 9.86 10.09 38.88
CA TYR C 77 8.61 9.36 39.18
C TYR C 77 8.05 9.66 40.58
N LEU C 78 8.88 10.16 41.50
CA LEU C 78 8.56 10.50 42.88
C LEU C 78 8.51 11.99 43.12
N GLY C 79 9.39 12.76 42.49
CA GLY C 79 9.55 14.18 42.79
C GLY C 79 10.32 14.38 44.08
N VAL C 80 11.53 13.82 44.15
CA VAL C 80 12.37 13.82 45.35
C VAL C 80 13.80 14.17 45.02
N THR C 81 14.51 14.77 45.97
CA THR C 81 15.96 15.00 45.87
C THR C 81 16.70 13.91 46.62
N LEU C 82 17.35 13.00 45.89
CA LEU C 82 18.19 11.97 46.50
C LEU C 82 19.58 12.51 46.82
N THR C 83 20.45 11.66 47.37
CA THR C 83 21.83 11.99 47.77
C THR C 83 22.82 10.91 47.31
N LYS C 84 24.11 11.17 47.40
CA LYS C 84 25.15 10.20 46.99
C LYS C 84 25.06 8.87 47.74
N ASP C 85 24.46 8.86 48.93
CA ASP C 85 24.25 7.66 49.74
C ASP C 85 23.09 6.78 49.26
N HIS C 86 22.11 7.28 48.50
CA HIS C 86 21.00 6.47 47.99
C HIS C 86 21.38 5.48 46.90
N ASN C 87 22.60 5.54 46.40
CA ASN C 87 23.12 4.54 45.49
C ASN C 87 24.14 3.67 46.21
N ILE C 88 23.66 2.62 46.86
CA ILE C 88 24.51 1.59 47.45
C ILE C 88 25.19 0.84 46.29
N THR C 89 26.48 0.57 46.36
CA THR C 89 27.16 -0.27 45.37
C THR C 89 28.10 -1.25 46.07
N THR C 90 28.43 -2.36 45.42
CA THR C 90 29.34 -3.35 45.99
C THR C 90 30.70 -2.75 46.30
N GLY C 91 31.22 -1.87 45.45
CA GLY C 91 32.47 -1.18 45.74
C GLY C 91 32.37 -0.18 46.88
N LYS C 92 31.20 0.44 47.06
CA LYS C 92 30.98 1.42 48.11
C LYS C 92 30.92 0.75 49.48
N ILE C 93 30.23 -0.38 49.60
CA ILE C 93 30.09 -1.06 50.89
C ILE C 93 31.32 -1.87 51.28
N TYR C 94 32.02 -2.54 50.36
CA TYR C 94 33.32 -3.10 50.74
C TYR C 94 34.30 -2.03 51.20
N SER C 95 34.34 -0.86 50.58
CA SER C 95 35.20 0.25 51.02
C SER C 95 34.85 0.73 52.41
N HIS C 96 33.57 0.85 52.75
CA HIS C 96 33.13 1.35 54.05
C HIS C 96 33.47 0.38 55.18
N VAL C 97 33.22 -0.91 55.01
CA VAL C 97 33.64 -1.92 56.00
C VAL C 97 35.17 -2.06 56.08
N ILE C 98 35.89 -2.03 54.96
CA ILE C 98 37.36 -2.04 54.99
C ILE C 98 37.92 -0.78 55.66
N ALA C 99 37.29 0.39 55.56
CA ALA C 99 37.75 1.56 56.30
C ALA C 99 37.64 1.33 57.82
N LYS C 100 36.49 0.86 58.27
CA LYS C 100 36.27 0.51 59.68
C LYS C 100 37.21 -0.59 60.17
N GLU C 101 37.62 -1.53 59.31
CA GLU C 101 38.62 -2.56 59.64
C GLU C 101 40.01 -1.98 59.97
N ARG C 102 40.49 -0.98 59.21
CA ARG C 102 41.80 -0.35 59.47
C ARG C 102 41.77 0.73 60.54
N LYS C 103 40.64 1.41 60.71
CA LYS C 103 40.38 2.26 61.88
C LYS C 103 40.27 1.44 63.16
N GLY C 104 39.89 0.17 63.04
CA GLY C 104 39.80 -0.76 64.16
C GLY C 104 38.45 -0.73 64.89
N ASP C 105 37.37 -0.28 64.24
CA ASP C 105 36.04 -0.15 64.85
C ASP C 105 35.41 -1.51 65.21
N TYR C 106 35.95 -2.61 64.71
CA TYR C 106 35.59 -3.98 65.08
C TYR C 106 36.30 -4.50 66.34
N LEU C 107 36.98 -3.66 67.12
CA LEU C 107 37.58 -4.02 68.41
C LEU C 107 38.46 -5.27 68.33
N GLY C 108 39.21 -5.39 67.24
CA GLY C 108 40.14 -6.48 66.99
C GLY C 108 39.50 -7.85 66.73
N LYS C 109 38.17 -7.98 66.63
CA LYS C 109 37.54 -9.19 66.09
C LYS C 109 38.00 -9.42 64.65
N THR C 110 37.93 -10.65 64.13
CA THR C 110 37.95 -10.82 62.67
C THR C 110 36.61 -10.36 62.10
N VAL C 111 36.64 -9.73 60.93
CA VAL C 111 35.48 -9.16 60.28
C VAL C 111 35.12 -10.00 59.06
N GLN C 112 33.85 -10.34 58.94
CA GLN C 112 33.37 -11.43 58.09
C GLN C 112 32.27 -10.94 57.16
N ILE C 113 32.03 -11.61 56.04
CA ILE C 113 30.92 -11.19 55.17
C ILE C 113 29.60 -11.38 55.89
N VAL C 114 29.44 -12.43 56.68
CA VAL C 114 28.34 -12.61 57.63
C VAL C 114 28.92 -12.81 59.03
N PRO C 115 28.52 -12.07 60.07
CA PRO C 115 27.47 -11.06 60.08
C PRO C 115 27.92 -9.62 59.81
N HIS C 116 29.22 -9.29 59.81
CA HIS C 116 29.63 -7.88 59.83
C HIS C 116 29.24 -7.10 58.59
N LEU C 117 29.55 -7.58 57.38
CA LEU C 117 29.15 -6.88 56.17
C LEU C 117 27.64 -6.91 55.93
N THR C 118 26.93 -8.00 56.24
CA THR C 118 25.47 -8.00 56.12
C THR C 118 24.80 -7.11 57.14
N ASN C 119 25.40 -6.88 58.30
CA ASN C 119 24.98 -5.82 59.22
C ASN C 119 25.24 -4.44 58.61
N ALA C 120 26.39 -4.20 57.99
CA ALA C 120 26.68 -2.91 57.37
C ALA C 120 25.63 -2.52 56.33
N ILE C 121 25.23 -3.45 55.46
CA ILE C 121 24.20 -3.20 54.45
C ILE C 121 22.86 -2.85 55.12
N GLN C 122 22.41 -3.58 56.13
CA GLN C 122 21.18 -3.24 56.86
C GLN C 122 21.28 -1.87 57.55
N ASP C 123 22.42 -1.59 58.18
CA ASP C 123 22.65 -0.33 58.84
C ASP C 123 22.71 0.84 57.85
N TRP C 124 23.15 0.61 56.61
CA TRP C 124 23.09 1.59 55.52
C TRP C 124 21.66 1.83 55.04
N ILE C 125 20.89 0.80 54.74
CA ILE C 125 19.51 0.94 54.29
C ILE C 125 18.67 1.69 55.33
N GLU C 126 18.71 1.30 56.59
CA GLU C 126 17.92 2.01 57.61
C GLU C 126 18.51 3.39 57.94
N ARG C 127 19.80 3.66 57.70
CA ARG C 127 20.37 5.01 57.82
C ARG C 127 19.77 5.89 56.77
N VAL C 128 19.90 5.51 55.50
CA VAL C 128 19.50 6.31 54.35
C VAL C 128 17.99 6.52 54.31
N ALA C 129 17.20 5.55 54.70
CA ALA C 129 15.75 5.65 54.74
C ALA C 129 15.21 6.69 55.76
N LYS C 130 16.04 7.23 56.66
CA LYS C 130 15.68 8.38 57.51
C LYS C 130 15.72 9.74 56.79
N ILE C 131 16.57 9.87 55.77
CA ILE C 131 16.87 11.17 55.14
C ILE C 131 15.60 11.76 54.51
N PRO C 132 15.24 13.04 54.76
CA PRO C 132 14.01 13.66 54.28
C PRO C 132 14.15 14.17 52.84
N VAL C 133 13.99 13.28 51.85
CA VAL C 133 14.17 13.60 50.43
C VAL C 133 13.00 14.36 49.79
N ASP C 134 11.91 14.53 50.54
CA ASP C 134 10.59 14.93 50.06
C ASP C 134 10.29 16.43 50.27
N ASP C 135 9.13 16.91 49.80
CA ASP C 135 8.73 18.33 49.80
C ASP C 135 8.47 18.96 51.19
N THR C 136 8.69 18.22 52.27
CA THR C 136 8.80 18.76 53.63
C THR C 136 9.76 17.89 54.43
N GLY C 137 10.44 18.47 55.41
CA GLY C 137 11.59 17.88 56.10
C GLY C 137 11.33 16.66 56.99
N MET C 138 10.14 16.05 56.97
CA MET C 138 9.87 14.81 57.69
C MET C 138 10.54 13.60 57.04
N GLU C 139 10.91 12.63 57.87
CA GLU C 139 11.45 11.36 57.37
C GLU C 139 10.41 10.59 56.52
N PRO C 140 10.81 9.89 55.45
CA PRO C 140 9.91 9.11 54.62
C PRO C 140 9.11 8.04 55.36
N ASP C 141 7.91 7.77 54.88
CA ASP C 141 7.03 6.74 55.44
C ASP C 141 7.36 5.37 54.84
N VAL C 142 7.70 5.36 53.55
CA VAL C 142 8.05 4.14 52.81
C VAL C 142 9.32 4.33 52.01
N CYS C 143 10.13 3.29 51.93
CA CYS C 143 11.33 3.26 51.09
C CYS C 143 11.23 2.14 50.05
N ILE C 144 11.40 2.44 48.77
CA ILE C 144 11.47 1.45 47.70
C ILE C 144 12.93 1.04 47.51
N ILE C 145 13.28 -0.21 47.75
CA ILE C 145 14.66 -0.71 47.61
C ILE C 145 14.75 -1.53 46.35
N GLU C 146 15.48 -1.08 45.33
CA GLU C 146 15.67 -1.88 44.13
C GLU C 146 17.00 -2.61 44.19
N LEU C 147 16.95 -3.93 44.18
CA LEU C 147 18.12 -4.80 44.16
C LEU C 147 18.50 -5.09 42.71
N GLY C 148 19.58 -4.50 42.21
CA GLY C 148 20.11 -4.79 40.88
C GLY C 148 20.72 -6.19 40.75
N GLY C 149 21.14 -6.51 39.53
CA GLY C 149 21.59 -7.86 39.15
C GLY C 149 20.45 -8.86 39.15
N THR C 150 20.74 -10.14 39.33
CA THR C 150 19.73 -11.19 39.52
C THR C 150 20.03 -12.00 40.78
N VAL C 151 18.99 -12.42 41.49
CA VAL C 151 19.15 -13.32 42.64
C VAL C 151 19.80 -14.63 42.18
N GLY C 152 20.85 -15.08 42.84
CA GLY C 152 21.68 -16.21 42.42
C GLY C 152 22.94 -15.85 41.64
N ASP C 153 23.20 -14.55 41.51
CA ASP C 153 24.49 -14.06 40.95
C ASP C 153 25.50 -14.18 42.10
N ILE C 154 26.80 -14.39 41.84
CA ILE C 154 27.85 -14.42 42.90
C ILE C 154 28.18 -12.98 43.27
N GLU C 155 27.62 -11.99 42.62
CA GLU C 155 27.76 -10.55 42.75
C GLU C 155 26.70 -9.98 43.65
N SER C 156 25.54 -10.56 43.71
CA SER C 156 24.33 -10.16 44.42
C SER C 156 24.13 -10.93 45.71
N ALA C 157 24.99 -11.90 46.02
CA ALA C 157 24.80 -12.82 47.17
C ALA C 157 24.90 -12.04 48.51
N PRO C 158 25.80 -11.07 48.72
CA PRO C 158 25.84 -10.31 49.98
C PRO C 158 24.56 -9.54 50.29
N PHE C 159 23.89 -9.02 49.28
CA PHE C 159 22.68 -8.22 49.44
C PHE C 159 21.43 -9.02 49.73
N VAL C 160 21.25 -10.19 49.12
CA VAL C 160 20.12 -11.08 49.50
C VAL C 160 20.29 -11.66 50.91
N GLU C 161 21.51 -11.88 51.38
CA GLU C 161 21.73 -12.14 52.81
C GLU C 161 21.30 -10.95 53.65
N ALA C 162 21.80 -9.75 53.34
CA ALA C 162 21.50 -8.59 54.15
C ALA C 162 20.01 -8.27 54.18
N LEU C 163 19.32 -8.36 53.05
CA LEU C 163 17.88 -8.18 52.95
C LEU C 163 17.14 -9.29 53.71
N ARG C 164 17.56 -10.57 53.68
CA ARG C 164 16.89 -11.62 54.48
C ARG C 164 16.91 -11.25 55.96
N GLN C 165 18.08 -10.93 56.50
CA GLN C 165 18.22 -10.53 57.89
C GLN C 165 17.39 -9.27 58.16
N PHE C 166 17.29 -8.37 57.19
CA PHE C 166 16.46 -7.18 57.29
C PHE C 166 14.97 -7.48 57.38
N GLN C 167 14.47 -8.61 56.89
CA GLN C 167 13.07 -9.01 57.09
C GLN C 167 12.73 -9.27 58.56
N PHE C 168 13.73 -9.31 59.44
CA PHE C 168 13.58 -9.55 60.88
C PHE C 168 14.00 -8.32 61.70
N LYS C 169 15.04 -7.61 61.27
CA LYS C 169 15.46 -6.35 61.89
C LYS C 169 14.35 -5.30 61.75
N VAL C 170 13.77 -5.21 60.56
CA VAL C 170 12.44 -4.68 60.29
C VAL C 170 11.43 -5.82 60.47
N GLY C 171 10.21 -5.58 60.90
CA GLY C 171 9.21 -6.64 60.99
C GLY C 171 8.55 -7.04 59.66
N LYS C 172 8.00 -8.25 59.59
CA LYS C 172 6.89 -8.54 58.66
C LYS C 172 5.70 -7.64 59.04
N GLU C 173 4.86 -7.29 58.07
CA GLU C 173 3.94 -6.13 58.17
C GLU C 173 4.64 -4.77 58.25
N ASN C 174 5.96 -4.69 58.05
CA ASN C 174 6.67 -3.46 57.69
C ASN C 174 7.50 -3.63 56.43
N PHE C 175 7.98 -4.81 56.10
CA PHE C 175 8.72 -5.13 54.88
C PHE C 175 7.89 -6.00 53.93
N ALA C 176 7.94 -5.75 52.62
CA ALA C 176 7.35 -6.59 51.57
C ALA C 176 8.25 -6.66 50.32
N LEU C 177 8.14 -7.71 49.52
CA LEU C 177 8.97 -7.90 48.32
C LEU C 177 8.16 -8.14 47.06
N ILE C 178 8.51 -7.45 45.99
CA ILE C 178 8.03 -7.64 44.63
C ILE C 178 9.14 -8.33 43.82
N HIS C 179 8.90 -9.50 43.26
CA HIS C 179 9.90 -10.22 42.47
C HIS C 179 9.52 -10.14 41.00
N VAL C 180 10.40 -9.65 40.15
CA VAL C 180 10.11 -9.42 38.74
C VAL C 180 10.69 -10.58 37.94
N SER C 181 9.92 -11.26 37.11
CA SER C 181 10.34 -12.55 36.53
C SER C 181 9.87 -12.77 35.10
N LEU C 182 10.48 -13.71 34.37
CA LEU C 182 10.28 -13.84 32.93
C LEU C 182 9.24 -14.92 32.61
N VAL C 183 8.29 -14.61 31.74
CA VAL C 183 7.42 -15.59 31.10
C VAL C 183 7.77 -15.56 29.61
N PRO C 184 8.75 -16.35 29.12
CA PRO C 184 9.05 -16.37 27.71
C PRO C 184 7.90 -17.00 26.94
N VAL C 185 7.50 -16.41 25.80
CA VAL C 185 6.35 -16.90 24.97
C VAL C 185 6.93 -17.43 23.65
N ILE C 186 7.29 -18.72 23.56
CA ILE C 186 7.84 -19.35 22.30
C ILE C 186 7.10 -20.67 22.04
N HIS C 187 7.09 -21.17 20.78
CA HIS C 187 6.47 -22.47 20.42
C HIS C 187 4.97 -22.44 20.77
N GLY C 188 4.29 -21.29 20.63
CA GLY C 188 2.82 -21.19 20.85
C GLY C 188 2.39 -21.47 22.30
N GLU C 189 3.13 -21.01 23.31
CA GLU C 189 2.73 -21.14 24.75
C GLU C 189 3.53 -20.20 25.67
N GLN C 190 2.89 -19.62 26.71
CA GLN C 190 3.57 -18.77 27.73
C GLN C 190 4.19 -19.73 28.76
N LYS C 191 5.52 -19.89 28.80
CA LYS C 191 6.14 -20.91 29.66
C LYS C 191 6.40 -20.36 31.06
N THR C 192 5.97 -21.04 32.11
CA THR C 192 6.13 -20.59 33.50
C THR C 192 7.46 -20.96 34.12
N LYS C 193 8.18 -21.96 33.60
CA LYS C 193 9.32 -22.58 34.29
C LYS C 193 10.47 -21.65 34.69
N PRO C 194 10.86 -20.61 33.94
CA PRO C 194 11.90 -19.71 34.42
C PRO C 194 11.49 -18.98 35.70
N THR C 195 10.20 -18.66 35.87
CA THR C 195 9.68 -18.14 37.15
C THR C 195 9.73 -19.18 38.27
N GLN C 196 9.43 -20.46 38.00
CA GLN C 196 9.58 -21.52 39.02
C GLN C 196 11.03 -21.68 39.47
N ALA C 197 11.98 -21.83 38.55
CA ALA C 197 13.41 -21.96 38.86
C ALA C 197 14.00 -20.72 39.56
N ALA C 198 13.59 -19.50 39.20
CA ALA C 198 14.04 -18.27 39.88
C ALA C 198 13.36 -18.03 41.22
N ILE C 199 12.17 -18.57 41.45
CA ILE C 199 11.51 -18.52 42.77
C ILE C 199 12.09 -19.59 43.69
N LYS C 200 12.42 -20.78 43.18
CA LYS C 200 13.26 -21.75 43.86
C LYS C 200 14.58 -21.12 44.31
N GLY C 201 15.28 -20.42 43.42
CA GLY C 201 16.46 -19.62 43.79
C GLY C 201 16.15 -18.61 44.89
N LEU C 202 15.09 -17.82 44.78
CA LEU C 202 14.73 -16.81 45.77
C LEU C 202 14.50 -17.40 47.15
N ARG C 203 13.68 -18.44 47.28
CA ARG C 203 13.41 -19.04 48.59
C ARG C 203 14.64 -19.72 49.17
N SER C 204 15.58 -20.20 48.35
CA SER C 204 16.84 -20.75 48.84
C SER C 204 17.61 -19.75 49.69
N LEU C 205 17.73 -18.50 49.22
CA LEU C 205 18.39 -17.40 49.93
C LEU C 205 17.50 -16.76 51.02
N GLY C 206 16.20 -17.03 51.02
CA GLY C 206 15.31 -16.93 52.17
C GLY C 206 14.30 -15.80 52.14
N LEU C 207 14.37 -14.96 51.12
CA LEU C 207 13.35 -13.97 50.83
C LEU C 207 12.09 -14.68 50.31
N VAL C 208 10.90 -14.17 50.62
CA VAL C 208 9.63 -14.69 50.08
C VAL C 208 8.87 -13.56 49.39
N PRO C 209 8.39 -13.73 48.15
CA PRO C 209 7.76 -12.66 47.41
C PRO C 209 6.32 -12.50 47.84
N ASP C 210 5.93 -11.28 48.13
CA ASP C 210 4.54 -10.92 48.39
C ASP C 210 3.79 -10.60 47.11
N MET C 211 4.52 -10.31 46.03
CA MET C 211 4.03 -10.23 44.67
C MET C 211 5.03 -10.83 43.70
N ILE C 212 4.54 -11.33 42.58
CA ILE C 212 5.36 -11.59 41.41
C ILE C 212 4.90 -10.64 40.33
N ALA C 213 5.81 -10.12 39.52
CA ALA C 213 5.50 -9.26 38.39
C ALA C 213 6.18 -9.75 37.13
N CYS C 214 5.44 -10.00 36.06
CA CYS C 214 6.03 -10.68 34.90
C CYS C 214 6.39 -9.75 33.75
N ARG C 215 7.63 -9.85 33.28
CA ARG C 215 7.99 -9.48 31.91
C ARG C 215 7.42 -10.55 31.00
N CYS C 216 6.53 -10.15 30.10
CA CYS C 216 5.97 -11.05 29.11
C CYS C 216 5.70 -10.27 27.82
N SER C 217 5.81 -10.95 26.68
CA SER C 217 5.46 -10.38 25.37
C SER C 217 3.95 -10.15 25.19
N GLU C 218 3.12 -10.66 26.10
CA GLU C 218 1.66 -10.74 25.98
C GLU C 218 0.93 -10.31 27.26
N THR C 219 -0.39 -10.18 27.22
CA THR C 219 -1.16 -10.29 28.44
C THR C 219 -1.05 -11.73 28.96
N LEU C 220 -0.67 -11.95 30.22
CA LEU C 220 -0.63 -13.29 30.79
C LEU C 220 -2.00 -13.97 30.66
N ASP C 221 -2.02 -15.18 30.16
CA ASP C 221 -3.22 -16.00 30.16
C ASP C 221 -3.66 -16.30 31.60
N LYS C 222 -4.97 -16.40 31.80
CA LYS C 222 -5.59 -16.85 33.05
C LYS C 222 -4.93 -18.13 33.62
N PRO C 223 -4.67 -19.19 32.84
CA PRO C 223 -3.90 -20.34 33.30
C PRO C 223 -2.44 -20.04 33.64
N THR C 224 -1.76 -19.09 33.01
CA THR C 224 -0.38 -18.74 33.36
C THR C 224 -0.30 -18.13 34.74
N ILE C 225 -1.21 -17.22 35.08
CA ILE C 225 -1.33 -16.68 36.43
C ILE C 225 -1.59 -17.81 37.44
N ASP C 226 -2.50 -18.73 37.14
CA ASP C 226 -2.77 -19.86 38.04
C ASP C 226 -1.57 -20.78 38.21
N LYS C 227 -0.82 -21.09 37.14
CA LYS C 227 0.35 -21.97 37.20
C LYS C 227 1.58 -21.30 37.81
N ILE C 228 1.69 -19.97 37.85
CA ILE C 228 2.65 -19.27 38.71
C ILE C 228 2.18 -19.28 40.17
N ALA C 229 0.94 -18.90 40.48
CA ALA C 229 0.45 -18.88 41.85
C ALA C 229 0.35 -20.27 42.53
N MET C 230 0.20 -21.35 41.76
CA MET C 230 0.31 -22.74 42.26
C MET C 230 1.74 -23.14 42.63
N PHE C 231 2.73 -22.33 42.31
CA PHE C 231 4.16 -22.59 42.51
C PHE C 231 4.89 -21.56 43.35
N CYS C 232 4.19 -20.54 43.85
CA CYS C 232 4.71 -19.46 44.67
C CYS C 232 3.69 -19.08 45.76
N HIS C 233 4.13 -18.43 46.82
CA HIS C 233 3.28 -18.19 47.99
C HIS C 233 2.41 -16.90 47.87
N VAL C 234 1.88 -16.65 46.67
CA VAL C 234 1.08 -15.46 46.30
C VAL C 234 -0.31 -15.89 45.87
N GLY C 235 -1.35 -15.09 46.13
CA GLY C 235 -2.66 -15.32 45.51
C GLY C 235 -2.60 -15.04 44.00
N PRO C 236 -3.54 -15.53 43.19
CA PRO C 236 -3.53 -15.25 41.76
C PRO C 236 -3.71 -13.76 41.41
N GLU C 237 -4.25 -12.96 42.32
CA GLU C 237 -4.41 -11.50 42.20
C GLU C 237 -3.12 -10.70 42.46
N GLN C 238 -2.04 -11.33 42.94
CA GLN C 238 -0.70 -10.73 43.11
C GLN C 238 0.33 -11.25 42.10
N VAL C 239 -0.08 -11.87 41.01
CA VAL C 239 0.77 -12.04 39.83
C VAL C 239 0.50 -10.86 38.89
N VAL C 240 1.06 -9.72 39.31
CA VAL C 240 0.98 -8.47 38.51
C VAL C 240 1.57 -8.82 37.15
N ASN C 241 1.15 -8.20 36.06
CA ASN C 241 1.81 -8.31 34.75
C ASN C 241 2.17 -6.86 34.41
N VAL C 242 3.24 -6.59 33.66
CA VAL C 242 3.53 -5.20 33.20
C VAL C 242 3.73 -5.39 31.69
N HIS C 243 2.63 -5.35 30.92
CA HIS C 243 2.64 -5.65 29.47
C HIS C 243 2.84 -4.37 28.64
N ASP C 244 2.80 -4.49 27.32
CA ASP C 244 2.87 -3.36 26.38
C ASP C 244 1.75 -2.33 26.67
N VAL C 245 2.13 -1.06 26.77
CA VAL C 245 1.25 0.10 27.05
C VAL C 245 1.63 1.27 26.16
N ASN C 246 0.75 2.25 26.02
CA ASN C 246 0.93 3.35 25.06
C ASN C 246 2.22 4.14 25.31
N SER C 247 2.56 4.33 26.59
CA SER C 247 3.84 4.85 27.06
C SER C 247 4.15 4.34 28.47
N THR C 248 5.43 4.38 28.84
CA THR C 248 5.96 3.95 30.13
C THR C 248 5.19 4.54 31.32
N TYR C 249 4.79 5.81 31.25
CA TYR C 249 4.06 6.46 32.34
C TYR C 249 2.64 5.93 32.54
N HIS C 250 2.08 5.18 31.59
CA HIS C 250 0.83 4.45 31.84
C HIS C 250 1.05 3.31 32.83
N VAL C 251 2.27 2.80 32.96
CA VAL C 251 2.59 1.69 33.86
C VAL C 251 2.10 1.90 35.29
N PRO C 252 2.32 3.02 35.99
CA PRO C 252 1.76 3.17 37.33
C PRO C 252 0.24 3.03 37.35
N LEU C 253 -0.46 3.59 36.36
CA LEU C 253 -1.90 3.41 36.29
C LEU C 253 -2.24 1.95 35.95
N LEU C 254 -1.46 1.30 35.10
CA LEU C 254 -1.57 -0.14 34.88
C LEU C 254 -1.45 -0.94 36.19
N LEU C 255 -0.46 -0.65 37.02
CA LEU C 255 -0.27 -1.30 38.32
C LEU C 255 -1.47 -1.03 39.23
N LEU C 256 -1.94 0.21 39.28
CA LEU C 256 -3.14 0.59 40.01
C LEU C 256 -4.37 -0.20 39.53
N GLU C 257 -4.55 -0.31 38.22
CA GLU C 257 -5.68 -1.00 37.61
C GLU C 257 -5.66 -2.51 37.91
N GLN C 258 -4.46 -3.09 37.98
CA GLN C 258 -4.21 -4.46 38.41
C GLN C 258 -4.31 -4.65 39.94
N LYS C 259 -4.90 -3.68 40.67
CA LYS C 259 -5.11 -3.71 42.12
C LYS C 259 -3.81 -3.93 42.91
N MET C 260 -2.69 -3.48 42.38
CA MET C 260 -1.39 -3.69 43.01
C MET C 260 -1.31 -2.99 44.37
N ILE C 261 -1.76 -1.74 44.46
CA ILE C 261 -1.76 -0.97 45.71
C ILE C 261 -2.84 -1.40 46.68
N ASP C 262 -3.99 -1.86 46.21
CA ASP C 262 -5.05 -2.33 47.08
C ASP C 262 -4.63 -3.56 47.91
N TYR C 263 -3.61 -4.29 47.45
CA TYR C 263 -2.89 -5.26 48.26
C TYR C 263 -1.84 -4.60 49.16
N LEU C 264 -0.91 -3.78 48.63
CA LEU C 264 0.15 -3.18 49.47
C LEU C 264 -0.39 -2.37 50.64
N HIS C 265 -1.51 -1.68 50.47
CA HIS C 265 -2.23 -1.02 51.54
C HIS C 265 -2.50 -1.97 52.73
N ALA C 266 -2.97 -3.19 52.49
CA ALA C 266 -3.23 -4.19 53.52
C ALA C 266 -1.93 -4.89 53.96
N ARG C 267 -1.07 -5.29 53.02
CA ARG C 267 0.15 -6.07 53.27
C ARG C 267 1.21 -5.31 54.06
N LEU C 268 1.25 -4.00 53.88
CA LEU C 268 2.10 -3.11 54.66
C LEU C 268 1.29 -2.25 55.62
N LYS C 269 -0.01 -2.49 55.74
CA LYS C 269 -0.85 -1.88 56.77
C LYS C 269 -0.72 -0.35 56.77
N LEU C 270 -0.92 0.21 55.58
CA LEU C 270 -0.67 1.61 55.26
C LEU C 270 -1.80 2.52 55.75
N ASP C 271 -2.94 1.94 56.09
CA ASP C 271 -3.97 2.53 56.92
C ASP C 271 -3.45 2.98 58.29
N GLU C 272 -2.36 2.39 58.80
CA GLU C 272 -1.70 2.88 60.01
C GLU C 272 -1.01 4.23 59.81
N ILE C 273 -0.75 4.66 58.57
CA ILE C 273 -0.20 5.99 58.29
C ILE C 273 -1.31 7.04 58.32
N SER C 274 -1.53 7.62 59.49
CA SER C 274 -2.52 8.69 59.75
C SER C 274 -2.06 10.05 59.21
N LEU C 275 -2.07 10.20 57.89
CA LEU C 275 -1.70 11.43 57.18
C LEU C 275 -2.53 12.64 57.61
N THR C 276 -1.96 13.85 57.58
CA THR C 276 -2.78 15.06 57.66
C THR C 276 -3.67 15.20 56.41
N GLU C 277 -4.73 15.97 56.51
CA GLU C 277 -5.60 16.25 55.36
C GLU C 277 -4.95 17.19 54.34
N GLU C 278 -3.77 17.75 54.62
CA GLU C 278 -2.88 18.31 53.61
C GLU C 278 -1.95 17.25 52.96
N GLU C 279 -1.84 16.08 53.56
CA GLU C 279 -1.17 14.92 52.99
C GLU C 279 -2.19 13.99 52.39
N GLU C 280 -5.63 15.27 47.90
CA GLU C 280 -5.77 15.96 46.63
C GLU C 280 -4.54 15.82 45.75
N LEU C 281 -3.33 15.66 46.29
CA LEU C 281 -2.15 15.33 45.50
C LEU C 281 -2.38 14.04 44.70
N LEU C 282 -3.04 13.06 45.33
CA LEU C 282 -3.59 11.88 44.68
C LEU C 282 -4.45 12.27 43.48
N SER C 283 -5.44 13.14 43.70
CA SER C 283 -6.42 13.55 42.71
C SER C 283 -5.75 14.29 41.55
N LYS C 284 -5.10 15.41 41.90
CA LYS C 284 -4.32 16.23 40.94
C LYS C 284 -3.34 15.27 40.25
N TRP C 285 -2.82 14.23 40.94
CA TRP C 285 -1.94 13.23 40.26
C TRP C 285 -2.89 12.43 39.33
N LYS C 286 -3.90 11.66 39.76
CA LYS C 286 -4.84 10.85 38.91
C LYS C 286 -5.41 11.75 37.79
N ALA C 287 -5.49 13.06 38.00
CA ALA C 287 -5.98 14.04 36.99
C ALA C 287 -4.88 14.05 35.91
N THR C 288 -3.57 14.17 36.23
CA THR C 288 -2.38 14.29 35.31
C THR C 288 -1.82 12.97 34.76
N THR C 289 -2.11 11.81 35.33
CA THR C 289 -1.94 10.48 34.74
C THR C 289 -2.79 10.38 33.50
N GLY C 290 -4.06 10.75 33.64
CA GLY C 290 -4.94 10.98 32.53
C GLY C 290 -4.40 12.07 31.60
N ASN C 291 -3.96 13.21 32.10
CA ASN C 291 -3.59 14.34 31.25
C ASN C 291 -2.33 14.08 30.43
N PHE C 292 -1.43 13.23 30.94
CA PHE C 292 -0.45 12.58 30.08
C PHE C 292 -1.17 11.69 29.06
N ASP C 293 -1.90 10.68 29.53
CA ASP C 293 -2.35 9.55 28.73
C ASP C 293 -3.34 9.90 27.62
N GLU C 294 -4.17 10.92 27.84
CA GLU C 294 -5.22 11.40 26.97
C GLU C 294 -4.65 12.08 25.71
N THR C 295 0.16 15.06 15.85
CA THR C 295 1.60 14.78 16.00
C THR C 295 2.51 16.01 15.85
N VAL C 296 3.60 16.05 16.59
CA VAL C 296 4.76 16.91 16.38
C VAL C 296 5.96 16.02 16.02
N LYS C 297 6.61 16.27 14.88
CA LYS C 297 7.76 15.47 14.42
C LYS C 297 9.05 16.24 14.74
N ILE C 298 10.01 15.66 15.48
CA ILE C 298 11.27 16.34 15.83
C ILE C 298 12.45 15.50 15.35
N ALA C 299 13.39 16.07 14.62
CA ALA C 299 14.61 15.36 14.28
C ALA C 299 15.63 15.58 15.39
N LEU C 300 16.05 14.51 16.04
CA LEU C 300 17.16 14.55 17.00
C LEU C 300 18.41 14.07 16.27
N VAL C 301 19.37 14.95 16.12
CA VAL C 301 20.53 14.78 15.24
C VAL C 301 21.79 14.71 16.07
N GLY C 302 22.48 13.57 16.08
CA GLY C 302 23.69 13.44 16.87
C GLY C 302 24.53 12.24 16.49
N LYS C 303 25.62 11.99 17.23
CA LYS C 303 26.46 10.78 17.08
C LYS C 303 25.75 9.51 17.58
N TYR C 304 25.86 8.42 16.84
CA TYR C 304 25.47 7.07 17.27
C TYR C 304 24.06 7.00 17.88
N THR C 305 23.10 7.68 17.26
CA THR C 305 21.68 7.63 17.66
C THR C 305 21.08 6.22 17.66
N ASN C 306 21.74 5.23 17.06
CA ASN C 306 21.42 3.82 17.17
C ASN C 306 21.39 3.35 18.64
N LEU C 307 22.25 3.96 19.45
CA LEU C 307 22.44 3.72 20.87
C LEU C 307 21.43 4.53 21.69
N LYS C 308 20.16 4.16 21.59
CA LYS C 308 19.05 5.03 22.03
C LYS C 308 19.02 5.34 23.53
N ASP C 309 19.52 4.47 24.38
CA ASP C 309 19.62 4.79 25.81
C ASP C 309 20.57 5.97 26.09
N SER C 310 21.54 6.22 25.21
CA SER C 310 22.51 7.31 25.37
C SER C 310 21.86 8.70 25.30
N TYR C 311 20.62 8.79 24.82
CA TYR C 311 19.86 10.02 24.72
C TYR C 311 18.61 10.01 25.59
N LEU C 312 18.51 9.07 26.52
CA LEU C 312 17.28 8.83 27.27
C LEU C 312 16.69 10.08 27.93
N SER C 313 17.50 10.86 28.64
CA SER C 313 16.98 12.05 29.33
C SER C 313 16.36 13.02 28.35
N VAL C 314 17.01 13.17 27.19
CA VAL C 314 16.52 14.00 26.10
C VAL C 314 15.15 13.51 25.68
N ILE C 315 14.99 12.20 25.50
CA ILE C 315 13.69 11.64 25.12
C ILE C 315 12.66 11.96 26.19
N LYS C 316 12.97 11.71 27.45
CA LYS C 316 11.99 11.92 28.51
C LYS C 316 11.60 13.39 28.63
N ALA C 317 12.56 14.30 28.49
CA ALA C 317 12.27 15.71 28.50
C ALA C 317 11.29 16.12 27.39
N LEU C 318 11.49 15.61 26.17
CA LEU C 318 10.55 15.83 25.07
C LEU C 318 9.17 15.22 25.37
N GLU C 319 9.09 14.07 26.03
CA GLU C 319 7.82 13.47 26.43
C GLU C 319 7.08 14.34 27.44
N HIS C 320 7.75 14.83 28.48
CA HIS C 320 7.10 15.64 29.53
C HIS C 320 6.45 16.87 28.92
N SER C 321 7.21 17.56 28.07
CA SER C 321 6.75 18.75 27.38
C SER C 321 5.63 18.45 26.39
N SER C 322 5.71 17.37 25.63
CA SER C 322 4.68 17.01 24.65
C SER C 322 3.30 16.77 25.28
N MET C 323 3.27 16.22 26.49
CA MET C 323 2.03 16.06 27.23
C MET C 323 1.38 17.43 27.56
N LYS C 324 2.18 18.46 27.89
CA LYS C 324 1.66 19.82 28.13
C LYS C 324 1.06 20.43 26.87
N CYS C 325 1.72 20.29 25.72
CA CYS C 325 1.18 20.71 24.42
C CYS C 325 0.03 19.85 23.87
N ARG C 326 -0.32 18.78 24.59
CA ARG C 326 -1.34 17.77 24.25
C ARG C 326 -1.11 17.12 22.87
N ARG C 327 0.13 17.11 22.37
CA ARG C 327 0.51 16.63 21.03
C ARG C 327 1.40 15.41 21.11
N LYS C 328 1.20 14.48 20.17
CA LYS C 328 1.90 13.20 20.13
C LYS C 328 3.31 13.40 19.63
N LEU C 329 4.29 12.88 20.33
CA LEU C 329 5.71 13.06 19.99
C LEU C 329 6.18 11.98 19.03
N ASP C 330 6.87 12.38 17.97
CA ASP C 330 7.49 11.48 17.01
C ASP C 330 8.94 11.88 16.75
N ILE C 331 9.87 11.35 17.55
CA ILE C 331 11.30 11.60 17.38
C ILE C 331 11.81 10.86 16.16
N LYS C 332 12.35 11.57 15.17
CA LYS C 332 13.15 10.97 14.11
C LYS C 332 14.59 10.90 14.59
N TRP C 333 15.18 9.73 14.59
CA TRP C 333 16.58 9.51 14.94
C TRP C 333 17.47 9.64 13.71
N VAL C 334 18.34 10.65 13.70
CA VAL C 334 19.28 10.92 12.62
C VAL C 334 20.71 10.69 13.10
N GLU C 335 21.48 9.84 12.45
CA GLU C 335 22.92 9.84 12.64
C GLU C 335 23.49 11.08 11.98
N ALA C 336 24.13 11.95 12.75
CA ALA C 336 24.66 13.20 12.25
C ALA C 336 25.64 13.01 11.09
N THR C 337 26.49 11.99 11.14
CA THR C 337 27.45 11.74 10.07
C THR C 337 26.81 11.36 8.73
N ASP C 338 25.59 10.83 8.72
CA ASP C 338 24.89 10.51 7.47
C ASP C 338 24.38 11.75 6.73
N LEU C 339 24.40 12.94 7.34
CA LEU C 339 24.06 14.19 6.66
C LEU C 339 25.22 14.71 5.82
N GLU C 340 26.45 14.24 6.03
CA GLU C 340 27.64 14.85 5.45
C GLU C 340 27.69 14.73 3.91
N PRO C 341 28.24 15.72 3.18
CA PRO C 341 28.47 15.63 1.75
C PRO C 341 29.35 14.45 1.31
N GLU C 342 30.21 13.95 2.21
CA GLU C 342 31.02 12.73 1.98
C GLU C 342 30.18 11.45 2.05
N ALA C 343 29.15 11.41 2.90
CA ALA C 343 28.31 10.23 3.04
C ALA C 343 27.56 9.90 1.74
N GLN C 344 27.31 10.91 0.88
CA GLN C 344 26.60 10.75 -0.38
C GLN C 344 27.28 9.78 -1.36
N GLU C 345 28.61 9.74 -1.42
CA GLU C 345 29.32 8.72 -2.22
C GLU C 345 29.59 7.44 -1.43
N SER C 346 29.77 7.54 -0.10
CA SER C 346 30.16 6.40 0.73
C SER C 346 29.00 5.43 0.99
N ASN C 347 27.83 5.96 1.34
CA ASN C 347 26.67 5.18 1.81
C ASN C 347 25.35 5.88 1.45
N LYS C 348 25.13 6.11 0.15
CA LYS C 348 24.11 7.03 -0.39
C LYS C 348 22.71 6.78 0.18
N THR C 349 22.31 5.53 0.36
CA THR C 349 20.93 5.19 0.79
C THR C 349 20.60 5.78 2.15
N LYS C 350 21.49 5.60 3.12
CA LYS C 350 21.28 6.13 4.48
C LYS C 350 21.35 7.64 4.53
N PHE C 351 22.17 8.24 3.68
CA PHE C 351 22.24 9.69 3.51
C PHE C 351 20.90 10.30 3.07
N ARG C 352 20.18 9.68 2.13
CA ARG C 352 18.83 10.12 1.78
C ARG C 352 17.84 9.93 2.93
N GLU C 353 17.90 8.83 3.67
CA GLU C 353 17.02 8.64 4.82
C GLU C 353 17.25 9.73 5.88
N ALA C 354 18.50 10.06 6.16
CA ALA C 354 18.86 11.11 7.09
C ALA C 354 18.32 12.48 6.66
N TRP C 355 18.51 12.84 5.40
CA TRP C 355 18.03 14.11 4.90
C TRP C 355 16.53 14.19 4.77
N ASN C 356 15.82 13.10 4.46
CA ASN C 356 14.36 13.12 4.51
C ASN C 356 13.87 13.43 5.92
N MET C 357 14.46 12.84 6.96
CA MET C 357 14.08 13.11 8.34
C MET C 357 14.29 14.59 8.65
N VAL C 358 15.45 15.16 8.35
CA VAL C 358 15.75 16.59 8.60
C VAL C 358 14.76 17.50 7.87
N SER C 359 14.42 17.17 6.63
CA SER C 359 13.48 17.93 5.79
C SER C 359 12.03 17.81 6.24
N THR C 360 11.64 16.70 6.84
CA THR C 360 10.28 16.44 7.31
C THR C 360 9.98 17.15 8.62
N ALA C 361 10.96 17.23 9.52
CA ALA C 361 10.71 17.54 10.92
C ALA C 361 10.16 18.95 11.16
N ASP C 362 9.22 19.07 12.10
CA ASP C 362 8.68 20.34 12.58
C ASP C 362 9.61 21.07 13.53
N GLY C 363 10.64 20.40 14.03
CA GLY C 363 11.68 20.99 14.87
C GLY C 363 12.99 20.22 14.74
N ILE C 364 14.11 20.87 15.00
CA ILE C 364 15.43 20.23 15.04
C ILE C 364 16.00 20.33 16.44
N LEU C 365 16.74 19.30 16.84
CA LEU C 365 17.32 19.16 18.17
C LEU C 365 18.71 18.58 18.03
N ILE C 366 19.72 19.32 18.45
CA ILE C 366 21.09 18.83 18.54
C ILE C 366 21.37 18.56 20.03
N PRO C 367 21.58 17.32 20.47
CA PRO C 367 21.26 16.90 21.83
C PRO C 367 22.39 17.05 22.86
N GLY C 368 23.56 17.58 22.49
CA GLY C 368 24.75 17.58 23.36
C GLY C 368 25.56 16.28 23.31
N GLY C 369 25.92 15.86 22.09
CA GLY C 369 26.64 14.61 21.82
C GLY C 369 28.05 14.50 22.43
N PHE C 370 28.62 13.31 22.34
CA PHE C 370 29.91 12.93 22.89
C PHE C 370 30.96 12.89 21.77
N GLY C 371 32.08 13.58 21.98
CA GLY C 371 33.17 13.62 20.99
C GLY C 371 32.86 14.36 19.69
N VAL C 372 33.83 14.40 18.76
CA VAL C 372 33.79 15.31 17.60
C VAL C 372 33.08 14.76 16.35
N ARG C 373 32.99 13.43 16.18
CA ARG C 373 32.66 12.76 14.91
C ARG C 373 31.47 13.34 14.15
N GLY C 374 30.33 13.53 14.81
CA GLY C 374 29.08 14.00 14.18
C GLY C 374 29.07 15.47 13.74
N THR C 375 30.07 16.26 14.13
CA THR C 375 30.01 17.72 14.05
C THR C 375 29.63 18.24 12.66
N GLU C 376 30.23 17.72 11.60
CA GLU C 376 30.04 18.28 10.25
C GLU C 376 28.59 18.20 9.78
N GLY C 377 27.90 17.12 10.08
CA GLY C 377 26.47 17.03 9.77
C GLY C 377 25.60 17.89 10.68
N MET C 378 25.93 17.96 11.97
CA MET C 378 25.20 18.80 12.92
C MET C 378 25.27 20.28 12.56
N VAL C 379 26.35 20.74 11.92
CA VAL C 379 26.43 22.09 11.34
C VAL C 379 25.35 22.31 10.28
N LEU C 380 25.21 21.40 9.33
CA LEU C 380 24.22 21.49 8.25
C LEU C 380 22.78 21.38 8.78
N ALA C 381 22.53 20.62 9.84
CA ALA C 381 21.24 20.63 10.53
C ALA C 381 20.95 21.97 11.22
N ALA C 382 21.94 22.63 11.80
CA ALA C 382 21.74 23.95 12.39
C ALA C 382 21.49 25.04 11.34
N ARG C 383 22.18 24.97 10.19
CA ARG C 383 22.02 25.83 9.01
C ARG C 383 20.64 25.70 8.42
N TRP C 384 20.15 24.48 8.30
CA TRP C 384 18.81 24.18 7.85
C TRP C 384 17.71 24.85 8.66
N ALA C 385 17.87 24.94 9.98
CA ALA C 385 16.93 25.61 10.86
C ALA C 385 17.21 27.11 11.07
N ARG C 386 18.42 27.61 10.82
CA ARG C 386 18.69 29.05 10.83
C ARG C 386 18.00 29.71 9.65
N GLU C 387 18.20 29.17 8.46
CA GLU C 387 17.80 29.83 7.21
C GLU C 387 16.30 29.71 6.98
N ASN C 388 15.80 28.50 6.81
CA ASN C 388 14.38 28.19 6.85
C ASN C 388 13.92 28.28 8.31
N HIS C 389 12.82 28.95 8.64
CA HIS C 389 12.41 29.22 10.03
C HIS C 389 11.90 28.02 10.85
N ILE C 390 12.59 26.87 10.82
CA ILE C 390 12.32 25.67 11.61
C ILE C 390 12.66 25.93 13.09
N PRO C 391 11.82 25.61 14.07
CA PRO C 391 12.19 25.62 15.48
C PRO C 391 13.40 24.75 15.81
N PHE C 392 14.27 25.19 16.71
CA PHE C 392 15.53 24.54 17.04
C PHE C 392 15.86 24.63 18.52
N LEU C 393 16.46 23.56 19.06
CA LEU C 393 17.19 23.61 20.32
C LEU C 393 18.57 22.95 20.18
N GLY C 394 19.61 23.67 20.60
CA GLY C 394 20.96 23.14 20.74
C GLY C 394 21.31 22.95 22.23
N VAL C 395 21.68 21.74 22.64
CA VAL C 395 22.08 21.46 24.02
C VAL C 395 23.58 21.21 24.07
N CYS C 396 24.30 21.91 24.94
CA CYS C 396 25.75 21.81 25.12
C CYS C 396 26.53 21.90 23.79
N LEU C 397 27.02 20.77 23.24
CA LEU C 397 27.61 20.72 21.90
C LEU C 397 26.67 21.29 20.82
N GLY C 398 25.36 21.26 21.03
CA GLY C 398 24.41 21.96 20.18
C GLY C 398 24.53 23.47 20.24
N LEU C 399 24.79 24.09 21.39
CA LEU C 399 25.10 25.53 21.43
C LEU C 399 26.41 25.83 20.72
N GLN C 400 27.40 24.97 20.96
CA GLN C 400 28.69 25.05 20.29
C GLN C 400 28.50 25.01 18.77
N ILE C 401 27.68 24.09 18.26
CA ILE C 401 27.40 23.97 16.84
C ILE C 401 26.44 25.03 16.30
N ALA C 402 25.51 25.55 17.08
CA ALA C 402 24.76 26.74 16.72
C ALA C 402 25.70 27.94 16.52
N THR C 403 26.73 28.08 17.35
CA THR C 403 27.69 29.17 17.24
C THR C 403 28.71 28.94 16.12
N ILE C 404 29.25 27.73 15.97
CA ILE C 404 30.08 27.38 14.82
C ILE C 404 29.31 27.63 13.53
N GLU C 405 28.04 27.25 13.41
CA GLU C 405 27.30 27.46 12.17
C GLU C 405 27.06 28.94 11.90
N PHE C 406 26.54 29.68 12.88
CA PHE C 406 26.32 31.11 12.71
C PHE C 406 27.61 31.86 12.36
N THR C 407 28.74 31.47 12.94
CA THR C 407 30.06 31.94 12.52
C THR C 407 30.35 31.56 11.06
N ARG C 408 30.26 30.28 10.72
CA ARG C 408 30.60 29.66 9.43
C ARG C 408 29.70 30.12 8.25
N SER C 409 28.57 30.77 8.51
CA SER C 409 27.61 31.15 7.47
C SER C 409 27.13 32.59 7.52
N VAL C 410 27.07 33.22 8.68
CA VAL C 410 26.65 34.62 8.82
C VAL C 410 27.85 35.57 8.86
N LEU C 411 28.96 35.19 9.52
CA LEU C 411 30.21 35.96 9.51
C LEU C 411 31.20 35.58 8.39
N GLY C 412 30.83 34.67 7.49
CA GLY C 412 31.78 34.01 6.60
C GLY C 412 32.64 32.99 7.36
N ARG C 413 33.92 33.29 7.58
CA ARG C 413 34.85 32.54 8.47
C ARG C 413 34.80 31.01 8.32
N LYS C 414 34.82 30.51 7.08
CA LYS C 414 34.56 29.09 6.74
C LYS C 414 35.54 28.09 7.37
N ASP C 415 36.72 28.53 7.80
CA ASP C 415 37.72 27.72 8.51
C ASP C 415 37.40 27.46 10.00
N SER C 416 36.43 28.17 10.60
CA SER C 416 36.17 28.07 12.05
C SER C 416 35.64 26.70 12.49
N HIS C 417 35.99 26.27 13.70
CA HIS C 417 35.82 24.91 14.20
C HIS C 417 35.83 24.92 15.74
N SER C 418 35.42 23.83 16.36
CA SER C 418 35.59 23.63 17.82
C SER C 418 37.07 23.70 18.24
N ALA C 419 37.32 24.11 19.49
CA ALA C 419 38.66 24.06 20.09
C ALA C 419 39.28 22.65 20.10
N GLU C 420 38.47 21.62 19.90
CA GLU C 420 38.93 20.25 19.67
C GLU C 420 39.95 20.12 18.52
N PHE C 421 39.82 20.91 17.43
CA PHE C 421 40.84 21.00 16.36
C PHE C 421 41.94 21.99 16.77
N TYR C 422 42.64 21.63 17.84
CA TYR C 422 43.59 22.47 18.56
C TYR C 422 44.65 23.18 17.68
N PRO C 423 45.37 22.52 16.75
CA PRO C 423 46.51 23.13 16.06
C PRO C 423 46.14 24.18 14.98
N ASP C 424 44.86 24.42 14.71
CA ASP C 424 44.45 25.55 13.86
C ASP C 424 44.61 26.91 14.58
N ILE C 425 44.56 26.92 15.92
CA ILE C 425 44.77 28.07 16.83
C ILE C 425 43.87 29.28 16.52
N ASP C 426 44.17 30.08 15.50
CA ASP C 426 43.56 31.40 15.25
C ASP C 426 42.04 31.33 15.00
N GLU C 427 41.54 30.21 14.46
CA GLU C 427 40.13 30.02 14.05
C GLU C 427 39.31 29.12 15.02
N LYS C 428 39.85 28.78 16.19
CA LYS C 428 39.13 28.06 17.24
C LYS C 428 37.94 28.91 17.72
N ASN C 429 36.74 28.36 17.61
CA ASN C 429 35.48 29.02 18.01
C ASN C 429 35.26 29.01 19.55
N HIS C 430 36.05 28.25 20.29
CA HIS C 430 35.87 27.98 21.72
C HIS C 430 37.18 28.15 22.52
N VAL C 431 37.09 28.18 23.84
CA VAL C 431 38.22 28.22 24.78
C VAL C 431 38.02 27.20 25.91
N VAL C 432 39.10 26.61 26.38
CA VAL C 432 39.13 25.73 27.55
C VAL C 432 38.72 26.47 28.81
N VAL C 433 37.93 25.80 29.65
CA VAL C 433 37.52 26.29 30.97
C VAL C 433 37.30 25.09 31.92
N PHE C 434 38.38 24.53 32.46
CA PHE C 434 38.33 23.32 33.30
C PHE C 434 37.81 23.55 34.75
N MET C 435 37.86 24.78 35.26
CA MET C 435 37.58 25.12 36.67
C MET C 435 38.25 24.18 37.68
N MET C 436 36.45 19.93 34.45
CA MET C 436 35.12 20.06 33.88
C MET C 436 34.18 20.88 34.79
N ARG C 437 33.39 21.80 34.21
CA ARG C 437 32.30 22.48 34.92
C ARG C 437 31.14 21.50 35.07
N LEU C 438 30.67 21.29 36.30
CA LEU C 438 29.67 20.27 36.68
C LEU C 438 28.63 20.83 37.65
N GLY C 439 27.53 20.08 37.81
CA GLY C 439 26.53 20.31 38.86
C GLY C 439 25.67 21.55 38.67
N LEU C 440 24.78 21.78 39.63
CA LEU C 440 23.84 22.88 39.61
C LEU C 440 24.57 24.20 39.81
N ARG C 441 24.61 25.01 38.76
CA ARG C 441 25.10 26.40 38.82
C ARG C 441 24.01 27.38 38.35
N PRO C 442 23.96 28.63 38.83
CA PRO C 442 22.99 29.60 38.36
C PRO C 442 23.26 30.06 36.92
N THR C 443 22.32 30.75 36.31
CA THR C 443 22.49 31.55 35.09
C THR C 443 21.53 32.72 35.14
N PHE C 444 21.99 33.87 34.70
CA PHE C 444 21.33 35.16 34.87
C PHE C 444 21.01 35.75 33.51
N PHE C 445 19.78 36.18 33.28
CA PHE C 445 19.43 36.83 32.02
C PHE C 445 20.12 38.18 31.88
N GLN C 446 20.47 38.57 30.66
CA GLN C 446 21.03 39.89 30.37
C GLN C 446 19.90 40.93 30.41
N ASN C 447 20.06 42.00 31.19
CA ASN C 447 18.92 42.78 31.73
C ASN C 447 18.03 43.52 30.72
N GLU C 448 18.44 43.64 29.45
CA GLU C 448 17.71 44.30 28.36
C GLU C 448 16.80 43.35 27.55
N THR C 449 17.00 42.03 27.63
CA THR C 449 16.46 41.06 26.65
C THR C 449 14.98 40.70 26.88
N GLU C 450 14.12 41.70 27.07
CA GLU C 450 12.68 41.56 27.30
C GLU C 450 11.91 40.93 26.14
N TRP C 451 12.47 40.98 24.94
CA TRP C 451 11.93 40.39 23.71
C TRP C 451 11.98 38.86 23.68
N SER C 452 12.87 38.25 24.45
CA SER C 452 13.26 36.83 24.38
C SER C 452 12.10 35.88 24.54
N GLN C 453 11.99 34.88 23.65
CA GLN C 453 11.02 33.81 23.80
C GLN C 453 11.37 32.91 24.99
N ILE C 454 12.64 32.57 25.17
CA ILE C 454 13.03 31.65 26.24
C ILE C 454 12.87 32.27 27.63
N LYS C 455 13.29 33.52 27.85
CA LYS C 455 13.13 34.14 29.17
C LYS C 455 11.67 34.47 29.51
N LYS C 456 10.77 34.45 28.52
CA LYS C 456 9.33 34.45 28.75
C LYS C 456 8.86 33.10 29.30
N LEU C 457 9.29 31.97 28.74
CA LEU C 457 8.94 30.63 29.27
C LEU C 457 9.36 30.43 30.73
N TYR C 458 10.50 30.97 31.13
CA TYR C 458 10.97 31.02 32.53
C TYR C 458 10.19 32.00 33.44
N GLY C 459 9.03 32.49 33.01
CA GLY C 459 8.09 33.24 33.84
C GLY C 459 8.54 34.64 34.24
N ASP C 460 9.48 35.23 33.49
CA ASP C 460 10.13 36.51 33.81
C ASP C 460 10.94 36.51 35.13
N VAL C 461 11.29 35.35 35.66
CA VAL C 461 12.19 35.22 36.82
C VAL C 461 13.60 35.70 36.45
N SER C 462 14.30 36.33 37.39
CA SER C 462 15.61 36.97 37.20
C SER C 462 16.76 36.00 36.88
N GLU C 463 16.70 34.76 37.36
CA GLU C 463 17.72 33.76 37.15
C GLU C 463 17.15 32.33 37.17
N VAL C 464 17.99 31.40 36.71
CA VAL C 464 17.72 29.96 36.62
C VAL C 464 18.90 29.18 37.19
N HIS C 465 18.70 27.91 37.54
CA HIS C 465 19.76 27.03 38.05
C HIS C 465 19.76 25.72 37.28
N GLU C 466 20.90 25.28 36.77
CA GLU C 466 20.97 24.24 35.74
C GLU C 466 22.20 23.34 35.85
N ARG C 467 22.16 22.15 35.24
CA ARG C 467 23.27 21.19 35.25
C ARG C 467 24.22 21.36 34.06
N HIS C 468 25.51 21.20 34.33
CA HIS C 468 26.60 21.42 33.38
C HIS C 468 27.52 20.20 33.29
N ARG C 469 28.25 20.03 32.19
CA ARG C 469 29.22 18.91 31.98
C ARG C 469 30.36 19.28 31.02
N HIS C 470 30.71 20.56 30.89
CA HIS C 470 31.47 21.03 29.75
C HIS C 470 32.90 21.41 30.11
N ARG C 471 33.81 21.16 29.17
CA ARG C 471 35.21 21.62 29.24
C ARG C 471 35.55 22.79 28.31
N TYR C 472 34.69 23.12 27.35
CA TYR C 472 34.88 24.22 26.41
C TYR C 472 33.78 25.26 26.59
N GLU C 473 34.07 26.51 26.30
CA GLU C 473 33.06 27.56 26.13
C GLU C 473 33.35 28.40 24.89
N ILE C 474 32.36 29.10 24.36
CA ILE C 474 32.56 29.99 23.21
C ILE C 474 33.56 31.07 23.61
N ASN C 475 34.48 31.38 22.71
CA ASN C 475 35.59 32.29 23.02
C ASN C 475 35.06 33.72 23.26
N PRO C 476 35.20 34.31 24.48
CA PRO C 476 34.63 35.61 24.82
C PRO C 476 35.02 36.73 23.87
N LYS C 477 36.22 36.64 23.27
CA LYS C 477 36.74 37.58 22.27
C LYS C 477 35.76 37.80 21.10
N MET C 478 35.07 36.74 20.67
CA MET C 478 34.14 36.78 19.54
C MET C 478 32.72 37.22 19.93
N VAL C 479 32.34 37.17 21.19
CA VAL C 479 30.92 37.27 21.59
C VAL C 479 30.29 38.60 21.24
N ASP C 480 31.04 39.71 21.26
CA ASP C 480 30.51 41.00 20.80
C ASP C 480 30.10 40.96 19.32
N GLU C 481 30.87 40.28 18.48
CA GLU C 481 30.60 40.15 17.05
C GLU C 481 29.32 39.35 16.81
N LEU C 482 29.13 38.27 17.55
CA LEU C 482 27.93 37.44 17.53
C LEU C 482 26.71 38.20 18.08
N GLU C 483 26.84 38.92 19.20
CA GLU C 483 25.76 39.76 19.74
C GLU C 483 25.35 40.87 18.76
N ASN C 484 26.31 41.55 18.14
CA ASN C 484 26.07 42.61 17.15
C ASN C 484 25.42 42.08 15.86
N ASN C 485 25.74 40.87 15.43
CA ASN C 485 25.11 40.22 14.27
C ASN C 485 23.75 39.55 14.58
N GLY C 486 23.37 39.41 15.84
CA GLY C 486 22.02 39.00 16.25
C GLY C 486 21.92 37.66 16.96
N LEU C 487 23.01 36.91 17.11
CA LEU C 487 23.09 35.69 17.91
C LEU C 487 23.19 36.06 19.40
N ILE C 488 22.17 36.71 19.96
CA ILE C 488 22.25 37.37 21.26
C ILE C 488 22.36 36.34 22.39
N PHE C 489 23.41 36.41 23.19
CA PHE C 489 23.59 35.54 24.37
C PHE C 489 22.72 36.00 25.53
N VAL C 490 21.44 35.61 25.52
CA VAL C 490 20.42 36.08 26.47
C VAL C 490 20.65 35.65 27.94
N GLY C 491 21.57 34.73 28.21
CA GLY C 491 21.94 34.33 29.55
C GLY C 491 23.41 34.04 29.73
N LYS C 492 23.99 34.51 30.83
CA LYS C 492 25.39 34.28 31.19
C LYS C 492 25.50 33.93 32.67
N ASP C 493 26.69 33.55 33.08
CA ASP C 493 27.00 33.16 34.44
C ASP C 493 27.09 34.36 35.40
N ASP C 494 27.41 34.07 36.67
CA ASP C 494 27.67 35.06 37.71
C ASP C 494 28.72 36.12 37.30
N THR C 495 29.83 35.72 36.66
CA THR C 495 30.90 36.66 36.22
C THR C 495 30.53 37.46 34.97
N GLY C 496 29.62 36.97 34.14
CA GLY C 496 29.33 37.50 32.81
C GLY C 496 30.34 37.15 31.74
N LYS C 497 31.34 36.31 32.06
CA LYS C 497 32.35 35.85 31.10
C LYS C 497 31.91 34.62 30.30
N ARG C 498 30.97 33.81 30.82
CA ARG C 498 30.61 32.49 30.28
C ARG C 498 29.30 32.51 29.50
N CYS C 499 29.28 31.87 28.34
CA CYS C 499 28.13 31.81 27.44
C CYS C 499 27.16 30.69 27.86
N GLU C 500 26.07 31.01 28.56
CA GLU C 500 25.16 30.00 29.11
C GLU C 500 23.94 29.74 28.22
N ILE C 501 23.40 30.79 27.59
CA ILE C 501 22.26 30.72 26.68
C ILE C 501 22.47 31.64 25.49
N LEU C 502 22.06 31.20 24.30
CA LEU C 502 21.81 32.09 23.16
C LEU C 502 20.40 31.95 22.62
N GLU C 503 19.91 33.04 22.05
CA GLU C 503 18.72 33.11 21.22
C GLU C 503 19.03 33.97 19.99
N LEU C 504 18.72 33.49 18.80
CA LEU C 504 18.86 34.27 17.59
C LEU C 504 17.69 35.26 17.49
N LYS C 505 18.00 36.56 17.51
CA LYS C 505 17.03 37.66 17.41
C LYS C 505 16.17 37.52 16.15
N ASN C 506 14.85 37.67 16.30
CA ASN C 506 13.86 37.62 15.22
C ASN C 506 13.90 36.31 14.39
N HIS C 507 13.82 35.18 15.08
CA HIS C 507 13.51 33.85 14.55
C HIS C 507 12.41 33.21 15.41
N PRO C 508 11.45 32.42 14.88
CA PRO C 508 10.33 31.90 15.65
C PRO C 508 10.68 31.11 16.91
N TYR C 509 11.76 30.33 16.89
CA TYR C 509 12.33 29.65 18.07
C TYR C 509 13.69 29.05 17.72
N TYR C 510 14.79 29.74 17.99
CA TYR C 510 16.13 29.21 17.79
C TYR C 510 16.96 29.50 19.01
N ILE C 511 17.05 28.47 19.84
CA ILE C 511 17.65 28.50 21.15
C ILE C 511 18.82 27.54 21.19
N ALA C 512 19.84 27.89 21.97
CA ALA C 512 20.72 26.88 22.50
C ALA C 512 21.12 27.17 23.95
N THR C 513 21.48 26.12 24.68
CA THR C 513 21.92 26.15 26.09
C THR C 513 23.25 25.44 26.20
N GLN C 514 24.18 25.99 26.95
CA GLN C 514 25.42 25.29 27.25
C GLN C 514 25.17 24.13 28.24
N TYR C 515 24.25 24.34 29.20
CA TYR C 515 23.78 23.33 30.13
C TYR C 515 22.89 22.26 29.48
N HIS C 516 22.59 21.23 30.26
CA HIS C 516 21.75 20.08 29.93
C HIS C 516 20.38 20.12 30.64
N PRO C 517 19.39 20.87 30.10
CA PRO C 517 18.10 21.07 30.76
C PRO C 517 17.30 19.78 30.96
N GLU C 518 17.55 18.73 30.19
CA GLU C 518 16.96 17.41 30.35
C GLU C 518 17.35 16.76 31.68
N TYR C 519 18.35 17.28 32.37
CA TYR C 519 18.65 16.87 33.74
C TYR C 519 17.73 17.53 34.77
N THR C 520 16.76 18.34 34.37
CA THR C 520 15.78 18.91 35.31
C THR C 520 14.35 18.96 34.76
N SER C 521 14.08 18.32 33.63
CA SER C 521 12.73 18.07 33.17
C SER C 521 11.97 17.12 34.10
N LYS C 522 10.78 17.50 34.58
CA LYS C 522 9.90 16.67 35.43
C LYS C 522 8.56 16.43 34.72
N VAL C 523 7.89 15.32 35.03
CA VAL C 523 6.65 14.91 34.37
C VAL C 523 5.53 15.96 34.50
N LEU C 524 5.47 16.64 35.66
CA LEU C 524 4.49 17.70 35.90
C LEU C 524 5.08 19.12 35.80
N ASP C 525 6.41 19.26 35.67
CA ASP C 525 7.12 20.53 35.42
C ASP C 525 8.19 20.32 34.33
N PRO C 526 7.82 20.45 33.04
CA PRO C 526 8.75 20.23 31.93
C PRO C 526 9.85 21.30 31.89
N SER C 527 11.08 20.92 31.51
CA SER C 527 12.22 21.85 31.41
C SER C 527 12.00 22.86 30.27
N LYS C 528 12.01 24.15 30.58
CA LYS C 528 11.54 25.21 29.67
C LYS C 528 12.13 25.20 28.24
N PRO C 529 13.42 24.95 28.00
CA PRO C 529 14.00 24.97 26.64
C PRO C 529 13.40 23.91 25.70
N PHE C 530 13.08 22.75 26.26
CA PHE C 530 12.37 21.71 25.54
C PHE C 530 10.89 22.02 25.40
N LEU C 531 10.22 22.61 26.41
CA LEU C 531 8.84 23.01 26.22
C LEU C 531 8.70 23.97 25.05
N GLY C 532 9.58 24.97 24.95
CA GLY C 532 9.60 25.89 23.82
C GLY C 532 9.83 25.20 22.47
N LEU C 533 10.74 24.23 22.38
CA LEU C 533 10.97 23.46 21.16
C LEU C 533 9.72 22.72 20.71
N VAL C 534 9.03 22.02 21.60
CA VAL C 534 7.79 21.32 21.22
C VAL C 534 6.71 22.33 20.87
N ALA C 535 6.47 23.33 21.72
CA ALA C 535 5.40 24.29 21.50
C ALA C 535 5.58 25.08 20.18
N ALA C 536 6.79 25.48 19.82
CA ALA C 536 7.03 26.11 18.54
C ALA C 536 6.93 25.14 17.37
N SER C 537 7.32 23.87 17.53
CA SER C 537 7.10 22.84 16.52
C SER C 537 5.61 22.61 16.27
N ALA C 538 4.79 22.69 17.31
CA ALA C 538 3.33 22.71 17.25
C ALA C 538 2.73 24.03 16.76
N GLY C 539 3.53 25.09 16.61
CA GLY C 539 3.07 26.40 16.19
C GLY C 539 2.19 27.12 17.22
N ILE C 540 2.32 26.76 18.50
CA ILE C 540 1.47 27.19 19.61
C ILE C 540 2.23 27.95 20.72
N LEU C 541 3.50 28.26 20.50
CA LEU C 541 4.44 28.81 21.50
C LEU C 541 3.88 30.01 22.24
N GLN C 542 3.27 30.95 21.53
CA GLN C 542 2.65 32.13 22.15
C GLN C 542 1.66 31.75 23.26
N ASP C 543 0.80 30.79 22.98
CA ASP C 543 -0.33 30.45 23.83
C ASP C 543 0.09 29.61 25.04
N VAL C 544 1.17 28.84 24.90
CA VAL C 544 1.85 28.16 26.01
C VAL C 544 2.47 29.18 26.96
N ILE C 545 3.10 30.23 26.43
CA ILE C 545 3.66 31.31 27.26
C ILE C 545 2.54 32.10 27.94
N GLU C 546 1.46 32.39 27.23
CA GLU C 546 0.28 33.09 27.77
C GLU C 546 -0.53 32.26 28.77
N GLY C 547 -0.36 30.93 28.80
CA GLY C 547 -0.89 30.06 29.84
C GLY C 547 -2.09 29.17 29.46
N LYS C 548 -2.36 28.95 28.18
CA LYS C 548 -3.47 28.12 27.67
C LYS C 548 -3.31 26.61 27.91
N TYR C 549 -2.27 26.17 28.63
CA TYR C 549 -1.90 24.77 28.79
C TYR C 549 -1.36 24.39 30.19
N ASP C 550 -1.44 25.27 31.19
CA ASP C 550 -1.21 24.86 32.59
C ASP C 550 -2.29 23.85 33.08
N LEU C 551 -1.90 22.93 33.97
CA LEU C 551 -2.71 21.73 34.24
C LEU C 551 -3.85 21.95 35.25
N GLU C 552 -3.87 23.09 35.96
CA GLU C 552 -4.92 23.50 36.88
C GLU C 552 -5.21 25.01 36.69
N ALA C 553 -6.48 25.45 36.74
CA ALA C 553 -6.82 26.86 36.55
C ALA C 553 -6.22 27.77 37.64
N MET D 1 30.06 -48.34 21.94
CA MET D 1 29.14 -47.54 21.10
C MET D 1 29.24 -46.05 21.43
N LYS D 2 28.99 -45.17 20.45
CA LYS D 2 28.98 -43.72 20.66
C LYS D 2 27.61 -43.21 21.11
N TYR D 3 27.59 -42.12 21.85
CA TYR D 3 26.31 -41.55 22.30
C TYR D 3 26.35 -40.01 22.34
N VAL D 4 25.23 -39.33 22.09
CA VAL D 4 25.11 -37.87 22.14
C VAL D 4 23.89 -37.49 22.94
N VAL D 5 24.03 -36.91 24.11
CA VAL D 5 22.89 -36.33 24.82
C VAL D 5 22.52 -34.98 24.21
N VAL D 6 21.23 -34.71 24.08
CA VAL D 6 20.68 -33.37 23.89
C VAL D 6 19.77 -33.07 25.07
N SER D 7 19.97 -31.96 25.75
CA SER D 7 19.28 -31.64 27.01
C SER D 7 19.12 -30.14 27.22
N GLY D 8 18.47 -29.71 28.30
CA GLY D 8 18.81 -28.40 28.89
C GLY D 8 17.77 -27.28 28.87
N GLY D 9 18.26 -26.09 29.27
CA GLY D 9 17.59 -24.79 29.18
C GLY D 9 16.98 -24.28 30.48
N VAL D 10 16.59 -23.00 30.52
CA VAL D 10 15.72 -22.44 31.58
C VAL D 10 14.22 -22.56 31.31
N ILE D 11 13.81 -23.08 30.15
CA ILE D 11 12.41 -23.22 29.74
C ILE D 11 12.22 -24.53 28.98
N SER D 12 11.06 -25.16 29.14
CA SER D 12 10.59 -26.19 28.21
C SER D 12 10.12 -25.53 26.91
N GLY D 13 10.27 -26.16 25.76
CA GLY D 13 9.88 -25.61 24.45
C GLY D 13 10.99 -24.84 23.72
N ILE D 14 12.24 -24.92 24.19
CA ILE D 14 13.40 -24.18 23.68
C ILE D 14 13.88 -24.59 22.29
N GLY D 15 13.65 -25.83 21.85
CA GLY D 15 14.09 -26.30 20.52
C GLY D 15 14.79 -27.65 20.43
N LYS D 16 14.80 -28.49 21.43
CA LYS D 16 15.55 -29.75 21.54
C LYS D 16 15.44 -30.64 20.31
N GLY D 17 14.30 -31.22 20.02
CA GLY D 17 14.08 -32.15 18.94
C GLY D 17 14.69 -31.83 17.61
N VAL D 18 14.64 -30.61 17.13
CA VAL D 18 15.21 -30.08 15.90
C VAL D 18 16.71 -30.12 16.01
N LEU D 19 17.28 -29.88 17.16
CA LEU D 19 18.71 -29.95 17.50
C LEU D 19 19.11 -31.40 17.65
N ALA D 20 18.20 -32.28 17.96
CA ALA D 20 18.36 -33.69 18.23
C ALA D 20 18.41 -34.49 16.94
N SER D 21 17.29 -34.74 16.31
CA SER D 21 17.17 -35.52 15.09
C SER D 21 18.02 -34.83 14.06
N SER D 22 17.93 -33.53 13.94
CA SER D 22 18.86 -32.82 13.03
C SER D 22 20.35 -33.12 13.25
N THR D 23 20.85 -33.31 14.44
CA THR D 23 22.19 -33.75 14.79
C THR D 23 22.35 -35.16 14.30
N GLY D 24 21.35 -35.99 14.46
CA GLY D 24 21.31 -37.36 14.04
C GLY D 24 21.25 -37.58 12.57
N MET D 25 20.64 -36.68 11.80
CA MET D 25 20.66 -36.71 10.35
C MET D 25 22.09 -36.54 9.88
N LEU D 26 22.76 -35.60 10.53
CA LEU D 26 24.13 -35.29 10.22
C LEU D 26 25.05 -36.45 10.54
N MET D 27 24.75 -37.25 11.58
CA MET D 27 25.56 -38.44 11.84
C MET D 27 25.47 -39.41 10.67
N LYS D 28 24.28 -39.56 10.07
CA LYS D 28 24.06 -40.33 8.85
C LYS D 28 24.79 -39.79 7.62
N THR D 29 25.01 -38.49 7.58
CA THR D 29 25.81 -37.84 6.55
C THR D 29 27.22 -38.42 6.50
N LEU D 30 27.77 -38.76 7.66
CA LEU D 30 29.08 -39.40 7.76
C LEU D 30 29.03 -40.87 7.33
N GLY D 31 27.84 -41.39 6.99
CA GLY D 31 27.58 -42.77 6.60
C GLY D 31 27.19 -43.69 7.74
N LEU D 32 26.95 -43.14 8.94
CA LEU D 32 26.82 -43.90 10.18
C LEU D 32 25.46 -44.61 10.32
N LYS D 33 25.44 -45.76 11.00
CA LYS D 33 24.21 -46.38 11.52
C LYS D 33 23.75 -45.57 12.73
N VAL D 34 22.51 -45.10 12.75
CA VAL D 34 22.08 -44.14 13.79
C VAL D 34 20.75 -44.52 14.40
N THR D 35 20.57 -44.20 15.67
CA THR D 35 19.37 -44.46 16.45
C THR D 35 19.07 -43.28 17.37
N SER D 36 17.92 -43.26 18.00
CA SER D 36 17.51 -42.19 18.88
C SER D 36 16.63 -42.67 20.01
N ILE D 37 16.77 -42.12 21.21
CA ILE D 37 15.93 -42.42 22.36
C ILE D 37 15.38 -41.12 22.91
N LYS D 38 14.08 -41.02 23.15
CA LYS D 38 13.55 -39.86 23.86
C LYS D 38 13.20 -40.26 25.27
N ILE D 39 13.79 -39.53 26.20
CA ILE D 39 13.54 -39.67 27.62
C ILE D 39 12.50 -38.62 27.99
N ASP D 40 11.36 -39.08 28.45
CA ASP D 40 10.25 -38.23 28.84
C ASP D 40 10.04 -38.14 30.35
N PRO D 41 10.06 -36.93 30.92
CA PRO D 41 9.86 -36.85 32.35
C PRO D 41 8.41 -37.08 32.82
N TYR D 42 7.42 -37.11 31.94
CA TYR D 42 6.05 -37.36 32.37
C TYR D 42 5.81 -38.79 32.86
N MET D 43 4.69 -38.98 33.57
CA MET D 43 4.37 -40.27 34.21
C MET D 43 3.43 -41.19 33.44
N ASN D 44 2.87 -40.77 32.31
CA ASN D 44 2.17 -41.72 31.45
C ASN D 44 3.16 -42.78 30.95
N ILE D 45 2.76 -44.06 30.98
CA ILE D 45 3.58 -45.14 30.41
C ILE D 45 3.56 -45.10 28.88
N ASP D 46 2.45 -44.67 28.28
CA ASP D 46 2.27 -44.53 26.84
C ASP D 46 1.19 -43.49 26.50
N ALA D 47 1.10 -43.09 25.23
CA ALA D 47 0.11 -42.14 24.75
C ALA D 47 -1.28 -42.75 24.54
N GLY D 48 -1.46 -44.06 24.74
CA GLY D 48 -2.74 -44.70 24.50
C GLY D 48 -3.83 -44.22 25.45
N THR D 49 -3.45 -43.85 26.67
CA THR D 49 -4.36 -43.19 27.63
C THR D 49 -4.55 -41.70 27.34
N MET D 50 -3.63 -41.09 26.58
CA MET D 50 -3.59 -39.65 26.40
C MET D 50 -4.50 -39.20 25.25
N SER D 51 -5.56 -38.45 25.58
CA SER D 51 -6.44 -37.84 24.59
C SER D 51 -5.68 -36.80 23.75
N PRO D 52 -5.81 -36.77 22.41
CA PRO D 52 -5.03 -35.86 21.55
C PRO D 52 -5.20 -34.36 21.82
N LEU D 53 -6.18 -33.96 22.62
CA LEU D 53 -6.39 -32.59 23.09
C LEU D 53 -5.15 -31.96 23.73
N GLU D 54 -4.39 -32.76 24.46
CA GLU D 54 -3.20 -32.32 25.18
C GLU D 54 -2.07 -33.32 25.02
N HIS D 55 -0.85 -32.83 24.91
CA HIS D 55 0.31 -33.51 24.33
C HIS D 55 0.13 -33.94 22.86
N GLY D 56 -1.02 -33.68 22.25
CA GLY D 56 -1.23 -33.84 20.83
C GLY D 56 -1.37 -35.29 20.36
N GLU D 57 -1.13 -35.46 19.08
CA GLU D 57 -1.26 -36.66 18.27
C GLU D 57 -0.51 -37.90 18.81
N CYS D 58 -1.20 -39.01 19.07
CA CYS D 58 -0.59 -40.29 19.49
C CYS D 58 0.18 -40.94 18.32
N PHE D 59 1.48 -40.67 18.17
CA PHE D 59 2.26 -41.22 17.05
C PHE D 59 2.30 -42.75 17.07
N VAL D 60 2.25 -43.40 15.93
CA VAL D 60 2.23 -44.88 15.90
C VAL D 60 3.39 -45.59 15.17
N LEU D 61 3.94 -46.52 15.90
CA LEU D 61 5.06 -47.34 15.48
C LEU D 61 4.67 -48.37 14.43
N ASP D 62 5.72 -48.88 13.77
CA ASP D 62 5.72 -50.18 13.12
C ASP D 62 5.19 -51.29 14.08
N ASP D 63 5.74 -51.36 15.30
CA ASP D 63 5.27 -52.26 16.37
C ASP D 63 3.90 -51.87 16.98
N GLY D 64 3.23 -50.84 16.48
CA GLY D 64 1.84 -50.52 16.84
C GLY D 64 1.60 -49.94 18.23
N GLY D 65 2.66 -49.59 18.96
CA GLY D 65 2.55 -48.78 20.17
C GLY D 65 2.19 -47.32 19.86
N GLU D 66 1.22 -46.78 20.61
CA GLU D 66 0.90 -45.34 20.67
C GLU D 66 1.95 -44.61 21.51
N THR D 67 2.96 -44.11 20.83
CA THR D 67 4.13 -43.39 21.45
C THR D 67 3.89 -41.93 21.68
N ASP D 68 4.85 -41.32 22.40
CA ASP D 68 5.13 -39.90 22.29
C ASP D 68 5.18 -39.47 20.81
N LEU D 69 4.55 -38.34 20.54
CA LEU D 69 4.52 -37.76 19.22
C LEU D 69 5.92 -37.55 18.64
N ASP D 70 6.84 -37.00 19.45
CA ASP D 70 8.10 -36.48 18.95
C ASP D 70 9.00 -37.56 18.36
N LEU D 71 8.80 -38.83 18.70
CA LEU D 71 9.52 -39.91 18.02
C LEU D 71 9.34 -39.87 16.51
N GLY D 72 8.18 -39.46 16.03
CA GLY D 72 7.96 -39.24 14.61
C GLY D 72 9.03 -38.31 14.03
N ASN D 73 9.46 -37.30 14.76
CA ASN D 73 10.45 -36.32 14.31
C ASN D 73 11.75 -37.05 13.98
N TYR D 74 12.05 -38.17 14.60
CA TYR D 74 13.25 -39.00 14.46
C TYR D 74 13.13 -40.02 13.37
N GLU D 75 11.93 -40.49 13.10
CA GLU D 75 11.75 -41.47 12.04
C GLU D 75 11.96 -40.72 10.72
N ARG D 76 11.44 -39.48 10.66
CA ARG D 76 11.54 -38.54 9.54
C ARG D 76 12.98 -38.16 9.20
N TYR D 77 13.69 -37.67 10.20
CA TYR D 77 15.01 -37.03 10.04
C TYR D 77 16.16 -38.03 9.88
N LEU D 78 15.98 -39.28 10.31
CA LEU D 78 16.95 -40.36 10.26
C LEU D 78 16.60 -41.41 9.22
N GLY D 79 15.33 -41.71 9.02
CA GLY D 79 14.91 -42.82 8.17
C GLY D 79 15.10 -44.15 8.89
N VAL D 80 14.49 -44.29 10.06
CA VAL D 80 14.64 -45.46 10.94
C VAL D 80 13.31 -45.93 11.48
N THR D 81 13.19 -47.23 11.76
CA THR D 81 12.03 -47.79 12.46
C THR D 81 12.36 -47.95 13.93
N LEU D 82 11.77 -47.12 14.78
CA LEU D 82 11.93 -47.25 16.23
C LEU D 82 10.95 -48.28 16.80
N THR D 83 10.98 -48.47 18.12
CA THR D 83 10.14 -49.45 18.85
C THR D 83 9.54 -48.81 20.10
N LYS D 84 8.60 -49.49 20.76
CA LYS D 84 7.96 -48.98 21.97
C LYS D 84 8.95 -48.70 23.12
N ASP D 85 10.12 -49.35 23.09
CA ASP D 85 11.18 -49.16 24.08
C ASP D 85 12.01 -47.89 23.86
N HIS D 86 12.05 -47.29 22.66
CA HIS D 86 12.80 -46.05 22.41
C HIS D 86 12.20 -44.81 23.05
N ASN D 87 11.00 -44.90 23.61
CA ASN D 87 10.41 -43.84 24.40
C ASN D 87 10.46 -44.20 25.87
N ILE D 88 11.56 -43.88 26.53
CA ILE D 88 11.69 -43.99 27.98
C ILE D 88 10.76 -42.95 28.61
N THR D 89 10.00 -43.30 29.63
CA THR D 89 9.19 -42.31 30.38
C THR D 89 9.30 -42.56 31.87
N THR D 90 9.06 -41.55 32.69
CA THR D 90 9.13 -41.72 34.15
C THR D 90 8.15 -42.77 34.64
N GLY D 91 6.96 -42.85 34.08
CA GLY D 91 6.01 -43.90 34.44
C GLY D 91 6.44 -45.28 33.98
N LYS D 92 7.15 -45.37 32.86
CA LYS D 92 7.63 -46.65 32.31
C LYS D 92 8.75 -47.22 33.17
N ILE D 93 9.70 -46.40 33.60
CA ILE D 93 10.84 -46.89 34.38
C ILE D 93 10.49 -47.12 35.85
N TYR D 94 9.67 -46.30 36.50
CA TYR D 94 9.19 -46.70 37.83
C TYR D 94 8.42 -48.00 37.79
N SER D 95 7.59 -48.26 36.78
CA SER D 95 6.87 -49.54 36.63
C SER D 95 7.82 -50.72 36.47
N HIS D 96 8.88 -50.59 35.69
CA HIS D 96 9.82 -51.68 35.45
C HIS D 96 10.62 -52.04 36.68
N VAL D 97 11.15 -51.07 37.42
CA VAL D 97 11.82 -51.33 38.70
C VAL D 97 10.84 -51.85 39.77
N ILE D 98 9.63 -51.30 39.88
CA ILE D 98 8.62 -51.83 40.80
C ILE D 98 8.21 -53.25 40.44
N ALA D 99 8.18 -53.65 39.16
CA ALA D 99 7.92 -55.04 38.81
C ALA D 99 9.00 -55.98 39.35
N LYS D 100 10.27 -55.63 39.11
CA LYS D 100 11.41 -56.37 39.64
C LYS D 100 11.44 -56.40 41.18
N GLU D 101 10.95 -55.37 41.87
CA GLU D 101 10.79 -55.34 43.33
C GLU D 101 9.84 -56.41 43.86
N ARG D 102 8.68 -56.62 43.21
CA ARG D 102 7.70 -57.63 43.65
C ARG D 102 8.01 -59.03 43.15
N LYS D 103 8.67 -59.17 42.00
CA LYS D 103 9.28 -60.43 41.56
C LYS D 103 10.44 -60.84 42.47
N GLY D 104 11.07 -59.87 43.13
CA GLY D 104 12.17 -60.11 44.08
C GLY D 104 13.55 -60.18 43.42
N ASP D 105 13.74 -59.59 42.25
CA ASP D 105 15.01 -59.65 41.51
C ASP D 105 16.16 -58.89 42.20
N TYR D 106 15.85 -58.07 43.20
CA TYR D 106 16.81 -57.40 44.07
C TYR D 106 17.27 -58.25 45.26
N LEU D 107 16.98 -59.56 45.30
CA LEU D 107 17.50 -60.49 46.30
C LEU D 107 17.26 -60.00 47.74
N GLY D 108 16.10 -59.39 47.98
CA GLY D 108 15.68 -58.90 49.27
C GLY D 108 16.44 -57.68 49.80
N LYS D 109 17.35 -57.06 49.04
CA LYS D 109 17.89 -55.73 49.38
C LYS D 109 16.75 -54.71 49.41
N THR D 110 16.90 -53.59 50.10
CA THR D 110 16.04 -52.43 49.81
C THR D 110 16.47 -51.82 48.48
N VAL D 111 15.49 -51.35 47.70
CA VAL D 111 15.71 -50.80 46.36
C VAL D 111 15.51 -49.31 46.40
N GLN D 112 16.43 -48.56 45.83
CA GLN D 112 16.63 -47.13 46.07
C GLN D 112 16.65 -46.38 44.76
N ILE D 113 16.36 -45.07 44.76
CA ILE D 113 16.45 -44.31 43.52
C ILE D 113 17.90 -44.26 43.05
N VAL D 114 18.86 -44.14 43.96
CA VAL D 114 20.28 -44.36 43.66
C VAL D 114 20.82 -45.45 44.59
N PRO D 115 21.48 -46.50 44.10
CA PRO D 115 21.87 -46.74 42.72
C PRO D 115 20.89 -47.55 41.88
N HIS D 116 19.87 -48.20 42.44
CA HIS D 116 19.10 -49.19 41.67
C HIS D 116 18.33 -48.61 40.50
N LEU D 117 17.53 -47.56 40.69
CA LEU D 117 16.81 -46.96 39.57
C LEU D 117 17.73 -46.24 38.59
N THR D 118 18.79 -45.57 39.03
CA THR D 118 19.75 -44.98 38.10
C THR D 118 20.55 -46.00 37.33
N ASN D 119 20.77 -47.20 37.87
CA ASN D 119 21.26 -48.34 37.10
C ASN D 119 20.22 -48.80 36.09
N ALA D 120 18.94 -48.91 36.45
CA ALA D 120 17.91 -49.31 35.51
C ALA D 120 17.86 -48.41 34.27
N ILE D 121 17.92 -47.10 34.43
CA ILE D 121 17.94 -46.15 33.33
C ILE D 121 19.17 -46.37 32.44
N GLN D 122 20.37 -46.52 32.99
CA GLN D 122 21.57 -46.82 32.18
C GLN D 122 21.44 -48.16 31.46
N ASP D 123 20.94 -49.19 32.14
CA ASP D 123 20.75 -50.50 31.56
C ASP D 123 19.68 -50.49 30.46
N TRP D 124 18.68 -49.60 30.53
CA TRP D 124 17.71 -49.38 29.46
C TRP D 124 18.32 -48.66 28.26
N ILE D 125 19.04 -47.56 28.45
CA ILE D 125 19.68 -46.85 27.35
C ILE D 125 20.65 -47.75 26.59
N GLU D 126 21.54 -48.45 27.27
CA GLU D 126 22.47 -49.34 26.57
C GLU D 126 21.79 -50.59 26.02
N ARG D 127 20.65 -51.03 26.56
CA ARG D 127 19.85 -52.11 25.97
C ARG D 127 19.31 -51.65 24.63
N VAL D 128 18.56 -50.57 24.63
CA VAL D 128 17.85 -50.07 23.45
C VAL D 128 18.80 -49.63 22.36
N ALA D 129 19.95 -49.06 22.70
CA ALA D 129 20.96 -48.65 21.72
C ALA D 129 21.60 -49.81 20.93
N LYS D 130 21.40 -51.07 21.31
CA LYS D 130 21.77 -52.24 20.51
C LYS D 130 20.82 -52.53 19.34
N ILE D 131 19.54 -52.16 19.46
CA ILE D 131 18.49 -52.59 18.52
C ILE D 131 18.78 -52.03 17.11
N PRO D 132 18.75 -52.84 16.05
CA PRO D 132 19.10 -52.43 14.69
C PRO D 132 17.93 -51.73 13.98
N VAL D 133 17.73 -50.45 14.24
CA VAL D 133 16.62 -49.65 13.71
C VAL D 133 16.78 -49.23 12.24
N ASP D 134 17.94 -49.50 11.65
CA ASP D 134 18.43 -48.91 10.40
C ASP D 134 18.26 -49.85 9.19
N ASP D 135 18.60 -49.39 7.99
CA ASP D 135 18.39 -50.09 6.70
C ASP D 135 19.22 -51.38 6.49
N THR D 136 19.99 -51.80 7.48
CA THR D 136 20.57 -53.15 7.55
C THR D 136 20.70 -53.55 9.02
N GLY D 137 20.63 -54.85 9.30
CA GLY D 137 20.45 -55.40 10.64
C GLY D 137 21.61 -55.24 11.63
N MET D 138 22.65 -54.45 11.33
CA MET D 138 23.72 -54.14 12.29
C MET D 138 23.27 -53.18 13.38
N GLU D 139 23.86 -53.35 14.56
CA GLU D 139 23.62 -52.42 15.67
C GLU D 139 24.08 -50.98 15.34
N PRO D 140 23.38 -49.93 15.79
CA PRO D 140 23.76 -48.55 15.55
C PRO D 140 25.17 -48.18 16.05
N ASP D 141 25.80 -47.25 15.36
CA ASP D 141 27.13 -46.75 15.73
C ASP D 141 27.00 -45.62 16.75
N VAL D 142 25.96 -44.79 16.60
CA VAL D 142 25.69 -43.64 17.47
C VAL D 142 24.23 -43.63 17.89
N CYS D 143 23.98 -43.24 19.14
CA CYS D 143 22.62 -43.02 19.65
C CYS D 143 22.43 -41.57 20.10
N ILE D 144 21.42 -40.88 19.62
CA ILE D 144 21.05 -39.53 20.06
C ILE D 144 20.06 -39.68 21.21
N ILE D 145 20.39 -39.23 22.41
CA ILE D 145 19.52 -39.32 23.58
C ILE D 145 18.95 -37.94 23.87
N GLU D 146 17.65 -37.72 23.71
CA GLU D 146 17.05 -36.44 24.05
C GLU D 146 16.41 -36.53 25.43
N LEU D 147 16.89 -35.72 26.34
CA LEU D 147 16.38 -35.59 27.69
C LEU D 147 15.30 -34.51 27.71
N GLY D 148 14.03 -34.86 27.83
CA GLY D 148 12.93 -33.92 27.97
C GLY D 148 12.91 -33.21 29.32
N GLY D 149 11.97 -32.28 29.46
CA GLY D 149 11.89 -31.37 30.61
C GLY D 149 13.04 -30.37 30.63
N THR D 150 13.39 -29.84 31.79
CA THR D 150 14.58 -29.02 32.00
C THR D 150 15.44 -29.55 33.13
N VAL D 151 16.76 -29.46 33.00
CA VAL D 151 17.67 -29.83 34.09
C VAL D 151 17.39 -28.93 35.30
N GLY D 152 17.22 -29.53 36.49
CA GLY D 152 16.77 -28.84 37.70
C GLY D 152 15.27 -28.93 37.99
N ASP D 153 14.55 -29.69 37.17
CA ASP D 153 13.13 -30.01 37.45
C ASP D 153 13.18 -31.14 38.49
N ILE D 154 12.19 -31.28 39.39
CA ILE D 154 12.11 -32.41 40.37
C ILE D 154 11.60 -33.64 39.62
N GLU D 155 11.25 -33.55 38.37
CA GLU D 155 10.73 -34.54 37.45
C GLU D 155 11.83 -35.18 36.64
N SER D 156 12.89 -34.46 36.37
CA SER D 156 14.03 -34.79 35.53
C SER D 156 15.25 -35.19 36.34
N ALA D 157 15.17 -35.15 37.67
CA ALA D 157 16.34 -35.38 38.55
C ALA D 157 16.84 -36.85 38.45
N PRO D 158 15.99 -37.89 38.37
CA PRO D 158 16.48 -39.26 38.21
C PRO D 158 17.30 -39.50 36.94
N PHE D 159 16.97 -38.84 35.85
CA PHE D 159 17.63 -39.01 34.56
C PHE D 159 18.97 -38.31 34.46
N VAL D 160 19.14 -37.12 35.02
CA VAL D 160 20.47 -36.47 35.08
C VAL D 160 21.43 -37.19 36.01
N GLU D 161 20.95 -37.85 37.07
CA GLU D 161 21.76 -38.81 37.82
C GLU D 161 22.17 -39.98 36.92
N ALA D 162 21.22 -40.63 36.27
CA ALA D 162 21.53 -41.80 35.49
C ALA D 162 22.48 -41.49 34.33
N LEU D 163 22.28 -40.37 33.64
CA LEU D 163 23.18 -39.92 32.59
C LEU D 163 24.55 -39.55 33.16
N ARG D 164 24.68 -38.92 34.34
CA ARG D 164 26.01 -38.65 34.92
C ARG D 164 26.80 -39.94 35.10
N GLN D 165 26.20 -40.93 35.75
CA GLN D 165 26.83 -42.23 35.96
C GLN D 165 27.14 -42.88 34.59
N PHE D 166 26.29 -42.67 33.59
CA PHE D 166 26.50 -43.16 32.25
C PHE D 166 27.72 -42.53 31.56
N GLN D 167 28.16 -41.33 31.93
CA GLN D 167 29.41 -40.75 31.41
C GLN D 167 30.66 -41.55 31.82
N PHE D 168 30.51 -42.51 32.74
CA PHE D 168 31.59 -43.36 33.23
C PHE D 168 31.38 -44.83 32.83
N LYS D 169 30.13 -45.30 32.84
CA LYS D 169 29.79 -46.65 32.37
C LYS D 169 30.10 -46.78 30.88
N VAL D 170 29.74 -45.76 30.11
CA VAL D 170 30.33 -45.41 28.80
C VAL D 170 31.54 -44.51 29.07
N GLY D 171 32.58 -44.55 28.26
CA GLY D 171 33.72 -43.63 28.43
C GLY D 171 33.49 -42.20 27.92
N LYS D 172 34.26 -41.23 28.45
CA LYS D 172 34.56 -40.00 27.70
C LYS D 172 35.31 -40.40 26.42
N GLU D 173 35.19 -39.61 25.35
CA GLU D 173 35.49 -40.04 23.97
C GLU D 173 34.57 -41.14 23.43
N ASN D 174 33.49 -41.51 24.13
CA ASN D 174 32.33 -42.23 23.57
C ASN D 174 31.03 -41.50 23.84
N PHE D 175 30.90 -40.72 24.91
CA PHE D 175 29.73 -39.91 25.25
C PHE D 175 30.04 -38.41 25.08
N ALA D 176 29.10 -37.63 24.55
CA ALA D 176 29.14 -36.16 24.49
C ALA D 176 27.77 -35.53 24.73
N LEU D 177 27.71 -34.29 25.19
CA LEU D 177 26.45 -33.60 25.49
C LEU D 177 26.33 -32.26 24.79
N ILE D 178 25.18 -32.01 24.20
CA ILE D 178 24.74 -30.73 23.64
C ILE D 178 23.70 -30.13 24.59
N HIS D 179 23.92 -28.94 25.14
CA HIS D 179 22.97 -28.30 26.04
C HIS D 179 22.30 -27.14 25.31
N VAL D 180 20.99 -27.12 25.27
CA VAL D 180 20.24 -26.12 24.50
C VAL D 180 19.74 -25.06 25.47
N SER D 181 19.99 -23.78 25.24
CA SER D 181 19.80 -22.75 26.28
C SER D 181 19.31 -21.42 25.72
N LEU D 182 18.76 -20.55 26.57
CA LEU D 182 18.05 -19.35 26.12
C LEU D 182 18.95 -18.12 26.17
N VAL D 183 18.98 -17.33 25.09
CA VAL D 183 19.53 -15.98 25.09
C VAL D 183 18.36 -15.04 24.84
N PRO D 184 17.63 -14.56 25.87
CA PRO D 184 16.54 -13.63 25.66
C PRO D 184 17.11 -12.30 25.18
N VAL D 185 16.47 -11.68 24.17
CA VAL D 185 16.93 -10.38 23.58
C VAL D 185 15.88 -9.31 23.93
N ILE D 186 16.02 -8.61 25.07
CA ILE D 186 15.08 -7.52 25.50
C ILE D 186 15.90 -6.29 25.92
N HIS D 187 15.31 -5.08 25.91
CA HIS D 187 15.96 -3.82 26.36
C HIS D 187 17.23 -3.57 25.52
N GLY D 188 17.21 -3.91 24.22
CA GLY D 188 18.35 -3.62 23.30
C GLY D 188 19.64 -4.35 23.65
N GLU D 189 19.59 -5.62 24.08
CA GLU D 189 20.82 -6.44 24.35
C GLU D 189 20.51 -7.95 24.43
N GLN D 190 21.39 -8.83 23.92
CA GLN D 190 21.25 -10.32 24.01
C GLN D 190 21.78 -10.71 25.40
N LYS D 191 20.94 -11.12 26.36
CA LYS D 191 21.39 -11.35 27.73
C LYS D 191 21.88 -12.79 27.90
N THR D 192 23.08 -12.99 28.44
CA THR D 192 23.67 -14.32 28.62
C THR D 192 23.25 -15.02 29.91
N LYS D 193 22.77 -14.30 30.91
CA LYS D 193 22.62 -14.84 32.27
C LYS D 193 21.73 -16.08 32.43
N PRO D 194 20.63 -16.30 31.70
CA PRO D 194 19.88 -17.54 31.82
C PRO D 194 20.72 -18.75 31.42
N THR D 195 21.61 -18.61 30.44
CA THR D 195 22.60 -19.68 30.11
C THR D 195 23.61 -19.87 31.23
N GLN D 196 24.11 -18.83 31.89
CA GLN D 196 25.00 -19.00 33.05
C GLN D 196 24.31 -19.73 34.20
N ALA D 197 23.13 -19.31 34.63
CA ALA D 197 22.37 -19.97 35.70
C ALA D 197 21.95 -21.41 35.37
N ALA D 198 21.60 -21.73 34.13
CA ALA D 198 21.27 -23.10 33.71
C ALA D 198 22.51 -23.98 33.51
N ILE D 199 23.68 -23.41 33.23
CA ILE D 199 24.94 -24.17 33.17
C ILE D 199 25.46 -24.40 34.58
N LYS D 200 25.33 -23.45 35.50
CA LYS D 200 25.50 -23.67 36.93
C LYS D 200 24.64 -24.83 37.42
N GLY D 201 23.35 -24.84 37.08
CA GLY D 201 22.47 -25.99 37.34
C GLY D 201 23.02 -27.28 36.73
N LEU D 202 23.42 -27.29 35.47
CA LEU D 202 23.92 -28.49 34.80
C LEU D 202 25.16 -29.06 35.49
N ARG D 203 26.18 -28.26 35.77
CA ARG D 203 27.40 -28.77 36.43
C ARG D 203 27.12 -29.21 37.87
N SER D 204 26.13 -28.66 38.54
CA SER D 204 25.73 -29.13 39.88
C SER D 204 25.37 -30.60 39.87
N LEU D 205 24.56 -31.04 38.90
CA LEU D 205 24.16 -32.44 38.72
C LEU D 205 25.23 -33.31 38.03
N GLY D 206 26.23 -32.68 37.41
CA GLY D 206 27.55 -33.28 37.13
C GLY D 206 27.85 -33.56 35.67
N LEU D 207 26.87 -33.36 34.80
CA LEU D 207 27.05 -33.37 33.35
C LEU D 207 27.87 -32.13 32.95
N VAL D 208 28.71 -32.23 31.94
CA VAL D 208 29.45 -31.09 31.35
C VAL D 208 29.16 -31.00 29.87
N PRO D 209 28.79 -29.82 29.34
CA PRO D 209 28.40 -29.69 27.94
C PRO D 209 29.62 -29.59 27.06
N ASP D 210 29.65 -30.39 26.00
CA ASP D 210 30.65 -30.32 24.95
C ASP D 210 30.28 -29.31 23.88
N MET D 211 29.01 -28.95 23.81
CA MET D 211 28.47 -27.84 23.06
C MET D 211 27.38 -27.13 23.83
N ILE D 212 27.20 -25.84 23.56
CA ILE D 212 25.99 -25.12 23.92
C ILE D 212 25.30 -24.74 22.62
N ALA D 213 23.98 -24.78 22.57
CA ALA D 213 23.20 -24.37 21.42
C ALA D 213 22.11 -23.39 21.82
N CYS D 214 22.06 -22.20 21.24
CA CYS D 214 21.16 -21.17 21.76
C CYS D 214 19.86 -21.01 20.97
N ARG D 215 18.73 -21.04 21.67
CA ARG D 215 17.51 -20.38 21.22
C ARG D 215 17.71 -18.90 21.38
N CYS D 216 17.65 -18.16 20.28
CA CYS D 216 17.73 -16.72 20.29
C CYS D 216 16.85 -16.14 19.19
N SER D 217 16.29 -14.95 19.40
CA SER D 217 15.53 -14.21 18.39
C SER D 217 16.40 -13.70 17.24
N GLU D 218 17.73 -13.77 17.36
CA GLU D 218 18.70 -13.12 16.48
C GLU D 218 19.86 -14.05 16.10
N THR D 219 20.71 -13.63 15.16
CA THR D 219 22.07 -14.19 15.12
C THR D 219 22.80 -13.76 16.39
N LEU D 220 23.39 -14.68 17.16
CA LEU D 220 24.20 -14.31 18.32
C LEU D 220 25.30 -13.34 17.92
N ASP D 221 25.43 -12.24 18.66
CA ASP D 221 26.56 -11.35 18.50
C ASP D 221 27.87 -12.05 18.86
N LYS D 222 28.95 -11.69 18.19
CA LYS D 222 30.31 -12.11 18.50
C LYS D 222 30.64 -12.01 19.99
N PRO D 223 30.36 -10.90 20.70
CA PRO D 223 30.50 -10.83 22.15
C PRO D 223 29.59 -11.76 22.94
N THR D 224 28.38 -12.10 22.49
CA THR D 224 27.50 -13.04 23.21
C THR D 224 28.10 -14.44 23.20
N ILE D 225 28.63 -14.90 22.08
CA ILE D 225 29.36 -16.16 22.00
C ILE D 225 30.56 -16.14 22.95
N ASP D 226 31.34 -15.06 22.98
CA ASP D 226 32.48 -14.95 23.88
C ASP D 226 32.06 -14.94 25.36
N LYS D 227 30.98 -14.25 25.73
CA LYS D 227 30.52 -14.19 27.12
C LYS D 227 29.78 -15.45 27.58
N ILE D 228 29.27 -16.30 26.68
CA ILE D 228 28.90 -17.68 27.03
C ILE D 228 30.13 -18.56 27.17
N ALA D 229 31.05 -18.58 26.22
CA ALA D 229 32.25 -19.42 26.30
C ALA D 229 33.22 -19.06 27.45
N MET D 230 33.23 -17.81 27.92
CA MET D 230 33.95 -17.40 29.13
C MET D 230 33.32 -17.92 30.43
N PHE D 231 32.13 -18.53 30.35
CA PHE D 231 31.34 -19.00 31.49
C PHE D 231 31.00 -20.49 31.44
N CYS D 232 31.45 -21.20 30.40
CA CYS D 232 31.22 -22.62 30.18
C CYS D 232 32.47 -23.27 29.60
N HIS D 233 32.59 -24.59 29.71
CA HIS D 233 33.83 -25.28 29.33
C HIS D 233 33.92 -25.65 27.84
N VAL D 234 33.46 -24.75 26.98
CA VAL D 234 33.37 -24.90 25.50
C VAL D 234 34.24 -23.85 24.82
N GLY D 235 34.85 -24.15 23.67
CA GLY D 235 35.46 -23.10 22.85
C GLY D 235 34.39 -22.20 22.23
N PRO D 236 34.71 -21.00 21.77
CA PRO D 236 33.72 -20.11 21.16
C PRO D 236 33.11 -20.67 19.87
N GLU D 237 33.78 -21.62 19.22
CA GLU D 237 33.30 -22.33 18.01
C GLU D 237 32.27 -23.46 18.32
N GLN D 238 32.04 -23.81 19.58
CA GLN D 238 30.99 -24.76 20.02
C GLN D 238 29.82 -24.08 20.75
N VAL D 239 29.66 -22.77 20.63
CA VAL D 239 28.38 -22.11 20.92
C VAL D 239 27.58 -22.02 19.63
N VAL D 240 27.06 -23.20 19.27
CA VAL D 240 26.17 -23.34 18.07
C VAL D 240 25.03 -22.35 18.31
N ASN D 241 24.44 -21.78 17.26
CA ASN D 241 23.18 -20.98 17.38
C ASN D 241 22.22 -21.72 16.44
N VAL D 242 20.92 -21.72 16.69
CA VAL D 242 19.94 -22.30 15.72
C VAL D 242 18.93 -21.17 15.55
N HIS D 243 19.20 -20.24 14.61
CA HIS D 243 18.40 -19.01 14.40
C HIS D 243 17.30 -19.23 13.35
N ASP D 244 16.56 -18.18 13.03
CA ASP D 244 15.53 -18.19 11.98
C ASP D 244 16.13 -18.62 10.63
N VAL D 245 15.48 -19.58 9.96
CA VAL D 245 15.87 -20.15 8.65
C VAL D 245 14.64 -20.34 7.78
N ASN D 246 14.84 -20.51 6.47
CA ASN D 246 13.73 -20.52 5.52
C ASN D 246 12.70 -21.62 5.82
N SER D 247 13.19 -22.78 6.26
CA SER D 247 12.40 -23.88 6.81
C SER D 247 13.24 -24.70 7.79
N THR D 248 12.56 -25.45 8.66
CA THR D 248 13.14 -26.32 9.68
C THR D 248 14.21 -27.27 9.11
N TYR D 249 14.00 -27.83 7.93
CA TYR D 249 14.98 -28.76 7.32
C TYR D 249 16.29 -28.08 6.88
N HIS D 250 16.35 -26.75 6.80
CA HIS D 250 17.63 -26.07 6.64
C HIS D 250 18.48 -26.20 7.89
N VAL D 251 17.88 -26.41 9.05
CA VAL D 251 18.60 -26.52 10.32
C VAL D 251 19.76 -27.52 10.29
N PRO D 252 19.66 -28.76 9.82
CA PRO D 252 20.83 -29.63 9.75
C PRO D 252 21.96 -29.03 8.91
N LEU D 253 21.63 -28.39 7.78
CA LEU D 253 22.66 -27.73 7.00
C LEU D 253 23.20 -26.51 7.75
N LEU D 254 22.35 -25.77 8.46
CA LEU D 254 22.80 -24.72 9.38
C LEU D 254 23.80 -25.25 10.41
N LEU D 255 23.52 -26.37 11.06
CA LEU D 255 24.42 -26.99 12.03
C LEU D 255 25.74 -27.40 11.35
N LEU D 256 25.68 -28.01 10.18
CA LEU D 256 26.83 -28.34 9.37
C LEU D 256 27.67 -27.09 9.05
N GLU D 257 27.03 -26.01 8.62
CA GLU D 257 27.68 -24.76 8.25
C GLU D 257 28.38 -24.10 9.44
N GLN D 258 27.78 -24.22 10.62
CA GLN D 258 28.36 -23.82 11.90
C GLN D 258 29.44 -24.78 12.42
N LYS D 259 29.96 -25.68 11.58
CA LYS D 259 31.02 -26.65 11.89
C LYS D 259 30.69 -27.54 13.09
N MET D 260 29.41 -27.82 13.30
CA MET D 260 28.96 -28.60 14.45
C MET D 260 29.51 -30.03 14.38
N ILE D 261 29.43 -30.68 13.22
CA ILE D 261 29.94 -32.05 13.03
C ILE D 261 31.46 -32.12 12.95
N ASP D 262 32.14 -31.09 12.44
CA ASP D 262 33.59 -31.09 12.37
C ASP D 262 34.23 -31.11 13.78
N TYR D 263 33.49 -30.70 14.81
CA TYR D 263 33.82 -30.96 16.19
C TYR D 263 33.41 -32.38 16.62
N LEU D 264 32.15 -32.80 16.47
CA LEU D 264 31.71 -34.13 16.93
C LEU D 264 32.53 -35.28 16.33
N HIS D 265 32.98 -35.17 15.10
CA HIS D 265 33.92 -36.09 14.49
C HIS D 265 35.18 -36.30 15.35
N ALA D 266 35.78 -35.24 15.87
CA ALA D 266 36.94 -35.30 16.75
C ALA D 266 36.56 -35.66 18.19
N ARG D 267 35.51 -35.05 18.74
CA ARG D 267 35.07 -35.19 20.14
C ARG D 267 34.56 -36.59 20.47
N LEU D 268 33.97 -37.25 19.49
CA LEU D 268 33.54 -38.63 19.60
C LEU D 268 34.40 -39.56 18.76
N LYS D 269 35.47 -39.06 18.15
CA LYS D 269 36.49 -39.87 17.50
C LYS D 269 35.87 -40.81 16.47
N LEU D 270 35.08 -40.21 15.59
CA LEU D 270 34.22 -40.90 14.62
C LEU D 270 34.99 -41.39 13.41
N ASP D 271 36.20 -40.90 13.22
CA ASP D 271 37.24 -41.48 12.39
C ASP D 271 37.57 -42.94 12.79
N GLU D 272 37.32 -43.33 14.04
CA GLU D 272 37.44 -44.74 14.45
C GLU D 272 36.36 -45.64 13.84
N ILE D 273 35.27 -45.08 13.32
CA ILE D 273 34.24 -45.85 12.63
C ILE D 273 34.66 -46.10 11.18
N SER D 274 35.34 -47.22 10.96
CA SER D 274 35.83 -47.68 9.64
C SER D 274 34.69 -48.27 8.79
N LEU D 275 33.83 -47.39 8.28
CA LEU D 275 32.70 -47.74 7.41
C LEU D 275 33.13 -48.47 6.13
N THR D 276 32.28 -49.37 5.61
CA THR D 276 32.48 -49.85 4.23
C THR D 276 32.28 -48.71 3.23
N GLU D 277 32.83 -48.87 2.03
CA GLU D 277 32.63 -47.90 0.95
C GLU D 277 31.21 -47.94 0.37
N GLU D 278 30.36 -48.89 0.78
CA GLU D 278 28.90 -48.79 0.63
C GLU D 278 28.23 -48.02 1.78
N GLU D 279 28.93 -47.80 2.88
CA GLU D 279 28.49 -46.94 3.97
C GLU D 279 29.18 -45.58 3.84
N GLU D 280 28.36 -41.89 -0.54
CA GLU D 280 27.43 -41.31 -1.51
C GLU D 280 26.06 -41.02 -0.89
N LEU D 281 25.60 -41.74 0.12
CA LEU D 281 24.40 -41.38 0.87
C LEU D 281 24.52 -39.96 1.43
N LEU D 282 25.71 -39.61 1.92
CA LEU D 282 26.11 -38.25 2.25
C LEU D 282 25.83 -37.31 1.08
N SER D 283 26.36 -37.64 -0.10
CA SER D 283 26.28 -36.82 -1.30
C SER D 283 24.85 -36.65 -1.77
N LYS D 284 24.21 -37.79 -2.07
CA LYS D 284 22.78 -37.84 -2.46
C LYS D 284 22.00 -37.12 -1.36
N TRP D 285 22.43 -37.19 -0.07
CA TRP D 285 21.73 -36.41 0.99
C TRP D 285 22.10 -34.93 0.71
N LYS D 286 23.35 -34.43 0.78
CA LYS D 286 23.76 -33.01 0.53
C LYS D 286 23.16 -32.52 -0.81
N ALA D 287 22.88 -33.43 -1.76
CA ALA D 287 22.25 -33.11 -3.06
C ALA D 287 20.81 -32.70 -2.70
N THR D 288 20.05 -33.47 -1.89
CA THR D 288 18.59 -33.29 -1.52
C THR D 288 18.32 -32.30 -0.35
N THR D 289 19.30 -31.92 0.48
CA THR D 289 19.27 -30.77 1.38
C THR D 289 19.13 -29.52 0.55
N GLY D 290 19.99 -29.40 -0.46
CA GLY D 290 19.82 -28.41 -1.50
C GLY D 290 18.49 -28.57 -2.23
N ASN D 291 18.09 -29.76 -2.64
CA ASN D 291 16.91 -29.94 -3.49
C ASN D 291 15.62 -29.63 -2.74
N PHE D 292 15.58 -29.80 -1.42
CA PHE D 292 14.59 -29.15 -0.59
C PHE D 292 14.77 -27.63 -0.69
N ASP D 293 15.93 -27.12 -0.26
CA ASP D 293 16.14 -25.71 0.05
C ASP D 293 16.03 -24.77 -1.16
N GLU D 294 16.40 -25.24 -2.34
CA GLU D 294 16.42 -24.52 -3.61
C GLU D 294 15.00 -24.20 -4.11
N THR D 295 4.46 -20.48 -6.18
CA THR D 295 3.64 -20.92 -5.04
C THR D 295 2.48 -21.85 -5.42
N VAL D 296 2.17 -22.80 -4.55
CA VAL D 296 0.92 -23.56 -4.51
C VAL D 296 0.16 -23.19 -3.24
N LYS D 297 -1.09 -22.74 -3.35
CA LYS D 297 -1.91 -22.33 -2.19
C LYS D 297 -2.87 -23.48 -1.85
N ILE D 298 -2.89 -24.01 -0.63
CA ILE D 298 -3.79 -25.11 -0.22
C ILE D 298 -4.62 -24.67 0.97
N ALA D 299 -5.94 -24.80 0.93
CA ALA D 299 -6.77 -24.56 2.10
C ALA D 299 -6.85 -25.85 2.90
N LEU D 300 -6.38 -25.84 4.14
CA LEU D 300 -6.57 -26.94 5.08
C LEU D 300 -7.73 -26.56 5.98
N VAL D 301 -8.81 -27.33 5.89
CA VAL D 301 -10.12 -26.99 6.48
C VAL D 301 -10.46 -27.99 7.57
N GLY D 302 -10.54 -27.57 8.81
CA GLY D 302 -10.86 -28.49 9.90
C GLY D 302 -11.26 -27.80 11.18
N LYS D 303 -11.48 -28.56 12.26
CA LYS D 303 -11.74 -28.03 13.61
C LYS D 303 -10.49 -27.40 14.24
N TYR D 304 -10.65 -26.25 14.88
CA TYR D 304 -9.63 -25.63 15.75
C TYR D 304 -8.24 -25.54 15.10
N THR D 305 -8.19 -25.16 13.83
CA THR D 305 -6.92 -24.92 13.11
C THR D 305 -6.01 -23.87 13.76
N ASN D 306 -6.50 -23.09 14.71
CA ASN D 306 -5.72 -22.22 15.58
C ASN D 306 -4.62 -23.00 16.33
N LEU D 307 -4.93 -24.26 16.65
CA LEU D 307 -4.10 -25.21 17.36
C LEU D 307 -3.16 -25.93 16.38
N LYS D 308 -2.21 -25.19 15.84
CA LYS D 308 -1.47 -25.65 14.64
C LYS D 308 -0.60 -26.91 14.84
N ASP D 309 -0.13 -27.19 16.05
CA ASP D 309 0.57 -28.45 16.28
C ASP D 309 -0.34 -29.68 16.10
N SER D 310 -1.66 -29.53 16.26
CA SER D 310 -2.61 -30.63 16.11
C SER D 310 -2.68 -31.17 14.68
N TYR D 311 -2.14 -30.44 13.71
CA TYR D 311 -2.09 -30.84 12.31
C TYR D 311 -0.68 -31.01 11.79
N LEU D 312 0.30 -31.11 12.68
CA LEU D 312 1.71 -31.08 12.32
C LEU D 312 2.10 -32.10 11.24
N SER D 313 1.70 -33.36 11.38
CA SER D 313 2.08 -34.38 10.40
C SER D 313 1.57 -34.03 9.02
N VAL D 314 0.34 -33.50 8.97
CA VAL D 314 -0.28 -33.02 7.74
C VAL D 314 0.59 -31.95 7.12
N ILE D 315 1.04 -30.99 7.93
CA ILE D 315 1.91 -29.93 7.41
C ILE D 315 3.19 -30.53 6.85
N LYS D 316 3.85 -31.41 7.60
CA LYS D 316 5.12 -31.97 7.15
C LYS D 316 4.95 -32.77 5.87
N ALA D 317 3.88 -33.56 5.78
CA ALA D 317 3.59 -34.29 4.56
C ALA D 317 3.44 -33.38 3.33
N LEU D 318 2.72 -32.26 3.47
CA LEU D 318 2.64 -31.26 2.41
C LEU D 318 3.99 -30.65 2.08
N GLU D 319 4.87 -30.41 3.06
CA GLU D 319 6.21 -29.90 2.81
C GLU D 319 7.06 -30.89 2.02
N HIS D 320 7.06 -32.18 2.39
CA HIS D 320 7.88 -33.19 1.72
C HIS D 320 7.53 -33.25 0.23
N SER D 321 6.23 -33.30 -0.04
CA SER D 321 5.71 -33.35 -1.40
C SER D 321 5.98 -32.06 -2.17
N SER D 322 5.83 -30.89 -1.56
CA SER D 322 6.07 -29.61 -2.22
C SER D 322 7.52 -29.44 -2.72
N MET D 323 8.48 -29.98 -1.98
CA MET D 323 9.88 -30.00 -2.42
C MET D 323 10.05 -30.82 -3.72
N LYS D 324 9.34 -31.94 -3.88
CA LYS D 324 9.38 -32.75 -5.11
C LYS D 324 8.80 -31.98 -6.31
N CYS D 325 7.68 -31.29 -6.13
CA CYS D 325 7.10 -30.40 -7.15
C CYS D 325 7.86 -29.09 -7.40
N ARG D 326 8.93 -28.86 -6.63
CA ARG D 326 9.78 -27.66 -6.63
C ARG D 326 9.00 -26.35 -6.42
N ARG D 327 7.81 -26.42 -5.79
CA ARG D 327 6.88 -25.30 -5.59
C ARG D 327 6.74 -24.93 -4.13
N LYS D 328 6.61 -23.64 -3.85
CA LYS D 328 6.56 -23.09 -2.50
C LYS D 328 5.17 -23.35 -1.92
N LEU D 329 5.10 -23.89 -0.71
CA LEU D 329 3.83 -24.24 -0.07
C LEU D 329 3.29 -23.08 0.73
N ASP D 330 2.00 -22.78 0.55
CA ASP D 330 1.29 -21.76 1.30
C ASP D 330 -0.03 -22.33 1.85
N ILE D 331 0.01 -22.92 3.04
CA ILE D 331 -1.20 -23.44 3.69
C ILE D 331 -2.05 -22.29 4.19
N LYS D 332 -3.30 -22.18 3.72
CA LYS D 332 -4.31 -21.33 4.34
C LYS D 332 -5.00 -22.14 5.43
N TRP D 333 -5.01 -21.66 6.65
CA TRP D 333 -5.69 -22.27 7.78
C TRP D 333 -7.12 -21.77 7.87
N VAL D 334 -8.09 -22.66 7.68
CA VAL D 334 -9.52 -22.36 7.76
C VAL D 334 -10.14 -23.07 8.94
N GLU D 335 -10.79 -22.36 9.85
CA GLU D 335 -11.68 -23.02 10.80
C GLU D 335 -12.93 -23.46 10.06
N ALA D 336 -13.21 -24.76 10.04
CA ALA D 336 -14.32 -25.32 9.32
C ALA D 336 -15.67 -24.70 9.73
N THR D 337 -15.88 -24.44 11.01
CA THR D 337 -17.13 -23.84 11.47
C THR D 337 -17.38 -22.42 10.96
N ASP D 338 -16.34 -21.67 10.59
CA ASP D 338 -16.51 -20.34 10.01
C ASP D 338 -17.05 -20.35 8.59
N LEU D 339 -17.09 -21.50 7.91
CA LEU D 339 -17.71 -21.63 6.61
C LEU D 339 -19.24 -21.73 6.68
N GLU D 340 -19.80 -22.04 7.85
CA GLU D 340 -21.21 -22.39 7.98
C GLU D 340 -22.17 -21.22 7.66
N PRO D 341 -23.34 -21.48 7.05
CA PRO D 341 -24.37 -20.46 6.84
C PRO D 341 -24.84 -19.75 8.12
N GLU D 342 -24.72 -20.40 9.28
CA GLU D 342 -25.00 -19.80 10.60
C GLU D 342 -23.92 -18.80 11.03
N ALA D 343 -22.66 -19.03 10.67
CA ALA D 343 -21.57 -18.15 11.05
C ALA D 343 -21.74 -16.74 10.45
N GLN D 344 -22.44 -16.62 9.31
CA GLN D 344 -22.67 -15.36 8.61
C GLN D 344 -23.41 -14.32 9.45
N GLU D 345 -24.38 -14.72 10.29
CA GLU D 345 -25.01 -13.78 11.22
C GLU D 345 -24.26 -13.70 12.56
N SER D 346 -23.61 -14.78 12.99
CA SER D 346 -22.96 -14.86 14.29
C SER D 346 -21.64 -14.07 14.37
N ASN D 347 -20.78 -14.22 13.36
CA ASN D 347 -19.42 -13.69 13.34
C ASN D 347 -18.97 -13.38 11.90
N LYS D 348 -19.70 -12.50 11.22
CA LYS D 348 -19.63 -12.29 9.76
C LYS D 348 -18.20 -12.07 9.24
N THR D 349 -17.37 -11.32 9.95
CA THR D 349 -16.03 -10.95 9.48
C THR D 349 -15.15 -12.17 9.25
N LYS D 350 -15.11 -13.10 10.21
CA LYS D 350 -14.30 -14.31 10.10
C LYS D 350 -14.85 -15.27 9.05
N PHE D 351 -16.17 -15.29 8.87
CA PHE D 351 -16.82 -16.05 7.82
C PHE D 351 -16.37 -15.62 6.41
N ARG D 352 -16.23 -14.32 6.13
CA ARG D 352 -15.65 -13.86 4.87
C ARG D 352 -14.18 -14.23 4.74
N GLU D 353 -13.38 -14.14 5.80
CA GLU D 353 -11.98 -14.55 5.72
C GLU D 353 -11.86 -16.04 5.39
N ALA D 354 -12.68 -16.89 6.00
CA ALA D 354 -12.71 -18.32 5.73
C ALA D 354 -13.09 -18.62 4.28
N TRP D 355 -14.14 -17.98 3.76
CA TRP D 355 -14.55 -18.20 2.39
C TRP D 355 -13.60 -17.63 1.36
N ASN D 356 -12.92 -16.52 1.62
CA ASN D 356 -11.87 -16.05 0.72
C ASN D 356 -10.75 -17.09 0.61
N MET D 357 -10.32 -17.69 1.71
CA MET D 357 -9.29 -18.73 1.67
C MET D 357 -9.75 -19.91 0.82
N VAL D 358 -10.97 -20.43 1.05
CA VAL D 358 -11.51 -21.55 0.25
C VAL D 358 -11.58 -21.22 -1.23
N SER D 359 -12.01 -20.01 -1.57
CA SER D 359 -12.13 -19.52 -2.95
C SER D 359 -10.80 -19.26 -3.64
N THR D 360 -9.76 -18.90 -2.89
CA THR D 360 -8.42 -18.62 -3.41
C THR D 360 -7.65 -19.89 -3.72
N ALA D 361 -7.80 -20.93 -2.91
CA ALA D 361 -6.87 -22.04 -2.89
C ALA D 361 -6.82 -22.86 -4.18
N ASP D 362 -5.63 -23.30 -4.58
CA ASP D 362 -5.38 -24.20 -5.69
C ASP D 362 -5.70 -25.65 -5.37
N GLY D 363 -5.88 -25.98 -4.10
CA GLY D 363 -6.31 -27.30 -3.63
C GLY D 363 -7.03 -27.21 -2.30
N ILE D 364 -7.88 -28.17 -1.99
CA ILE D 364 -8.57 -28.28 -0.71
C ILE D 364 -8.13 -29.55 0.00
N LEU D 365 -8.04 -29.49 1.32
CA LEU D 365 -7.58 -30.58 2.16
C LEU D 365 -8.43 -30.62 3.41
N ILE D 366 -9.13 -31.73 3.62
CA ILE D 366 -9.87 -31.98 4.85
C ILE D 366 -9.04 -33.01 5.65
N PRO D 367 -8.49 -32.65 6.82
CA PRO D 367 -7.27 -33.28 7.32
C PRO D 367 -7.49 -34.52 8.22
N GLY D 368 -8.72 -34.97 8.45
CA GLY D 368 -9.01 -36.02 9.44
C GLY D 368 -9.15 -35.50 10.87
N GLY D 369 -10.02 -34.49 11.05
CA GLY D 369 -10.25 -33.80 12.33
C GLY D 369 -10.84 -34.68 13.46
N PHE D 370 -10.88 -34.11 14.65
CA PHE D 370 -11.30 -34.73 15.89
C PHE D 370 -12.72 -34.26 16.25
N GLY D 371 -13.62 -35.20 16.49
CA GLY D 371 -15.01 -34.90 16.86
C GLY D 371 -15.86 -34.29 15.74
N VAL D 372 -17.12 -33.97 16.04
CA VAL D 372 -18.14 -33.65 15.02
C VAL D 372 -18.22 -32.16 14.62
N ARG D 373 -17.80 -31.23 15.48
CA ARG D 373 -18.13 -29.79 15.39
C ARG D 373 -17.96 -29.17 14.00
N GLY D 374 -16.83 -29.37 13.36
CA GLY D 374 -16.50 -28.75 12.06
C GLY D 374 -17.28 -29.29 10.85
N THR D 375 -18.02 -30.39 11.01
CA THR D 375 -18.54 -31.17 9.88
C THR D 375 -19.31 -30.34 8.86
N GLU D 376 -20.21 -29.46 9.30
CA GLU D 376 -21.11 -28.76 8.38
C GLU D 376 -20.36 -27.87 7.40
N GLY D 377 -19.30 -27.18 7.84
CA GLY D 377 -18.47 -26.41 6.94
C GLY D 377 -17.59 -27.28 6.04
N MET D 378 -17.04 -28.37 6.57
CA MET D 378 -16.24 -29.31 5.78
C MET D 378 -17.03 -29.95 4.64
N VAL D 379 -18.34 -30.12 4.79
CA VAL D 379 -19.23 -30.54 3.69
C VAL D 379 -19.20 -29.52 2.54
N LEU D 380 -19.37 -28.23 2.84
CA LEU D 380 -19.38 -27.15 1.85
C LEU D 380 -18.01 -26.98 1.19
N ALA D 381 -16.91 -27.20 1.89
CA ALA D 381 -15.58 -27.26 1.29
C ALA D 381 -15.41 -28.46 0.33
N ALA D 382 -15.98 -29.62 0.64
CA ALA D 382 -15.94 -30.77 -0.27
C ALA D 382 -16.79 -30.55 -1.52
N ARG D 383 -17.97 -29.91 -1.38
CA ARG D 383 -18.89 -29.51 -2.45
C ARG D 383 -18.24 -28.53 -3.39
N TRP D 384 -17.54 -27.54 -2.84
CA TRP D 384 -16.78 -26.56 -3.59
C TRP D 384 -15.74 -27.18 -4.52
N ALA D 385 -15.05 -28.23 -4.09
CA ALA D 385 -14.10 -28.95 -4.91
C ALA D 385 -14.68 -30.09 -5.77
N ARG D 386 -15.86 -30.62 -5.44
CA ARG D 386 -16.53 -31.57 -6.33
C ARG D 386 -17.01 -30.87 -7.58
N GLU D 387 -17.71 -29.74 -7.42
CA GLU D 387 -18.43 -29.09 -8.51
C GLU D 387 -17.48 -28.33 -9.43
N ASN D 388 -16.82 -27.31 -8.89
CA ASN D 388 -15.68 -26.66 -9.54
C ASN D 388 -14.49 -27.62 -9.47
N HIS D 389 -13.74 -27.87 -10.54
CA HIS D 389 -12.70 -28.90 -10.58
C HIS D 389 -11.39 -28.60 -9.78
N ILE D 390 -11.51 -28.14 -8.53
CA ILE D 390 -10.40 -27.92 -7.60
C ILE D 390 -9.82 -29.27 -7.13
N PRO D 391 -8.50 -29.50 -7.14
CA PRO D 391 -7.89 -30.66 -6.50
C PRO D 391 -8.24 -30.80 -5.02
N PHE D 392 -8.44 -32.02 -4.55
CA PHE D 392 -8.90 -32.31 -3.19
C PHE D 392 -8.24 -33.56 -2.62
N LEU D 393 -7.95 -33.53 -1.32
CA LEU D 393 -7.69 -34.73 -0.52
C LEU D 393 -8.52 -34.73 0.77
N GLY D 394 -9.24 -35.82 1.02
CA GLY D 394 -9.91 -36.08 2.28
C GLY D 394 -9.17 -37.16 3.07
N VAL D 395 -8.75 -36.88 4.29
CA VAL D 395 -8.08 -37.87 5.15
C VAL D 395 -9.01 -38.28 6.28
N CYS D 396 -9.23 -39.57 6.49
CA CYS D 396 -10.10 -40.14 7.50
C CYS D 396 -11.51 -39.51 7.54
N LEU D 397 -11.80 -38.62 8.50
CA LEU D 397 -13.02 -37.80 8.51
C LEU D 397 -13.24 -37.04 7.19
N GLY D 398 -12.18 -36.71 6.46
CA GLY D 398 -12.27 -36.17 5.12
C GLY D 398 -12.85 -37.15 4.12
N LEU D 399 -12.53 -38.45 4.15
CA LEU D 399 -13.22 -39.45 3.31
C LEU D 399 -14.69 -39.56 3.70
N GLN D 400 -14.94 -39.58 5.01
CA GLN D 400 -16.29 -39.57 5.56
C GLN D 400 -17.08 -38.38 5.02
N ILE D 401 -16.50 -37.19 5.04
CA ILE D 401 -17.16 -35.98 4.53
C ILE D 401 -17.19 -35.88 3.01
N ALA D 402 -16.23 -36.42 2.28
CA ALA D 402 -16.34 -36.61 0.84
C ALA D 402 -17.54 -37.50 0.50
N THR D 403 -17.80 -38.54 1.28
CA THR D 403 -18.92 -39.45 1.05
C THR D 403 -20.25 -38.86 1.52
N ILE D 404 -20.30 -38.22 2.69
CA ILE D 404 -21.48 -37.46 3.12
C ILE D 404 -21.83 -36.40 2.09
N GLU D 405 -20.88 -35.66 1.54
CA GLU D 405 -21.19 -34.61 0.56
C GLU D 405 -21.71 -35.21 -0.74
N PHE D 406 -21.00 -36.18 -1.31
CA PHE D 406 -21.44 -36.82 -2.54
C PHE D 406 -22.83 -37.47 -2.39
N THR D 407 -23.13 -38.04 -1.23
CA THR D 407 -24.49 -38.49 -0.88
C THR D 407 -25.45 -37.31 -0.86
N ARG D 408 -25.15 -36.26 -0.07
CA ARG D 408 -25.98 -35.08 0.20
C ARG D 408 -26.25 -34.17 -1.02
N SER D 409 -25.52 -34.36 -2.12
CA SER D 409 -25.62 -33.48 -3.30
C SER D 409 -25.76 -34.20 -4.64
N VAL D 410 -25.21 -35.41 -4.79
CA VAL D 410 -25.31 -36.19 -6.03
C VAL D 410 -26.48 -37.19 -5.96
N LEU D 411 -26.71 -37.83 -4.80
CA LEU D 411 -27.86 -38.72 -4.59
C LEU D 411 -29.11 -38.03 -4.03
N GLY D 412 -29.09 -36.71 -3.86
CA GLY D 412 -30.08 -35.99 -3.04
C GLY D 412 -29.86 -36.24 -1.55
N ARG D 413 -30.73 -37.03 -0.91
CA ARG D 413 -30.57 -37.57 0.47
C ARG D 413 -30.09 -36.54 1.50
N LYS D 414 -30.70 -35.35 1.52
CA LYS D 414 -30.24 -34.17 2.30
C LYS D 414 -30.17 -34.37 3.82
N ASP D 415 -30.90 -35.35 4.35
CA ASP D 415 -30.87 -35.74 5.78
C ASP D 415 -29.63 -36.57 6.20
N SER D 416 -28.82 -37.08 5.26
CA SER D 416 -27.72 -37.99 5.60
C SER D 416 -26.59 -37.31 6.38
N HIS D 417 -25.94 -38.06 7.26
CA HIS D 417 -25.03 -37.56 8.30
C HIS D 417 -24.09 -38.69 8.75
N SER D 418 -23.03 -38.36 9.48
CA SER D 418 -22.17 -39.34 10.15
C SER D 418 -22.97 -40.21 11.14
N ALA D 419 -22.51 -41.46 11.37
CA ALA D 419 -23.06 -42.33 12.41
C ALA D 419 -23.01 -41.72 13.81
N GLU D 420 -22.20 -40.68 14.02
CA GLU D 420 -22.18 -39.87 15.22
C GLU D 420 -23.58 -39.32 15.61
N PHE D 421 -24.43 -38.95 14.65
CA PHE D 421 -25.83 -38.57 14.89
C PHE D 421 -26.72 -39.84 14.98
N TYR D 422 -26.40 -40.65 15.99
CA TYR D 422 -26.92 -42.00 16.18
C TYR D 422 -28.45 -42.15 16.05
N PRO D 423 -29.30 -41.34 16.71
CA PRO D 423 -30.76 -41.60 16.77
C PRO D 423 -31.53 -41.30 15.48
N ASP D 424 -30.89 -40.80 14.42
CA ASP D 424 -31.52 -40.71 13.09
C ASP D 424 -31.66 -42.09 12.41
N ILE D 425 -30.80 -43.05 12.77
CA ILE D 425 -30.78 -44.46 12.33
C ILE D 425 -30.76 -44.65 10.79
N ASP D 426 -31.88 -44.48 10.10
CA ASP D 426 -32.07 -44.86 8.69
C ASP D 426 -31.14 -44.11 7.73
N GLU D 427 -30.73 -42.88 8.07
CA GLU D 427 -29.92 -41.98 7.23
C GLU D 427 -28.44 -41.87 7.64
N LYS D 428 -27.98 -42.71 8.57
CA LYS D 428 -26.56 -42.79 8.95
C LYS D 428 -25.72 -43.22 7.74
N ASN D 429 -24.76 -42.40 7.36
CA ASN D 429 -23.86 -42.65 6.22
C ASN D 429 -22.74 -43.68 6.54
N HIS D 430 -22.57 -44.05 7.80
CA HIS D 430 -21.46 -44.86 8.31
C HIS D 430 -21.94 -46.00 9.23
N VAL D 431 -21.07 -46.95 9.54
CA VAL D 431 -21.29 -48.05 10.48
C VAL D 431 -20.09 -48.20 11.43
N VAL D 432 -20.36 -48.56 12.68
CA VAL D 432 -19.35 -48.90 13.67
C VAL D 432 -18.53 -50.12 13.25
N VAL D 433 -17.22 -50.06 13.48
CA VAL D 433 -16.29 -51.17 13.28
C VAL D 433 -15.13 -51.07 14.28
N PHE D 434 -15.35 -51.51 15.52
CA PHE D 434 -14.38 -51.39 16.61
C PHE D 434 -13.20 -52.39 16.54
N MET D 435 -13.33 -53.51 15.83
CA MET D 435 -12.38 -54.65 15.82
C MET D 435 -11.89 -55.05 17.22
N MET D 436 -11.16 -49.57 18.25
CA MET D 436 -10.62 -48.76 17.16
C MET D 436 -9.68 -49.58 16.25
N ARG D 437 -9.81 -49.42 14.92
CA ARG D 437 -8.85 -49.97 13.95
C ARG D 437 -7.59 -49.09 13.99
N LEU D 438 -6.43 -49.69 14.21
CA LEU D 438 -5.14 -49.01 14.45
C LEU D 438 -3.99 -49.68 13.68
N GLY D 439 -2.86 -48.98 13.58
CA GLY D 439 -1.59 -49.52 13.11
C GLY D 439 -1.53 -49.82 11.61
N LEU D 440 -0.40 -50.34 11.17
CA LEU D 440 -0.14 -50.65 9.78
C LEU D 440 -0.98 -51.82 9.34
N ARG D 441 -1.94 -51.56 8.46
CA ARG D 441 -2.74 -52.59 7.77
C ARG D 441 -2.60 -52.45 6.24
N PRO D 442 -2.70 -53.52 5.45
CA PRO D 442 -2.66 -53.42 4.01
C PRO D 442 -3.90 -52.73 3.42
N THR D 443 -3.86 -52.37 2.15
CA THR D 443 -5.02 -52.02 1.33
C THR D 443 -4.72 -52.41 -0.11
N PHE D 444 -5.72 -52.93 -0.79
CA PHE D 444 -5.59 -53.58 -2.09
C PHE D 444 -6.43 -52.83 -3.12
N PHE D 445 -5.85 -52.50 -4.26
CA PHE D 445 -6.61 -51.83 -5.32
C PHE D 445 -7.66 -52.78 -5.91
N GLN D 446 -8.80 -52.23 -6.33
CA GLN D 446 -9.83 -53.00 -7.04
C GLN D 446 -9.38 -53.26 -8.49
N ASN D 447 -9.39 -54.51 -8.94
CA ASN D 447 -8.51 -54.96 -10.05
C ASN D 447 -8.78 -54.35 -11.44
N GLU D 448 -9.89 -53.64 -11.64
CA GLU D 448 -10.28 -52.99 -12.90
C GLU D 448 -9.83 -51.52 -13.00
N THR D 449 -9.45 -50.87 -11.89
CA THR D 449 -9.33 -49.39 -11.81
C THR D 449 -8.03 -48.83 -12.40
N GLU D 450 -7.66 -49.26 -13.61
CA GLU D 450 -6.46 -48.85 -14.32
C GLU D 450 -6.42 -47.36 -14.70
N TRP D 451 -7.58 -46.71 -14.73
CA TRP D 451 -7.75 -45.28 -15.00
C TRP D 451 -7.27 -44.37 -13.86
N SER D 452 -7.21 -44.88 -12.64
CA SER D 452 -7.04 -44.12 -11.40
C SER D 452 -5.78 -43.27 -11.37
N GLN D 453 -5.91 -42.00 -10.98
CA GLN D 453 -4.76 -41.13 -10.76
C GLN D 453 -3.95 -41.59 -9.54
N ILE D 454 -4.61 -41.96 -8.44
CA ILE D 454 -3.90 -42.34 -7.21
C ILE D 454 -3.15 -43.66 -7.37
N LYS D 455 -3.75 -44.71 -7.94
CA LYS D 455 -3.03 -45.97 -8.12
C LYS D 455 -1.90 -45.90 -9.15
N LYS D 456 -1.89 -44.86 -9.99
CA LYS D 456 -0.72 -44.53 -10.81
C LYS D 456 0.42 -43.97 -9.97
N LEU D 457 0.16 -43.05 -9.03
CA LEU D 457 1.20 -42.50 -8.13
C LEU D 457 1.88 -43.59 -7.29
N TYR D 458 1.14 -44.61 -6.86
CA TYR D 458 1.67 -45.82 -6.20
C TYR D 458 2.43 -46.78 -7.13
N GLY D 459 2.81 -46.35 -8.32
CA GLY D 459 3.73 -47.08 -9.21
C GLY D 459 3.17 -48.35 -9.83
N ASP D 460 1.85 -48.48 -9.90
CA ASP D 460 1.13 -49.70 -10.35
C ASP D 460 1.39 -50.94 -9.45
N VAL D 461 1.89 -50.75 -8.23
CA VAL D 461 2.01 -51.84 -7.24
C VAL D 461 0.63 -52.36 -6.82
N SER D 462 0.49 -53.66 -6.57
CA SER D 462 -0.77 -54.35 -6.28
C SER D 462 -1.43 -53.96 -4.95
N GLU D 463 -0.67 -53.54 -3.95
CA GLU D 463 -1.16 -53.14 -2.64
C GLU D 463 -0.26 -52.12 -1.96
N VAL D 464 -0.79 -51.53 -0.90
CA VAL D 464 -0.17 -50.51 -0.04
C VAL D 464 -0.36 -50.88 1.43
N HIS D 465 0.44 -50.32 2.33
CA HIS D 465 0.32 -50.54 3.78
C HIS D 465 0.30 -49.21 4.51
N GLU D 466 -0.67 -48.99 5.39
CA GLU D 466 -0.99 -47.63 5.88
C GLU D 466 -1.48 -47.62 7.33
N ARG D 467 -1.42 -46.46 7.99
CA ARG D 467 -1.85 -46.27 9.39
C ARG D 467 -3.31 -45.85 9.51
N HIS D 468 -3.99 -46.40 10.50
CA HIS D 468 -5.43 -46.22 10.73
C HIS D 468 -5.71 -45.76 12.17
N ARG D 469 -6.84 -45.11 12.43
CA ARG D 469 -7.27 -44.64 13.78
C ARG D 469 -8.78 -44.54 13.93
N HIS D 470 -9.55 -45.33 13.19
CA HIS D 470 -10.97 -45.06 12.98
C HIS D 470 -11.88 -46.04 13.69
N ARG D 471 -13.01 -45.52 14.16
CA ARG D 471 -14.11 -46.34 14.73
C ARG D 471 -15.34 -46.47 13.81
N TYR D 472 -15.45 -45.67 12.76
CA TYR D 472 -16.54 -45.70 11.80
C TYR D 472 -16.02 -46.06 10.41
N GLU D 473 -16.85 -46.69 9.60
CA GLU D 473 -16.61 -46.83 8.17
C GLU D 473 -17.87 -46.53 7.37
N ILE D 474 -17.74 -46.22 6.08
CA ILE D 474 -18.92 -45.99 5.22
C ILE D 474 -19.75 -47.26 5.17
N ASN D 475 -21.06 -47.11 5.25
CA ASN D 475 -21.96 -48.26 5.37
C ASN D 475 -21.94 -49.10 4.08
N PRO D 476 -21.49 -50.36 4.10
CA PRO D 476 -21.33 -51.19 2.89
C PRO D 476 -22.59 -51.29 2.05
N LYS D 477 -23.76 -51.22 2.68
CA LYS D 477 -25.08 -51.24 2.02
C LYS D 477 -25.20 -50.18 0.91
N MET D 478 -24.61 -49.00 1.13
CA MET D 478 -24.67 -47.87 0.20
C MET D 478 -23.60 -47.92 -0.90
N VAL D 479 -22.51 -48.67 -0.73
CA VAL D 479 -21.31 -48.52 -1.56
C VAL D 479 -21.56 -48.84 -3.02
N ASP D 480 -22.45 -49.76 -3.36
CA ASP D 480 -22.82 -50.01 -4.76
C ASP D 480 -23.43 -48.77 -5.42
N GLU D 481 -24.26 -48.03 -4.69
CA GLU D 481 -24.91 -46.81 -5.18
C GLU D 481 -23.88 -45.73 -5.48
N LEU D 482 -22.91 -45.55 -4.58
CA LEU D 482 -21.80 -44.63 -4.74
C LEU D 482 -20.86 -45.06 -5.88
N GLU D 483 -20.51 -46.34 -6.00
CA GLU D 483 -19.71 -46.85 -7.12
C GLU D 483 -20.41 -46.66 -8.47
N ASN D 484 -21.72 -46.94 -8.55
CA ASN D 484 -22.52 -46.76 -9.76
C ASN D 484 -22.69 -45.29 -10.17
N ASN D 485 -22.75 -44.37 -9.20
CA ASN D 485 -22.81 -42.93 -9.46
C ASN D 485 -21.44 -42.27 -9.73
N GLY D 486 -20.33 -42.97 -9.49
CA GLY D 486 -18.98 -42.56 -9.92
C GLY D 486 -18.00 -42.24 -8.79
N LEU D 487 -18.43 -42.30 -7.53
CA LEU D 487 -17.55 -42.18 -6.37
C LEU D 487 -16.83 -43.52 -6.12
N ILE D 488 -15.99 -43.95 -7.06
CA ILE D 488 -15.47 -45.32 -7.11
C ILE D 488 -14.48 -45.56 -5.97
N PHE D 489 -14.75 -46.56 -5.13
CA PHE D 489 -13.84 -46.96 -4.05
C PHE D 489 -12.66 -47.78 -4.57
N VAL D 490 -11.64 -47.10 -5.09
CA VAL D 490 -10.50 -47.72 -5.79
C VAL D 490 -9.59 -48.59 -4.91
N GLY D 491 -9.75 -48.57 -3.58
CA GLY D 491 -9.03 -49.44 -2.67
C GLY D 491 -9.86 -49.92 -1.50
N LYS D 492 -9.75 -51.19 -1.15
CA LYS D 492 -10.42 -51.81 -0.02
C LYS D 492 -9.46 -52.71 0.74
N ASP D 493 -9.91 -53.20 1.89
CA ASP D 493 -9.14 -54.08 2.76
C ASP D 493 -9.04 -55.51 2.22
N ASP D 494 -8.37 -56.37 3.00
CA ASP D 494 -8.26 -57.80 2.75
C ASP D 494 -9.61 -58.50 2.51
N THR D 495 -10.65 -58.18 3.30
CA THR D 495 -11.99 -58.79 3.16
C THR D 495 -12.80 -58.23 1.99
N GLY D 496 -12.50 -57.01 1.54
CA GLY D 496 -13.30 -56.27 0.56
C GLY D 496 -14.56 -55.63 1.15
N LYS D 497 -14.77 -55.71 2.46
CA LYS D 497 -15.91 -55.11 3.15
C LYS D 497 -15.67 -53.64 3.52
N ARG D 498 -14.42 -53.21 3.69
CA ARG D 498 -14.03 -51.91 4.27
C ARG D 498 -13.60 -50.90 3.22
N CYS D 499 -14.09 -49.67 3.33
CA CYS D 499 -13.82 -48.58 2.40
C CYS D 499 -12.48 -47.88 2.73
N GLU D 500 -11.40 -48.21 2.01
CA GLU D 500 -10.06 -47.68 2.36
C GLU D 500 -9.66 -46.46 1.52
N ILE D 501 -10.05 -46.43 0.24
CA ILE D 501 -9.78 -45.32 -0.69
C ILE D 501 -11.00 -45.09 -1.56
N LEU D 502 -11.30 -43.82 -1.86
CA LEU D 502 -12.15 -43.42 -2.99
C LEU D 502 -11.44 -42.45 -3.92
N GLU D 503 -11.82 -42.51 -5.19
CA GLU D 503 -11.53 -41.53 -6.23
C GLU D 503 -12.81 -41.27 -7.00
N LEU D 504 -13.16 -40.00 -7.20
CA LEU D 504 -14.29 -39.63 -8.05
C LEU D 504 -13.87 -39.74 -9.51
N LYS D 505 -14.53 -40.62 -10.27
CA LYS D 505 -14.29 -40.87 -11.69
C LYS D 505 -14.42 -39.57 -12.49
N ASN D 506 -13.46 -39.29 -13.38
CA ASN D 506 -13.42 -38.14 -14.28
C ASN D 506 -13.51 -36.78 -13.54
N HIS D 507 -12.62 -36.58 -12.57
CA HIS D 507 -12.27 -35.30 -11.94
C HIS D 507 -10.73 -35.16 -11.92
N PRO D 508 -10.13 -33.98 -12.09
CA PRO D 508 -8.67 -33.84 -12.17
C PRO D 508 -7.87 -34.42 -11.02
N TYR D 509 -8.36 -34.32 -9.78
CA TYR D 509 -7.79 -34.97 -8.59
C TYR D 509 -8.76 -34.84 -7.41
N TYR D 510 -9.59 -35.83 -7.15
CA TYR D 510 -10.48 -35.83 -5.99
C TYR D 510 -10.41 -37.18 -5.33
N ILE D 511 -9.59 -37.20 -4.29
CA ILE D 511 -9.21 -38.39 -3.55
C ILE D 511 -9.67 -38.27 -2.12
N ALA D 512 -10.03 -39.39 -1.51
CA ALA D 512 -9.95 -39.48 -0.07
C ALA D 512 -9.44 -40.86 0.39
N THR D 513 -8.87 -40.89 1.59
CA THR D 513 -8.32 -42.07 2.25
C THR D 513 -8.93 -42.21 3.62
N GLN D 514 -9.32 -43.41 4.02
CA GLN D 514 -9.75 -43.64 5.40
C GLN D 514 -8.56 -43.59 6.37
N TYR D 515 -7.41 -44.09 5.93
CA TYR D 515 -6.13 -44.00 6.65
C TYR D 515 -5.55 -42.58 6.67
N HIS D 516 -4.48 -42.43 7.47
CA HIS D 516 -3.70 -41.22 7.68
C HIS D 516 -2.31 -41.29 7.01
N PRO D 517 -2.22 -40.99 5.70
CA PRO D 517 -0.97 -41.14 4.94
C PRO D 517 0.18 -40.25 5.45
N GLU D 518 -0.12 -39.16 6.14
CA GLU D 518 0.85 -38.28 6.78
C GLU D 518 1.63 -39.00 7.88
N TYR D 519 1.17 -40.16 8.34
CA TYR D 519 1.97 -41.02 9.22
C TYR D 519 3.03 -41.84 8.47
N THR D 520 3.17 -41.69 7.15
CA THR D 520 4.24 -42.36 6.41
C THR D 520 4.89 -41.49 5.33
N SER D 521 4.59 -40.20 5.31
CA SER D 521 5.35 -39.24 4.50
C SER D 521 6.79 -39.08 5.00
N LYS D 522 7.79 -39.25 4.12
CA LYS D 522 9.22 -39.07 4.42
C LYS D 522 9.81 -37.95 3.56
N VAL D 523 10.86 -37.29 4.05
CA VAL D 523 11.46 -36.11 3.38
C VAL D 523 11.95 -36.45 1.97
N LEU D 524 12.49 -37.66 1.76
CA LEU D 524 12.95 -38.14 0.45
C LEU D 524 11.97 -39.11 -0.25
N ASP D 525 10.92 -39.55 0.44
CA ASP D 525 9.83 -40.37 -0.10
C ASP D 525 8.47 -39.83 0.38
N PRO D 526 7.89 -38.84 -0.31
CA PRO D 526 6.62 -38.23 0.10
C PRO D 526 5.44 -39.22 -0.01
N SER D 527 4.48 -39.15 0.92
CA SER D 527 3.29 -40.02 0.92
C SER D 527 2.39 -39.71 -0.28
N LYS D 528 2.12 -40.70 -1.13
CA LYS D 528 1.51 -40.50 -2.46
C LYS D 528 0.22 -39.66 -2.51
N PRO D 529 -0.75 -39.78 -1.58
CA PRO D 529 -2.01 -39.01 -1.64
C PRO D 529 -1.81 -37.50 -1.51
N PHE D 530 -0.83 -37.11 -0.70
CA PHE D 530 -0.41 -35.72 -0.59
C PHE D 530 0.43 -35.29 -1.79
N LEU D 531 1.33 -36.13 -2.33
CA LEU D 531 2.03 -35.74 -3.55
C LEU D 531 1.07 -35.41 -4.67
N GLY D 532 0.05 -36.24 -4.87
CA GLY D 532 -0.99 -35.97 -5.86
C GLY D 532 -1.74 -34.66 -5.62
N LEU D 533 -2.10 -34.35 -4.37
CA LEU D 533 -2.76 -33.07 -4.03
C LEU D 533 -1.89 -31.88 -4.40
N VAL D 534 -0.62 -31.86 -4.06
CA VAL D 534 0.25 -30.75 -4.43
C VAL D 534 0.45 -30.72 -5.94
N ALA D 535 0.79 -31.84 -6.56
CA ALA D 535 1.06 -31.87 -7.99
C ALA D 535 -0.15 -31.44 -8.83
N ALA D 536 -1.36 -31.83 -8.48
CA ALA D 536 -2.54 -31.37 -9.17
C ALA D 536 -2.86 -29.90 -8.86
N SER D 537 -2.59 -29.41 -7.66
CA SER D 537 -2.71 -27.98 -7.34
C SER D 537 -1.73 -27.14 -8.17
N ALA D 538 -0.54 -27.67 -8.44
CA ALA D 538 0.44 -27.12 -9.37
C ALA D 538 0.10 -27.34 -10.86
N GLY D 539 -0.92 -28.14 -11.17
CA GLY D 539 -1.32 -28.45 -12.53
C GLY D 539 -0.32 -29.32 -13.29
N ILE D 540 0.51 -30.07 -12.57
CA ILE D 540 1.65 -30.84 -13.10
C ILE D 540 1.54 -32.36 -12.84
N LEU D 541 0.39 -32.82 -12.35
CA LEU D 541 0.17 -34.20 -11.87
C LEU D 541 0.61 -35.26 -12.88
N GLN D 542 0.27 -35.09 -14.15
CA GLN D 542 0.67 -36.02 -15.21
C GLN D 542 2.19 -36.26 -15.23
N ASP D 543 2.96 -35.17 -15.14
CA ASP D 543 4.40 -35.20 -15.35
C ASP D 543 5.14 -35.73 -14.13
N VAL D 544 4.56 -35.55 -12.93
CA VAL D 544 5.02 -36.19 -11.69
C VAL D 544 4.81 -37.70 -11.77
N ILE D 545 3.68 -38.17 -12.30
CA ILE D 545 3.42 -39.60 -12.49
C ILE D 545 4.36 -40.17 -13.56
N GLU D 546 4.58 -39.45 -14.65
CA GLU D 546 5.48 -39.84 -15.73
C GLU D 546 6.97 -39.79 -15.34
N GLY D 547 7.34 -39.09 -14.26
CA GLY D 547 8.66 -39.14 -13.64
C GLY D 547 9.57 -37.93 -13.86
N LYS D 548 9.03 -36.77 -14.24
CA LYS D 548 9.80 -35.52 -14.48
C LYS D 548 10.37 -34.86 -13.21
N TYR D 549 10.23 -35.49 -12.04
CA TYR D 549 10.56 -34.91 -10.73
C TYR D 549 11.18 -35.88 -9.72
N ASP D 550 11.56 -37.11 -10.10
CA ASP D 550 12.41 -37.95 -9.26
C ASP D 550 13.81 -37.35 -9.05
N LEU D 551 14.42 -37.58 -7.89
CA LEU D 551 15.57 -36.79 -7.43
C LEU D 551 16.92 -37.25 -8.00
N GLU D 552 16.98 -38.43 -8.62
CA GLU D 552 18.15 -38.98 -9.31
C GLU D 552 17.71 -39.63 -10.65
N ALA D 553 18.48 -39.48 -11.74
CA ALA D 553 18.10 -40.06 -13.04
C ALA D 553 18.04 -41.60 -13.01
N MET E 1 -47.81 29.14 -24.25
CA MET E 1 -47.05 28.18 -23.42
C MET E 1 -45.55 28.42 -23.54
N LYS E 2 -44.77 28.11 -22.50
CA LYS E 2 -43.31 28.23 -22.52
C LYS E 2 -42.63 26.96 -23.05
N TYR E 3 -41.46 27.10 -23.65
CA TYR E 3 -40.73 25.94 -24.18
C TYR E 3 -39.21 26.09 -24.00
N VAL E 4 -38.48 25.00 -23.80
CA VAL E 4 -37.02 24.99 -23.68
C VAL E 4 -36.44 23.91 -24.57
N VAL E 5 -35.75 24.24 -25.64
CA VAL E 5 -34.98 23.24 -26.39
C VAL E 5 -33.69 22.89 -25.65
N VAL E 6 -33.32 21.62 -25.65
CA VAL E 6 -31.98 21.14 -25.36
C VAL E 6 -31.47 20.42 -26.58
N SER E 7 -30.31 20.78 -27.08
CA SER E 7 -29.79 20.27 -28.37
C SER E 7 -28.26 20.25 -28.40
N GLY E 8 -27.66 19.78 -29.48
CA GLY E 8 -26.32 20.27 -29.86
C GLY E 8 -25.12 19.32 -29.83
N GLY E 9 -23.95 19.94 -30.01
CA GLY E 9 -22.61 19.35 -29.82
C GLY E 9 -21.90 18.94 -31.12
N VAL E 10 -20.60 18.66 -31.05
CA VAL E 10 -19.84 17.96 -32.12
C VAL E 10 -19.87 16.43 -32.03
N ILE E 11 -20.49 15.85 -31.02
CA ILE E 11 -20.55 14.40 -30.78
C ILE E 11 -21.92 14.03 -30.24
N SER E 12 -22.43 12.86 -30.61
CA SER E 12 -23.52 12.21 -29.88
C SER E 12 -22.97 11.62 -28.57
N GLY E 13 -23.75 11.58 -27.50
CA GLY E 13 -23.33 11.08 -26.19
C GLY E 13 -22.73 12.13 -25.23
N ILE E 14 -22.87 13.41 -25.56
CA ILE E 14 -22.30 14.55 -24.84
C ILE E 14 -22.91 14.82 -23.46
N GLY E 15 -24.16 14.45 -23.20
CA GLY E 15 -24.83 14.69 -21.90
C GLY E 15 -26.24 15.27 -21.91
N LYS E 16 -26.96 15.35 -23.00
CA LYS E 16 -28.25 16.02 -23.18
C LYS E 16 -29.27 15.69 -22.09
N GLY E 17 -29.77 14.48 -22.02
CA GLY E 17 -30.80 14.07 -21.10
C GLY E 17 -30.69 14.53 -19.67
N VAL E 18 -29.53 14.50 -19.06
CA VAL E 18 -29.20 14.95 -17.70
C VAL E 18 -29.37 16.45 -17.64
N LEU E 19 -29.04 17.17 -18.68
CA LEU E 19 -29.18 18.62 -18.86
C LEU E 19 -30.64 18.93 -19.14
N ALA E 20 -31.39 18.02 -19.67
CA ALA E 20 -32.77 18.11 -20.09
C ALA E 20 -33.71 17.94 -18.92
N SER E 21 -33.95 16.73 -18.46
CA SER E 21 -34.85 16.40 -17.38
C SER E 21 -34.37 17.16 -16.16
N SER E 22 -33.09 17.15 -15.89
CA SER E 22 -32.56 17.99 -14.80
C SER E 22 -32.96 19.48 -14.87
N THR E 23 -33.04 20.12 -16.02
CA THR E 23 -33.55 21.46 -16.26
C THR E 23 -35.02 21.46 -15.93
N GLY E 24 -35.75 20.43 -16.31
CA GLY E 24 -37.15 20.23 -16.09
C GLY E 24 -37.53 19.97 -14.67
N MET E 25 -36.68 19.34 -13.88
CA MET E 25 -36.88 19.18 -12.44
C MET E 25 -36.89 20.54 -11.80
N LEU E 26 -35.93 21.35 -12.23
CA LEU E 26 -35.78 22.69 -11.73
C LEU E 26 -36.98 23.56 -12.09
N MET E 27 -37.61 23.34 -13.25
CA MET E 27 -38.83 24.09 -13.56
C MET E 27 -39.92 23.78 -12.53
N LYS E 28 -40.03 22.52 -12.11
CA LYS E 28 -40.93 22.10 -11.03
C LYS E 28 -40.61 22.70 -9.66
N THR E 29 -39.33 23.00 -9.43
CA THR E 29 -38.88 23.71 -8.23
C THR E 29 -39.59 25.06 -8.10
N LEU E 30 -39.82 25.74 -9.23
CA LEU E 30 -40.55 26.99 -9.25
C LEU E 30 -42.06 26.78 -9.02
N GLY E 31 -42.51 25.52 -8.89
CA GLY E 31 -43.90 25.11 -8.70
C GLY E 31 -44.65 24.81 -10.01
N LEU E 32 -43.94 24.77 -11.14
CA LEU E 32 -44.53 24.74 -12.48
C LEU E 32 -45.10 23.37 -12.86
N LYS E 33 -46.16 23.35 -13.68
CA LYS E 33 -46.59 22.16 -14.41
C LYS E 33 -45.64 21.92 -15.55
N VAL E 34 -45.06 20.73 -15.66
CA VAL E 34 -43.95 20.50 -16.62
C VAL E 34 -44.15 19.23 -17.42
N THR E 35 -43.66 19.24 -18.65
CA THR E 35 -43.71 18.13 -19.59
C THR E 35 -42.42 18.05 -20.38
N SER E 36 -42.23 16.98 -21.14
CA SER E 36 -41.02 16.76 -21.92
C SER E 36 -41.30 16.00 -23.20
N ILE E 37 -40.62 16.33 -24.28
CA ILE E 37 -40.71 15.62 -25.56
C ILE E 37 -39.32 15.24 -25.99
N LYS E 38 -39.08 13.99 -26.37
CA LYS E 38 -37.80 13.63 -26.99
C LYS E 38 -38.00 13.43 -28.47
N ILE E 39 -37.22 14.19 -29.22
CA ILE E 39 -37.16 14.11 -30.66
C ILE E 39 -36.00 13.20 -31.02
N ASP E 40 -36.31 12.09 -31.67
CA ASP E 40 -35.32 11.11 -32.08
C ASP E 40 -35.05 11.10 -33.57
N PRO E 41 -33.78 11.28 -33.98
CA PRO E 41 -33.51 11.26 -35.40
C PRO E 41 -33.57 9.88 -36.06
N TYR E 42 -33.63 8.78 -35.31
CA TYR E 42 -33.69 7.46 -35.93
C TYR E 42 -35.03 7.18 -36.62
N MET E 43 -35.05 6.16 -37.48
CA MET E 43 -36.21 5.84 -38.30
C MET E 43 -37.13 4.74 -37.77
N ASN E 44 -36.81 4.06 -36.67
CA ASN E 44 -37.78 3.20 -36.03
C ASN E 44 -38.98 4.05 -35.55
N ILE E 45 -40.20 3.57 -35.80
CA ILE E 45 -41.41 4.22 -35.27
C ILE E 45 -41.55 4.01 -33.77
N ASP E 46 -41.11 2.87 -33.25
CA ASP E 46 -41.11 2.52 -31.83
C ASP E 46 -40.03 1.48 -31.49
N ALA E 47 -39.79 1.26 -30.20
CA ALA E 47 -38.82 0.28 -29.74
C ALA E 47 -39.33 -1.16 -29.76
N GLY E 48 -40.59 -1.40 -30.14
CA GLY E 48 -41.14 -2.75 -30.13
C GLY E 48 -40.46 -3.67 -31.14
N THR E 49 -39.98 -3.12 -32.26
CA THR E 49 -39.14 -3.85 -33.22
C THR E 49 -37.68 -3.97 -32.76
N MET E 50 -37.25 -3.12 -31.83
CA MET E 50 -35.84 -2.99 -31.47
C MET E 50 -35.46 -4.01 -30.40
N SER E 51 -34.59 -4.96 -30.74
CA SER E 51 -34.02 -5.91 -29.79
C SER E 51 -33.16 -5.19 -28.73
N PRO E 52 -33.28 -5.50 -27.43
CA PRO E 52 -32.55 -4.77 -26.38
C PRO E 52 -31.01 -4.79 -26.47
N LEU E 53 -30.44 -5.63 -27.33
CA LEU E 53 -29.01 -5.69 -27.64
C LEU E 53 -28.42 -4.34 -28.04
N GLU E 54 -29.19 -3.54 -28.77
CA GLU E 54 -28.76 -2.25 -29.29
C GLU E 54 -29.89 -1.23 -29.12
N HIS E 55 -29.50 0.00 -28.81
CA HIS E 55 -30.35 1.03 -28.20
C HIS E 55 -30.94 0.64 -26.82
N GLY E 56 -30.64 -0.56 -26.33
CA GLY E 56 -30.95 -0.97 -24.96
C GLY E 56 -32.44 -1.26 -24.71
N GLU E 57 -32.77 -1.20 -23.44
CA GLU E 57 -34.05 -1.51 -22.80
C GLU E 57 -35.27 -0.78 -23.41
N CYS E 58 -36.29 -1.51 -23.89
CA CYS E 58 -37.54 -0.93 -24.39
C CYS E 58 -38.39 -0.37 -23.22
N PHE E 59 -38.25 0.91 -22.89
CA PHE E 59 -38.99 1.50 -21.78
C PHE E 59 -40.51 1.44 -21.99
N VAL E 60 -41.29 1.19 -20.95
CA VAL E 60 -42.75 1.07 -21.11
C VAL E 60 -43.64 2.08 -20.34
N LEU E 61 -44.52 2.65 -21.12
CA LEU E 61 -45.47 3.65 -20.67
C LEU E 61 -46.59 3.06 -19.82
N ASP E 62 -47.26 3.98 -19.12
CA ASP E 62 -48.62 3.80 -18.64
C ASP E 62 -49.55 3.33 -19.78
N ASP E 63 -49.54 4.02 -20.94
CA ASP E 63 -50.25 3.62 -22.16
C ASP E 63 -49.69 2.38 -22.87
N GLY E 64 -48.67 1.72 -22.32
CA GLY E 64 -48.18 0.42 -22.80
C GLY E 64 -47.42 0.39 -24.13
N GLY E 65 -47.10 1.55 -24.68
CA GLY E 65 -46.13 1.66 -25.77
C GLY E 65 -44.70 1.36 -25.32
N GLU E 66 -43.99 0.55 -26.11
CA GLU E 66 -42.54 0.33 -26.02
C GLU E 66 -41.79 1.51 -26.64
N THR E 67 -41.46 2.47 -25.79
CA THR E 67 -40.79 3.77 -26.16
C THR E 67 -39.29 3.66 -26.23
N ASP E 68 -38.69 4.74 -26.76
CA ASP E 68 -37.31 5.10 -26.43
C ASP E 68 -37.07 4.99 -24.92
N LEU E 69 -35.94 4.41 -24.57
CA LEU E 69 -35.50 4.26 -23.21
C LEU E 69 -35.48 5.58 -22.45
N ASP E 70 -34.93 6.62 -23.06
CA ASP E 70 -34.58 7.85 -22.36
C ASP E 70 -35.79 8.59 -21.80
N LEU E 71 -37.00 8.35 -22.32
CA LEU E 71 -38.20 8.90 -21.71
C LEU E 71 -38.32 8.54 -20.24
N GLY E 72 -37.87 7.35 -19.86
CA GLY E 72 -37.80 6.98 -18.45
C GLY E 72 -37.05 8.02 -17.64
N ASN E 73 -36.00 8.61 -18.18
CA ASN E 73 -35.17 9.60 -17.48
C ASN E 73 -36.04 10.79 -17.11
N TYR E 74 -37.10 11.09 -17.82
CA TYR E 74 -38.04 12.21 -17.66
C TYR E 74 -39.16 11.88 -16.72
N GLU E 75 -39.56 10.62 -16.66
CA GLU E 75 -40.63 10.25 -15.76
C GLU E 75 -40.07 10.32 -14.34
N ARG E 76 -38.80 9.90 -14.18
CA ARG E 76 -38.01 9.92 -12.94
C ARG E 76 -37.80 11.33 -12.39
N TYR E 77 -37.26 12.20 -13.23
CA TYR E 77 -36.76 13.52 -12.85
C TYR E 77 -37.86 14.57 -12.69
N LEU E 78 -39.03 14.37 -13.29
CA LEU E 78 -40.20 15.24 -13.27
C LEU E 78 -41.32 14.69 -12.40
N GLY E 79 -41.53 13.38 -12.39
CA GLY E 79 -42.69 12.78 -11.75
C GLY E 79 -43.95 12.98 -12.60
N VAL E 80 -43.89 12.50 -13.84
CA VAL E 80 -44.96 12.69 -14.84
C VAL E 80 -45.25 11.40 -15.59
N THR E 81 -46.49 11.24 -16.04
CA THR E 81 -46.87 10.14 -16.94
C THR E 81 -46.88 10.63 -18.38
N LEU E 82 -45.90 10.22 -19.18
CA LEU E 82 -45.87 10.55 -20.60
C LEU E 82 -46.74 9.58 -21.41
N THR E 83 -46.78 9.76 -22.73
CA THR E 83 -47.59 8.97 -23.66
C THR E 83 -46.77 8.57 -24.89
N LYS E 84 -47.28 7.67 -25.74
CA LYS E 84 -46.57 7.23 -26.95
C LYS E 84 -46.25 8.37 -27.91
N ASP E 85 -47.00 9.48 -27.84
CA ASP E 85 -46.77 10.67 -28.67
C ASP E 85 -45.62 11.55 -28.19
N HIS E 86 -45.17 11.48 -26.93
CA HIS E 86 -44.04 12.27 -26.43
C HIS E 86 -42.68 11.85 -26.97
N ASN E 87 -42.61 10.73 -27.68
CA ASN E 87 -41.40 10.32 -28.38
C ASN E 87 -41.60 10.53 -29.88
N ILE E 88 -41.30 11.73 -30.36
CA ILE E 88 -41.25 12.02 -31.79
C ILE E 88 -40.07 11.26 -32.39
N THR E 89 -40.23 10.61 -33.53
CA THR E 89 -39.10 9.98 -34.23
C THR E 89 -39.18 10.26 -35.72
N THR E 90 -38.06 10.20 -36.42
CA THR E 90 -38.05 10.43 -37.87
C THR E 90 -38.95 9.45 -38.61
N GLY E 91 -39.00 8.19 -38.20
CA GLY E 91 -39.92 7.23 -38.80
C GLY E 91 -41.38 7.50 -38.48
N LYS E 92 -41.66 8.06 -37.31
CA LYS E 92 -43.02 8.36 -36.87
C LYS E 92 -43.59 9.54 -37.65
N ILE E 93 -42.81 10.60 -37.86
CA ILE E 93 -43.30 11.79 -38.56
C ILE E 93 -43.31 11.63 -40.07
N TYR E 94 -42.37 10.95 -40.71
CA TYR E 94 -42.55 10.61 -42.13
C TYR E 94 -43.79 9.74 -42.35
N SER E 95 -44.09 8.78 -41.48
CA SER E 95 -45.32 7.97 -41.58
C SER E 95 -46.58 8.80 -41.47
N HIS E 96 -46.63 9.76 -40.56
CA HIS E 96 -47.82 10.59 -40.33
C HIS E 96 -48.10 11.52 -41.51
N VAL E 97 -47.09 12.20 -42.05
CA VAL E 97 -47.26 13.00 -43.27
C VAL E 97 -47.55 12.14 -44.50
N ILE E 98 -46.90 10.99 -44.68
CA ILE E 98 -47.24 10.07 -45.77
C ILE E 98 -48.65 9.50 -45.64
N ALA E 99 -49.19 9.30 -44.44
CA ALA E 99 -50.59 8.89 -44.31
C ALA E 99 -51.54 9.98 -44.83
N LYS E 100 -51.33 11.21 -44.40
CA LYS E 100 -52.09 12.38 -44.88
C LYS E 100 -51.95 12.59 -46.40
N GLU E 101 -50.80 12.26 -47.00
CA GLU E 101 -50.60 12.30 -48.45
C GLU E 101 -51.51 11.34 -49.22
N ARG E 102 -51.69 10.10 -48.75
CA ARG E 102 -52.56 9.11 -49.42
C ARG E 102 -54.04 9.26 -49.07
N LYS E 103 -54.36 9.76 -47.88
CA LYS E 103 -55.71 10.22 -47.54
C LYS E 103 -56.11 11.46 -48.35
N GLY E 104 -55.13 12.23 -48.81
CA GLY E 104 -55.33 13.41 -49.64
C GLY E 104 -55.61 14.69 -48.85
N ASP E 105 -55.18 14.78 -47.58
CA ASP E 105 -55.43 15.94 -46.71
C ASP E 105 -54.70 17.20 -47.17
N TYR E 106 -53.73 17.09 -48.07
CA TYR E 106 -53.05 18.21 -48.74
C TYR E 106 -53.79 18.75 -49.97
N LEU E 107 -55.06 18.37 -50.21
CA LEU E 107 -55.91 18.95 -51.26
C LEU E 107 -55.22 18.93 -52.64
N GLY E 108 -54.51 17.85 -52.93
CA GLY E 108 -53.83 17.63 -54.19
C GLY E 108 -52.62 18.53 -54.46
N LYS E 109 -52.18 19.38 -53.52
CA LYS E 109 -50.87 20.05 -53.63
C LYS E 109 -49.76 19.01 -53.66
N THR E 110 -48.57 19.31 -54.19
CA THR E 110 -47.40 18.51 -53.85
C THR E 110 -46.99 18.80 -52.41
N VAL E 111 -46.53 17.77 -51.69
CA VAL E 111 -46.17 17.86 -50.28
C VAL E 111 -44.66 17.75 -50.16
N GLN E 112 -44.07 18.66 -49.39
CA GLN E 112 -42.65 18.98 -49.43
C GLN E 112 -42.05 18.88 -48.03
N ILE E 113 -40.74 18.69 -47.91
CA ILE E 113 -40.14 18.68 -46.57
C ILE E 113 -40.26 20.05 -45.93
N VAL E 114 -40.12 21.13 -46.70
CA VAL E 114 -40.49 22.48 -46.28
C VAL E 114 -41.51 23.05 -47.26
N PRO E 115 -42.67 23.58 -46.83
CA PRO E 115 -43.10 23.79 -45.46
C PRO E 115 -43.92 22.64 -44.86
N HIS E 116 -44.41 21.65 -45.60
CA HIS E 116 -45.41 20.72 -45.07
C HIS E 116 -44.91 19.85 -43.93
N LEU E 117 -43.77 19.16 -44.08
CA LEU E 117 -43.24 18.35 -42.98
C LEU E 117 -42.74 19.19 -41.81
N THR E 118 -42.12 20.34 -42.04
CA THR E 118 -41.70 21.21 -40.93
C THR E 118 -42.89 21.84 -40.21
N ASN E 119 -44.03 22.04 -40.86
CA ASN E 119 -45.28 22.35 -40.20
C ASN E 119 -45.77 21.16 -39.39
N ALA E 120 -45.73 19.94 -39.90
CA ALA E 120 -46.16 18.76 -39.15
C ALA E 120 -45.41 18.62 -37.82
N ILE E 121 -44.09 18.79 -37.81
CA ILE E 121 -43.29 18.74 -36.60
C ILE E 121 -43.71 19.83 -35.60
N GLN E 122 -43.89 21.07 -36.02
CA GLN E 122 -44.39 22.13 -35.13
C GLN E 122 -45.79 21.82 -34.60
N ASP E 123 -46.68 21.35 -35.46
CA ASP E 123 -48.04 21.00 -35.08
C ASP E 123 -48.06 19.79 -34.12
N TRP E 124 -47.09 18.88 -34.19
CA TRP E 124 -46.91 17.79 -33.22
C TRP E 124 -46.40 18.30 -31.88
N ILE E 125 -45.35 19.11 -31.84
CA ILE E 125 -44.83 19.65 -30.59
C ILE E 125 -45.89 20.45 -29.84
N GLU E 126 -46.58 21.38 -30.49
CA GLU E 126 -47.61 22.15 -29.81
C GLU E 126 -48.87 21.32 -29.51
N ARG E 127 -49.14 20.22 -30.24
CA ARG E 127 -50.21 19.28 -29.88
C ARG E 127 -49.87 18.60 -28.58
N VAL E 128 -48.73 17.94 -28.52
CA VAL E 128 -48.31 17.12 -27.38
C VAL E 128 -48.09 17.97 -26.13
N ALA E 129 -47.59 19.18 -26.26
CA ALA E 129 -47.37 20.08 -25.13
C ALA E 129 -48.67 20.54 -24.43
N LYS E 130 -49.86 20.29 -24.99
CA LYS E 130 -51.15 20.48 -24.29
C LYS E 130 -51.50 19.37 -23.30
N ILE E 131 -51.00 18.15 -23.52
CA ILE E 131 -51.44 16.96 -22.77
C ILE E 131 -51.08 17.11 -21.28
N PRO E 132 -52.01 16.89 -20.34
CA PRO E 132 -51.79 17.09 -18.90
C PRO E 132 -51.09 15.88 -18.26
N VAL E 133 -49.77 15.82 -18.37
CA VAL E 133 -48.94 14.70 -17.87
C VAL E 133 -48.71 14.70 -16.35
N ASP E 134 -49.14 15.76 -15.67
CA ASP E 134 -48.76 16.13 -14.31
C ASP E 134 -49.81 15.73 -13.25
N ASP E 135 -49.53 15.96 -11.97
CA ASP E 135 -50.36 15.53 -10.82
C ASP E 135 -51.72 16.25 -10.69
N THR E 136 -52.10 17.10 -11.61
CA THR E 136 -53.46 17.59 -11.79
C THR E 136 -53.71 17.87 -13.27
N GLY E 137 -54.94 17.75 -13.73
CA GLY E 137 -55.32 17.71 -15.14
C GLY E 137 -55.14 19.00 -15.95
N MET E 138 -54.48 20.04 -15.44
CA MET E 138 -54.16 21.23 -16.21
C MET E 138 -53.04 20.99 -17.23
N GLU E 139 -53.12 21.72 -18.34
CA GLU E 139 -52.05 21.68 -19.34
C GLU E 139 -50.71 22.20 -18.78
N PRO E 140 -49.56 21.64 -19.17
CA PRO E 140 -48.25 22.08 -18.71
C PRO E 140 -47.94 23.56 -18.99
N ASP E 141 -47.15 24.17 -18.12
CA ASP E 141 -46.73 25.56 -18.26
C ASP E 141 -45.48 25.64 -19.14
N VAL E 142 -44.58 24.65 -19.01
CA VAL E 142 -43.33 24.57 -19.76
C VAL E 142 -43.14 23.17 -20.34
N CYS E 143 -42.59 23.11 -21.55
CA CYS E 143 -42.20 21.86 -22.19
C CYS E 143 -40.69 21.83 -22.46
N ILE E 144 -39.99 20.81 -22.01
CA ILE E 144 -38.57 20.59 -22.33
C ILE E 144 -38.49 19.75 -23.59
N ILE E 145 -37.93 20.26 -24.68
CA ILE E 145 -37.81 19.54 -25.95
C ILE E 145 -36.36 19.11 -26.12
N GLU E 146 -36.06 17.83 -26.08
CA GLU E 146 -34.69 17.36 -26.33
C GLU E 146 -34.57 16.90 -27.76
N LEU E 147 -33.69 17.54 -28.51
CA LEU E 147 -33.37 17.21 -29.89
C LEU E 147 -32.19 16.23 -29.89
N GLY E 148 -32.43 14.95 -30.19
CA GLY E 148 -31.38 13.96 -30.35
C GLY E 148 -30.52 14.15 -31.59
N GLY E 149 -29.51 13.31 -31.73
CA GLY E 149 -28.47 13.44 -32.75
C GLY E 149 -27.58 14.65 -32.50
N THR E 150 -26.95 15.18 -33.55
CA THR E 150 -26.21 16.44 -33.49
C THR E 150 -26.67 17.40 -34.58
N VAL E 151 -26.70 18.69 -34.29
CA VAL E 151 -27.02 19.70 -35.30
C VAL E 151 -25.97 19.64 -36.42
N GLY E 152 -26.41 19.58 -37.67
CA GLY E 152 -25.53 19.34 -38.84
C GLY E 152 -25.47 17.88 -39.31
N ASP E 153 -26.26 17.02 -38.67
CA ASP E 153 -26.43 15.63 -39.16
C ASP E 153 -27.43 15.73 -40.33
N ILE E 154 -27.36 14.85 -41.35
CA ILE E 154 -28.36 14.82 -42.46
C ILE E 154 -29.62 14.14 -41.95
N GLU E 155 -29.65 13.64 -40.74
CA GLU E 155 -30.71 12.93 -40.03
C GLU E 155 -31.52 13.88 -39.18
N SER E 156 -30.93 14.94 -38.69
CA SER E 156 -31.46 15.94 -37.78
C SER E 156 -31.86 17.22 -38.48
N ALA E 157 -31.65 17.31 -39.80
CA ALA E 157 -31.88 18.57 -40.56
C ALA E 157 -33.38 18.94 -40.59
N PRO E 158 -34.36 18.03 -40.74
CA PRO E 158 -35.78 18.39 -40.70
C PRO E 158 -36.23 19.03 -39.39
N PHE E 159 -35.67 18.59 -38.26
CA PHE E 159 -36.05 19.09 -36.94
C PHE E 159 -35.48 20.46 -36.59
N VAL E 160 -34.24 20.77 -36.97
CA VAL E 160 -33.72 22.13 -36.78
C VAL E 160 -34.41 23.15 -37.69
N GLU E 161 -34.88 22.76 -38.88
CA GLU E 161 -35.81 23.60 -39.64
C GLU E 161 -37.12 23.80 -38.86
N ALA E 162 -37.75 22.73 -38.41
CA ALA E 162 -39.04 22.86 -37.75
C ALA E 162 -38.93 23.68 -36.46
N LEU E 163 -37.90 23.47 -35.66
CA LEU E 163 -37.64 24.26 -34.47
C LEU E 163 -37.33 25.72 -34.82
N ARG E 164 -36.58 26.04 -35.89
CA ARG E 164 -36.35 27.45 -36.27
C ARG E 164 -37.68 28.16 -36.51
N GLN E 165 -38.53 27.57 -37.35
CA GLN E 165 -39.85 28.13 -37.65
C GLN E 165 -40.68 28.22 -36.35
N PHE E 166 -40.52 27.28 -35.44
CA PHE E 166 -41.18 27.28 -34.14
C PHE E 166 -40.74 28.43 -33.24
N GLN E 167 -39.53 29.01 -33.41
CA GLN E 167 -39.13 30.22 -32.67
C GLN E 167 -39.98 31.45 -33.03
N PHE E 168 -40.82 31.36 -34.07
CA PHE E 168 -41.69 32.43 -34.54
C PHE E 168 -43.17 32.07 -34.37
N LYS E 169 -43.53 30.80 -34.59
CA LYS E 169 -44.89 30.30 -34.33
C LYS E 169 -45.23 30.42 -32.83
N VAL E 170 -44.28 30.04 -31.99
CA VAL E 170 -44.13 30.48 -30.60
C VAL E 170 -43.32 31.76 -30.60
N GLY E 171 -43.54 32.70 -29.68
CA GLY E 171 -42.71 33.91 -29.60
C GLY E 171 -41.33 33.72 -28.95
N LYS E 172 -40.38 34.60 -29.25
CA LYS E 172 -39.27 34.89 -28.32
C LYS E 172 -39.88 35.45 -27.02
N GLU E 173 -39.21 35.24 -25.89
CA GLU E 173 -39.82 35.34 -24.54
C GLU E 173 -40.92 34.29 -24.27
N ASN E 174 -41.09 33.28 -25.13
CA ASN E 174 -41.77 32.02 -24.81
C ASN E 174 -40.91 30.81 -25.13
N PHE E 175 -40.01 30.87 -26.10
CA PHE E 175 -39.06 29.82 -26.45
C PHE E 175 -37.63 30.20 -26.07
N ALA E 176 -36.83 29.26 -25.56
CA ALA E 176 -35.40 29.40 -25.31
C ALA E 176 -34.63 28.11 -25.64
N LEU E 177 -33.34 28.20 -25.93
CA LEU E 177 -32.51 27.04 -26.30
C LEU E 177 -31.25 26.92 -25.44
N ILE E 178 -30.97 25.72 -24.95
CA ILE E 178 -29.74 25.31 -24.30
C ILE E 178 -28.94 24.44 -25.28
N HIS E 179 -27.73 24.82 -25.64
CA HIS E 179 -26.90 24.03 -26.56
C HIS E 179 -25.79 23.37 -25.77
N VAL E 180 -25.66 22.06 -25.89
CA VAL E 180 -24.71 21.29 -25.09
C VAL E 180 -23.51 20.99 -25.96
N SER E 181 -22.28 21.30 -25.55
CA SER E 181 -21.12 21.31 -26.46
C SER E 181 -19.83 20.85 -25.80
N LEU E 182 -18.82 20.47 -26.59
CA LEU E 182 -17.62 19.80 -26.08
C LEU E 182 -16.47 20.78 -25.86
N VAL E 183 -15.83 20.73 -24.70
CA VAL E 183 -14.54 21.36 -24.45
C VAL E 183 -13.54 20.23 -24.23
N PRO E 184 -12.88 19.68 -25.27
CA PRO E 184 -11.89 18.65 -25.07
C PRO E 184 -10.69 19.24 -24.37
N VAL E 185 -10.13 18.53 -23.36
CA VAL E 185 -8.95 18.99 -22.56
C VAL E 185 -7.76 18.07 -22.89
N ILE E 186 -6.95 18.40 -23.91
CA ILE E 186 -5.74 17.61 -24.31
C ILE E 186 -4.53 18.55 -24.47
N HIS E 187 -3.31 18.05 -24.37
CA HIS E 187 -2.06 18.85 -24.58
C HIS E 187 -2.01 20.01 -23.58
N GLY E 188 -2.50 19.81 -22.34
CA GLY E 188 -2.41 20.83 -21.26
C GLY E 188 -3.21 22.11 -21.55
N GLU E 189 -4.42 22.02 -22.14
CA GLU E 189 -5.30 23.22 -22.36
C GLU E 189 -6.75 22.81 -22.67
N GLN E 190 -7.76 23.56 -22.17
CA GLN E 190 -9.21 23.32 -22.48
C GLN E 190 -9.48 24.00 -23.83
N LYS E 191 -9.69 23.25 -24.92
CA LYS E 191 -9.81 23.86 -26.25
C LYS E 191 -11.25 24.27 -26.55
N THR E 192 -11.48 25.51 -26.96
CA THR E 192 -12.83 26.02 -27.24
C THR E 192 -13.34 25.73 -28.64
N LYS E 193 -12.46 25.43 -29.60
CA LYS E 193 -12.83 25.42 -31.03
C LYS E 193 -13.95 24.47 -31.45
N PRO E 194 -14.16 23.27 -30.88
CA PRO E 194 -15.31 22.46 -31.25
C PRO E 194 -16.63 23.16 -30.90
N THR E 195 -16.69 23.92 -29.82
CA THR E 195 -17.85 24.78 -29.52
C THR E 195 -18.01 25.91 -30.52
N GLN E 196 -16.94 26.56 -30.98
CA GLN E 196 -17.05 27.58 -32.04
C GLN E 196 -17.58 27.00 -33.34
N ALA E 197 -17.01 25.90 -33.86
CA ALA E 197 -17.48 25.25 -35.09
C ALA E 197 -18.90 24.68 -34.99
N ALA E 198 -19.33 24.15 -33.85
CA ALA E 198 -20.72 23.69 -33.65
C ALA E 198 -21.71 24.82 -33.42
N ILE E 199 -21.28 25.98 -32.93
CA ILE E 199 -22.15 27.17 -32.83
C ILE E 199 -22.26 27.85 -34.18
N LYS E 200 -21.19 27.91 -34.98
CA LYS E 200 -21.26 28.25 -36.40
C LYS E 200 -22.27 27.37 -37.12
N GLY E 201 -22.22 26.05 -36.95
CA GLY E 201 -23.25 25.14 -37.45
C GLY E 201 -24.65 25.50 -36.96
N LEU E 202 -24.84 25.74 -35.66
CA LEU E 202 -26.14 26.08 -35.10
C LEU E 202 -26.73 27.34 -35.71
N ARG E 203 -25.98 28.45 -35.77
CA ARG E 203 -26.52 29.70 -36.34
C ARG E 203 -26.77 29.58 -37.84
N SER E 204 -26.06 28.72 -38.55
CA SER E 204 -26.32 28.46 -39.98
C SER E 204 -27.76 27.99 -40.20
N LEU E 205 -28.24 27.05 -39.39
CA LEU E 205 -29.62 26.53 -39.43
C LEU E 205 -30.65 27.44 -38.74
N GLY E 206 -30.18 28.40 -37.93
CA GLY E 206 -30.91 29.62 -37.58
C GLY E 206 -31.39 29.71 -36.14
N LEU E 207 -31.21 28.65 -35.37
CA LEU E 207 -31.40 28.65 -33.93
C LEU E 207 -30.30 29.49 -33.27
N VAL E 208 -30.59 30.19 -32.19
CA VAL E 208 -29.59 30.92 -31.39
C VAL E 208 -29.65 30.46 -29.94
N PRO E 209 -28.52 30.11 -29.31
CA PRO E 209 -28.51 29.55 -27.98
C PRO E 209 -28.63 30.65 -26.94
N ASP E 210 -29.55 30.49 -26.01
CA ASP E 210 -29.68 31.36 -24.85
C ASP E 210 -28.78 30.92 -23.70
N MET E 211 -28.33 29.68 -23.74
CA MET E 211 -27.26 29.13 -22.91
C MET E 211 -26.38 28.19 -23.71
N ILE E 212 -25.12 28.07 -23.30
CA ILE E 212 -24.27 26.97 -23.71
C ILE E 212 -23.98 26.15 -22.46
N ALA E 213 -23.92 24.84 -22.57
CA ALA E 213 -23.58 23.95 -21.48
C ALA E 213 -22.47 22.99 -21.88
N CYS E 214 -21.36 22.95 -21.16
CA CYS E 214 -20.20 22.20 -21.65
C CYS E 214 -20.03 20.82 -21.00
N ARG E 215 -19.88 19.79 -21.83
CA ARG E 215 -19.18 18.57 -21.45
C ARG E 215 -17.70 18.89 -21.39
N CYS E 216 -17.11 18.73 -20.22
CA CYS E 216 -15.68 18.93 -20.04
C CYS E 216 -15.16 17.95 -18.97
N SER E 217 -13.91 17.52 -19.11
CA SER E 217 -13.24 16.68 -18.11
C SER E 217 -12.94 17.44 -16.81
N GLU E 218 -13.10 18.76 -16.77
CA GLU E 218 -12.66 19.65 -15.71
C GLU E 218 -13.72 20.69 -15.31
N THR E 219 -13.48 21.44 -14.25
CA THR E 219 -14.15 22.74 -14.11
C THR E 219 -13.63 23.65 -15.23
N LEU E 220 -14.51 24.27 -16.03
CA LEU E 220 -14.08 25.24 -17.03
C LEU E 220 -13.26 26.35 -16.39
N ASP E 221 -12.10 26.65 -16.95
CA ASP E 221 -11.32 27.81 -16.56
C ASP E 221 -12.10 29.09 -16.84
N LYS E 222 -11.90 30.11 -16.00
CA LYS E 222 -12.40 31.47 -16.20
C LYS E 222 -12.15 31.99 -17.62
N PRO E 223 -10.94 31.88 -18.22
CA PRO E 223 -10.71 32.21 -19.63
C PRO E 223 -11.47 31.33 -20.63
N THR E 224 -11.76 30.06 -20.36
CA THR E 224 -12.53 29.22 -21.29
C THR E 224 -13.96 29.71 -21.40
N ILE E 225 -14.59 30.06 -20.29
CA ILE E 225 -15.92 30.70 -20.29
C ILE E 225 -15.88 32.00 -21.09
N ASP E 226 -14.87 32.85 -20.88
CA ASP E 226 -14.75 34.10 -21.62
C ASP E 226 -14.54 33.88 -23.12
N LYS E 227 -13.72 32.91 -23.53
CA LYS E 227 -13.46 32.61 -24.94
C LYS E 227 -14.59 31.86 -25.63
N ILE E 228 -15.49 31.19 -24.93
CA ILE E 228 -16.79 30.75 -25.49
C ILE E 228 -17.76 31.94 -25.60
N ALA E 229 -17.95 32.73 -24.55
CA ALA E 229 -18.89 33.86 -24.60
C ALA E 229 -18.46 34.99 -25.57
N MET E 230 -17.17 35.15 -25.87
CA MET E 230 -16.68 36.05 -26.93
C MET E 230 -17.00 35.55 -28.34
N PHE E 231 -17.50 34.33 -28.48
CA PHE E 231 -17.77 33.65 -29.77
C PHE E 231 -19.22 33.21 -29.94
N CYS E 232 -20.08 33.46 -28.96
CA CYS E 232 -21.49 33.11 -28.95
C CYS E 232 -22.33 34.24 -28.32
N HIS E 233 -23.62 34.28 -28.58
CA HIS E 233 -24.45 35.41 -28.15
C HIS E 233 -25.00 35.28 -26.71
N VAL E 234 -24.17 34.77 -25.80
CA VAL E 234 -24.48 34.50 -24.39
C VAL E 234 -23.60 35.34 -23.47
N GLY E 235 -24.08 35.78 -22.31
CA GLY E 235 -23.20 36.35 -21.29
C GLY E 235 -22.29 35.27 -20.70
N PRO E 236 -21.17 35.62 -20.04
CA PRO E 236 -20.29 34.63 -19.45
C PRO E 236 -20.95 33.82 -18.32
N GLU E 237 -22.02 34.33 -17.72
CA GLU E 237 -22.83 33.65 -16.69
C GLU E 237 -23.81 32.60 -17.24
N GLN E 238 -24.00 32.50 -18.57
CA GLN E 238 -24.79 31.46 -19.24
C GLN E 238 -23.94 30.44 -20.01
N VAL E 239 -22.64 30.35 -19.73
CA VAL E 239 -21.84 29.17 -20.09
C VAL E 239 -21.84 28.22 -18.91
N VAL E 240 -23.01 27.57 -18.76
CA VAL E 240 -23.21 26.54 -17.70
C VAL E 240 -22.10 25.50 -17.94
N ASN E 241 -21.61 24.83 -16.92
CA ASN E 241 -20.71 23.66 -17.06
C ASN E 241 -21.46 22.53 -16.35
N VAL E 242 -21.32 21.27 -16.76
CA VAL E 242 -21.93 20.14 -15.98
C VAL E 242 -20.74 19.20 -15.79
N HIS E 243 -19.96 19.42 -14.71
CA HIS E 243 -18.70 18.68 -14.45
C HIS E 243 -18.95 17.45 -13.58
N ASP E 244 -17.88 16.74 -13.21
CA ASP E 244 -17.94 15.60 -12.29
C ASP E 244 -18.57 15.99 -10.94
N VAL E 245 -19.54 15.20 -10.49
CA VAL E 245 -20.29 15.37 -9.23
C VAL E 245 -20.48 14.04 -8.53
N ASN E 246 -20.82 14.04 -7.25
CA ASN E 246 -20.85 12.83 -6.43
C ASN E 246 -21.81 11.78 -6.99
N SER E 247 -22.95 12.23 -7.51
CA SER E 247 -23.90 11.46 -8.29
C SER E 247 -24.68 12.34 -9.26
N THR E 248 -25.25 11.73 -10.29
CA THR E 248 -26.05 12.37 -11.34
C THR E 248 -27.13 13.29 -10.78
N TYR E 249 -27.82 12.91 -9.71
CA TYR E 249 -28.88 13.71 -9.12
C TYR E 249 -28.38 15.00 -8.44
N HIS E 250 -27.08 15.15 -8.19
CA HIS E 250 -26.53 16.44 -7.79
C HIS E 250 -26.58 17.44 -8.93
N VAL E 251 -26.61 16.98 -10.19
CA VAL E 251 -26.62 17.85 -11.36
C VAL E 251 -27.71 18.92 -11.32
N PRO E 252 -28.99 18.66 -11.03
CA PRO E 252 -29.96 19.76 -10.94
C PRO E 252 -29.57 20.81 -9.90
N LEU E 253 -29.04 20.39 -8.74
CA LEU E 253 -28.56 21.36 -7.76
C LEU E 253 -27.31 22.08 -8.29
N LEU E 254 -26.42 21.38 -9.00
CA LEU E 254 -25.32 22.00 -9.71
C LEU E 254 -25.80 23.09 -10.67
N LEU E 255 -26.81 22.81 -11.50
CA LEU E 255 -27.39 23.78 -12.42
C LEU E 255 -27.98 24.98 -11.66
N LEU E 256 -28.71 24.72 -10.58
CA LEU E 256 -29.24 25.74 -9.69
C LEU E 256 -28.11 26.62 -9.12
N GLU E 257 -27.04 25.99 -8.64
CA GLU E 257 -25.91 26.69 -8.03
C GLU E 257 -25.17 27.56 -9.04
N GLN E 258 -25.09 27.12 -10.30
CA GLN E 258 -24.59 27.89 -11.44
C GLN E 258 -25.58 28.96 -11.94
N LYS E 259 -26.60 29.31 -11.16
CA LYS E 259 -27.62 30.33 -11.47
C LYS E 259 -28.34 30.08 -12.80
N MET E 260 -28.47 28.83 -13.20
CA MET E 260 -29.08 28.48 -14.48
C MET E 260 -30.55 28.90 -14.53
N ILE E 261 -31.32 28.64 -13.48
CA ILE E 261 -32.74 29.03 -13.40
C ILE E 261 -32.94 30.51 -13.15
N ASP E 262 -32.05 31.18 -12.44
CA ASP E 262 -32.18 32.62 -12.21
C ASP E 262 -32.08 33.42 -13.52
N TYR E 263 -31.49 32.85 -14.56
CA TYR E 263 -31.62 33.34 -15.93
C TYR E 263 -32.93 32.89 -16.57
N LEU E 264 -33.27 31.59 -16.62
CA LEU E 264 -34.49 31.12 -17.30
C LEU E 264 -35.77 31.78 -16.77
N HIS E 265 -35.83 32.07 -15.48
CA HIS E 265 -36.91 32.87 -14.89
C HIS E 265 -37.12 34.20 -15.62
N ALA E 266 -36.06 34.94 -15.93
CA ALA E 266 -36.11 36.20 -16.67
C ALA E 266 -36.27 35.97 -18.17
N ARG E 267 -35.51 35.05 -18.76
CA ARG E 267 -35.44 34.78 -20.21
C ARG E 267 -36.74 34.22 -20.76
N LEU E 268 -37.46 33.46 -19.96
CA LEU E 268 -38.78 32.96 -20.29
C LEU E 268 -39.87 33.64 -19.48
N LYS E 269 -39.54 34.66 -18.70
CA LYS E 269 -40.49 35.53 -18.03
C LYS E 269 -41.51 34.71 -17.21
N LEU E 270 -40.95 33.87 -16.36
CA LEU E 270 -41.67 32.84 -15.60
C LEU E 270 -42.37 33.42 -14.38
N ASP E 271 -41.99 34.63 -13.99
CA ASP E 271 -42.77 35.52 -13.12
C ASP E 271 -44.18 35.78 -13.66
N GLU E 272 -44.41 35.67 -14.98
CA GLU E 272 -45.76 35.74 -15.55
C GLU E 272 -46.63 34.53 -15.18
N ILE E 273 -46.04 33.42 -14.73
CA ILE E 273 -46.81 32.26 -14.27
C ILE E 273 -47.26 32.49 -12.82
N SER E 274 -48.46 33.05 -12.67
CA SER E 274 -49.11 33.33 -11.38
C SER E 274 -49.69 32.06 -10.73
N LEU E 275 -48.81 31.20 -10.22
CA LEU E 275 -49.15 29.95 -9.54
C LEU E 275 -50.07 30.16 -8.33
N THR E 276 -50.94 29.19 -8.03
CA THR E 276 -51.61 29.19 -6.71
C THR E 276 -50.59 28.95 -5.60
N GLU E 277 -50.92 29.32 -4.37
CA GLU E 277 -50.07 29.04 -3.21
C GLU E 277 -50.06 27.56 -2.81
N GLU E 278 -50.87 26.72 -3.44
CA GLU E 278 -50.67 25.26 -3.44
C GLU E 278 -49.72 24.79 -4.56
N GLU E 279 -49.42 25.63 -5.53
CA GLU E 279 -48.42 25.41 -6.54
C GLU E 279 -47.16 26.16 -6.17
N GLU E 280 -43.93 25.05 -1.48
CA GLU E 280 -43.40 24.06 -0.57
C GLU E 280 -42.92 22.79 -1.29
N LEU E 281 -43.48 22.42 -2.43
CA LEU E 281 -42.94 21.35 -3.26
C LEU E 281 -41.48 21.64 -3.62
N LEU E 282 -41.17 22.90 -3.92
CA LEU E 282 -39.81 23.43 -4.03
C LEU E 282 -39.00 23.08 -2.78
N SER E 283 -39.51 23.42 -1.61
CA SER E 283 -38.83 23.26 -0.32
C SER E 283 -38.59 21.79 -0.01
N LYS E 284 -39.71 21.04 0.07
CA LYS E 284 -39.68 19.57 0.29
C LYS E 284 -38.78 18.99 -0.81
N TRP E 285 -38.73 19.57 -2.03
CA TRP E 285 -37.78 19.07 -3.06
C TRP E 285 -36.38 19.51 -2.56
N LYS E 286 -35.99 20.78 -2.41
CA LYS E 286 -34.64 21.26 -1.93
C LYS E 286 -34.26 20.52 -0.64
N ALA E 287 -35.24 20.06 0.16
CA ALA E 287 -35.03 19.30 1.41
C ALA E 287 -34.47 17.96 0.94
N THR E 288 -35.06 17.25 -0.05
CA THR E 288 -34.72 15.86 -0.57
C THR E 288 -33.58 15.81 -1.63
N THR E 289 -33.19 16.91 -2.27
CA THR E 289 -31.94 17.07 -3.01
C THR E 289 -30.79 16.92 -2.06
N GLY E 290 -30.86 17.64 -0.95
CA GLY E 290 -30.00 17.42 0.19
C GLY E 290 -30.13 16.00 0.73
N ASN E 291 -31.32 15.47 0.93
CA ASN E 291 -31.49 14.19 1.60
C ASN E 291 -30.99 13.02 0.76
N PHE E 292 -31.01 13.14 -0.57
CA PHE E 292 -30.18 12.31 -1.42
C PHE E 292 -28.70 12.59 -1.10
N ASP E 293 -28.24 13.82 -1.32
CA ASP E 293 -26.83 14.16 -1.42
C ASP E 293 -26.03 13.97 -0.12
N GLU E 294 -26.66 14.14 1.01
CA GLU E 294 -26.11 14.06 2.36
C GLU E 294 -25.73 12.62 2.73
N THR E 295 -21.40 2.18 4.01
CA THR E 295 -21.63 1.48 2.73
C THR E 295 -22.50 0.23 2.85
N VAL E 296 -23.32 -0.04 1.83
CA VAL E 296 -23.96 -1.33 1.55
C VAL E 296 -23.37 -1.89 0.26
N LYS E 297 -22.83 -3.11 0.27
CA LYS E 297 -22.22 -3.74 -0.91
C LYS E 297 -23.23 -4.74 -1.50
N ILE E 298 -23.61 -4.63 -2.77
CA ILE E 298 -24.58 -5.55 -3.42
C ILE E 298 -23.93 -6.19 -4.64
N ALA E 299 -23.95 -7.51 -4.77
CA ALA E 299 -23.50 -8.16 -5.99
C ALA E 299 -24.69 -8.24 -6.95
N LEU E 300 -24.58 -7.61 -8.12
CA LEU E 300 -25.53 -7.76 -9.20
C LEU E 300 -24.96 -8.77 -10.18
N VAL E 301 -25.63 -9.90 -10.32
CA VAL E 301 -25.11 -11.08 -11.00
C VAL E 301 -25.95 -11.36 -12.23
N GLY E 302 -25.37 -11.25 -13.42
CA GLY E 302 -26.13 -11.49 -14.64
C GLY E 302 -25.26 -11.69 -15.87
N LYS E 303 -25.88 -11.81 -17.05
CA LYS E 303 -25.16 -11.87 -18.35
C LYS E 303 -24.58 -10.51 -18.73
N TYR E 304 -23.35 -10.50 -19.24
CA TYR E 304 -22.71 -9.34 -19.90
C TYR E 304 -22.83 -8.04 -19.09
N THR E 305 -22.60 -8.12 -17.79
CA THR E 305 -22.56 -6.94 -16.90
C THR E 305 -21.52 -5.89 -17.29
N ASN E 306 -20.59 -6.20 -18.18
CA ASN E 306 -19.70 -5.25 -18.84
C ASN E 306 -20.48 -4.13 -19.55
N LEU E 307 -21.65 -4.48 -20.06
CA LEU E 307 -22.58 -3.63 -20.79
C LEU E 307 -23.48 -2.89 -19.80
N LYS E 308 -22.90 -1.95 -19.06
CA LYS E 308 -23.55 -1.40 -17.85
C LYS E 308 -24.85 -0.62 -18.11
N ASP E 309 -25.02 -0.01 -19.27
CA ASP E 309 -26.31 0.62 -19.59
C ASP E 309 -27.47 -0.39 -19.67
N SER E 310 -27.19 -1.65 -19.97
CA SER E 310 -28.22 -2.70 -20.06
C SER E 310 -28.91 -2.99 -18.74
N TYR E 311 -28.35 -2.53 -17.62
CA TYR E 311 -28.91 -2.68 -16.29
C TYR E 311 -29.27 -1.36 -15.64
N LEU E 312 -29.34 -0.28 -16.42
CA LEU E 312 -29.47 1.07 -15.88
C LEU E 312 -30.64 1.23 -14.91
N SER E 313 -31.84 0.78 -15.26
CA SER E 313 -33.00 0.96 -14.37
C SER E 313 -32.76 0.30 -13.03
N VAL E 314 -32.15 -0.89 -13.05
CA VAL E 314 -31.76 -1.62 -11.85
C VAL E 314 -30.85 -0.76 -11.01
N ILE E 315 -29.85 -0.15 -11.63
CA ILE E 315 -28.94 0.72 -10.89
C ILE E 315 -29.70 1.88 -10.25
N LYS E 316 -30.53 2.56 -11.04
CA LYS E 316 -31.25 3.72 -10.51
C LYS E 316 -32.19 3.33 -9.37
N ALA E 317 -32.88 2.21 -9.50
CA ALA E 317 -33.73 1.72 -8.43
C ALA E 317 -32.96 1.48 -7.12
N LEU E 318 -31.78 0.86 -7.20
CA LEU E 318 -30.91 0.71 -6.04
C LEU E 318 -30.44 2.06 -5.48
N GLU E 319 -30.17 3.06 -6.31
CA GLU E 319 -29.81 4.39 -5.85
C GLU E 319 -30.95 5.06 -5.10
N HIS E 320 -32.18 5.02 -5.63
CA HIS E 320 -33.33 5.69 -4.99
C HIS E 320 -33.53 5.14 -3.58
N SER E 321 -33.51 3.82 -3.46
CA SER E 321 -33.67 3.13 -2.20
C SER E 321 -32.51 3.39 -1.24
N SER E 322 -31.27 3.40 -1.71
CA SER E 322 -30.10 3.65 -0.87
C SER E 322 -30.12 5.01 -0.19
N MET E 323 -30.65 6.04 -0.88
CA MET E 323 -30.83 7.35 -0.27
C MET E 323 -31.81 7.31 0.91
N LYS E 324 -32.87 6.50 0.85
CA LYS E 324 -33.83 6.33 1.97
C LYS E 324 -33.16 5.66 3.18
N CYS E 325 -32.36 4.62 2.96
CA CYS E 325 -31.55 3.97 4.00
C CYS E 325 -30.35 4.79 4.51
N ARG E 326 -30.12 5.97 3.91
CA ARG E 326 -29.01 6.89 4.15
C ARG E 326 -27.61 6.23 4.02
N ARG E 327 -27.51 5.14 3.26
CA ARG E 327 -26.30 4.32 3.10
C ARG E 327 -25.76 4.38 1.69
N LYS E 328 -24.44 4.39 1.56
CA LYS E 328 -23.73 4.54 0.30
C LYS E 328 -23.80 3.23 -0.47
N LEU E 329 -24.18 3.28 -1.74
CA LEU E 329 -24.35 2.08 -2.56
C LEU E 329 -23.05 1.70 -3.27
N ASP E 330 -22.68 0.44 -3.20
CA ASP E 330 -21.52 -0.10 -3.90
C ASP E 330 -21.89 -1.38 -4.66
N ILE E 331 -22.35 -1.23 -5.91
CA ILE E 331 -22.69 -2.37 -6.76
C ILE E 331 -21.41 -3.08 -7.20
N LYS E 332 -21.25 -4.36 -6.87
CA LYS E 332 -20.25 -5.22 -7.49
C LYS E 332 -20.88 -5.83 -8.74
N TRP E 333 -20.25 -5.64 -9.89
CA TRP E 333 -20.67 -6.22 -11.16
C TRP E 333 -20.04 -7.59 -11.36
N VAL E 334 -20.86 -8.63 -11.40
CA VAL E 334 -20.43 -10.01 -11.60
C VAL E 334 -20.94 -10.54 -12.93
N GLU E 335 -20.08 -11.01 -13.81
CA GLU E 335 -20.54 -11.82 -14.94
C GLU E 335 -20.96 -13.17 -14.40
N ALA E 336 -22.23 -13.54 -14.59
CA ALA E 336 -22.77 -14.78 -14.08
C ALA E 336 -22.00 -16.01 -14.56
N THR E 337 -21.57 -16.04 -15.81
CA THR E 337 -20.82 -17.18 -16.34
C THR E 337 -19.46 -17.39 -15.69
N ASP E 338 -18.85 -16.36 -15.10
CA ASP E 338 -17.57 -16.51 -14.39
C ASP E 338 -17.72 -17.22 -13.04
N LEU E 339 -18.92 -17.43 -12.53
CA LEU E 339 -19.16 -18.23 -11.33
C LEU E 339 -19.12 -19.72 -11.60
N GLU E 340 -19.24 -20.15 -12.85
CA GLU E 340 -19.46 -21.56 -13.19
C GLU E 340 -18.26 -22.46 -12.83
N PRO E 341 -18.47 -23.72 -12.41
CA PRO E 341 -17.41 -24.69 -12.20
C PRO E 341 -16.51 -24.95 -13.42
N GLU E 342 -17.03 -24.73 -14.62
CA GLU E 342 -16.25 -24.79 -15.88
C GLU E 342 -15.30 -23.59 -16.06
N ALA E 343 -15.68 -22.41 -15.58
CA ALA E 343 -14.85 -21.22 -15.71
C ALA E 343 -13.53 -21.38 -14.97
N GLN E 344 -13.49 -22.21 -13.91
CA GLN E 344 -12.30 -22.44 -13.09
C GLN E 344 -11.10 -22.99 -13.87
N GLU E 345 -11.32 -23.87 -14.85
CA GLU E 345 -10.23 -24.31 -15.74
C GLU E 345 -10.04 -23.40 -16.96
N SER E 346 -11.13 -22.77 -17.44
CA SER E 346 -11.10 -21.96 -18.67
C SER E 346 -10.42 -20.60 -18.47
N ASN E 347 -10.76 -19.89 -17.40
CA ASN E 347 -10.36 -18.50 -17.16
C ASN E 347 -10.26 -18.22 -15.65
N LYS E 348 -9.41 -18.96 -14.95
CA LYS E 348 -9.37 -19.06 -13.48
C LYS E 348 -9.35 -17.71 -12.77
N THR E 349 -8.59 -16.74 -13.27
CA THR E 349 -8.39 -15.44 -12.61
C THR E 349 -9.70 -14.70 -12.42
N LYS E 350 -10.50 -14.59 -13.49
CA LYS E 350 -11.79 -13.89 -13.44
C LYS E 350 -12.82 -14.63 -12.59
N PHE E 351 -12.74 -15.96 -12.57
CA PHE E 351 -13.56 -16.80 -11.70
C PHE E 351 -13.34 -16.50 -10.21
N ARG E 352 -12.10 -16.31 -9.76
CA ARG E 352 -11.84 -15.87 -8.39
C ARG E 352 -12.35 -14.44 -8.13
N GLU E 353 -12.20 -13.51 -9.07
CA GLU E 353 -12.75 -12.17 -8.89
C GLU E 353 -14.26 -12.20 -8.74
N ALA E 354 -14.95 -12.99 -9.55
CA ALA E 354 -16.40 -13.15 -9.47
C ALA E 354 -16.84 -13.73 -8.11
N TRP E 355 -16.18 -14.79 -7.65
CA TRP E 355 -16.52 -15.39 -6.37
C TRP E 355 -16.16 -14.53 -5.17
N ASN E 356 -15.08 -13.76 -5.21
CA ASN E 356 -14.82 -12.80 -4.14
C ASN E 356 -15.95 -11.78 -4.03
N MET E 357 -16.46 -11.25 -5.14
CA MET E 357 -17.58 -10.31 -5.12
C MET E 357 -18.80 -10.96 -4.48
N VAL E 358 -19.19 -12.17 -4.91
CA VAL E 358 -20.35 -12.89 -4.34
C VAL E 358 -20.19 -13.12 -2.84
N SER E 359 -18.99 -13.50 -2.40
CA SER E 359 -18.66 -13.75 -0.99
C SER E 359 -18.60 -12.51 -0.14
N THR E 360 -18.25 -11.37 -0.71
CA THR E 360 -18.14 -10.09 0.00
C THR E 360 -19.50 -9.45 0.24
N ALA E 361 -20.42 -9.56 -0.71
CA ALA E 361 -21.60 -8.71 -0.76
C ALA E 361 -22.57 -8.89 0.41
N ASP E 362 -23.14 -7.80 0.88
CA ASP E 362 -24.18 -7.76 1.90
C ASP E 362 -25.56 -8.14 1.35
N GLY E 363 -25.72 -8.17 0.04
CA GLY E 363 -26.93 -8.61 -0.64
C GLY E 363 -26.62 -9.17 -2.03
N ILE E 364 -27.47 -10.04 -2.55
CA ILE E 364 -27.36 -10.56 -3.90
C ILE E 364 -28.58 -10.12 -4.71
N LEU E 365 -28.38 -9.86 -5.99
CA LEU E 365 -29.39 -9.38 -6.90
C LEU E 365 -29.22 -10.06 -8.24
N ILE E 366 -30.22 -10.81 -8.68
CA ILE E 366 -30.26 -11.40 -10.01
C ILE E 366 -31.25 -10.56 -10.83
N PRO E 367 -30.81 -9.84 -11.86
CA PRO E 367 -31.49 -8.61 -12.29
C PRO E 367 -32.59 -8.78 -13.37
N GLY E 368 -32.90 -10.02 -13.79
CA GLY E 368 -33.79 -10.24 -14.94
C GLY E 368 -33.09 -10.18 -16.30
N GLY E 369 -32.01 -10.93 -16.45
CA GLY E 369 -31.15 -10.97 -17.65
C GLY E 369 -31.84 -11.45 -18.93
N PHE E 370 -31.13 -11.30 -20.04
CA PHE E 370 -31.56 -11.62 -21.40
C PHE E 370 -30.94 -12.93 -21.85
N GLY E 371 -31.76 -13.87 -22.32
CA GLY E 371 -31.31 -15.17 -22.80
C GLY E 371 -30.76 -16.11 -21.73
N VAL E 372 -30.29 -17.30 -22.14
CA VAL E 372 -30.02 -18.41 -21.20
C VAL E 372 -28.60 -18.45 -20.62
N ARG E 373 -27.60 -17.85 -21.30
CA ARG E 373 -26.16 -18.09 -21.07
C ARG E 373 -25.72 -18.05 -19.60
N GLY E 374 -26.09 -17.02 -18.86
CA GLY E 374 -25.66 -16.83 -17.47
C GLY E 374 -26.27 -17.79 -16.43
N THR E 375 -27.27 -18.58 -16.82
CA THR E 375 -28.14 -19.28 -15.86
C THR E 375 -27.37 -20.13 -14.85
N GLU E 376 -26.37 -20.90 -15.27
CA GLU E 376 -25.71 -21.86 -14.39
C GLU E 376 -25.01 -21.17 -13.22
N GLY E 377 -24.37 -20.02 -13.44
CA GLY E 377 -23.79 -19.25 -12.35
C GLY E 377 -24.82 -18.57 -11.48
N MET E 378 -25.89 -18.03 -12.07
CA MET E 378 -26.98 -17.40 -11.32
C MET E 378 -27.67 -18.37 -10.38
N VAL E 379 -27.72 -19.66 -10.70
CA VAL E 379 -28.18 -20.71 -9.77
C VAL E 379 -27.32 -20.75 -8.51
N LEU E 380 -25.99 -20.80 -8.66
CA LEU E 380 -25.04 -20.86 -7.55
C LEU E 380 -25.06 -19.57 -6.71
N ALA E 381 -25.29 -18.41 -7.31
CA ALA E 381 -25.54 -17.18 -6.56
C ALA E 381 -26.85 -17.21 -5.75
N ALA E 382 -27.91 -17.81 -6.27
CA ALA E 382 -29.15 -17.97 -5.52
C ALA E 382 -29.02 -18.97 -4.36
N ARG E 383 -28.27 -20.06 -4.56
CA ARG E 383 -27.92 -21.08 -3.55
C ARG E 383 -27.11 -20.48 -2.42
N TRP E 384 -26.13 -19.65 -2.77
CA TRP E 384 -25.31 -18.93 -1.81
C TRP E 384 -26.12 -18.06 -0.85
N ALA E 385 -27.17 -17.41 -1.33
CA ALA E 385 -28.06 -16.60 -0.50
C ALA E 385 -29.23 -17.37 0.13
N ARG E 386 -29.62 -18.54 -0.39
CA ARG E 386 -30.61 -19.38 0.28
C ARG E 386 -30.02 -19.97 1.54
N GLU E 387 -28.84 -20.56 1.45
CA GLU E 387 -28.25 -21.37 2.52
C GLU E 387 -27.69 -20.49 3.64
N ASN E 388 -26.68 -19.69 3.32
CA ASN E 388 -26.20 -18.61 4.18
C ASN E 388 -27.25 -17.48 4.11
N HIS E 389 -27.68 -16.90 5.22
CA HIS E 389 -28.80 -15.94 5.25
C HIS E 389 -28.51 -14.54 4.66
N ILE E 390 -27.90 -14.45 3.47
CA ILE E 390 -27.67 -13.22 2.71
C ILE E 390 -29.00 -12.68 2.16
N PRO E 391 -29.34 -11.40 2.29
CA PRO E 391 -30.45 -10.79 1.59
C PRO E 391 -30.39 -10.95 0.06
N PHE E 392 -31.53 -11.17 -0.59
CA PHE E 392 -31.63 -11.48 -2.01
C PHE E 392 -32.84 -10.85 -2.66
N LEU E 393 -32.69 -10.39 -3.90
CA LEU E 393 -33.80 -10.11 -4.81
C LEU E 393 -33.58 -10.77 -6.17
N GLY E 394 -34.56 -11.53 -6.64
CA GLY E 394 -34.62 -12.05 -8.00
C GLY E 394 -35.66 -11.30 -8.83
N VAL E 395 -35.27 -10.70 -9.95
CA VAL E 395 -36.21 -10.00 -10.84
C VAL E 395 -36.40 -10.81 -12.11
N CYS E 396 -37.64 -11.09 -12.50
CA CYS E 396 -38.01 -11.86 -13.69
C CYS E 396 -37.26 -13.21 -13.80
N LEU E 397 -36.24 -13.30 -14.67
CA LEU E 397 -35.33 -14.46 -14.72
C LEU E 397 -34.70 -14.78 -13.35
N GLY E 398 -34.56 -13.81 -12.46
CA GLY E 398 -34.17 -14.04 -11.08
C GLY E 398 -35.21 -14.80 -10.28
N LEU E 399 -36.53 -14.58 -10.46
CA LEU E 399 -37.54 -15.44 -9.83
C LEU E 399 -37.49 -16.85 -10.40
N GLN E 400 -37.33 -16.93 -11.72
CA GLN E 400 -37.16 -18.19 -12.41
C GLN E 400 -35.97 -18.96 -11.83
N ILE E 401 -34.83 -18.30 -11.63
CA ILE E 401 -33.64 -18.92 -11.04
C ILE E 401 -33.72 -19.15 -9.54
N ALA E 402 -34.43 -18.32 -8.78
CA ALA E 402 -34.77 -18.63 -7.40
C ALA E 402 -35.60 -19.93 -7.31
N THR E 403 -36.51 -20.15 -8.26
CA THR E 403 -37.34 -21.35 -8.27
C THR E 403 -36.58 -22.57 -8.81
N ILE E 404 -35.80 -22.42 -9.89
CA ILE E 404 -34.90 -23.49 -10.36
C ILE E 404 -33.96 -23.89 -9.25
N GLU E 405 -33.36 -22.97 -8.49
CA GLU E 405 -32.42 -23.33 -7.44
C GLU E 405 -33.12 -24.05 -6.29
N PHE E 406 -34.21 -23.49 -5.77
CA PHE E 406 -34.95 -24.12 -4.68
C PHE E 406 -35.45 -25.53 -5.09
N THR E 407 -35.86 -25.72 -6.34
CA THR E 407 -36.13 -27.04 -6.90
C THR E 407 -34.88 -27.91 -6.89
N ARG E 408 -33.79 -27.44 -7.48
CA ARG E 408 -32.51 -28.15 -7.71
C ARG E 408 -31.75 -28.50 -6.41
N SER E 409 -32.11 -27.95 -5.26
CA SER E 409 -31.38 -28.13 -4.01
C SER E 409 -32.24 -28.49 -2.81
N VAL E 410 -33.50 -28.05 -2.74
CA VAL E 410 -34.40 -28.36 -1.63
C VAL E 410 -35.29 -29.56 -1.96
N LEU E 411 -35.77 -29.69 -3.21
CA LEU E 411 -36.53 -30.87 -3.67
C LEU E 411 -35.66 -31.99 -4.28
N GLY E 412 -34.34 -31.86 -4.27
CA GLY E 412 -33.46 -32.68 -5.11
C GLY E 412 -33.55 -32.29 -6.58
N ARG E 413 -34.18 -33.12 -7.42
CA ARG E 413 -34.56 -32.83 -8.83
C ARG E 413 -33.46 -32.15 -9.66
N LYS E 414 -32.23 -32.67 -9.60
CA LYS E 414 -31.01 -32.03 -10.15
C LYS E 414 -31.04 -31.79 -11.66
N ASP E 415 -31.88 -32.50 -12.40
CA ASP E 415 -32.10 -32.33 -13.86
C ASP E 415 -32.96 -31.11 -14.22
N SER E 416 -33.66 -30.46 -13.28
CA SER E 416 -34.62 -29.38 -13.59
C SER E 416 -33.94 -28.12 -14.15
N HIS E 417 -34.63 -27.42 -15.04
CA HIS E 417 -34.10 -26.35 -15.88
C HIS E 417 -35.24 -25.44 -16.36
N SER E 418 -34.92 -24.28 -16.91
CA SER E 418 -35.89 -23.42 -17.60
C SER E 418 -36.57 -24.14 -18.78
N ALA E 419 -37.80 -23.76 -19.11
CA ALA E 419 -38.50 -24.22 -20.30
C ALA E 419 -37.74 -23.95 -21.61
N GLU E 420 -36.75 -23.04 -21.58
CA GLU E 420 -35.80 -22.82 -22.66
C GLU E 420 -35.10 -24.11 -23.14
N PHE E 421 -34.77 -25.05 -22.25
CA PHE E 421 -34.26 -26.39 -22.60
C PHE E 421 -35.42 -27.33 -22.95
N TYR E 422 -36.13 -26.96 -24.01
CA TYR E 422 -37.41 -27.54 -24.43
C TYR E 422 -37.44 -29.08 -24.50
N PRO E 423 -36.48 -29.78 -25.15
CA PRO E 423 -36.61 -31.22 -25.41
C PRO E 423 -36.40 -32.13 -24.18
N ASP E 424 -36.08 -31.60 -23.00
CA ASP E 424 -36.11 -32.39 -21.76
C ASP E 424 -37.53 -32.70 -21.29
N ILE E 425 -38.52 -31.88 -21.66
CA ILE E 425 -39.96 -32.02 -21.40
C ILE E 425 -40.33 -32.20 -19.92
N ASP E 426 -40.15 -33.39 -19.35
CA ASP E 426 -40.68 -33.78 -18.02
C ASP E 426 -40.13 -32.92 -16.87
N GLU E 427 -38.90 -32.40 -17.00
CA GLU E 427 -38.18 -31.64 -15.96
C GLU E 427 -38.15 -30.12 -16.19
N LYS E 428 -38.90 -29.59 -17.16
CA LYS E 428 -39.06 -28.16 -17.37
C LYS E 428 -39.70 -27.51 -16.14
N ASN E 429 -39.03 -26.53 -15.54
CA ASN E 429 -39.47 -25.81 -14.35
C ASN E 429 -40.55 -24.74 -14.66
N HIS E 430 -40.78 -24.44 -15.93
CA HIS E 430 -41.62 -23.33 -16.41
C HIS E 430 -42.59 -23.77 -17.51
N VAL E 431 -43.57 -22.93 -17.84
CA VAL E 431 -44.53 -23.11 -18.93
C VAL E 431 -44.67 -21.81 -19.74
N VAL E 432 -44.86 -21.95 -21.05
CA VAL E 432 -45.16 -20.84 -21.95
C VAL E 432 -46.49 -20.17 -21.60
N VAL E 433 -46.51 -18.85 -21.67
CA VAL E 433 -47.72 -18.02 -21.49
C VAL E 433 -47.60 -16.74 -22.33
N PHE E 434 -47.87 -16.84 -23.64
CA PHE E 434 -47.70 -15.72 -24.58
C PHE E 434 -48.80 -14.63 -24.50
N MET E 435 -49.98 -14.94 -23.97
CA MET E 435 -51.18 -14.07 -23.99
C MET E 435 -51.47 -13.44 -25.36
N MET E 436 -45.98 -12.20 -25.58
CA MET E 436 -45.35 -11.75 -24.34
C MET E 436 -46.35 -11.00 -23.44
N ARG E 437 -46.34 -11.28 -22.14
CA ARG E 437 -47.07 -10.49 -21.14
C ARG E 437 -46.31 -9.18 -20.91
N LEU E 438 -46.97 -8.05 -21.07
CA LEU E 438 -46.40 -6.69 -21.07
C LEU E 438 -47.23 -5.70 -20.26
N GLY E 439 -46.65 -4.54 -19.94
CA GLY E 439 -47.35 -3.38 -19.40
C GLY E 439 -47.83 -3.54 -17.96
N LEU E 440 -48.49 -2.50 -17.46
CA LEU E 440 -48.98 -2.44 -16.09
C LEU E 440 -50.12 -3.42 -15.91
N ARG E 441 -49.89 -4.46 -15.12
CA ARG E 441 -50.92 -5.41 -14.67
C ARG E 441 -50.96 -5.45 -13.13
N PRO E 442 -52.11 -5.73 -12.50
CA PRO E 442 -52.19 -5.86 -11.05
C PRO E 442 -51.47 -7.13 -10.53
N THR E 443 -51.26 -7.21 -9.24
CA THR E 443 -50.92 -8.43 -8.51
C THR E 443 -51.49 -8.35 -7.12
N PHE E 444 -52.01 -9.47 -6.62
CA PHE E 444 -52.82 -9.55 -5.42
C PHE E 444 -52.13 -10.46 -4.40
N PHE E 445 -51.98 -10.01 -3.16
CA PHE E 445 -51.38 -10.85 -2.13
C PHE E 445 -52.29 -12.02 -1.80
N GLN E 446 -51.71 -13.17 -1.44
CA GLN E 446 -52.46 -14.33 -0.96
C GLN E 446 -52.93 -14.09 0.48
N ASN E 447 -54.22 -14.23 0.77
CA ASN E 447 -54.87 -13.55 1.90
C ASN E 447 -54.40 -13.94 3.32
N GLU E 448 -53.64 -15.02 3.48
CA GLU E 448 -53.10 -15.53 4.76
C GLU E 448 -51.71 -14.99 5.10
N THR E 449 -50.96 -14.41 4.14
CA THR E 449 -49.51 -14.19 4.26
C THR E 449 -49.12 -12.94 5.06
N GLU E 450 -49.72 -12.76 6.23
CA GLU E 450 -49.51 -11.62 7.14
C GLU E 450 -48.07 -11.53 7.70
N TRP E 451 -47.33 -12.64 7.68
CA TRP E 451 -45.94 -12.74 8.11
C TRP E 451 -44.95 -12.06 7.16
N SER E 452 -45.32 -11.88 5.89
CA SER E 452 -44.43 -11.51 4.78
C SER E 452 -43.69 -10.20 5.01
N GLN E 453 -42.39 -10.18 4.77
CA GLN E 453 -41.58 -8.96 4.80
C GLN E 453 -41.96 -8.03 3.64
N ILE E 454 -42.15 -8.58 2.43
CA ILE E 454 -42.44 -7.74 1.26
C ILE E 454 -43.82 -7.10 1.34
N LYS E 455 -44.88 -7.84 1.70
CA LYS E 455 -46.21 -7.24 1.78
C LYS E 455 -46.36 -6.26 2.95
N LYS E 456 -45.43 -6.27 3.92
CA LYS E 456 -45.30 -5.21 4.90
C LYS E 456 -44.74 -3.93 4.27
N LEU E 457 -43.69 -4.00 3.44
CA LEU E 457 -43.14 -2.83 2.74
C LEU E 457 -44.17 -2.11 1.86
N TYR E 458 -45.07 -2.87 1.21
CA TYR E 458 -46.24 -2.35 0.47
C TYR E 458 -47.37 -1.78 1.35
N GLY E 459 -47.10 -1.52 2.63
CA GLY E 459 -48.01 -0.77 3.52
C GLY E 459 -49.29 -1.50 3.91
N ASP E 460 -49.31 -2.83 3.81
CA ASP E 460 -50.51 -3.67 3.99
C ASP E 460 -51.66 -3.40 2.99
N VAL E 461 -51.38 -2.74 1.87
CA VAL E 461 -52.34 -2.56 0.77
C VAL E 461 -52.69 -3.92 0.13
N SER E 462 -53.93 -4.10 -0.30
CA SER E 462 -54.47 -5.37 -0.82
C SER E 462 -53.88 -5.83 -2.16
N GLU E 463 -53.40 -4.91 -3.00
CA GLU E 463 -52.82 -5.21 -4.30
C GLU E 463 -51.80 -4.16 -4.73
N VAL E 464 -51.05 -4.51 -5.76
CA VAL E 464 -50.00 -3.71 -6.40
C VAL E 464 -50.18 -3.75 -7.93
N HIS E 465 -49.59 -2.80 -8.65
CA HIS E 465 -49.62 -2.75 -10.11
C HIS E 465 -48.21 -2.58 -10.66
N GLU E 466 -47.81 -3.41 -11.62
CA GLU E 466 -46.39 -3.57 -11.97
C GLU E 466 -46.15 -3.87 -13.45
N ARG E 467 -44.94 -3.65 -13.95
CA ARG E 467 -44.55 -3.88 -15.35
C ARG E 467 -44.00 -5.28 -15.58
N HIS E 468 -44.37 -5.87 -16.72
CA HIS E 468 -44.04 -7.25 -17.10
C HIS E 468 -43.38 -7.31 -18.47
N ARG E 469 -42.61 -8.37 -18.78
CA ARG E 469 -41.96 -8.57 -20.09
C ARG E 469 -41.72 -10.05 -20.42
N HIS E 470 -42.53 -10.96 -19.87
CA HIS E 470 -42.15 -12.37 -19.80
C HIS E 470 -42.96 -13.24 -20.74
N ARG E 471 -42.30 -14.27 -21.27
CA ARG E 471 -42.95 -15.35 -22.05
C ARG E 471 -43.08 -16.69 -21.31
N TYR E 472 -42.40 -16.86 -20.19
CA TYR E 472 -42.46 -18.08 -19.37
C TYR E 472 -43.02 -17.76 -17.99
N GLU E 473 -43.67 -18.73 -17.36
CA GLU E 473 -44.01 -18.68 -15.95
C GLU E 473 -43.68 -20.01 -15.27
N ILE E 474 -43.54 -20.03 -13.94
CA ILE E 474 -43.31 -21.28 -13.21
C ILE E 474 -44.51 -22.20 -13.42
N ASN E 475 -44.24 -23.47 -13.64
CA ASN E 475 -45.28 -24.43 -14.00
C ASN E 475 -46.27 -24.63 -12.83
N PRO E 476 -47.57 -24.28 -12.96
CA PRO E 476 -48.53 -24.33 -11.86
C PRO E 476 -48.63 -25.69 -11.19
N LYS E 477 -48.38 -26.77 -11.94
CA LYS E 477 -48.36 -28.15 -11.45
C LYS E 477 -47.44 -28.33 -10.24
N MET E 478 -46.29 -27.64 -10.23
CA MET E 478 -45.29 -27.74 -9.17
C MET E 478 -45.55 -26.82 -7.98
N VAL E 479 -46.36 -25.78 -8.11
CA VAL E 479 -46.41 -24.69 -7.14
C VAL E 479 -46.89 -25.14 -5.76
N ASP E 480 -47.77 -26.13 -5.65
CA ASP E 480 -48.14 -26.69 -4.34
C ASP E 480 -46.94 -27.29 -3.61
N GLU E 481 -46.04 -27.96 -4.33
CA GLU E 481 -44.85 -28.58 -3.77
C GLU E 481 -43.90 -27.53 -3.23
N LEU E 482 -43.70 -26.45 -3.97
CA LEU E 482 -42.90 -25.30 -3.57
C LEU E 482 -43.53 -24.55 -2.38
N GLU E 483 -44.84 -24.29 -2.39
CA GLU E 483 -45.55 -23.68 -1.26
C GLU E 483 -45.46 -24.55 0.01
N ASN E 484 -45.64 -25.86 -0.09
CA ASN E 484 -45.54 -26.80 1.02
C ASN E 484 -44.11 -26.91 1.59
N ASN E 485 -43.09 -26.78 0.75
CA ASN E 485 -41.68 -26.77 1.19
C ASN E 485 -41.19 -25.41 1.69
N GLY E 486 -41.95 -24.33 1.51
CA GLY E 486 -41.70 -23.02 2.12
C GLY E 486 -41.34 -21.89 1.18
N LEU E 487 -41.21 -22.14 -0.13
CA LEU E 487 -41.03 -21.13 -1.16
C LEU E 487 -42.39 -20.48 -1.48
N ILE E 488 -43.00 -19.80 -0.51
CA ILE E 488 -44.39 -19.38 -0.56
C ILE E 488 -44.59 -18.28 -1.62
N PHE E 489 -45.45 -18.50 -2.59
CA PHE E 489 -45.80 -17.50 -3.61
C PHE E 489 -46.77 -16.46 -3.06
N VAL E 490 -46.24 -15.46 -2.34
CA VAL E 490 -47.03 -14.46 -1.60
C VAL E 490 -47.87 -13.52 -2.47
N GLY E 491 -47.69 -13.50 -3.80
CA GLY E 491 -48.50 -12.74 -4.72
C GLY E 491 -48.75 -13.45 -6.03
N LYS E 492 -49.99 -13.38 -6.51
CA LYS E 492 -50.42 -13.95 -7.80
C LYS E 492 -51.29 -12.96 -8.55
N ASP E 493 -51.60 -13.30 -9.79
CA ASP E 493 -52.43 -12.48 -10.67
C ASP E 493 -53.93 -12.55 -10.31
N ASP E 494 -54.74 -11.85 -11.11
CA ASP E 494 -56.20 -11.87 -11.03
C ASP E 494 -56.81 -13.29 -11.04
N THR E 495 -56.31 -14.19 -11.90
CA THR E 495 -56.82 -15.58 -11.99
C THR E 495 -56.32 -16.49 -10.86
N GLY E 496 -55.20 -16.17 -10.22
CA GLY E 496 -54.51 -17.03 -9.27
C GLY E 496 -53.70 -18.16 -9.91
N LYS E 497 -53.61 -18.20 -11.24
CA LYS E 497 -52.84 -19.21 -11.97
C LYS E 497 -51.36 -18.82 -12.13
N ARG E 498 -51.02 -17.53 -12.09
CA ARG E 498 -49.70 -16.98 -12.46
C ARG E 498 -48.85 -16.61 -11.23
N CYS E 499 -47.59 -17.00 -11.25
CA CYS E 499 -46.64 -16.77 -10.16
C CYS E 499 -46.03 -15.36 -10.24
N GLU E 500 -46.52 -14.40 -9.45
CA GLU E 500 -46.08 -13.00 -9.56
C GLU E 500 -45.00 -12.63 -8.54
N ILE E 501 -45.09 -13.17 -7.32
CA ILE E 501 -44.13 -12.95 -6.24
C ILE E 501 -43.89 -14.24 -5.48
N LEU E 502 -42.65 -14.48 -5.07
CA LEU E 502 -42.32 -15.44 -4.01
C LEU E 502 -41.52 -14.79 -2.87
N GLU E 503 -41.71 -15.33 -1.68
CA GLU E 503 -40.88 -15.11 -0.50
C GLU E 503 -40.59 -16.46 0.15
N LEU E 504 -39.35 -16.74 0.46
CA LEU E 504 -38.98 -17.94 1.21
C LEU E 504 -39.30 -17.72 2.69
N LYS E 505 -40.20 -18.53 3.24
CA LYS E 505 -40.63 -18.48 4.64
C LYS E 505 -39.43 -18.63 5.58
N ASN E 506 -39.34 -17.77 6.60
CA ASN E 506 -38.31 -17.77 7.64
C ASN E 506 -36.87 -17.66 7.08
N HIS E 507 -36.65 -16.65 6.25
CA HIS E 507 -35.33 -16.14 5.84
C HIS E 507 -35.31 -14.60 6.00
N PRO E 508 -34.21 -13.94 6.39
CA PRO E 508 -34.21 -12.50 6.67
C PRO E 508 -34.71 -11.60 5.55
N TYR E 509 -34.43 -11.92 4.29
CA TYR E 509 -34.99 -11.26 3.10
C TYR E 509 -34.63 -12.04 1.84
N TYR E 510 -35.51 -12.91 1.36
CA TYR E 510 -35.30 -13.65 0.12
C TYR E 510 -36.56 -13.57 -0.69
N ILE E 511 -36.53 -12.65 -1.63
CA ILE E 511 -37.65 -12.26 -2.47
C ILE E 511 -37.32 -12.53 -3.92
N ALA E 512 -38.34 -12.88 -4.70
CA ALA E 512 -38.26 -12.63 -6.13
C ALA E 512 -39.60 -12.15 -6.70
N THR E 513 -39.55 -11.44 -7.81
CA THR E 513 -40.69 -10.90 -8.54
C THR E 513 -40.61 -11.34 -9.98
N GLN E 514 -41.72 -11.76 -10.58
CA GLN E 514 -41.75 -12.03 -12.01
C GLN E 514 -41.68 -10.72 -12.83
N TYR E 515 -42.33 -9.66 -12.32
CA TYR E 515 -42.26 -8.32 -12.86
C TYR E 515 -40.91 -7.63 -12.64
N HIS E 516 -40.75 -6.47 -13.28
CA HIS E 516 -39.59 -5.58 -13.25
C HIS E 516 -39.86 -4.30 -12.44
N PRO E 517 -39.73 -4.35 -11.10
CA PRO E 517 -40.06 -3.22 -10.21
C PRO E 517 -39.23 -1.95 -10.46
N GLU E 518 -38.03 -2.10 -11.04
CA GLU E 518 -37.18 -0.99 -11.45
C GLU E 518 -37.82 -0.12 -12.53
N TYR E 519 -38.88 -0.60 -13.17
CA TYR E 519 -39.69 0.23 -14.06
C TYR E 519 -40.68 1.13 -13.31
N THR E 520 -40.70 1.12 -11.97
CA THR E 520 -41.55 2.03 -11.21
C THR E 520 -40.87 2.60 -9.96
N SER E 521 -39.56 2.40 -9.80
CA SER E 521 -38.78 3.11 -8.80
C SER E 521 -38.69 4.61 -9.10
N LYS E 522 -39.04 5.47 -8.14
CA LYS E 522 -38.94 6.94 -8.24
C LYS E 522 -37.98 7.49 -7.19
N VAL E 523 -37.36 8.64 -7.46
CA VAL E 523 -36.34 9.23 -6.57
C VAL E 523 -36.88 9.52 -5.17
N LEU E 524 -38.14 9.94 -5.06
CA LEU E 524 -38.81 10.20 -3.78
C LEU E 524 -39.77 9.08 -3.33
N ASP E 525 -40.04 8.09 -4.19
CA ASP E 525 -40.81 6.88 -3.88
C ASP E 525 -40.10 5.64 -4.45
N PRO E 526 -39.16 5.04 -3.71
CA PRO E 526 -38.40 3.88 -4.19
C PRO E 526 -39.29 2.63 -4.34
N SER E 527 -39.03 1.80 -5.36
CA SER E 527 -39.80 0.56 -5.62
C SER E 527 -39.56 -0.46 -4.50
N LYS E 528 -40.61 -0.90 -3.82
CA LYS E 528 -40.52 -1.65 -2.55
C LYS E 528 -39.58 -2.88 -2.56
N PRO E 529 -39.52 -3.74 -3.59
CA PRO E 529 -38.65 -4.93 -3.58
C PRO E 529 -37.16 -4.61 -3.49
N PHE E 530 -36.76 -3.51 -4.12
CA PHE E 530 -35.42 -2.99 -4.01
C PHE E 530 -35.18 -2.28 -2.67
N LEU E 531 -36.16 -1.52 -2.15
CA LEU E 531 -35.99 -0.94 -0.82
C LEU E 531 -35.71 -2.02 0.23
N GLY E 532 -36.46 -3.11 0.20
CA GLY E 532 -36.22 -4.25 1.09
C GLY E 532 -34.84 -4.87 0.92
N LEU E 533 -34.35 -5.05 -0.32
CA LEU E 533 -33.00 -5.57 -0.56
C LEU E 533 -31.93 -4.67 0.05
N VAL E 534 -31.98 -3.36 -0.13
CA VAL E 534 -30.99 -2.47 0.48
C VAL E 534 -31.16 -2.47 1.98
N ALA E 535 -32.37 -2.29 2.50
CA ALA E 535 -32.59 -2.20 3.94
C ALA E 535 -32.17 -3.47 4.69
N ALA E 536 -32.41 -4.66 4.15
CA ALA E 536 -31.93 -5.90 4.74
C ALA E 536 -30.42 -6.05 4.59
N SER E 537 -29.81 -5.61 3.50
CA SER E 537 -28.35 -5.57 3.35
C SER E 537 -27.71 -4.66 4.39
N ALA E 538 -28.35 -3.55 4.73
CA ALA E 538 -28.01 -2.66 5.83
C ALA E 538 -28.36 -3.21 7.22
N GLY E 539 -29.10 -4.31 7.31
CA GLY E 539 -29.54 -4.91 8.56
C GLY E 539 -30.57 -4.06 9.33
N ILE E 540 -31.31 -3.21 8.62
CA ILE E 540 -32.23 -2.20 9.16
C ILE E 540 -33.68 -2.38 8.72
N LEU E 541 -34.00 -3.48 8.03
CA LEU E 541 -35.28 -3.74 7.36
C LEU E 541 -36.49 -3.50 8.26
N GLN E 542 -36.44 -3.99 9.50
CA GLN E 542 -37.52 -3.80 10.48
C GLN E 542 -37.87 -2.31 10.64
N ASP E 543 -36.87 -1.47 10.78
CA ASP E 543 -37.03 -0.07 11.15
C ASP E 543 -37.48 0.79 9.96
N VAL E 544 -37.11 0.38 8.75
CA VAL E 544 -37.65 0.94 7.49
C VAL E 544 -39.13 0.63 7.35
N ILE E 545 -39.56 -0.60 7.69
CA ILE E 545 -40.97 -0.98 7.67
C ILE E 545 -41.75 -0.23 8.75
N GLU E 546 -41.17 -0.10 9.94
CA GLU E 546 -41.77 0.64 11.06
C GLU E 546 -41.80 2.17 10.86
N GLY E 547 -41.00 2.70 9.93
CA GLY E 547 -41.10 4.10 9.47
C GLY E 547 -40.00 5.05 9.94
N LYS E 548 -38.85 4.56 10.41
CA LYS E 548 -37.71 5.37 10.88
C LYS E 548 -36.95 6.14 9.78
N TYR E 549 -37.43 6.10 8.54
CA TYR E 549 -36.72 6.64 7.37
C TYR E 549 -37.64 7.31 6.32
N ASP E 550 -38.91 7.55 6.59
CA ASP E 550 -39.72 8.43 5.75
C ASP E 550 -39.22 9.90 5.79
N LEU E 551 -39.36 10.63 4.67
CA LEU E 551 -38.62 11.87 4.46
C LEU E 551 -39.26 13.11 5.13
N GLU E 552 -40.50 13.01 5.60
CA GLU E 552 -41.23 14.05 6.34
C GLU E 552 -42.00 13.40 7.52
N ALA E 553 -42.05 14.03 8.71
CA ALA E 553 -42.74 13.45 9.86
C ALA E 553 -44.25 13.29 9.63
N MET F 1 8.39 17.04 -57.96
CA MET F 1 8.70 16.74 -56.55
C MET F 1 7.48 16.15 -55.82
N LYS F 2 7.68 15.31 -54.81
CA LYS F 2 6.61 14.75 -54.01
C LYS F 2 6.25 15.65 -52.83
N TYR F 3 5.00 15.59 -52.37
CA TYR F 3 4.57 16.41 -51.23
C TYR F 3 3.56 15.66 -50.35
N VAL F 4 3.54 15.90 -49.03
CA VAL F 4 2.59 15.32 -48.10
C VAL F 4 2.01 16.40 -47.21
N VAL F 5 0.75 16.73 -47.33
CA VAL F 5 0.09 17.61 -46.35
C VAL F 5 -0.24 16.83 -45.08
N VAL F 6 -0.05 17.45 -43.93
CA VAL F 6 -0.64 17.05 -42.66
C VAL F 6 -1.51 18.19 -42.17
N SER F 7 -2.77 17.94 -41.87
CA SER F 7 -3.76 18.98 -41.56
C SER F 7 -4.84 18.50 -40.60
N GLY F 8 -5.77 19.35 -40.20
CA GLY F 8 -7.12 18.86 -39.83
C GLY F 8 -7.62 18.99 -38.40
N GLY F 9 -8.76 18.33 -38.17
CA GLY F 9 -9.38 18.08 -36.86
C GLY F 9 -10.54 19.02 -36.51
N VAL F 10 -11.31 18.69 -35.47
CA VAL F 10 -12.27 19.61 -34.81
C VAL F 10 -11.67 20.47 -33.69
N ILE F 11 -10.39 20.28 -33.35
CA ILE F 11 -9.70 20.99 -32.27
C ILE F 11 -8.26 21.28 -32.68
N SER F 12 -7.74 22.43 -32.25
CA SER F 12 -6.29 22.66 -32.23
C SER F 12 -5.65 21.87 -31.09
N GLY F 13 -4.43 21.38 -31.23
CA GLY F 13 -3.75 20.57 -30.21
C GLY F 13 -3.94 19.05 -30.33
N ILE F 14 -4.49 18.59 -31.45
CA ILE F 14 -4.83 17.19 -31.71
C ILE F 14 -3.65 16.24 -31.88
N GLY F 15 -2.48 16.70 -32.32
CA GLY F 15 -1.29 15.85 -32.51
C GLY F 15 -0.50 16.00 -33.81
N LYS F 16 -0.71 17.00 -34.63
CA LYS F 16 -0.14 17.19 -35.97
C LYS F 16 1.36 16.94 -36.06
N GLY F 17 2.18 17.78 -35.47
CA GLY F 17 3.62 17.71 -35.53
C GLY F 17 4.28 16.37 -35.38
N VAL F 18 3.86 15.54 -34.45
CA VAL F 18 4.30 14.16 -34.18
C VAL F 18 3.93 13.29 -35.35
N LEU F 19 2.80 13.51 -35.98
CA LEU F 19 2.30 12.83 -37.18
C LEU F 19 3.03 13.35 -38.39
N ALA F 20 3.55 14.55 -38.35
CA ALA F 20 4.23 15.28 -39.40
C ALA F 20 5.68 14.86 -39.50
N SER F 21 6.54 15.32 -38.64
CA SER F 21 7.98 15.05 -38.65
C SER F 21 8.11 13.54 -38.54
N SER F 22 7.39 12.90 -37.66
CA SER F 22 7.40 11.42 -37.63
C SER F 22 7.11 10.74 -38.98
N THR F 23 6.25 11.23 -39.84
CA THR F 23 5.99 10.79 -41.19
C THR F 23 7.22 11.07 -42.00
N GLY F 24 7.85 12.20 -41.82
CA GLY F 24 9.04 12.64 -42.48
C GLY F 24 10.28 11.90 -42.11
N MET F 25 10.40 11.40 -40.88
CA MET F 25 11.49 10.52 -40.47
C MET F 25 11.42 9.24 -41.28
N LEU F 26 10.20 8.75 -41.41
CA LEU F 26 9.93 7.54 -42.14
C LEU F 26 10.25 7.71 -43.62
N MET F 27 10.05 8.91 -44.20
CA MET F 27 10.45 9.11 -45.59
C MET F 27 11.97 8.93 -45.73
N LYS F 28 12.74 9.40 -44.76
CA LYS F 28 14.19 9.17 -44.69
C LYS F 28 14.60 7.72 -44.52
N THR F 29 13.75 6.93 -43.88
CA THR F 29 13.92 5.48 -43.78
C THR F 29 14.03 4.82 -45.16
N LEU F 30 13.26 5.33 -46.12
CA LEU F 30 13.33 4.86 -47.50
C LEU F 30 14.61 5.35 -48.21
N GLY F 31 15.44 6.15 -47.54
CA GLY F 31 16.67 6.74 -48.04
C GLY F 31 16.49 8.13 -48.67
N LEU F 32 15.31 8.73 -48.54
CA LEU F 32 14.91 9.92 -49.28
C LEU F 32 15.54 11.22 -48.74
N LYS F 33 15.79 12.19 -49.63
CA LYS F 33 16.07 13.59 -49.25
C LYS F 33 14.76 14.22 -48.80
N VAL F 34 14.70 14.80 -47.61
CA VAL F 34 13.42 15.24 -47.03
C VAL F 34 13.49 16.64 -46.47
N THR F 35 12.38 17.37 -46.53
CA THR F 35 12.22 18.72 -46.04
C THR F 35 10.86 18.90 -45.41
N SER F 36 10.62 20.01 -44.74
CA SER F 36 9.37 20.29 -44.07
C SER F 36 9.03 21.75 -44.05
N ILE F 37 7.77 22.13 -44.19
CA ILE F 37 7.29 23.50 -44.11
C ILE F 37 6.17 23.55 -43.09
N LYS F 38 6.21 24.49 -42.14
CA LYS F 38 5.05 24.71 -41.28
C LYS F 38 4.34 25.96 -41.69
N ILE F 39 3.07 25.79 -41.98
CA ILE F 39 2.16 26.88 -42.31
C ILE F 39 1.44 27.25 -41.04
N ASP F 40 1.63 28.49 -40.60
CA ASP F 40 1.02 29.03 -39.40
C ASP F 40 -0.08 30.02 -39.66
N PRO F 41 -1.29 29.78 -39.12
CA PRO F 41 -2.36 30.73 -39.36
C PRO F 41 -2.24 32.04 -38.59
N TYR F 42 -1.36 32.16 -37.60
CA TYR F 42 -1.23 33.42 -36.86
C TYR F 42 -0.63 34.56 -37.70
N MET F 43 -0.79 35.79 -37.22
CA MET F 43 -0.36 36.99 -37.94
C MET F 43 1.00 37.57 -37.55
N ASN F 44 1.68 37.05 -36.55
CA ASN F 44 3.06 37.43 -36.34
C ASN F 44 3.91 37.01 -37.55
N ILE F 45 4.78 37.89 -38.03
CA ILE F 45 5.73 37.55 -39.10
C ILE F 45 6.84 36.62 -38.59
N ASP F 46 7.23 36.77 -37.33
CA ASP F 46 8.26 35.95 -36.67
C ASP F 46 8.06 35.93 -35.14
N ALA F 47 8.76 35.03 -34.45
CA ALA F 47 8.71 34.94 -33.00
C ALA F 47 9.55 35.99 -32.28
N GLY F 48 10.28 36.85 -32.99
CA GLY F 48 11.15 37.83 -32.34
C GLY F 48 10.36 38.87 -31.55
N THR F 49 9.15 39.19 -31.98
CA THR F 49 8.22 40.03 -31.22
C THR F 49 7.51 39.26 -30.09
N MET F 50 7.49 37.93 -30.17
CA MET F 50 6.68 37.10 -29.28
C MET F 50 7.44 36.78 -27.99
N SER F 51 6.94 37.29 -26.86
CA SER F 51 7.46 36.97 -25.53
C SER F 51 7.26 35.47 -25.21
N PRO F 52 8.26 34.74 -24.69
CA PRO F 52 8.14 33.30 -24.45
C PRO F 52 7.02 32.84 -23.51
N LEU F 53 6.37 33.77 -22.80
CA LEU F 53 5.20 33.52 -21.96
C LEU F 53 4.07 32.81 -22.70
N GLU F 54 3.88 33.14 -23.97
CA GLU F 54 2.81 32.60 -24.79
C GLU F 54 3.33 32.27 -26.19
N HIS F 55 2.82 31.18 -26.75
CA HIS F 55 3.45 30.42 -27.84
C HIS F 55 4.85 29.85 -27.52
N GLY F 56 5.37 30.11 -26.32
CA GLY F 56 6.58 29.46 -25.82
C GLY F 56 7.88 29.97 -26.45
N GLU F 57 8.87 29.11 -26.33
CA GLU F 57 10.27 29.29 -26.71
C GLU F 57 10.51 29.72 -28.17
N CYS F 58 11.18 30.86 -28.41
CA CYS F 58 11.55 31.32 -29.76
C CYS F 58 12.67 30.44 -30.34
N PHE F 59 12.34 29.39 -31.10
CA PHE F 59 13.34 28.49 -31.66
C PHE F 59 14.30 29.21 -32.61
N VAL F 60 15.57 28.87 -32.61
CA VAL F 60 16.55 29.57 -33.48
C VAL F 60 17.30 28.72 -34.53
N LEU F 61 17.23 29.26 -35.73
CA LEU F 61 17.83 28.68 -36.91
C LEU F 61 19.35 28.79 -36.92
N ASP F 62 19.94 27.98 -37.80
CA ASP F 62 21.26 28.20 -38.37
C ASP F 62 21.37 29.64 -38.94
N ASP F 63 20.41 30.07 -39.78
CA ASP F 63 20.29 31.44 -40.29
C ASP F 63 19.88 32.49 -39.24
N GLY F 64 19.73 32.13 -37.97
CA GLY F 64 19.55 33.07 -36.87
C GLY F 64 18.21 33.79 -36.76
N GLY F 65 17.22 33.39 -37.57
CA GLY F 65 15.83 33.79 -37.38
C GLY F 65 15.21 33.14 -36.14
N GLU F 66 14.50 33.95 -35.33
CA GLU F 66 13.61 33.51 -34.24
C GLU F 66 12.29 32.99 -34.83
N THR F 67 12.25 31.69 -35.07
CA THR F 67 11.11 30.97 -35.70
C THR F 67 10.04 30.55 -34.71
N ASP F 68 8.91 30.10 -35.28
CA ASP F 68 8.03 29.17 -34.60
C ASP F 68 8.83 28.05 -33.92
N LEU F 69 8.45 27.74 -32.70
CA LEU F 69 9.04 26.68 -31.92
C LEU F 69 9.03 25.34 -32.65
N ASP F 70 7.90 24.98 -33.24
CA ASP F 70 7.66 23.63 -33.71
C ASP F 70 8.61 23.20 -34.84
N LEU F 71 9.22 24.15 -35.56
CA LEU F 71 10.25 23.80 -36.54
C LEU F 71 11.38 22.98 -35.91
N GLY F 72 11.71 23.24 -34.65
CA GLY F 72 12.66 22.43 -33.93
C GLY F 72 12.27 20.95 -33.98
N ASN F 73 10.99 20.62 -33.92
CA ASN F 73 10.50 19.25 -33.92
C ASN F 73 10.92 18.57 -35.22
N TYR F 74 11.12 19.28 -36.30
CA TYR F 74 11.49 18.84 -37.65
C TYR F 74 12.99 18.74 -37.83
N GLU F 75 13.73 19.58 -37.13
CA GLU F 75 15.18 19.52 -37.27
C GLU F 75 15.64 18.24 -36.56
N ARG F 76 15.00 17.94 -35.42
CA ARG F 76 15.20 16.75 -34.59
C ARG F 76 14.90 15.44 -35.32
N TYR F 77 13.69 15.35 -35.86
CA TYR F 77 13.12 14.11 -36.40
C TYR F 77 13.63 13.75 -37.80
N LEU F 78 14.15 14.72 -38.55
CA LEU F 78 14.68 14.60 -39.90
C LEU F 78 16.20 14.69 -39.94
N GLY F 79 16.81 15.53 -39.12
CA GLY F 79 18.23 15.83 -39.21
C GLY F 79 18.51 16.76 -40.39
N VAL F 80 17.88 17.94 -40.37
CA VAL F 80 17.94 18.92 -41.46
C VAL F 80 18.12 20.33 -40.92
N THR F 81 18.77 21.19 -41.70
CA THR F 81 18.87 22.62 -41.40
C THR F 81 17.81 23.37 -42.19
N LEU F 82 16.77 23.86 -41.51
CA LEU F 82 15.76 24.69 -42.16
C LEU F 82 16.21 26.15 -42.23
N THR F 83 15.35 27.01 -42.78
CA THR F 83 15.62 28.45 -42.97
C THR F 83 14.42 29.30 -42.54
N LYS F 84 14.57 30.61 -42.44
CA LYS F 84 13.47 31.52 -42.04
C LYS F 84 12.25 31.43 -42.96
N ASP F 85 12.44 30.98 -44.21
CA ASP F 85 11.35 30.80 -45.17
C ASP F 85 10.53 29.53 -44.97
N HIS F 86 11.02 28.50 -44.26
CA HIS F 86 10.26 27.27 -43.99
C HIS F 86 9.11 27.45 -42.99
N ASN F 87 9.00 28.59 -42.35
CA ASN F 87 7.87 28.93 -41.51
C ASN F 87 7.01 29.97 -42.22
N ILE F 88 6.08 29.50 -43.05
CA ILE F 88 5.05 30.35 -43.66
C ILE F 88 4.13 30.83 -42.54
N THR F 89 3.76 32.09 -42.50
CA THR F 89 2.74 32.58 -41.55
C THR F 89 1.78 33.52 -42.24
N THR F 90 0.58 33.69 -41.70
CA THR F 90 -0.40 34.60 -42.30
C THR F 90 0.11 36.03 -42.36
N GLY F 91 0.83 36.49 -41.35
CA GLY F 91 1.45 37.82 -41.40
C GLY F 91 2.58 37.93 -42.40
N LYS F 92 3.30 36.85 -42.64
CA LYS F 92 4.43 36.82 -43.58
C LYS F 92 3.93 36.89 -45.02
N ILE F 93 2.88 36.15 -45.36
CA ILE F 93 2.38 36.13 -46.74
C ILE F 93 1.51 37.32 -47.07
N TYR F 94 0.68 37.86 -46.18
CA TYR F 94 0.06 39.16 -46.47
C TYR F 94 1.09 40.26 -46.67
N SER F 95 2.18 40.30 -45.90
CA SER F 95 3.25 41.28 -46.10
C SER F 95 3.93 41.15 -47.46
N HIS F 96 4.19 39.93 -47.92
CA HIS F 96 4.87 39.70 -49.19
C HIS F 96 4.03 40.11 -50.38
N VAL F 97 2.75 39.75 -50.41
CA VAL F 97 1.83 40.22 -51.45
C VAL F 97 1.57 41.73 -51.37
N ILE F 98 1.40 42.31 -50.19
CA ILE F 98 1.28 43.76 -50.05
C ILE F 98 2.55 44.49 -50.48
N ALA F 99 3.75 43.93 -50.31
CA ALA F 99 4.96 44.57 -50.83
C ALA F 99 4.92 44.63 -52.37
N LYS F 100 4.60 43.51 -53.02
CA LYS F 100 4.44 43.45 -54.47
C LYS F 100 3.32 44.37 -54.98
N GLU F 101 2.27 44.61 -54.22
CA GLU F 101 1.20 45.57 -54.54
C GLU F 101 1.70 47.02 -54.63
N ARG F 102 2.56 47.47 -53.71
CA ARG F 102 3.10 48.85 -53.72
C ARG F 102 4.29 49.02 -54.64
N LYS F 103 5.09 47.98 -54.86
CA LYS F 103 6.09 47.93 -55.92
C LYS F 103 5.43 47.92 -57.31
N GLY F 104 4.20 47.45 -57.40
CA GLY F 104 3.41 47.43 -58.64
C GLY F 104 3.65 46.19 -59.50
N ASP F 105 4.10 45.07 -58.93
CA ASP F 105 4.41 43.84 -59.67
C ASP F 105 3.17 43.17 -60.28
N TYR F 106 1.98 43.57 -59.86
CA TYR F 106 0.70 43.15 -60.44
C TYR F 106 0.27 43.98 -61.66
N LEU F 107 1.14 44.82 -62.24
CA LEU F 107 0.88 45.55 -63.49
C LEU F 107 -0.44 46.32 -63.46
N GLY F 108 -0.75 46.92 -62.32
CA GLY F 108 -1.94 47.72 -62.10
C GLY F 108 -3.27 46.97 -62.10
N LYS F 109 -3.30 45.63 -62.17
CA LYS F 109 -4.51 44.86 -61.87
C LYS F 109 -4.96 45.11 -60.43
N THR F 110 -6.22 44.90 -60.08
CA THR F 110 -6.56 44.71 -58.67
C THR F 110 -6.06 43.35 -58.20
N VAL F 111 -5.58 43.28 -56.96
CA VAL F 111 -4.98 42.07 -56.38
C VAL F 111 -5.93 41.51 -55.34
N GLN F 112 -6.18 40.22 -55.41
CA GLN F 112 -7.32 39.55 -54.76
C GLN F 112 -6.85 38.39 -53.92
N ILE F 113 -7.62 37.96 -52.93
CA ILE F 113 -7.21 36.79 -52.15
C ILE F 113 -7.20 35.55 -53.04
N VAL F 114 -8.16 35.42 -53.96
CA VAL F 114 -8.11 34.44 -55.06
C VAL F 114 -8.20 35.19 -56.39
N PRO F 115 -7.30 34.96 -57.36
CA PRO F 115 -6.22 33.99 -57.38
C PRO F 115 -4.86 34.51 -56.87
N HIS F 116 -4.64 35.82 -56.68
CA HIS F 116 -3.28 36.32 -56.47
C HIS F 116 -2.63 35.83 -55.18
N LEU F 117 -3.28 35.95 -54.03
CA LEU F 117 -2.68 35.45 -52.79
C LEU F 117 -2.61 33.92 -52.73
N THR F 118 -3.59 33.19 -53.25
CA THR F 118 -3.48 31.73 -53.31
C THR F 118 -2.43 31.25 -54.29
N ASN F 119 -2.11 32.00 -55.33
CA ASN F 119 -0.92 31.78 -56.14
C ASN F 119 0.35 32.06 -55.34
N ALA F 120 0.42 33.14 -54.57
CA ALA F 120 1.60 33.43 -53.76
C ALA F 120 1.94 32.29 -52.81
N ILE F 121 0.96 31.73 -52.11
CA ILE F 121 1.18 30.59 -51.21
C ILE F 121 1.71 29.38 -51.98
N GLN F 122 1.14 29.01 -53.12
CA GLN F 122 1.67 27.91 -53.94
C GLN F 122 3.10 28.19 -54.43
N ASP F 123 3.35 29.42 -54.88
CA ASP F 123 4.67 29.81 -55.35
C ASP F 123 5.70 29.83 -54.22
N TRP F 124 5.29 30.09 -52.97
CA TRP F 124 6.14 29.97 -51.78
C TRP F 124 6.43 28.51 -51.44
N ILE F 125 5.45 27.63 -51.37
CA ILE F 125 5.65 26.22 -51.07
C ILE F 125 6.59 25.57 -52.09
N GLU F 126 6.35 25.74 -53.39
CA GLU F 126 7.23 25.15 -54.38
C GLU F 126 8.59 25.85 -54.47
N ARG F 127 8.71 27.14 -54.05
CA ARG F 127 10.02 27.80 -53.93
C ARG F 127 10.82 27.13 -52.84
N VAL F 128 10.28 27.08 -51.64
CA VAL F 128 10.98 26.59 -50.45
C VAL F 128 11.31 25.11 -50.55
N ALA F 129 10.44 24.30 -51.16
CA ALA F 129 10.69 22.88 -51.36
C ALA F 129 11.88 22.55 -52.29
N LYS F 130 12.45 23.52 -53.00
CA LYS F 130 13.72 23.36 -53.74
C LYS F 130 14.96 23.40 -52.86
N ILE F 131 14.91 24.11 -51.72
CA ILE F 131 16.09 24.43 -50.91
C ILE F 131 16.71 23.13 -50.36
N PRO F 132 18.03 22.90 -50.50
CA PRO F 132 18.69 21.66 -50.08
C PRO F 132 19.02 21.66 -48.59
N VAL F 133 18.04 21.31 -47.75
CA VAL F 133 18.16 21.33 -46.28
C VAL F 133 18.94 20.14 -45.70
N ASP F 134 19.30 19.17 -46.54
CA ASP F 134 19.75 17.83 -46.17
C ASP F 134 21.28 17.66 -46.22
N ASP F 135 21.80 16.49 -45.83
CA ASP F 135 23.24 16.20 -45.70
C ASP F 135 24.04 16.15 -47.02
N THR F 136 23.42 16.45 -48.14
CA THR F 136 24.10 16.77 -49.40
C THR F 136 23.26 17.77 -50.19
N GLY F 137 23.88 18.60 -51.00
CA GLY F 137 23.29 19.79 -51.62
C GLY F 137 22.22 19.56 -52.68
N MET F 138 21.71 18.34 -52.88
CA MET F 138 20.58 18.07 -53.78
C MET F 138 19.25 18.58 -53.22
N GLU F 139 18.36 18.97 -54.11
CA GLU F 139 17.01 19.36 -53.72
C GLU F 139 16.23 18.17 -53.10
N PRO F 140 15.37 18.38 -52.09
CA PRO F 140 14.58 17.33 -51.47
C PRO F 140 13.68 16.56 -52.44
N ASP F 141 13.45 15.29 -52.14
CA ASP F 141 12.58 14.43 -52.93
C ASP F 141 11.13 14.57 -52.47
N VAL F 142 10.92 14.75 -51.16
CA VAL F 142 9.61 14.91 -50.54
C VAL F 142 9.60 16.09 -49.58
N CYS F 143 8.49 16.81 -49.54
CA CYS F 143 8.25 17.88 -48.58
C CYS F 143 7.03 17.58 -47.71
N ILE F 144 7.16 17.61 -46.39
CA ILE F 144 6.05 17.47 -45.45
C ILE F 144 5.51 18.85 -45.16
N ILE F 145 4.27 19.15 -45.50
CA ILE F 145 3.64 20.46 -45.27
C ILE F 145 2.67 20.33 -44.12
N GLU F 146 2.92 20.96 -42.97
CA GLU F 146 1.97 20.94 -41.88
C GLU F 146 1.15 22.22 -41.87
N LEU F 147 -0.15 22.07 -42.03
CA LEU F 147 -1.11 23.16 -41.99
C LEU F 147 -1.59 23.33 -40.55
N GLY F 148 -1.18 24.38 -39.86
CA GLY F 148 -1.66 24.72 -38.53
C GLY F 148 -3.11 25.21 -38.50
N GLY F 149 -3.60 25.45 -37.29
CA GLY F 149 -5.02 25.74 -37.05
C GLY F 149 -5.91 24.54 -37.30
N THR F 150 -7.19 24.77 -37.60
CA THR F 150 -8.12 23.73 -38.05
C THR F 150 -8.79 24.12 -39.36
N VAL F 151 -9.04 23.16 -40.23
CA VAL F 151 -9.80 23.40 -41.46
C VAL F 151 -11.21 23.89 -41.09
N GLY F 152 -11.66 24.99 -41.69
CA GLY F 152 -12.90 25.67 -41.31
C GLY F 152 -12.75 26.85 -40.35
N ASP F 153 -11.49 27.18 -40.02
CA ASP F 153 -11.19 28.41 -39.26
C ASP F 153 -11.25 29.55 -40.30
N ILE F 154 -11.61 30.79 -39.91
CA ILE F 154 -11.60 31.97 -40.84
C ILE F 154 -10.15 32.44 -40.98
N GLU F 155 -9.21 31.86 -40.27
CA GLU F 155 -7.77 32.13 -40.20
C GLU F 155 -7.01 31.24 -41.14
N SER F 156 -7.49 30.05 -41.41
CA SER F 156 -6.91 28.97 -42.20
C SER F 156 -7.50 28.88 -43.58
N ALA F 157 -8.50 29.70 -43.90
CA ALA F 157 -9.24 29.60 -45.19
C ALA F 157 -8.34 29.92 -46.40
N PRO F 158 -7.43 30.90 -46.38
CA PRO F 158 -6.53 31.16 -47.52
C PRO F 158 -5.62 29.98 -47.87
N PHE F 159 -5.16 29.23 -46.88
CA PHE F 159 -4.25 28.11 -47.08
C PHE F 159 -4.91 26.85 -47.62
N VAL F 160 -6.13 26.51 -47.20
CA VAL F 160 -6.86 25.38 -47.81
C VAL F 160 -7.30 25.68 -49.25
N GLU F 161 -7.55 26.95 -49.61
CA GLU F 161 -7.66 27.32 -51.01
C GLU F 161 -6.34 27.09 -51.75
N ALA F 162 -5.24 27.61 -51.23
CA ALA F 162 -3.97 27.51 -51.92
C ALA F 162 -3.52 26.06 -52.08
N LEU F 163 -3.69 25.24 -51.04
CA LEU F 163 -3.41 23.81 -51.11
C LEU F 163 -4.34 23.10 -52.08
N ARG F 164 -5.65 23.42 -52.17
CA ARG F 164 -6.53 22.79 -53.17
C ARG F 164 -6.00 23.01 -54.57
N GLN F 165 -5.72 24.26 -54.92
CA GLN F 165 -5.17 24.61 -56.23
C GLN F 165 -3.82 23.90 -56.44
N PHE F 166 -3.03 23.74 -55.37
CA PHE F 166 -1.77 23.02 -55.41
C PHE F 166 -1.93 21.53 -55.72
N GLN F 167 -3.07 20.90 -55.43
CA GLN F 167 -3.32 19.51 -55.85
C GLN F 167 -3.37 19.34 -57.37
N PHE F 168 -3.39 20.44 -58.13
CA PHE F 168 -3.46 20.46 -59.59
C PHE F 168 -2.18 21.06 -60.19
N LYS F 169 -1.61 22.09 -59.56
CA LYS F 169 -0.33 22.68 -59.96
C LYS F 169 0.80 21.63 -59.82
N VAL F 170 0.79 20.91 -58.70
CA VAL F 170 1.40 19.59 -58.52
C VAL F 170 0.38 18.54 -58.96
N GLY F 171 0.76 17.40 -59.51
CA GLY F 171 -0.19 16.34 -59.84
C GLY F 171 -0.69 15.50 -58.66
N LYS F 172 -1.85 14.86 -58.80
CA LYS F 172 -2.15 13.63 -58.06
C LYS F 172 -1.12 12.56 -58.46
N GLU F 173 -0.81 11.63 -57.56
CA GLU F 173 0.42 10.81 -57.62
C GLU F 173 1.72 11.61 -57.45
N ASN F 174 1.67 12.89 -57.08
CA ASN F 174 2.79 13.64 -56.48
C ASN F 174 2.40 14.29 -55.15
N PHE F 175 1.14 14.64 -54.94
CA PHE F 175 0.63 15.19 -53.68
C PHE F 175 -0.28 14.18 -52.96
N ALA F 176 -0.19 14.10 -51.63
CA ALA F 176 -1.10 13.33 -50.77
C ALA F 176 -1.39 14.05 -49.45
N LEU F 177 -2.51 13.77 -48.80
CA LEU F 177 -2.91 14.43 -47.56
C LEU F 177 -3.22 13.44 -46.44
N ILE F 178 -2.70 13.70 -45.25
CA ILE F 178 -3.02 13.04 -43.99
C ILE F 178 -3.88 13.98 -43.16
N HIS F 179 -5.09 13.60 -42.78
CA HIS F 179 -5.96 14.44 -41.97
C HIS F 179 -6.03 13.88 -40.57
N VAL F 180 -5.74 14.68 -39.57
CA VAL F 180 -5.64 14.22 -38.18
C VAL F 180 -6.93 14.62 -37.47
N SER F 181 -7.64 13.71 -36.82
CA SER F 181 -9.02 13.96 -36.37
C SER F 181 -9.36 13.30 -35.04
N LEU F 182 -10.44 13.75 -34.38
CA LEU F 182 -10.72 13.35 -33.00
C LEU F 182 -11.74 12.21 -32.94
N VAL F 183 -11.45 11.18 -32.16
CA VAL F 183 -12.42 10.17 -31.76
C VAL F 183 -12.60 10.33 -30.24
N PRO F 184 -13.52 11.19 -29.74
CA PRO F 184 -13.73 11.31 -28.31
C PRO F 184 -14.34 10.02 -27.79
N VAL F 185 -13.86 9.52 -26.63
CA VAL F 185 -14.35 8.25 -26.01
C VAL F 185 -15.07 8.62 -24.70
N ILE F 186 -16.39 8.88 -24.73
CA ILE F 186 -17.22 9.21 -23.53
C ILE F 186 -18.49 8.35 -23.51
N HIS F 187 -19.13 8.15 -22.35
CA HIS F 187 -20.40 7.40 -22.22
C HIS F 187 -20.21 5.97 -22.75
N GLY F 188 -19.04 5.35 -22.54
CA GLY F 188 -18.79 3.93 -22.91
C GLY F 188 -18.85 3.67 -24.42
N GLU F 189 -18.34 4.57 -25.27
CA GLU F 189 -18.27 4.33 -26.75
C GLU F 189 -17.30 5.31 -27.45
N GLN F 190 -16.54 4.85 -28.47
CA GLN F 190 -15.63 5.72 -29.29
C GLN F 190 -16.52 6.40 -30.35
N LYS F 191 -16.78 7.71 -30.26
CA LYS F 191 -17.74 8.36 -31.16
C LYS F 191 -17.05 8.83 -32.44
N THR F 192 -17.57 8.48 -33.61
CA THR F 192 -16.98 8.85 -34.90
C THR F 192 -17.39 10.22 -35.41
N LYS F 193 -18.50 10.80 -34.93
CA LYS F 193 -19.12 11.96 -35.57
C LYS F 193 -18.26 13.22 -35.70
N PRO F 194 -17.34 13.59 -34.79
CA PRO F 194 -16.48 14.74 -35.02
C PRO F 194 -15.58 14.54 -36.24
N THR F 195 -15.14 13.32 -36.52
CA THR F 195 -14.42 13.00 -37.78
C THR F 195 -15.33 13.11 -39.00
N GLN F 196 -16.60 12.70 -38.94
CA GLN F 196 -17.53 12.89 -40.05
C GLN F 196 -17.76 14.38 -40.35
N ALA F 197 -18.10 15.20 -39.35
CA ALA F 197 -18.31 16.63 -39.51
C ALA F 197 -17.06 17.40 -39.97
N ALA F 198 -15.85 17.04 -39.51
CA ALA F 198 -14.60 17.65 -39.96
C ALA F 198 -14.15 17.16 -41.34
N ILE F 199 -14.55 15.97 -41.78
CA ILE F 199 -14.29 15.50 -43.15
C ILE F 199 -15.29 16.12 -44.11
N LYS F 200 -16.55 16.29 -43.72
CA LYS F 200 -17.51 17.15 -44.42
C LYS F 200 -16.94 18.55 -44.63
N GLY F 201 -16.41 19.18 -43.58
CA GLY F 201 -15.67 20.44 -43.71
C GLY F 201 -14.52 20.35 -44.70
N LEU F 202 -13.66 19.34 -44.61
CA LEU F 202 -12.51 19.17 -45.49
C LEU F 202 -12.92 19.09 -46.96
N ARG F 203 -13.86 18.21 -47.33
CA ARG F 203 -14.28 18.08 -48.72
C ARG F 203 -14.99 19.33 -49.23
N SER F 204 -15.63 20.11 -48.38
CA SER F 204 -16.24 21.38 -48.78
C SER F 204 -15.20 22.32 -49.39
N LEU F 205 -14.03 22.46 -48.76
CA LEU F 205 -12.92 23.28 -49.25
C LEU F 205 -12.08 22.59 -50.34
N GLY F 206 -12.24 21.29 -50.52
CA GLY F 206 -11.93 20.56 -51.76
C GLY F 206 -10.73 19.62 -51.70
N LEU F 207 -10.01 19.63 -50.59
CA LEU F 207 -8.98 18.65 -50.28
C LEU F 207 -9.66 17.29 -50.01
N VAL F 208 -9.01 16.19 -50.39
CA VAL F 208 -9.47 14.82 -50.07
C VAL F 208 -8.37 14.06 -49.34
N PRO F 209 -8.65 13.42 -48.20
CA PRO F 209 -7.63 12.78 -47.41
C PRO F 209 -7.30 11.42 -47.97
N ASP F 210 -6.02 11.15 -48.15
CA ASP F 210 -5.51 9.84 -48.53
C ASP F 210 -5.29 8.96 -47.31
N MET F 211 -5.19 9.56 -46.13
CA MET F 211 -5.23 8.90 -44.83
C MET F 211 -6.03 9.73 -43.84
N ILE F 212 -6.61 9.07 -42.86
CA ILE F 212 -7.08 9.72 -41.64
C ILE F 212 -6.22 9.19 -40.50
N ALA F 213 -5.87 10.03 -39.53
CA ALA F 213 -5.14 9.64 -38.36
C ALA F 213 -5.82 10.12 -37.09
N CYS F 214 -6.14 9.22 -36.16
CA CYS F 214 -7.00 9.62 -35.04
C CYS F 214 -6.24 9.90 -33.75
N ARG F 215 -6.50 11.06 -33.14
CA ARG F 215 -6.33 11.26 -31.70
C ARG F 215 -7.44 10.51 -31.01
N CYS F 216 -7.08 9.54 -30.19
CA CYS F 216 -8.04 8.80 -29.39
C CYS F 216 -7.40 8.43 -28.05
N SER F 217 -8.21 8.33 -26.99
CA SER F 217 -7.77 7.87 -25.67
C SER F 217 -7.44 6.37 -25.65
N GLU F 218 -7.77 5.62 -26.70
CA GLU F 218 -7.74 4.16 -26.77
C GLU F 218 -7.10 3.63 -28.06
N THR F 219 -6.86 2.33 -28.14
CA THR F 219 -6.77 1.71 -29.47
C THR F 219 -8.14 1.80 -30.14
N LEU F 220 -8.24 2.32 -31.37
CA LEU F 220 -9.50 2.33 -32.10
C LEU F 220 -10.07 0.91 -32.22
N ASP F 221 -11.34 0.75 -31.88
CA ASP F 221 -12.04 -0.50 -32.13
C ASP F 221 -12.13 -0.79 -33.63
N LYS F 222 -12.09 -2.06 -34.00
CA LYS F 222 -12.34 -2.54 -35.36
C LYS F 222 -13.58 -1.91 -36.00
N PRO F 223 -14.76 -1.83 -35.34
CA PRO F 223 -15.91 -1.08 -35.85
C PRO F 223 -15.69 0.43 -35.99
N THR F 224 -14.88 1.09 -35.15
CA THR F 224 -14.61 2.53 -35.30
C THR F 224 -13.85 2.82 -36.57
N ILE F 225 -12.83 2.03 -36.89
CA ILE F 225 -12.13 2.11 -38.17
C ILE F 225 -13.10 1.91 -39.33
N ASP F 226 -13.98 0.91 -39.26
CA ASP F 226 -14.96 0.67 -40.32
C ASP F 226 -15.96 1.82 -40.46
N LYS F 227 -16.45 2.40 -39.37
CA LYS F 227 -17.42 3.51 -39.41
C LYS F 227 -16.79 4.85 -39.76
N ILE F 228 -15.47 5.05 -39.62
CA ILE F 228 -14.76 6.16 -40.28
C ILE F 228 -14.56 5.88 -41.77
N ALA F 229 -14.05 4.72 -42.17
CA ALA F 229 -13.82 4.41 -43.58
C ALA F 229 -15.10 4.30 -44.43
N MET F 230 -16.26 3.98 -43.84
CA MET F 230 -17.57 4.05 -44.49
C MET F 230 -18.06 5.48 -44.74
N PHE F 231 -17.36 6.48 -44.20
CA PHE F 231 -17.74 7.91 -44.26
C PHE F 231 -16.67 8.81 -44.88
N CYS F 232 -15.55 8.24 -45.32
CA CYS F 232 -14.42 8.93 -45.93
C CYS F 232 -13.83 8.10 -47.08
N HIS F 233 -13.10 8.71 -47.99
CA HIS F 233 -12.64 8.02 -49.21
C HIS F 233 -11.32 7.24 -49.03
N VAL F 234 -11.17 6.59 -47.87
CA VAL F 234 -9.97 5.83 -47.45
C VAL F 234 -10.32 4.37 -47.25
N GLY F 235 -9.41 3.43 -47.53
CA GLY F 235 -9.60 2.05 -47.09
C GLY F 235 -9.50 1.92 -45.57
N PRO F 236 -10.00 0.86 -44.94
CA PRO F 236 -9.90 0.71 -43.50
C PRO F 236 -8.45 0.59 -42.98
N GLU F 237 -7.50 0.23 -43.84
CA GLU F 237 -6.07 0.16 -43.54
C GLU F 237 -5.35 1.53 -43.55
N GLN F 238 -6.01 2.61 -43.99
CA GLN F 238 -5.51 3.99 -43.92
C GLN F 238 -6.22 4.86 -42.87
N VAL F 239 -6.94 4.26 -41.92
CA VAL F 239 -7.31 4.94 -40.68
C VAL F 239 -6.24 4.64 -39.63
N VAL F 240 -5.11 5.33 -39.84
CA VAL F 240 -3.95 5.23 -38.90
C VAL F 240 -4.51 5.63 -37.53
N ASN F 241 -3.98 5.11 -36.43
CA ASN F 241 -4.31 5.60 -35.07
C ASN F 241 -2.95 6.01 -34.51
N VAL F 242 -2.85 6.99 -33.63
CA VAL F 242 -1.56 7.31 -32.95
C VAL F 242 -1.94 7.31 -31.47
N HIS F 243 -1.90 6.13 -30.83
CA HIS F 243 -2.37 5.93 -29.43
C HIS F 243 -1.22 6.11 -28.44
N ASP F 244 -1.50 5.89 -27.15
CA ASP F 244 -0.49 5.92 -26.09
C ASP F 244 0.66 4.93 -26.36
N VAL F 245 1.89 5.40 -26.25
CA VAL F 245 3.14 4.64 -26.48
C VAL F 245 4.17 5.00 -25.41
N ASN F 246 5.20 4.16 -25.26
CA ASN F 246 6.15 4.31 -24.15
C ASN F 246 6.85 5.67 -24.14
N SER F 247 7.16 6.18 -25.34
CA SER F 247 7.62 7.55 -25.59
C SER F 247 7.26 7.99 -27.00
N THR F 248 7.24 9.29 -27.21
CA THR F 248 6.92 9.96 -28.48
C THR F 248 7.71 9.39 -29.66
N TYR F 249 8.99 9.08 -29.48
CA TYR F 249 9.83 8.54 -30.56
C TYR F 249 9.44 7.12 -30.99
N HIS F 250 8.64 6.39 -30.22
CA HIS F 250 8.05 5.15 -30.71
C HIS F 250 7.02 5.40 -31.80
N VAL F 251 6.43 6.59 -31.84
CA VAL F 251 5.41 6.94 -32.83
C VAL F 251 5.83 6.65 -34.28
N PRO F 252 7.00 7.04 -34.80
CA PRO F 252 7.35 6.66 -36.16
C PRO F 252 7.35 5.15 -36.38
N LEU F 253 7.85 4.37 -35.41
CA LEU F 253 7.78 2.92 -35.52
C LEU F 253 6.33 2.45 -35.43
N LEU F 254 5.51 3.06 -34.58
CA LEU F 254 4.07 2.83 -34.55
C LEU F 254 3.43 3.05 -35.94
N LEU F 255 3.73 4.17 -36.60
CA LEU F 255 3.22 4.47 -37.94
C LEU F 255 3.69 3.42 -38.95
N LEU F 256 4.97 3.05 -38.90
CA LEU F 256 5.52 1.98 -39.70
C LEU F 256 4.79 0.65 -39.47
N GLU F 257 4.56 0.29 -38.22
CA GLU F 257 3.89 -0.96 -37.84
C GLU F 257 2.44 -1.00 -38.33
N GLN F 258 1.76 0.15 -38.33
CA GLN F 258 0.44 0.35 -38.90
C GLN F 258 0.45 0.44 -40.44
N LYS F 259 1.53 0.02 -41.10
CA LYS F 259 1.70 0.00 -42.56
C LYS F 259 1.46 1.35 -43.21
N MET F 260 1.75 2.44 -42.50
CA MET F 260 1.50 3.79 -43.00
C MET F 260 2.35 4.08 -44.23
N ILE F 261 3.64 3.75 -44.22
CA ILE F 261 4.55 3.96 -45.36
C ILE F 261 4.33 2.98 -46.49
N ASP F 262 3.90 1.75 -46.22
CA ASP F 262 3.64 0.78 -47.27
C ASP F 262 2.48 1.22 -48.19
N TYR F 263 1.62 2.11 -47.71
CA TYR F 263 0.69 2.86 -48.54
C TYR F 263 1.37 4.05 -49.22
N LEU F 264 2.04 4.97 -48.50
CA LEU F 264 2.63 6.17 -49.11
C LEU F 264 3.63 5.84 -50.22
N HIS F 265 4.38 4.75 -50.10
CA HIS F 265 5.22 4.22 -51.17
C HIS F 265 4.45 4.04 -52.49
N ALA F 266 3.25 3.46 -52.46
CA ALA F 266 2.41 3.28 -53.62
C ALA F 266 1.65 4.55 -54.01
N ARG F 267 1.07 5.26 -53.02
CA ARG F 267 0.23 6.44 -53.22
C ARG F 267 0.99 7.64 -53.78
N LEU F 268 2.26 7.75 -53.43
CA LEU F 268 3.16 8.75 -53.98
C LEU F 268 4.19 8.14 -54.92
N LYS F 269 4.08 6.85 -55.22
CA LYS F 269 4.87 6.19 -56.26
C LYS F 269 6.37 6.43 -56.04
N LEU F 270 6.80 6.11 -54.83
CA LEU F 270 8.13 6.42 -54.30
C LEU F 270 9.19 5.43 -54.80
N ASP F 271 8.74 4.31 -55.34
CA ASP F 271 9.52 3.42 -56.21
C ASP F 271 10.08 4.15 -57.43
N GLU F 272 9.46 5.25 -57.89
CA GLU F 272 10.04 6.09 -58.94
C GLU F 272 11.29 6.85 -58.49
N ILE F 273 11.55 6.96 -57.19
CA ILE F 273 12.78 7.58 -56.68
C ILE F 273 13.92 6.56 -56.69
N SER F 274 14.65 6.52 -57.81
CA SER F 274 15.81 5.65 -58.04
C SER F 274 17.07 6.14 -57.28
N LEU F 275 17.07 5.97 -55.96
CA LEU F 275 18.17 6.33 -55.07
C LEU F 275 19.49 5.63 -55.43
N THR F 276 20.63 6.30 -55.18
CA THR F 276 21.91 5.57 -55.20
C THR F 276 21.96 4.55 -54.06
N GLU F 277 22.83 3.56 -54.18
CA GLU F 277 23.05 2.57 -53.12
C GLU F 277 23.80 3.15 -51.91
N GLU F 278 24.28 4.40 -51.99
CA GLU F 278 24.64 5.19 -50.81
C GLU F 278 23.45 5.96 -50.20
N GLU F 279 22.34 6.05 -50.92
CA GLU F 279 21.09 6.57 -50.43
C GLU F 279 20.17 5.41 -50.08
N GLU F 280 21.20 1.54 -45.90
CA GLU F 280 21.74 1.28 -44.57
C GLU F 280 21.39 2.38 -43.58
N LEU F 281 21.20 3.63 -43.99
CA LEU F 281 20.68 4.67 -43.11
C LEU F 281 19.33 4.26 -42.53
N LEU F 282 18.48 3.62 -43.34
CA LEU F 282 17.29 2.91 -42.91
C LEU F 282 17.61 1.93 -41.79
N SER F 283 18.58 1.05 -42.01
CA SER F 283 18.95 -0.02 -41.09
C SER F 283 19.49 0.53 -39.79
N LYS F 284 20.59 1.31 -39.91
CA LYS F 284 21.22 2.01 -38.76
C LYS F 284 20.10 2.83 -38.10
N TRP F 285 19.10 3.36 -38.85
CA TRP F 285 17.97 4.07 -38.20
C TRP F 285 17.15 2.96 -37.49
N LYS F 286 16.51 1.97 -38.14
CA LYS F 286 15.70 0.87 -37.51
C LYS F 286 16.50 0.22 -36.36
N ALA F 287 17.84 0.26 -36.41
CA ALA F 287 18.72 -0.28 -35.35
C ALA F 287 18.51 0.67 -34.16
N THR F 288 18.55 2.01 -34.31
CA THR F 288 18.48 3.09 -33.23
C THR F 288 17.05 3.49 -32.81
N THR F 289 15.99 3.17 -33.54
CA THR F 289 14.60 3.18 -33.12
C THR F 289 14.43 2.18 -32.00
N GLY F 290 14.91 0.97 -32.25
CA GLY F 290 15.09 -0.04 -31.22
C GLY F 290 16.00 0.45 -30.10
N ASN F 291 17.16 1.05 -30.40
CA ASN F 291 18.15 1.37 -29.37
C ASN F 291 17.68 2.50 -28.46
N PHE F 292 16.82 3.40 -28.95
CA PHE F 292 16.00 4.22 -28.08
C PHE F 292 15.06 3.30 -27.27
N ASP F 293 14.17 2.59 -27.95
CA ASP F 293 13.00 1.96 -27.35
C ASP F 293 13.31 0.85 -26.33
N GLU F 294 14.40 0.13 -26.53
CA GLU F 294 14.87 -0.99 -25.72
C GLU F 294 15.34 -0.53 -24.33
N THR F 295 16.72 3.18 -13.67
CA THR F 295 16.34 4.61 -13.70
C THR F 295 17.46 5.57 -13.28
N VAL F 296 17.49 6.75 -13.89
CA VAL F 296 18.22 7.94 -13.43
C VAL F 296 17.20 9.00 -13.04
N LYS F 297 17.25 9.53 -11.81
CA LYS F 297 16.32 10.56 -11.32
C LYS F 297 17.00 11.92 -11.40
N ILE F 298 16.44 12.92 -12.08
CA ILE F 298 17.04 14.26 -12.20
C ILE F 298 16.06 15.31 -11.69
N ALA F 299 16.46 16.19 -10.78
CA ALA F 299 15.61 17.31 -10.40
C ALA F 299 15.87 18.47 -11.35
N LEU F 300 14.85 18.90 -12.07
CA LEU F 300 14.91 20.12 -12.88
C LEU F 300 14.24 21.22 -12.08
N VAL F 301 15.02 22.22 -11.71
CA VAL F 301 14.65 23.24 -10.73
C VAL F 301 14.57 24.59 -11.41
N GLY F 302 13.38 25.20 -11.48
CA GLY F 302 13.24 26.49 -12.14
C GLY F 302 11.95 27.19 -11.82
N LYS F 303 11.69 28.34 -12.44
CA LYS F 303 10.41 29.07 -12.35
C LYS F 303 9.27 28.34 -13.09
N TYR F 304 8.10 28.28 -12.48
CA TYR F 304 6.84 27.85 -13.13
C TYR F 304 6.97 26.54 -13.91
N THR F 305 7.64 25.54 -13.32
CA THR F 305 7.76 24.19 -13.89
C THR F 305 6.42 23.49 -14.13
N ASN F 306 5.32 24.01 -13.59
CA ASN F 306 3.96 23.61 -13.92
C ASN F 306 3.67 23.74 -15.43
N LEU F 307 4.30 24.73 -16.05
CA LEU F 307 4.20 25.08 -17.46
C LEU F 307 5.20 24.24 -18.28
N LYS F 308 4.91 22.94 -18.37
CA LYS F 308 5.93 21.97 -18.82
C LYS F 308 6.41 22.14 -20.28
N ASP F 309 5.61 22.69 -21.17
CA ASP F 309 6.09 22.99 -22.52
C ASP F 309 7.21 24.05 -22.52
N SER F 310 7.27 24.92 -21.51
CA SER F 310 8.29 25.96 -21.42
C SER F 310 9.71 25.41 -21.25
N TYR F 311 9.84 24.13 -20.92
CA TYR F 311 11.11 23.45 -20.75
C TYR F 311 11.31 22.32 -21.75
N LEU F 312 10.50 22.28 -22.80
CA LEU F 312 10.46 21.14 -23.72
C LEU F 312 11.82 20.73 -24.27
N SER F 313 12.61 21.67 -24.79
CA SER F 313 13.91 21.33 -25.38
C SER F 313 14.80 20.66 -24.36
N VAL F 314 14.77 21.16 -23.11
CA VAL F 314 15.50 20.60 -21.99
C VAL F 314 15.08 19.15 -21.80
N ILE F 315 13.78 18.89 -21.80
CA ILE F 315 13.29 17.51 -21.66
C ILE F 315 13.82 16.64 -22.79
N LYS F 316 13.68 17.09 -24.04
CA LYS F 316 14.11 16.27 -25.17
C LYS F 316 15.60 16.01 -25.13
N ALA F 317 16.40 17.00 -24.78
CA ALA F 317 17.84 16.82 -24.63
C ALA F 317 18.19 15.73 -23.60
N LEU F 318 17.53 15.74 -22.44
CA LEU F 318 17.68 14.69 -21.44
C LEU F 318 17.25 13.32 -21.98
N GLU F 319 16.18 13.24 -22.78
CA GLU F 319 15.75 11.99 -23.40
C GLU F 319 16.79 11.45 -24.37
N HIS F 320 17.34 12.29 -25.25
CA HIS F 320 18.32 11.83 -26.26
C HIS F 320 19.52 11.20 -25.58
N SER F 321 20.03 11.88 -24.58
CA SER F 321 21.17 11.42 -23.80
C SER F 321 20.86 10.17 -22.98
N SER F 322 19.69 10.08 -22.36
CA SER F 322 19.31 8.91 -21.57
C SER F 322 19.26 7.61 -22.38
N MET F 323 18.85 7.69 -23.64
CA MET F 323 18.90 6.55 -24.54
C MET F 323 20.33 6.04 -24.77
N LYS F 324 21.33 6.95 -24.86
CA LYS F 324 22.75 6.56 -24.99
C LYS F 324 23.26 5.84 -23.74
N CYS F 325 22.92 6.35 -22.55
CA CYS F 325 23.23 5.68 -21.27
C CYS F 325 22.42 4.40 -20.97
N ARG F 326 21.47 4.07 -21.87
CA ARG F 326 20.52 2.95 -21.77
C ARG F 326 19.69 2.96 -20.47
N ARG F 327 19.52 4.13 -19.83
CA ARG F 327 18.85 4.30 -18.53
C ARG F 327 17.58 5.10 -18.67
N LYS F 328 16.57 4.73 -17.89
CA LYS F 328 15.24 5.31 -17.92
C LYS F 328 15.25 6.67 -17.24
N LEU F 329 14.73 7.69 -17.88
CA LEU F 329 14.76 9.06 -17.36
C LEU F 329 13.53 9.35 -16.50
N ASP F 330 13.76 9.91 -15.32
CA ASP F 330 12.70 10.33 -14.41
C ASP F 330 12.93 11.77 -13.94
N ILE F 331 12.42 12.74 -14.70
CA ILE F 331 12.54 14.16 -14.32
C ILE F 331 11.62 14.45 -13.15
N LYS F 332 12.15 14.92 -12.03
CA LYS F 332 11.37 15.53 -10.97
C LYS F 332 11.24 17.01 -11.26
N TRP F 333 10.02 17.52 -11.35
CA TRP F 333 9.73 18.93 -11.56
C TRP F 333 9.64 19.67 -10.24
N VAL F 334 10.56 20.59 -9.99
CA VAL F 334 10.61 21.41 -8.79
C VAL F 334 10.33 22.86 -9.11
N GLU F 335 9.34 23.48 -8.49
CA GLU F 335 9.24 24.94 -8.52
C GLU F 335 10.35 25.51 -7.63
N ALA F 336 11.24 26.29 -8.21
CA ALA F 336 12.38 26.85 -7.49
C ALA F 336 11.97 27.65 -6.26
N THR F 337 10.90 28.43 -6.34
CA THR F 337 10.44 29.23 -5.20
C THR F 337 9.97 28.40 -4.01
N ASP F 338 9.54 27.15 -4.22
CA ASP F 338 9.14 26.28 -3.10
C ASP F 338 10.32 25.77 -2.27
N LEU F 339 11.57 25.95 -2.73
CA LEU F 339 12.75 25.62 -1.94
C LEU F 339 13.07 26.69 -0.90
N GLU F 340 12.53 27.89 -1.03
CA GLU F 340 12.96 29.05 -0.24
C GLU F 340 12.66 28.90 1.27
N PRO F 341 13.51 29.41 2.16
CA PRO F 341 13.24 29.46 3.60
C PRO F 341 11.93 30.18 3.98
N GLU F 342 11.46 31.11 3.15
CA GLU F 342 10.17 31.79 3.30
C GLU F 342 8.98 30.89 2.97
N ALA F 343 9.12 29.98 2.01
CA ALA F 343 8.04 29.08 1.62
C ALA F 343 7.63 28.16 2.78
N GLN F 344 8.54 27.86 3.72
CA GLN F 344 8.30 26.99 4.86
C GLN F 344 7.16 27.47 5.78
N GLU F 345 7.01 28.79 5.99
CA GLU F 345 5.85 29.31 6.73
C GLU F 345 4.65 29.59 5.82
N SER F 346 4.89 29.94 4.55
CA SER F 346 3.83 30.36 3.62
C SER F 346 3.01 29.17 3.10
N ASN F 347 3.66 28.09 2.69
CA ASN F 347 3.05 26.95 2.00
C ASN F 347 3.81 25.64 2.30
N LYS F 348 3.91 25.29 3.59
CA LYS F 348 4.83 24.27 4.10
C LYS F 348 4.77 22.94 3.34
N THR F 349 3.59 22.47 2.97
CA THR F 349 3.42 21.15 2.33
C THR F 349 4.19 21.04 1.03
N LYS F 350 4.05 22.03 0.15
CA LYS F 350 4.75 22.02 -1.15
C LYS F 350 6.25 22.21 -0.99
N PHE F 351 6.68 22.95 0.03
CA PHE F 351 8.09 23.09 0.38
C PHE F 351 8.75 21.75 0.74
N ARG F 352 8.09 20.88 1.50
CA ARG F 352 8.60 19.53 1.74
C ARG F 352 8.63 18.69 0.47
N GLU F 353 7.62 18.76 -0.39
CA GLU F 353 7.64 18.03 -1.66
C GLU F 353 8.81 18.46 -2.53
N ALA F 354 9.07 19.76 -2.62
CA ALA F 354 10.19 20.31 -3.37
C ALA F 354 11.54 19.81 -2.83
N TRP F 355 11.74 19.87 -1.51
CA TRP F 355 12.98 19.42 -0.92
C TRP F 355 13.17 17.91 -0.96
N ASN F 356 12.12 17.11 -0.87
CA ASN F 356 12.26 15.67 -1.09
C ASN F 356 12.78 15.38 -2.50
N MET F 357 12.26 16.05 -3.54
CA MET F 357 12.73 15.87 -4.90
C MET F 357 14.21 16.22 -4.99
N VAL F 358 14.64 17.38 -4.48
CA VAL F 358 16.05 17.80 -4.51
C VAL F 358 16.95 16.79 -3.80
N SER F 359 16.51 16.28 -2.66
CA SER F 359 17.25 15.29 -1.85
C SER F 359 17.30 13.90 -2.46
N THR F 360 16.30 13.52 -3.25
CA THR F 360 16.22 12.21 -3.91
C THR F 360 17.10 12.14 -5.14
N ALA F 361 17.20 13.22 -5.90
CA ALA F 361 17.70 13.17 -7.26
C ALA F 361 19.17 12.76 -7.39
N ASP F 362 19.48 11.96 -8.41
CA ASP F 362 20.83 11.57 -8.79
C ASP F 362 21.59 12.66 -9.53
N GLY F 363 20.91 13.70 -9.98
CA GLY F 363 21.50 14.87 -10.60
C GLY F 363 20.61 16.10 -10.42
N ILE F 364 21.18 17.29 -10.47
CA ILE F 364 20.45 18.54 -10.42
C ILE F 364 20.65 19.31 -11.73
N LEU F 365 19.63 20.01 -12.17
CA LEU F 365 19.60 20.75 -13.42
C LEU F 365 18.89 22.06 -13.21
N ILE F 366 19.58 23.17 -13.41
CA ILE F 366 18.99 24.50 -13.40
C ILE F 366 18.89 24.94 -14.87
N PRO F 367 17.69 25.12 -15.42
CA PRO F 367 17.47 24.95 -16.87
C PRO F 367 17.64 26.21 -17.73
N GLY F 368 18.02 27.36 -17.15
CA GLY F 368 18.02 28.63 -17.88
C GLY F 368 16.66 29.34 -17.89
N GLY F 369 16.06 29.52 -16.70
CA GLY F 369 14.73 30.11 -16.51
C GLY F 369 14.59 31.58 -16.96
N PHE F 370 13.35 32.04 -16.95
CA PHE F 370 12.92 33.37 -17.39
C PHE F 370 12.66 34.26 -16.18
N GLY F 371 13.27 35.44 -16.16
CA GLY F 371 13.11 36.40 -15.06
C GLY F 371 13.72 35.99 -13.71
N VAL F 372 13.56 36.82 -12.68
CA VAL F 372 14.33 36.71 -11.43
C VAL F 372 13.69 35.80 -10.36
N ARG F 373 12.37 35.60 -10.37
CA ARG F 373 11.58 35.06 -9.24
C ARG F 373 12.18 33.83 -8.56
N GLY F 374 12.54 32.81 -9.33
CA GLY F 374 13.03 31.52 -8.78
C GLY F 374 14.43 31.56 -8.16
N THR F 375 15.18 32.65 -8.32
CA THR F 375 16.62 32.69 -8.07
C THR F 375 17.00 32.17 -6.69
N GLU F 376 16.31 32.59 -5.63
CA GLU F 376 16.72 32.28 -4.26
C GLU F 376 16.71 30.77 -3.97
N GLY F 377 15.74 30.04 -4.49
CA GLY F 377 15.72 28.59 -4.36
C GLY F 377 16.76 27.91 -5.25
N MET F 378 16.95 28.39 -6.47
CA MET F 378 17.96 27.85 -7.38
C MET F 378 19.38 27.99 -6.83
N VAL F 379 19.65 28.99 -6.01
CA VAL F 379 20.92 29.10 -5.26
C VAL F 379 21.11 27.91 -4.32
N LEU F 380 20.10 27.58 -3.51
CA LEU F 380 20.14 26.47 -2.55
C LEU F 380 20.23 25.11 -3.26
N ALA F 381 19.62 24.94 -4.42
CA ALA F 381 19.82 23.75 -5.25
C ALA F 381 21.25 23.65 -5.81
N ALA F 382 21.89 24.75 -6.17
CA ALA F 382 23.28 24.72 -6.61
C ALA F 382 24.26 24.42 -5.46
N ARG F 383 23.99 24.95 -4.26
CA ARG F 383 24.72 24.70 -3.00
C ARG F 383 24.65 23.24 -2.60
N TRP F 384 23.46 22.66 -2.71
CA TRP F 384 23.22 21.26 -2.44
C TRP F 384 24.08 20.32 -3.29
N ALA F 385 24.30 20.65 -4.57
CA ALA F 385 25.16 19.89 -5.46
C ALA F 385 26.64 20.29 -5.43
N ARG F 386 26.99 21.50 -4.98
CA ARG F 386 28.40 21.86 -4.78
C ARG F 386 28.97 21.07 -3.62
N GLU F 387 28.29 21.08 -2.49
CA GLU F 387 28.82 20.57 -1.22
C GLU F 387 28.81 19.04 -1.18
N ASN F 388 27.63 18.45 -1.23
CA ASN F 388 27.44 17.02 -1.47
C ASN F 388 27.75 16.77 -2.95
N HIS F 389 28.54 15.76 -3.32
CA HIS F 389 29.01 15.56 -4.70
C HIS F 389 27.95 15.07 -5.73
N ILE F 390 26.76 15.67 -5.75
CA ILE F 390 25.69 15.41 -6.73
C ILE F 390 26.10 15.97 -8.11
N PRO F 391 25.96 15.23 -9.22
CA PRO F 391 26.11 15.77 -10.57
C PRO F 391 25.18 16.95 -10.85
N PHE F 392 25.65 17.96 -11.58
CA PHE F 392 24.94 19.21 -11.83
C PHE F 392 25.17 19.72 -13.25
N LEU F 393 24.14 20.31 -13.85
CA LEU F 393 24.26 21.20 -15.00
C LEU F 393 23.48 22.51 -14.78
N GLY F 394 24.15 23.63 -14.97
CA GLY F 394 23.53 24.95 -15.04
C GLY F 394 23.49 25.46 -16.47
N VAL F 395 22.31 25.79 -16.99
CA VAL F 395 22.17 26.35 -18.34
C VAL F 395 21.80 27.82 -18.25
N CYS F 396 22.53 28.71 -18.93
CA CYS F 396 22.33 30.15 -18.95
C CYS F 396 22.19 30.76 -17.54
N LEU F 397 20.97 31.10 -17.09
CA LEU F 397 20.71 31.51 -15.70
C LEU F 397 21.22 30.48 -14.67
N GLY F 398 21.34 29.20 -15.04
CA GLY F 398 22.00 28.21 -14.22
C GLY F 398 23.49 28.44 -14.07
N LEU F 399 24.22 28.88 -15.10
CA LEU F 399 25.63 29.30 -14.93
C LEU F 399 25.73 30.52 -14.04
N GLN F 400 24.83 31.47 -14.25
CA GLN F 400 24.72 32.67 -13.44
C GLN F 400 24.51 32.29 -11.96
N ILE F 401 23.61 31.35 -11.69
CA ILE F 401 23.35 30.88 -10.32
C ILE F 401 24.41 29.94 -9.76
N ALA F 402 25.10 29.15 -10.58
CA ALA F 402 26.30 28.45 -10.16
C ALA F 402 27.39 29.43 -9.70
N THR F 403 27.52 30.57 -10.38
CA THR F 403 28.51 31.58 -10.03
C THR F 403 28.08 32.44 -8.84
N ILE F 404 26.81 32.86 -8.77
CA ILE F 404 26.25 33.52 -7.59
C ILE F 404 26.42 32.61 -6.37
N GLU F 405 26.15 31.31 -6.45
CA GLU F 405 26.25 30.43 -5.29
C GLU F 405 27.71 30.27 -4.87
N PHE F 406 28.61 29.93 -5.79
CA PHE F 406 30.02 29.77 -5.47
C PHE F 406 30.61 31.07 -4.89
N THR F 407 30.19 32.24 -5.37
CA THR F 407 30.50 33.53 -4.74
C THR F 407 29.93 33.59 -3.33
N ARG F 408 28.63 33.37 -3.16
CA ARG F 408 27.84 33.50 -1.93
C ARG F 408 28.22 32.51 -0.82
N SER F 409 29.00 31.47 -1.12
CA SER F 409 29.33 30.41 -0.15
C SER F 409 30.80 30.03 -0.07
N VAL F 410 31.57 30.16 -1.16
CA VAL F 410 33.00 29.86 -1.17
C VAL F 410 33.84 31.13 -0.93
N LEU F 411 33.45 32.28 -1.49
CA LEU F 411 34.11 33.58 -1.25
C LEU F 411 33.51 34.38 -0.08
N GLY F 412 32.55 33.83 0.65
CA GLY F 412 31.69 34.62 1.55
C GLY F 412 30.71 35.49 0.77
N ARG F 413 30.92 36.81 0.75
CA ARG F 413 30.22 37.80 -0.12
C ARG F 413 28.69 37.62 -0.17
N LYS F 414 28.04 37.45 0.99
CA LYS F 414 26.62 37.05 1.11
C LYS F 414 25.62 38.02 0.48
N ASP F 415 26.00 39.27 0.25
CA ASP F 415 25.20 40.30 -0.44
C ASP F 415 25.15 40.15 -1.97
N SER F 416 25.99 39.32 -2.59
CA SER F 416 26.10 39.24 -4.06
C SER F 416 24.84 38.67 -4.73
N HIS F 417 24.53 39.15 -5.93
CA HIS F 417 23.26 38.95 -6.62
C HIS F 417 23.44 39.15 -8.13
N SER F 418 22.47 38.75 -8.93
CA SER F 418 22.43 39.08 -10.37
C SER F 418 22.43 40.60 -10.61
N ALA F 419 22.95 41.05 -11.75
CA ALA F 419 22.87 42.44 -12.20
C ALA F 419 21.43 42.96 -12.31
N GLU F 420 20.44 42.06 -12.34
CA GLU F 420 19.02 42.39 -12.23
C GLU F 420 18.68 43.25 -11.00
N PHE F 421 19.33 43.04 -9.85
CA PHE F 421 19.22 43.91 -8.66
C PHE F 421 20.15 45.13 -8.80
N TYR F 422 19.86 45.92 -9.83
CA TYR F 422 20.70 47.02 -10.32
C TYR F 422 21.21 48.00 -9.23
N PRO F 423 20.38 48.55 -8.32
CA PRO F 423 20.81 49.63 -7.42
C PRO F 423 21.75 49.21 -6.28
N ASP F 424 22.07 47.92 -6.12
CA ASP F 424 23.13 47.49 -5.19
C ASP F 424 24.54 47.83 -5.71
N ILE F 425 24.71 47.95 -7.03
CA ILE F 425 25.93 48.35 -7.75
C ILE F 425 27.18 47.51 -7.41
N ASP F 426 27.82 47.73 -6.26
CA ASP F 426 29.14 47.18 -5.92
C ASP F 426 29.18 45.65 -5.86
N GLU F 427 28.06 45.01 -5.53
CA GLU F 427 27.92 43.55 -5.33
C GLU F 427 27.22 42.80 -6.47
N LYS F 428 26.98 43.46 -7.61
CA LYS F 428 26.45 42.82 -8.83
C LYS F 428 27.45 41.77 -9.32
N ASN F 429 26.99 40.52 -9.44
CA ASN F 429 27.81 39.39 -9.90
C ASN F 429 27.99 39.36 -11.43
N HIS F 430 27.26 40.18 -12.17
CA HIS F 430 27.17 40.17 -13.63
C HIS F 430 27.32 41.57 -14.24
N VAL F 431 27.52 41.66 -15.56
CA VAL F 431 27.57 42.88 -16.34
C VAL F 431 26.72 42.76 -17.60
N VAL F 432 26.10 43.86 -18.01
CA VAL F 432 25.36 43.97 -19.27
C VAL F 432 26.27 43.77 -20.47
N VAL F 433 25.78 43.05 -21.47
CA VAL F 433 26.45 42.86 -22.76
C VAL F 433 25.40 42.67 -23.87
N PHE F 434 24.82 43.76 -24.36
CA PHE F 434 23.73 43.74 -25.34
C PHE F 434 24.17 43.42 -26.79
N MET F 435 25.44 43.63 -27.14
CA MET F 435 25.97 43.55 -28.52
C MET F 435 25.10 44.27 -29.56
N MET F 436 20.67 41.79 -27.13
CA MET F 436 20.84 40.41 -26.71
C MET F 436 21.84 39.65 -27.60
N ARG F 437 22.74 38.86 -27.01
CA ARG F 437 23.60 37.92 -27.75
C ARG F 437 22.75 36.72 -28.16
N LEU F 438 22.72 36.40 -29.45
CA LEU F 438 21.84 35.40 -30.07
C LEU F 438 22.58 34.52 -31.08
N GLY F 439 21.97 33.40 -31.46
CA GLY F 439 22.40 32.57 -32.57
C GLY F 439 23.68 31.77 -32.34
N LEU F 440 24.09 31.03 -33.36
CA LEU F 440 25.26 30.16 -33.31
C LEU F 440 26.52 31.01 -33.25
N ARG F 441 27.21 30.97 -32.11
CA ARG F 441 28.54 31.56 -31.93
C ARG F 441 29.54 30.49 -31.47
N PRO F 442 30.84 30.59 -31.80
CA PRO F 442 31.84 29.64 -31.33
C PRO F 442 32.09 29.76 -29.81
N THR F 443 32.78 28.79 -29.23
CA THR F 443 33.41 28.87 -27.91
C THR F 443 34.66 28.01 -27.93
N PHE F 444 35.71 28.49 -27.29
CA PHE F 444 37.05 27.94 -27.37
C PHE F 444 37.52 27.50 -25.98
N PHE F 445 38.02 26.28 -25.86
CA PHE F 445 38.53 25.82 -24.58
C PHE F 445 39.80 26.58 -24.18
N GLN F 446 40.00 26.79 -22.89
CA GLN F 446 41.23 27.39 -22.37
C GLN F 446 42.36 26.36 -22.41
N ASN F 447 43.51 26.69 -23.02
CA ASN F 447 44.44 25.70 -23.59
C ASN F 447 45.12 24.73 -22.59
N GLU F 448 45.05 24.98 -21.29
CA GLU F 448 45.65 24.16 -20.22
C GLU F 448 44.68 23.11 -19.64
N THR F 449 43.37 23.22 -19.87
CA THR F 449 42.33 22.48 -19.10
C THR F 449 42.14 21.02 -19.54
N GLU F 450 43.22 20.28 -19.69
CA GLU F 450 43.23 18.87 -20.12
C GLU F 450 42.54 17.92 -19.13
N TRP F 451 42.39 18.32 -17.88
CA TRP F 451 41.72 17.59 -16.82
C TRP F 451 40.19 17.53 -16.98
N SER F 452 39.60 18.47 -17.70
CA SER F 452 38.16 18.74 -17.76
C SER F 452 37.33 17.54 -18.18
N GLN F 453 36.25 17.26 -17.45
CA GLN F 453 35.29 16.23 -17.84
C GLN F 453 34.51 16.67 -19.09
N ILE F 454 34.08 17.93 -19.16
CA ILE F 454 33.27 18.39 -20.30
C ILE F 454 34.06 18.45 -21.60
N LYS F 455 35.29 18.99 -21.60
CA LYS F 455 36.07 19.02 -22.84
C LYS F 455 36.56 17.65 -23.30
N LYS F 456 36.50 16.64 -22.44
CA LYS F 456 36.65 15.24 -22.85
C LYS F 456 35.43 14.75 -23.60
N LEU F 457 34.20 15.04 -23.15
CA LEU F 457 32.97 14.65 -23.88
C LEU F 457 32.90 15.24 -25.29
N TYR F 458 33.40 16.47 -25.48
CA TYR F 458 33.57 17.10 -26.80
C TYR F 458 34.71 16.52 -27.67
N GLY F 459 35.23 15.35 -27.32
CA GLY F 459 36.16 14.57 -28.15
C GLY F 459 37.55 15.17 -28.31
N ASP F 460 37.97 16.03 -27.39
CA ASP F 460 39.22 16.81 -27.46
C ASP F 460 39.31 17.78 -28.67
N VAL F 461 38.19 18.11 -29.30
CA VAL F 461 38.12 19.14 -30.35
C VAL F 461 38.44 20.52 -29.76
N SER F 462 39.11 21.39 -30.53
CA SER F 462 39.61 22.70 -30.10
C SER F 462 38.52 23.73 -29.79
N GLU F 463 37.35 23.64 -30.41
CA GLU F 463 36.24 24.56 -30.22
C GLU F 463 34.89 23.90 -30.47
N VAL F 464 33.84 24.60 -30.05
CA VAL F 464 32.43 24.22 -30.17
C VAL F 464 31.61 25.41 -30.70
N HIS F 465 30.42 25.17 -31.24
CA HIS F 465 29.53 26.22 -31.72
C HIS F 465 28.13 26.03 -31.13
N GLU F 466 27.55 27.07 -30.55
CA GLU F 466 26.39 26.93 -29.66
C GLU F 466 25.41 28.10 -29.74
N ARG F 467 24.17 27.91 -29.29
CA ARG F 467 23.11 28.94 -29.30
C ARG F 467 23.06 29.74 -28.00
N HIS F 468 22.83 31.04 -28.13
CA HIS F 468 22.84 32.01 -27.03
C HIS F 468 21.55 32.83 -26.99
N ARG F 469 21.18 33.40 -25.85
CA ARG F 469 19.98 34.25 -25.67
C ARG F 469 20.13 35.28 -24.53
N HIS F 470 21.35 35.70 -24.22
CA HIS F 470 21.62 36.35 -22.93
C HIS F 470 21.91 37.83 -23.08
N ARG F 471 21.48 38.59 -22.07
CA ARG F 471 21.82 40.02 -21.93
C ARG F 471 22.85 40.32 -20.82
N TYR F 472 23.12 39.38 -19.93
CA TYR F 472 24.09 39.51 -18.85
C TYR F 472 25.23 38.52 -19.01
N GLU F 473 26.42 38.86 -18.53
CA GLU F 473 27.51 37.92 -18.35
C GLU F 473 28.17 38.10 -16.99
N ILE F 474 28.90 37.10 -16.50
CA ILE F 474 29.63 37.22 -15.24
C ILE F 474 30.66 38.33 -15.37
N ASN F 475 30.78 39.15 -14.33
CA ASN F 475 31.61 40.35 -14.39
C ASN F 475 33.10 39.96 -14.52
N PRO F 476 33.81 40.30 -15.61
CA PRO F 476 35.19 39.85 -15.85
C PRO F 476 36.16 40.21 -14.72
N LYS F 477 35.90 41.30 -14.01
CA LYS F 477 36.67 41.76 -12.84
C LYS F 477 36.83 40.66 -11.78
N MET F 478 35.79 39.85 -11.58
CA MET F 478 35.76 38.78 -10.57
C MET F 478 36.37 37.46 -11.05
N VAL F 479 36.50 37.23 -12.36
CA VAL F 479 36.76 35.89 -12.89
C VAL F 479 38.11 35.32 -12.45
N ASP F 480 39.13 36.14 -12.24
CA ASP F 480 40.40 35.65 -11.69
C ASP F 480 40.22 35.05 -10.29
N GLU F 481 39.39 35.65 -9.46
CA GLU F 481 39.10 35.21 -8.10
C GLU F 481 38.40 33.85 -8.11
N LEU F 482 37.43 33.68 -9.01
CA LEU F 482 36.72 32.43 -9.22
C LEU F 482 37.64 31.35 -9.81
N GLU F 483 38.46 31.67 -10.81
CA GLU F 483 39.44 30.73 -11.36
C GLU F 483 40.47 30.27 -10.31
N ASN F 484 40.99 31.20 -9.49
CA ASN F 484 41.94 30.90 -8.42
C ASN F 484 41.33 30.06 -7.28
N ASN F 485 40.04 30.23 -6.99
CA ASN F 485 39.32 29.42 -5.99
C ASN F 485 38.81 28.07 -6.54
N GLY F 486 38.85 27.84 -7.84
CA GLY F 486 38.61 26.53 -8.46
C GLY F 486 37.36 26.42 -9.34
N LEU F 487 36.56 27.48 -9.46
CA LEU F 487 35.44 27.56 -10.39
C LEU F 487 35.97 27.88 -11.81
N ILE F 488 36.77 27.00 -12.39
CA ILE F 488 37.56 27.28 -13.57
C ILE F 488 36.67 27.46 -14.81
N PHE F 489 36.75 28.61 -15.46
CA PHE F 489 36.01 28.87 -16.71
C PHE F 489 36.67 28.19 -17.90
N VAL F 490 36.40 26.90 -18.09
CA VAL F 490 37.06 26.04 -19.09
C VAL F 490 36.78 26.42 -20.56
N GLY F 491 35.83 27.31 -20.83
CA GLY F 491 35.56 27.80 -22.17
C GLY F 491 35.17 29.27 -22.20
N LYS F 492 35.72 30.01 -23.16
CA LYS F 492 35.42 31.43 -23.38
C LYS F 492 35.24 31.70 -24.87
N ASP F 493 34.80 32.91 -25.19
CA ASP F 493 34.55 33.36 -26.54
C ASP F 493 35.85 33.66 -27.32
N ASP F 494 35.68 34.10 -28.56
CA ASP F 494 36.76 34.57 -29.43
C ASP F 494 37.67 35.63 -28.77
N THR F 495 37.11 36.61 -28.06
CA THR F 495 37.89 37.68 -27.39
C THR F 495 38.57 37.22 -26.10
N GLY F 496 38.06 36.17 -25.45
CA GLY F 496 38.46 35.75 -24.11
C GLY F 496 37.89 36.60 -22.97
N LYS F 497 37.01 37.57 -23.28
CA LYS F 497 36.37 38.42 -22.28
C LYS F 497 35.10 37.79 -21.70
N ARG F 498 34.43 36.87 -22.42
CA ARG F 498 33.09 36.36 -22.10
C ARG F 498 33.12 34.96 -21.48
N CYS F 499 32.35 34.75 -20.42
CA CYS F 499 32.29 33.50 -19.68
C CYS F 499 31.31 32.51 -20.35
N GLU F 500 31.82 31.55 -21.12
CA GLU F 500 30.96 30.64 -21.90
C GLU F 500 30.69 29.30 -21.20
N ILE F 501 31.70 28.76 -20.51
CA ILE F 501 31.62 27.51 -19.76
C ILE F 501 32.38 27.63 -18.44
N LEU F 502 31.84 27.05 -17.37
CA LEU F 502 32.60 26.73 -16.16
C LEU F 502 32.51 25.24 -15.82
N GLU F 503 33.58 24.76 -15.18
CA GLU F 503 33.64 23.48 -14.49
C GLU F 503 34.33 23.70 -13.14
N LEU F 504 33.73 23.20 -12.06
CA LEU F 504 34.36 23.25 -10.75
C LEU F 504 35.42 22.15 -10.67
N LYS F 505 36.68 22.54 -10.48
CA LYS F 505 37.84 21.65 -10.36
C LYS F 505 37.62 20.62 -9.24
N ASN F 506 37.90 19.35 -9.52
CA ASN F 506 37.81 18.22 -8.57
C ASN F 506 36.41 18.07 -7.91
N HIS F 507 35.38 18.00 -8.76
CA HIS F 507 34.03 17.53 -8.44
C HIS F 507 33.59 16.51 -9.49
N PRO F 508 32.82 15.44 -9.18
CA PRO F 508 32.49 14.40 -10.14
C PRO F 508 31.83 14.85 -11.44
N TYR F 509 30.97 15.86 -11.40
CA TYR F 509 30.39 16.52 -12.58
C TYR F 509 29.63 17.79 -12.16
N TYR F 510 30.26 18.95 -12.20
CA TYR F 510 29.59 20.22 -11.91
C TYR F 510 29.96 21.20 -12.98
N ILE F 511 29.03 21.33 -13.92
CA ILE F 511 29.16 22.10 -15.14
C ILE F 511 28.13 23.20 -15.16
N ALA F 512 28.47 24.33 -15.77
CA ALA F 512 27.46 25.19 -16.32
C ALA F 512 27.88 25.79 -17.66
N THR F 513 26.90 26.17 -18.47
CA THR F 513 27.06 26.78 -19.79
C THR F 513 26.26 28.06 -19.85
N GLN F 514 26.82 29.12 -20.41
CA GLN F 514 26.04 30.34 -20.65
C GLN F 514 25.03 30.13 -21.80
N TYR F 515 25.44 29.37 -22.82
CA TYR F 515 24.59 28.95 -23.92
C TYR F 515 23.54 27.91 -23.51
N HIS F 516 22.63 27.63 -24.45
CA HIS F 516 21.52 26.68 -24.37
C HIS F 516 21.77 25.42 -25.24
N PRO F 517 22.51 24.43 -24.72
CA PRO F 517 22.91 23.24 -25.49
C PRO F 517 21.73 22.38 -25.96
N GLU F 518 20.59 22.47 -25.30
CA GLU F 518 19.34 21.81 -25.69
C GLU F 518 18.82 22.31 -27.04
N TYR F 519 19.32 23.43 -27.53
CA TYR F 519 19.06 23.87 -28.90
C TYR F 519 19.91 23.14 -29.94
N THR F 520 20.75 22.18 -29.55
CA THR F 520 21.51 21.38 -30.52
C THR F 520 21.61 19.90 -30.15
N SER F 521 20.86 19.44 -29.15
CA SER F 521 20.67 18.02 -28.88
C SER F 521 19.90 17.32 -30.01
N LYS F 522 20.45 16.24 -30.57
CA LYS F 522 19.80 15.42 -31.61
C LYS F 522 19.59 13.99 -31.10
N VAL F 523 18.59 13.28 -31.64
CA VAL F 523 18.20 11.93 -31.18
C VAL F 523 19.36 10.93 -31.30
N LEU F 524 20.17 11.05 -32.36
CA LEU F 524 21.34 10.20 -32.59
C LEU F 524 22.68 10.87 -32.23
N ASP F 525 22.68 12.17 -31.93
CA ASP F 525 23.85 12.92 -31.44
C ASP F 525 23.42 13.83 -30.27
N PRO F 526 23.44 13.32 -29.03
CA PRO F 526 23.00 14.08 -27.86
C PRO F 526 23.97 15.24 -27.54
N SER F 527 23.44 16.39 -27.07
CA SER F 527 24.25 17.56 -26.72
C SER F 527 25.13 17.28 -25.50
N LYS F 528 26.45 17.41 -25.64
CA LYS F 528 27.43 16.90 -24.66
C LYS F 528 27.19 17.30 -23.18
N PRO F 529 26.81 18.53 -22.83
CA PRO F 529 26.63 18.93 -21.42
C PRO F 529 25.52 18.15 -20.70
N PHE F 530 24.46 17.82 -21.44
CA PHE F 530 23.41 16.96 -20.95
C PHE F 530 23.83 15.49 -20.94
N LEU F 531 24.58 15.01 -21.93
CA LEU F 531 25.07 13.63 -21.86
C LEU F 531 25.90 13.41 -20.60
N GLY F 532 26.80 14.34 -20.28
CA GLY F 532 27.57 14.28 -19.04
C GLY F 532 26.71 14.29 -17.78
N LEU F 533 25.67 15.12 -17.71
CA LEU F 533 24.74 15.14 -16.57
C LEU F 533 24.06 13.79 -16.36
N VAL F 534 23.53 13.17 -17.41
CA VAL F 534 22.90 11.85 -17.27
C VAL F 534 23.95 10.81 -16.93
N ALA F 535 25.06 10.75 -17.66
CA ALA F 535 26.07 9.73 -17.45
C ALA F 535 26.69 9.79 -16.03
N ALA F 536 26.93 10.97 -15.48
CA ALA F 536 27.40 11.09 -14.11
C ALA F 536 26.30 10.77 -13.10
N SER F 537 25.03 11.10 -13.37
CA SER F 537 23.91 10.67 -12.53
C SER F 537 23.77 9.15 -12.49
N ALA F 538 24.05 8.48 -13.60
CA ALA F 538 24.18 7.03 -13.71
C ALA F 538 25.49 6.46 -13.13
N GLY F 539 26.45 7.31 -12.76
CA GLY F 539 27.74 6.90 -12.23
C GLY F 539 28.64 6.20 -13.25
N ILE F 540 28.42 6.47 -14.54
CA ILE F 540 29.06 5.80 -15.68
C ILE F 540 29.87 6.74 -16.59
N LEU F 541 30.05 8.00 -16.18
CA LEU F 541 30.63 9.09 -16.99
C LEU F 541 31.94 8.72 -17.63
N GLN F 542 32.86 8.08 -16.89
CA GLN F 542 34.15 7.64 -17.41
C GLN F 542 33.98 6.76 -18.66
N ASP F 543 33.07 5.81 -18.62
CA ASP F 543 32.93 4.78 -19.63
C ASP F 543 32.21 5.29 -20.88
N VAL F 544 31.33 6.29 -20.72
CA VAL F 544 30.73 7.05 -21.82
C VAL F 544 31.80 7.86 -22.55
N ILE F 545 32.73 8.48 -21.82
CA ILE F 545 33.85 9.22 -22.43
C ILE F 545 34.80 8.26 -23.14
N GLU F 546 35.10 7.12 -22.52
CA GLU F 546 35.95 6.07 -23.10
C GLU F 546 35.31 5.33 -24.29
N GLY F 547 33.99 5.41 -24.47
CA GLY F 547 33.29 4.96 -25.67
C GLY F 547 32.48 3.67 -25.56
N LYS F 548 32.13 3.22 -24.34
CA LYS F 548 31.34 2.00 -24.08
C LYS F 548 29.86 2.08 -24.49
N TYR F 549 29.43 3.17 -25.13
CA TYR F 549 28.02 3.47 -25.44
C TYR F 549 27.77 4.15 -26.79
N ASP F 550 28.76 4.25 -27.67
CA ASP F 550 28.50 4.62 -29.07
C ASP F 550 27.66 3.56 -29.81
N LEU F 551 26.82 3.99 -30.76
CA LEU F 551 25.73 3.14 -31.27
C LEU F 551 26.16 2.14 -32.38
N GLU F 552 27.37 2.30 -32.93
CA GLU F 552 27.99 1.41 -33.92
C GLU F 552 29.47 1.20 -33.57
N ALA F 553 30.02 -0.02 -33.71
CA ALA F 553 31.43 -0.28 -33.37
C ALA F 553 32.40 0.51 -34.27
N MET G 1 -23.08 56.29 -32.04
CA MET G 1 -23.34 56.63 -33.46
C MET G 1 -24.17 55.54 -34.13
N LYS G 2 -24.99 55.89 -35.14
CA LYS G 2 -25.77 54.93 -35.91
C LYS G 2 -25.00 54.37 -37.09
N TYR G 3 -25.32 53.16 -37.52
CA TYR G 3 -24.63 52.55 -38.67
C TYR G 3 -25.59 51.69 -39.51
N VAL G 4 -25.39 51.60 -40.82
CA VAL G 4 -26.18 50.77 -41.73
C VAL G 4 -25.26 49.96 -42.62
N VAL G 5 -25.18 48.66 -42.48
CA VAL G 5 -24.49 47.82 -43.46
C VAL G 5 -25.34 47.64 -44.70
N VAL G 6 -24.73 47.68 -45.87
CA VAL G 6 -25.27 47.15 -47.11
C VAL G 6 -24.33 46.06 -47.60
N SER G 7 -24.84 44.87 -47.87
CA SER G 7 -24.02 43.69 -48.19
C SER G 7 -24.75 42.70 -49.11
N GLY G 8 -24.10 41.61 -49.50
CA GLY G 8 -24.85 40.39 -49.82
C GLY G 8 -24.88 39.85 -51.25
N GLY G 9 -25.75 38.86 -51.44
CA GLY G 9 -26.15 38.27 -52.73
C GLY G 9 -25.48 36.95 -53.07
N VAL G 10 -25.98 36.23 -54.08
CA VAL G 10 -25.30 35.09 -54.74
C VAL G 10 -24.37 35.49 -55.89
N ILE G 11 -24.30 36.77 -56.25
CA ILE G 11 -23.49 37.29 -57.37
C ILE G 11 -22.90 38.64 -56.99
N SER G 12 -21.69 38.91 -57.47
CA SER G 12 -21.17 40.29 -57.51
C SER G 12 -21.85 41.04 -58.67
N GLY G 13 -22.07 42.35 -58.54
CA GLY G 13 -22.75 43.17 -59.56
C GLY G 13 -24.27 43.28 -59.40
N ILE G 14 -24.82 42.86 -58.26
CA ILE G 14 -26.24 42.80 -57.96
C ILE G 14 -26.94 44.17 -57.81
N GLY G 15 -26.24 45.22 -57.40
CA GLY G 15 -26.83 46.56 -57.22
C GLY G 15 -26.49 47.33 -55.95
N LYS G 16 -25.53 46.95 -55.14
CA LYS G 16 -25.20 47.48 -53.82
C LYS G 16 -25.14 49.00 -53.76
N GLY G 17 -24.16 49.64 -54.39
CA GLY G 17 -23.94 51.06 -54.36
C GLY G 17 -25.12 51.96 -54.51
N VAL G 18 -26.05 51.70 -55.40
CA VAL G 18 -27.31 52.41 -55.65
C VAL G 18 -28.21 52.25 -54.45
N LEU G 19 -28.21 51.11 -53.80
CA LEU G 19 -28.94 50.77 -52.58
C LEU G 19 -28.25 51.41 -51.40
N ALA G 20 -26.97 51.67 -51.48
CA ALA G 20 -26.10 52.21 -50.46
C ALA G 20 -26.22 53.72 -50.37
N SER G 21 -25.62 54.46 -51.27
CA SER G 21 -25.61 55.91 -51.30
C SER G 21 -27.04 56.35 -51.37
N SER G 22 -27.84 55.75 -52.22
CA SER G 22 -29.29 56.06 -52.22
C SER G 22 -29.97 55.95 -50.85
N THR G 23 -29.65 55.01 -49.99
CA THR G 23 -30.10 54.86 -48.61
C THR G 23 -29.56 56.04 -47.84
N GLY G 24 -28.32 56.43 -48.06
CA GLY G 24 -27.63 57.52 -47.44
C GLY G 24 -28.12 58.88 -47.83
N MET G 25 -28.62 59.06 -49.04
CA MET G 25 -29.28 60.31 -49.47
C MET G 25 -30.52 60.51 -48.63
N LEU G 26 -31.25 59.41 -48.45
CA LEU G 26 -32.46 59.40 -47.70
C LEU G 26 -32.20 59.71 -46.22
N MET G 27 -31.06 59.29 -45.67
CA MET G 27 -30.73 59.67 -44.30
C MET G 27 -30.61 61.19 -44.17
N LYS G 28 -30.01 61.84 -45.17
CA LYS G 28 -29.95 63.30 -45.28
C LYS G 28 -31.29 63.99 -45.43
N THR G 29 -32.25 63.30 -46.03
CA THR G 29 -33.64 63.76 -46.11
C THR G 29 -34.22 64.03 -44.72
N LEU G 30 -33.86 63.19 -43.75
CA LEU G 30 -34.27 63.38 -42.36
C LEU G 30 -33.52 64.55 -41.69
N GLY G 31 -32.58 65.19 -42.40
CA GLY G 31 -31.75 66.29 -41.94
C GLY G 31 -30.41 65.85 -41.34
N LEU G 32 -30.06 64.56 -41.45
CA LEU G 32 -28.95 63.94 -40.73
C LEU G 32 -27.58 64.30 -41.30
N LYS G 33 -26.55 64.35 -40.45
CA LYS G 33 -25.14 64.33 -40.86
C LYS G 33 -24.79 62.92 -41.29
N VAL G 34 -24.26 62.72 -42.49
CA VAL G 34 -24.10 61.36 -43.05
C VAL G 34 -22.73 61.15 -43.64
N THR G 35 -22.25 59.91 -43.57
CA THR G 35 -20.95 59.48 -44.09
C THR G 35 -21.07 58.10 -44.68
N SER G 36 -20.05 57.63 -45.38
CA SER G 36 -20.05 56.33 -46.02
C SER G 36 -18.68 55.71 -46.06
N ILE G 37 -18.57 54.40 -45.90
CA ILE G 37 -17.31 53.65 -46.00
C ILE G 37 -17.52 52.51 -46.98
N LYS G 38 -16.62 52.34 -47.95
CA LYS G 38 -16.66 51.16 -48.79
C LYS G 38 -15.56 50.21 -48.39
N ILE G 39 -15.98 49.01 -48.07
CA ILE G 39 -15.09 47.91 -47.73
C ILE G 39 -14.89 47.10 -49.00
N ASP G 40 -13.66 47.03 -49.46
CA ASP G 40 -13.28 46.31 -50.67
C ASP G 40 -12.53 45.03 -50.40
N PRO G 41 -13.02 43.89 -50.90
CA PRO G 41 -12.30 42.66 -50.66
C PRO G 41 -11.01 42.49 -51.46
N TYR G 42 -10.73 43.31 -52.47
CA TYR G 42 -9.50 43.17 -53.24
C TYR G 42 -8.24 43.55 -52.44
N MET G 43 -7.09 43.13 -52.95
CA MET G 43 -5.81 43.31 -52.25
C MET G 43 -4.97 44.52 -52.69
N ASN G 44 -5.36 45.28 -53.70
CA ASN G 44 -4.72 46.55 -53.95
C ASN G 44 -4.94 47.49 -52.75
N ILE G 45 -3.88 48.17 -52.31
CA ILE G 45 -4.00 49.19 -51.25
C ILE G 45 -4.69 50.45 -51.76
N ASP G 46 -4.51 50.80 -53.04
CA ASP G 46 -5.13 51.93 -53.71
C ASP G 46 -5.21 51.72 -55.23
N ALA G 47 -5.97 52.58 -55.91
CA ALA G 47 -6.12 52.52 -57.37
C ALA G 47 -4.93 53.13 -58.13
N GLY G 48 -3.92 53.69 -57.45
CA GLY G 48 -2.80 54.32 -58.14
C GLY G 48 -1.96 53.32 -58.94
N THR G 49 -1.88 52.07 -58.48
CA THR G 49 -1.27 50.98 -59.24
C THR G 49 -2.19 50.42 -60.34
N MET G 50 -3.50 50.66 -60.23
CA MET G 50 -4.50 50.03 -61.08
C MET G 50 -4.70 50.81 -62.39
N SER G 51 -4.32 50.19 -63.51
CA SER G 51 -4.57 50.75 -64.85
C SER G 51 -6.07 50.84 -65.13
N PRO G 52 -6.61 51.97 -65.67
CA PRO G 52 -8.05 52.13 -65.87
C PRO G 52 -8.75 51.11 -66.78
N LEU G 53 -7.99 50.27 -67.49
CA LEU G 53 -8.49 49.15 -68.29
C LEU G 53 -9.39 48.20 -67.51
N GLU G 54 -9.07 47.97 -66.25
CA GLU G 54 -9.80 47.06 -65.38
C GLU G 54 -9.97 47.66 -64.00
N HIS G 55 -11.13 47.40 -63.39
CA HIS G 55 -11.72 48.19 -62.30
C HIS G 55 -12.01 49.66 -62.65
N GLY G 56 -11.68 50.10 -63.87
CA GLY G 56 -12.08 51.39 -64.38
C GLY G 56 -11.32 52.58 -63.79
N GLU G 57 -11.95 53.73 -63.92
CA GLU G 57 -11.50 55.08 -63.58
C GLU G 57 -10.98 55.24 -62.14
N CYS G 58 -9.72 55.67 -61.94
CA CYS G 58 -9.16 55.97 -60.61
C CYS G 58 -9.78 57.25 -60.02
N PHE G 59 -10.86 57.16 -59.24
CA PHE G 59 -11.54 58.33 -58.68
C PHE G 59 -10.61 59.14 -57.77
N VAL G 60 -10.68 60.46 -57.80
CA VAL G 60 -9.78 61.29 -56.96
C VAL G 60 -10.43 62.21 -55.91
N LEU G 61 -9.89 62.07 -54.73
CA LEU G 61 -10.31 62.80 -53.55
C LEU G 61 -9.90 64.26 -53.57
N ASP G 62 -10.56 65.01 -52.71
CA ASP G 62 -10.05 66.27 -52.16
C ASP G 62 -8.60 66.10 -51.63
N ASP G 63 -8.36 65.09 -50.78
CA ASP G 63 -7.03 64.70 -50.29
C ASP G 63 -6.10 64.07 -51.35
N GLY G 64 -6.52 63.97 -52.61
CA GLY G 64 -5.66 63.58 -53.72
C GLY G 64 -5.23 62.13 -53.82
N GLY G 65 -5.80 61.26 -52.98
CA GLY G 65 -5.70 59.81 -53.14
C GLY G 65 -6.49 59.31 -54.35
N GLU G 66 -5.86 58.44 -55.15
CA GLU G 66 -6.50 57.64 -56.21
C GLU G 66 -7.25 56.46 -55.59
N THR G 67 -8.52 56.68 -55.31
CA THR G 67 -9.45 55.71 -54.64
C THR G 67 -10.09 54.74 -55.59
N ASP G 68 -10.76 53.74 -54.99
CA ASP G 68 -11.86 53.04 -55.63
C ASP G 68 -12.82 54.04 -56.31
N LEU G 69 -13.23 53.70 -57.51
CA LEU G 69 -14.15 54.49 -58.28
C LEU G 69 -15.46 54.76 -57.53
N ASP G 70 -16.02 53.73 -56.91
CA ASP G 70 -17.39 53.79 -56.39
C ASP G 70 -17.58 54.81 -55.28
N LEU G 71 -16.51 55.24 -54.59
CA LEU G 71 -16.62 56.35 -53.64
C LEU G 71 -17.22 57.59 -54.27
N GLY G 72 -16.91 57.84 -55.54
CA GLY G 72 -17.55 58.93 -56.28
C GLY G 72 -19.07 58.85 -56.18
N ASN G 73 -19.65 57.65 -56.21
CA ASN G 73 -21.09 57.45 -56.16
C ASN G 73 -21.64 58.03 -54.86
N TYR G 74 -20.88 58.10 -53.79
CA TYR G 74 -21.21 58.57 -52.46
C TYR G 74 -21.00 60.06 -52.31
N GLU G 75 -20.04 60.61 -53.03
CA GLU G 75 -19.81 62.04 -52.94
C GLU G 75 -20.98 62.73 -53.63
N ARG G 76 -21.43 62.14 -54.75
CA ARG G 76 -22.59 62.57 -55.56
C ARG G 76 -23.91 62.55 -54.80
N TYR G 77 -24.21 61.40 -54.23
CA TYR G 77 -25.54 61.10 -53.65
C TYR G 77 -25.75 61.70 -52.25
N LEU G 78 -24.68 62.03 -51.54
CA LEU G 78 -24.65 62.60 -50.19
C LEU G 78 -24.26 64.07 -50.18
N GLY G 79 -23.33 64.47 -51.04
CA GLY G 79 -22.76 65.82 -50.98
C GLY G 79 -21.76 65.92 -49.85
N VAL G 80 -20.74 65.06 -49.87
CA VAL G 80 -19.73 64.95 -48.80
C VAL G 80 -18.33 64.84 -49.37
N THR G 81 -17.34 65.31 -48.62
CA THR G 81 -15.92 65.11 -48.96
C THR G 81 -15.39 63.95 -48.16
N LEU G 82 -15.12 62.81 -48.82
CA LEU G 82 -14.50 61.65 -48.17
C LEU G 82 -12.97 61.81 -48.14
N THR G 83 -12.29 60.81 -47.60
CA THR G 83 -10.82 60.78 -47.43
C THR G 83 -10.25 59.42 -47.86
N LYS G 84 -8.93 59.31 -47.99
CA LYS G 84 -8.28 58.06 -48.37
C LYS G 84 -8.59 56.89 -47.43
N ASP G 85 -8.95 57.18 -46.18
CA ASP G 85 -9.33 56.18 -45.18
C ASP G 85 -10.74 55.62 -45.34
N HIS G 86 -11.67 56.29 -46.04
CA HIS G 86 -13.03 55.79 -46.26
C HIS G 86 -13.11 54.61 -47.23
N ASN G 87 -12.03 54.26 -47.90
CA ASN G 87 -11.94 53.07 -48.71
C ASN G 87 -11.09 52.04 -48.00
N ILE G 88 -11.71 51.24 -47.14
CA ILE G 88 -11.07 50.07 -46.54
C ILE G 88 -10.83 49.05 -47.63
N THR G 89 -9.66 48.42 -47.70
CA THR G 89 -9.41 47.32 -48.63
C THR G 89 -8.66 46.20 -47.94
N THR G 90 -8.75 44.98 -48.44
CA THR G 90 -8.04 43.84 -47.86
C THR G 90 -6.53 44.06 -47.83
N GLY G 91 -5.96 44.65 -48.86
CA GLY G 91 -4.53 44.99 -48.86
C GLY G 91 -4.18 46.10 -47.88
N LYS G 92 -5.09 47.03 -47.64
CA LYS G 92 -4.86 48.15 -46.73
C LYS G 92 -4.86 47.68 -45.29
N ILE G 93 -5.78 46.82 -44.89
CA ILE G 93 -5.88 46.34 -43.51
C ILE G 93 -4.86 45.26 -43.17
N TYR G 94 -4.53 44.32 -44.06
CA TYR G 94 -3.37 43.46 -43.78
C TYR G 94 -2.09 44.25 -43.64
N SER G 95 -1.84 45.29 -44.42
CA SER G 95 -0.66 46.15 -44.28
C SER G 95 -0.62 46.87 -42.94
N HIS G 96 -1.75 47.38 -42.46
CA HIS G 96 -1.81 48.12 -41.20
C HIS G 96 -1.55 47.23 -39.99
N VAL G 97 -2.16 46.05 -39.92
CA VAL G 97 -1.86 45.07 -38.86
C VAL G 97 -0.43 44.53 -38.97
N ILE G 98 0.08 44.21 -40.16
CA ILE G 98 1.47 43.79 -40.34
C ILE G 98 2.45 44.90 -39.95
N ALA G 99 2.14 46.18 -40.13
CA ALA G 99 3.01 47.25 -39.65
C ALA G 99 3.11 47.23 -38.12
N LYS G 100 1.96 47.16 -37.44
CA LYS G 100 1.91 47.04 -35.98
C LYS G 100 2.60 45.77 -35.46
N GLU G 101 2.60 44.68 -36.21
CA GLU G 101 3.33 43.44 -35.88
C GLU G 101 4.86 43.64 -35.83
N ARG G 102 5.45 44.37 -36.78
CA ARG G 102 6.90 44.61 -36.81
C ARG G 102 7.33 45.78 -35.93
N LYS G 103 6.46 46.77 -35.71
CA LYS G 103 6.66 47.78 -34.66
C LYS G 103 6.55 47.17 -33.26
N GLY G 104 5.84 46.05 -33.13
CA GLY G 104 5.70 45.31 -31.87
C GLY G 104 4.56 45.81 -30.99
N ASP G 105 3.54 46.46 -31.55
CA ASP G 105 2.42 47.03 -30.80
C ASP G 105 1.52 45.96 -30.15
N TYR G 106 1.66 44.71 -30.54
CA TYR G 106 1.01 43.55 -29.92
C TYR G 106 1.76 42.98 -28.70
N LEU G 107 2.77 43.68 -28.16
CA LEU G 107 3.46 43.30 -26.93
C LEU G 107 3.96 41.85 -26.94
N GLY G 108 4.45 41.41 -28.08
CA GLY G 108 5.00 40.08 -28.29
C GLY G 108 3.99 38.92 -28.24
N LYS G 109 2.68 39.17 -28.16
CA LYS G 109 1.67 38.14 -28.40
C LYS G 109 1.79 37.62 -29.83
N THR G 110 1.32 36.42 -30.15
CA THR G 110 1.04 36.09 -31.55
C THR G 110 -0.20 36.85 -32.00
N VAL G 111 -0.21 37.31 -33.25
CA VAL G 111 -1.29 38.12 -33.82
C VAL G 111 -2.05 37.29 -34.83
N GLN G 112 -3.37 37.30 -34.72
CA GLN G 112 -4.26 36.31 -35.33
C GLN G 112 -5.33 37.00 -36.16
N ILE G 113 -5.93 36.31 -37.13
CA ILE G 113 -7.02 36.93 -37.88
C ILE G 113 -8.20 37.20 -36.97
N VAL G 114 -8.49 36.32 -36.02
CA VAL G 114 -9.42 36.58 -34.92
C VAL G 114 -8.68 36.36 -33.59
N PRO G 115 -8.68 37.31 -32.64
CA PRO G 115 -9.42 38.56 -32.63
C PRO G 115 -8.65 39.76 -33.18
N HIS G 116 -7.34 39.72 -33.40
CA HIS G 116 -6.58 40.95 -33.66
C HIS G 116 -6.96 41.67 -34.94
N LEU G 117 -7.00 40.98 -36.09
CA LEU G 117 -7.39 41.65 -37.32
C LEU G 117 -8.89 42.02 -37.35
N THR G 118 -9.78 41.22 -36.79
CA THR G 118 -11.20 41.62 -36.71
C THR G 118 -11.42 42.77 -35.74
N ASN G 119 -10.59 42.94 -34.72
CA ASN G 119 -10.56 44.17 -33.95
C ASN G 119 -10.06 45.34 -34.78
N ALA G 120 -8.99 45.18 -35.58
CA ALA G 120 -8.49 46.26 -36.42
C ALA G 120 -9.56 46.80 -37.36
N ILE G 121 -10.33 45.95 -38.02
CA ILE G 121 -11.42 46.37 -38.89
C ILE G 121 -12.49 47.15 -38.11
N GLN G 122 -12.94 46.69 -36.95
CA GLN G 122 -13.89 47.45 -36.13
C GLN G 122 -13.31 48.80 -35.67
N ASP G 123 -12.05 48.81 -35.25
CA ASP G 123 -11.38 50.02 -34.83
C ASP G 123 -11.18 51.01 -35.98
N TRP G 124 -11.04 50.53 -37.22
CA TRP G 124 -11.03 51.37 -38.43
C TRP G 124 -12.40 51.94 -38.75
N ILE G 125 -13.46 51.15 -38.78
CA ILE G 125 -14.82 51.63 -39.05
C ILE G 125 -15.23 52.70 -38.04
N GLU G 126 -15.08 52.45 -36.75
CA GLU G 126 -15.46 53.46 -35.76
C GLU G 126 -14.48 54.64 -35.72
N ARG G 127 -13.24 54.50 -36.17
CA ARG G 127 -12.32 55.64 -36.33
C ARG G 127 -12.84 56.54 -37.42
N VAL G 128 -13.02 56.00 -38.62
CA VAL G 128 -13.39 56.76 -39.81
C VAL G 128 -14.78 57.38 -39.68
N ALA G 129 -15.72 56.71 -39.03
CA ALA G 129 -17.06 57.24 -38.81
C ALA G 129 -17.12 58.49 -37.91
N LYS G 130 -16.04 58.87 -37.22
CA LYS G 130 -15.93 60.15 -36.52
C LYS G 130 -15.66 61.35 -37.43
N ILE G 131 -15.00 61.13 -38.58
CA ILE G 131 -14.48 62.22 -39.42
C ILE G 131 -15.63 63.07 -39.97
N PRO G 132 -15.59 64.42 -39.85
CA PRO G 132 -16.68 65.30 -40.25
C PRO G 132 -16.66 65.59 -41.76
N VAL G 133 -17.21 64.69 -42.56
CA VAL G 133 -17.20 64.78 -44.04
C VAL G 133 -18.23 65.77 -44.61
N ASP G 134 -19.09 66.32 -43.77
CA ASP G 134 -20.32 67.03 -44.12
C ASP G 134 -20.18 68.57 -44.11
N ASP G 135 -21.22 69.30 -44.47
CA ASP G 135 -21.24 70.77 -44.64
C ASP G 135 -21.08 71.59 -43.33
N THR G 136 -20.89 70.94 -42.19
CA THR G 136 -20.40 71.58 -40.96
C THR G 136 -19.57 70.55 -40.18
N GLY G 137 -18.61 71.02 -39.40
CA GLY G 137 -17.56 70.21 -38.79
C GLY G 137 -17.96 69.22 -37.70
N MET G 138 -19.26 68.97 -37.46
CA MET G 138 -19.72 67.95 -36.53
C MET G 138 -19.51 66.53 -37.08
N GLU G 139 -19.28 65.59 -36.16
CA GLU G 139 -19.18 64.18 -36.54
C GLU G 139 -20.52 63.64 -37.11
N PRO G 140 -20.51 62.75 -38.10
CA PRO G 140 -21.71 62.17 -38.69
C PRO G 140 -22.62 61.46 -37.68
N ASP G 141 -23.92 61.49 -37.95
CA ASP G 141 -24.92 60.83 -37.12
C ASP G 141 -25.08 59.36 -37.54
N VAL G 142 -24.98 59.11 -38.85
CA VAL G 142 -25.10 57.77 -39.44
C VAL G 142 -23.98 57.50 -40.42
N CYS G 143 -23.50 56.27 -40.45
CA CYS G 143 -22.52 55.81 -41.44
C CYS G 143 -23.08 54.66 -42.27
N ILE G 144 -23.06 54.76 -43.58
CA ILE G 144 -23.44 53.67 -44.50
C ILE G 144 -22.20 52.85 -44.81
N ILE G 145 -22.15 51.59 -44.44
CA ILE G 145 -21.01 50.71 -44.68
C ILE G 145 -21.35 49.76 -45.81
N GLU G 146 -20.71 49.86 -46.97
CA GLU G 146 -20.95 48.91 -48.05
C GLU G 146 -19.87 47.86 -48.05
N LEU G 147 -20.26 46.61 -47.86
CA LEU G 147 -19.40 45.45 -47.91
C LEU G 147 -19.36 44.91 -49.34
N GLY G 148 -18.27 45.10 -50.05
CA GLY G 148 -18.06 44.53 -51.39
C GLY G 148 -17.87 43.02 -51.39
N GLY G 149 -17.77 42.45 -52.59
CA GLY G 149 -17.77 41.01 -52.81
C GLY G 149 -19.11 40.37 -52.51
N THR G 150 -19.14 39.09 -52.18
CA THR G 150 -20.34 38.40 -51.68
C THR G 150 -20.06 37.67 -50.37
N VAL G 151 -21.04 37.65 -49.47
CA VAL G 151 -20.92 36.89 -48.23
C VAL G 151 -20.73 35.39 -48.58
N GLY G 152 -19.73 34.74 -47.99
CA GLY G 152 -19.32 33.37 -48.35
C GLY G 152 -18.16 33.28 -49.35
N ASP G 153 -17.59 34.43 -49.70
CA ASP G 153 -16.34 34.47 -50.50
C ASP G 153 -15.22 34.20 -49.49
N ILE G 154 -14.08 33.59 -49.89
CA ILE G 154 -12.91 33.38 -48.99
C ILE G 154 -12.15 34.71 -48.90
N GLU G 155 -12.53 35.74 -49.61
CA GLU G 155 -11.99 37.08 -49.72
C GLU G 155 -12.69 38.03 -48.77
N SER G 156 -13.94 37.79 -48.48
CA SER G 156 -14.86 38.60 -47.68
C SER G 156 -15.04 38.06 -46.27
N ALA G 157 -14.43 36.93 -45.95
CA ALA G 157 -14.65 36.25 -44.64
C ALA G 157 -14.12 37.09 -43.47
N PRO G 158 -12.97 37.79 -43.53
CA PRO G 158 -12.52 38.64 -42.42
C PRO G 158 -13.47 39.77 -42.06
N PHE G 159 -14.14 40.35 -43.04
CA PHE G 159 -15.05 41.47 -42.84
C PHE G 159 -16.40 41.09 -42.26
N VAL G 160 -16.99 39.96 -42.65
CA VAL G 160 -18.22 39.48 -41.99
C VAL G 160 -17.98 39.02 -40.55
N GLU G 161 -16.79 38.53 -40.22
CA GLU G 161 -16.41 38.37 -38.81
C GLU G 161 -16.34 39.72 -38.11
N ALA G 162 -15.63 40.69 -38.66
CA ALA G 162 -15.46 41.96 -38.00
C ALA G 162 -16.78 42.69 -37.82
N LEU G 163 -17.65 42.69 -38.83
CA LEU G 163 -18.98 43.25 -38.75
C LEU G 163 -19.85 42.49 -37.74
N ARG G 164 -19.79 41.14 -37.63
CA ARG G 164 -20.57 40.43 -36.60
C ARG G 164 -20.20 40.94 -35.21
N GLN G 165 -18.91 40.96 -34.89
CA GLN G 165 -18.43 41.46 -33.60
C GLN G 165 -18.85 42.93 -33.42
N PHE G 166 -18.88 43.71 -34.49
CA PHE G 166 -19.32 45.09 -34.47
C PHE G 166 -20.80 45.24 -34.14
N GLN G 167 -21.66 44.25 -34.37
CA GLN G 167 -23.06 44.29 -33.92
C GLN G 167 -23.20 44.30 -32.40
N PHE G 168 -22.11 44.07 -31.66
CA PHE G 168 -22.07 44.03 -30.21
C PHE G 168 -21.21 45.18 -29.64
N LYS G 169 -20.11 45.51 -30.31
CA LYS G 169 -19.26 46.66 -29.95
C LYS G 169 -20.06 47.97 -30.10
N VAL G 170 -20.80 48.08 -31.20
CA VAL G 170 -21.97 48.95 -31.36
C VAL G 170 -23.19 48.16 -30.89
N GLY G 171 -24.21 48.78 -30.32
CA GLY G 171 -25.43 48.07 -29.94
C GLY G 171 -26.39 47.73 -31.10
N LYS G 172 -27.25 46.72 -30.91
CA LYS G 172 -28.53 46.66 -31.62
C LYS G 172 -29.35 47.89 -31.23
N GLU G 173 -30.24 48.37 -32.10
CA GLU G 173 -30.79 49.73 -32.06
C GLU G 173 -29.75 50.85 -32.28
N ASN G 174 -28.51 50.53 -32.67
CA ASN G 174 -27.57 51.46 -33.31
C ASN G 174 -27.05 50.93 -34.64
N PHE G 175 -26.96 49.62 -34.85
CA PHE G 175 -26.55 48.97 -36.09
C PHE G 175 -27.74 48.28 -36.77
N ALA G 176 -27.85 48.36 -38.09
CA ALA G 176 -28.80 47.62 -38.93
C ALA G 176 -28.18 47.15 -40.24
N LEU G 177 -28.70 46.10 -40.87
CA LEU G 177 -28.16 45.55 -42.11
C LEU G 177 -29.23 45.42 -43.20
N ILE G 178 -28.90 45.86 -44.41
CA ILE G 178 -29.64 45.66 -45.64
C ILE G 178 -28.91 44.61 -46.48
N HIS G 179 -29.53 43.49 -46.82
CA HIS G 179 -28.91 42.44 -47.63
C HIS G 179 -29.50 42.47 -49.01
N VAL G 180 -28.69 42.58 -50.04
CA VAL G 180 -29.15 42.73 -51.42
C VAL G 180 -29.04 41.38 -52.10
N SER G 181 -30.09 40.86 -52.72
CA SER G 181 -30.14 39.44 -53.14
C SER G 181 -30.89 39.21 -54.45
N LEU G 182 -30.68 38.07 -55.09
CA LEU G 182 -31.16 37.83 -56.46
C LEU G 182 -32.48 37.07 -56.47
N VAL G 183 -33.45 37.55 -57.24
CA VAL G 183 -34.64 36.78 -57.60
C VAL G 183 -34.56 36.55 -59.11
N PRO G 184 -33.92 35.47 -59.60
CA PRO G 184 -33.88 35.22 -61.03
C PRO G 184 -35.28 34.86 -61.52
N VAL G 185 -35.70 35.42 -62.67
CA VAL G 185 -37.06 35.17 -63.25
C VAL G 185 -36.87 34.37 -64.55
N ILE G 186 -36.89 33.03 -64.49
CA ILE G 186 -36.75 32.12 -65.69
C ILE G 186 -37.85 31.06 -65.65
N HIS G 187 -38.20 30.45 -66.79
CA HIS G 187 -39.20 29.35 -66.87
C HIS G 187 -40.55 29.83 -66.32
N GLY G 188 -40.92 31.11 -66.55
CA GLY G 188 -42.25 31.64 -66.16
C GLY G 188 -42.49 31.66 -64.64
N GLU G 189 -41.48 32.00 -63.81
CA GLU G 189 -41.66 32.13 -62.33
C GLU G 189 -40.49 32.91 -61.67
N GLN G 190 -40.76 33.76 -60.67
CA GLN G 190 -39.71 34.50 -59.88
C GLN G 190 -39.20 33.50 -58.82
N LYS G 191 -37.97 32.98 -58.93
CA LYS G 191 -37.50 31.94 -58.02
C LYS G 191 -36.87 32.54 -56.77
N THR G 192 -37.29 32.12 -55.58
CA THR G 192 -36.77 32.65 -54.31
C THR G 192 -35.50 31.99 -53.82
N LYS G 193 -35.17 30.78 -54.29
CA LYS G 193 -34.14 29.94 -53.65
C LYS G 193 -32.73 30.53 -53.58
N PRO G 194 -32.21 31.34 -54.52
CA PRO G 194 -30.90 31.95 -54.32
C PRO G 194 -30.88 32.90 -53.12
N THR G 195 -31.99 33.60 -52.83
CA THR G 195 -32.13 34.38 -51.58
C THR G 195 -32.15 33.49 -50.35
N GLN G 196 -32.82 32.33 -50.36
CA GLN G 196 -32.80 31.39 -49.24
C GLN G 196 -31.38 30.87 -48.97
N ALA G 197 -30.67 30.36 -49.97
CA ALA G 197 -29.30 29.87 -49.84
C ALA G 197 -28.29 30.96 -49.42
N ALA G 198 -28.41 32.20 -49.90
CA ALA G 198 -27.55 33.31 -49.49
C ALA G 198 -27.90 33.87 -48.12
N ILE G 199 -29.14 33.72 -47.64
CA ILE G 199 -29.52 34.11 -46.27
C ILE G 199 -29.09 33.02 -45.29
N LYS G 200 -29.18 31.74 -45.66
CA LYS G 200 -28.51 30.65 -44.94
C LYS G 200 -27.03 30.93 -44.78
N GLY G 201 -26.33 31.30 -45.85
CA GLY G 201 -24.94 31.77 -45.78
C GLY G 201 -24.76 32.94 -44.81
N LEU G 202 -25.59 33.98 -44.91
CA LEU G 202 -25.50 35.15 -44.05
C LEU G 202 -25.63 34.80 -42.57
N ARG G 203 -26.66 34.06 -42.16
CA ARG G 203 -26.85 33.71 -40.75
C ARG G 203 -25.75 32.77 -40.25
N SER G 204 -25.14 31.96 -41.10
CA SER G 204 -23.99 31.12 -40.72
C SER G 204 -22.86 31.96 -40.15
N LEU G 205 -22.50 33.07 -40.81
CA LEU G 205 -21.45 34.00 -40.37
C LEU G 205 -21.95 34.98 -39.28
N GLY G 206 -23.25 35.10 -39.07
CA GLY G 206 -23.87 35.56 -37.83
C GLY G 206 -24.54 36.92 -37.90
N LEU G 207 -24.42 37.61 -39.03
CA LEU G 207 -25.19 38.80 -39.33
C LEU G 207 -26.65 38.42 -39.56
N VAL G 208 -27.59 39.27 -39.18
CA VAL G 208 -29.03 39.09 -39.45
C VAL G 208 -29.57 40.31 -40.19
N PRO G 209 -30.29 40.14 -41.31
CA PRO G 209 -30.73 41.26 -42.12
C PRO G 209 -31.99 41.87 -41.54
N ASP G 210 -31.99 43.17 -41.38
CA ASP G 210 -33.16 43.95 -40.99
C ASP G 210 -34.01 44.32 -42.19
N MET G 211 -33.43 44.27 -43.38
CA MET G 211 -34.11 44.34 -44.67
C MET G 211 -33.48 43.37 -45.66
N ILE G 212 -34.28 42.92 -46.61
CA ILE G 212 -33.77 42.31 -47.83
C ILE G 212 -34.13 43.23 -48.98
N ALA G 213 -33.27 43.38 -49.96
CA ALA G 213 -33.54 44.16 -51.16
C ALA G 213 -33.24 43.37 -52.42
N CYS G 214 -34.20 43.21 -53.32
CA CYS G 214 -34.01 42.28 -54.43
C CYS G 214 -33.62 42.93 -55.74
N ARG G 215 -32.55 42.44 -56.36
CA ARG G 215 -32.36 42.54 -57.81
C ARG G 215 -33.33 41.58 -58.46
N CYS G 216 -34.22 42.11 -59.28
CA CYS G 216 -35.16 41.32 -60.03
C CYS G 216 -35.44 41.98 -61.39
N SER G 217 -35.71 41.19 -62.41
CA SER G 217 -36.12 41.68 -63.73
C SER G 217 -37.52 42.31 -63.73
N GLU G 218 -38.29 42.17 -62.65
CA GLU G 218 -39.71 42.50 -62.57
C GLU G 218 -40.07 43.24 -61.28
N THR G 219 -41.30 43.75 -61.17
CA THR G 219 -41.85 43.99 -59.83
C THR G 219 -42.03 42.64 -59.14
N LEU G 220 -41.50 42.46 -57.91
CA LEU G 220 -41.74 41.24 -57.15
C LEU G 220 -43.23 40.97 -57.00
N ASP G 221 -43.66 39.76 -57.30
CA ASP G 221 -45.01 39.32 -57.01
C ASP G 221 -45.27 39.32 -55.49
N LYS G 222 -46.50 39.62 -55.10
CA LYS G 222 -46.99 39.49 -53.72
C LYS G 222 -46.59 38.16 -53.07
N PRO G 223 -46.77 36.98 -53.70
CA PRO G 223 -46.26 35.72 -53.18
C PRO G 223 -44.73 35.64 -53.09
N THR G 224 -43.95 36.27 -53.95
CA THR G 224 -42.48 36.25 -53.84
C THR G 224 -42.00 36.97 -52.60
N ILE G 225 -42.57 38.13 -52.29
CA ILE G 225 -42.32 38.82 -51.02
C ILE G 225 -42.68 37.94 -49.83
N ASP G 226 -43.84 37.27 -49.86
CA ASP G 226 -44.24 36.38 -48.77
C ASP G 226 -43.32 35.17 -48.63
N LYS G 227 -42.87 34.55 -49.73
CA LYS G 227 -41.98 33.39 -49.69
C LYS G 227 -40.52 33.74 -49.37
N ILE G 228 -40.07 34.98 -49.55
CA ILE G 228 -38.82 35.48 -48.93
C ILE G 228 -39.02 35.75 -47.44
N ALA G 229 -40.05 36.49 -47.04
CA ALA G 229 -40.26 36.81 -45.62
C ALA G 229 -40.61 35.59 -44.74
N MET G 230 -41.17 34.51 -45.30
CA MET G 230 -41.36 33.22 -44.61
C MET G 230 -40.04 32.47 -44.38
N PHE G 231 -38.93 32.93 -44.95
CA PHE G 231 -37.61 32.28 -44.92
C PHE G 231 -36.49 33.16 -44.34
N CYS G 232 -36.82 34.38 -43.92
CA CYS G 232 -35.90 35.36 -43.35
C CYS G 232 -36.57 36.12 -42.20
N HIS G 233 -35.79 36.73 -41.32
CA HIS G 233 -36.34 37.34 -40.10
C HIS G 233 -36.85 38.79 -40.30
N VAL G 234 -37.49 39.06 -41.44
CA VAL G 234 -38.00 40.37 -41.87
C VAL G 234 -39.52 40.32 -42.04
N GLY G 235 -40.24 41.41 -41.77
CA GLY G 235 -41.65 41.48 -42.17
C GLY G 235 -41.78 41.57 -43.68
N PRO G 236 -42.94 41.29 -44.28
CA PRO G 236 -43.11 41.38 -45.73
C PRO G 236 -42.94 42.82 -46.27
N GLU G 237 -43.09 43.83 -45.43
CA GLU G 237 -42.87 45.26 -45.75
C GLU G 237 -41.39 45.68 -45.79
N GLN G 238 -40.45 44.83 -45.36
CA GLN G 238 -38.99 45.04 -45.47
C GLN G 238 -38.32 44.14 -46.52
N VAL G 239 -39.08 43.54 -47.44
CA VAL G 239 -38.51 43.02 -48.69
C VAL G 239 -38.62 44.11 -49.75
N VAL G 240 -37.72 45.09 -49.59
CA VAL G 240 -37.60 46.22 -50.55
C VAL G 240 -37.35 45.56 -51.91
N ASN G 241 -37.79 46.16 -53.01
CA ASN G 241 -37.41 45.72 -54.38
C ASN G 241 -36.76 46.96 -54.98
N VAL G 242 -35.79 46.83 -55.89
CA VAL G 242 -35.23 48.03 -56.59
C VAL G 242 -35.35 47.63 -58.07
N HIS G 243 -36.51 47.88 -58.68
CA HIS G 243 -36.84 47.45 -60.06
C HIS G 243 -36.45 48.52 -61.09
N ASP G 244 -36.76 48.27 -62.37
CA ASP G 244 -36.56 49.22 -63.46
C ASP G 244 -37.29 50.55 -63.19
N VAL G 245 -36.57 51.66 -63.33
CA VAL G 245 -37.06 53.04 -63.12
C VAL G 245 -36.54 53.96 -64.22
N ASN G 246 -37.15 55.13 -64.39
CA ASN G 246 -36.84 56.01 -65.52
C ASN G 246 -35.37 56.43 -65.57
N SER G 247 -34.78 56.66 -64.39
CA SER G 247 -33.35 56.82 -64.18
C SER G 247 -32.95 56.41 -62.77
N THR G 248 -31.66 56.13 -62.59
CA THR G 248 -31.05 55.71 -61.33
C THR G 248 -31.41 56.63 -60.15
N TYR G 249 -31.47 57.94 -60.36
CA TYR G 249 -31.80 58.88 -59.28
C TYR G 249 -33.27 58.81 -58.82
N HIS G 250 -34.16 58.15 -59.55
CA HIS G 250 -35.49 57.83 -59.02
C HIS G 250 -35.41 56.79 -57.92
N VAL G 251 -34.36 55.97 -57.87
CA VAL G 251 -34.20 54.92 -56.88
C VAL G 251 -34.36 55.42 -55.44
N PRO G 252 -33.73 56.49 -54.95
CA PRO G 252 -33.99 56.94 -53.58
C PRO G 252 -35.47 57.26 -53.34
N LEU G 253 -36.15 57.87 -54.30
CA LEU G 253 -37.59 58.10 -54.16
C LEU G 253 -38.35 56.78 -54.21
N LEU G 254 -37.93 55.83 -55.06
CA LEU G 254 -38.45 54.46 -55.03
C LEU G 254 -38.32 53.83 -53.65
N LEU G 255 -37.15 53.90 -53.01
CA LEU G 255 -36.93 53.37 -51.67
C LEU G 255 -37.83 54.07 -50.66
N LEU G 256 -37.95 55.39 -50.72
CA LEU G 256 -38.86 56.18 -49.90
C LEU G 256 -40.32 55.72 -50.09
N GLU G 257 -40.75 55.52 -51.33
CA GLU G 257 -42.11 55.12 -51.67
C GLU G 257 -42.43 53.72 -51.15
N GLN G 258 -41.44 52.83 -51.16
CA GLN G 258 -41.49 51.50 -50.56
C GLN G 258 -41.37 51.52 -49.02
N LYS G 259 -41.55 52.68 -48.38
CA LYS G 259 -41.50 52.88 -46.92
C LYS G 259 -40.20 52.38 -46.28
N MET G 260 -39.10 52.43 -47.03
CA MET G 260 -37.81 51.92 -46.56
C MET G 260 -37.32 52.73 -45.34
N ILE G 261 -37.39 54.05 -45.39
CA ILE G 261 -36.97 54.92 -44.27
C ILE G 261 -37.96 54.93 -43.11
N ASP G 262 -39.24 54.75 -43.35
CA ASP G 262 -40.23 54.71 -42.27
C ASP G 262 -40.00 53.51 -41.35
N TYR G 263 -39.31 52.47 -41.82
CA TYR G 263 -38.75 51.43 -40.97
C TYR G 263 -37.42 51.86 -40.34
N LEU G 264 -36.41 52.31 -41.10
CA LEU G 264 -35.09 52.67 -40.52
C LEU G 264 -35.20 53.74 -39.43
N HIS G 265 -36.11 54.68 -39.54
CA HIS G 265 -36.44 55.64 -38.49
C HIS G 265 -36.74 54.95 -37.14
N ALA G 266 -37.55 53.89 -37.14
CA ALA G 266 -37.87 53.12 -35.95
C ALA G 266 -36.76 52.13 -35.57
N ARG G 267 -36.21 51.41 -36.55
CA ARG G 267 -35.21 50.34 -36.36
C ARG G 267 -33.87 50.86 -35.85
N LEU G 268 -33.52 52.07 -36.23
CA LEU G 268 -32.34 52.76 -35.72
C LEU G 268 -32.71 53.91 -34.80
N LYS G 269 -33.99 54.07 -34.47
CA LYS G 269 -34.45 55.00 -33.44
C LYS G 269 -33.92 56.42 -33.69
N LEU G 270 -34.17 56.88 -34.90
CA LEU G 270 -33.62 58.10 -35.47
C LEU G 270 -34.36 59.35 -34.97
N ASP G 271 -35.55 59.15 -34.40
CA ASP G 271 -36.23 60.10 -33.54
C ASP G 271 -35.37 60.54 -32.34
N GLU G 272 -34.41 59.72 -31.89
CA GLU G 272 -33.44 60.12 -30.87
C GLU G 272 -32.46 61.21 -31.37
N ILE G 273 -32.33 61.40 -32.68
CA ILE G 273 -31.49 62.46 -33.23
C ILE G 273 -32.26 63.80 -33.21
N SER G 274 -32.12 64.55 -32.13
CA SER G 274 -32.74 65.86 -31.90
C SER G 274 -32.03 66.97 -32.70
N LEU G 275 -32.22 66.97 -34.02
CA LEU G 275 -31.67 67.97 -34.95
C LEU G 275 -32.08 69.41 -34.60
N THR G 276 -31.21 70.39 -34.89
CA THR G 276 -31.66 71.79 -34.89
C THR G 276 -32.67 72.03 -36.01
N GLU G 277 -33.48 73.08 -35.89
CA GLU G 277 -34.42 73.47 -36.94
C GLU G 277 -33.73 74.06 -38.16
N GLU G 278 -32.42 74.29 -38.13
CA GLU G 278 -31.59 74.46 -39.34
C GLU G 278 -31.11 73.12 -39.93
N GLU G 279 -31.20 72.03 -39.19
CA GLU G 279 -30.97 70.69 -39.66
C GLU G 279 -32.30 70.02 -39.96
N GLU G 280 -35.99 71.72 -44.08
CA GLU G 280 -36.17 72.28 -45.42
C GLU G 280 -35.19 71.70 -46.43
N LEU G 281 -33.99 71.27 -46.04
CA LEU G 281 -33.10 70.53 -46.92
C LEU G 281 -33.79 69.28 -47.47
N LEU G 282 -34.56 68.60 -46.62
CA LEU G 282 -35.51 67.56 -47.00
C LEU G 282 -36.44 68.05 -48.11
N SER G 283 -37.08 69.18 -47.90
CA SER G 283 -38.09 69.75 -48.80
C SER G 283 -37.47 70.13 -50.14
N LYS G 284 -36.50 71.06 -50.05
CA LYS G 284 -35.70 71.50 -51.22
C LYS G 284 -35.14 70.24 -51.88
N TRP G 285 -34.80 69.18 -51.11
CA TRP G 285 -34.35 67.91 -51.76
C TRP G 285 -35.62 67.31 -52.41
N LYS G 286 -36.71 66.90 -51.74
CA LYS G 286 -37.97 66.32 -52.32
C LYS G 286 -38.46 67.21 -53.47
N ALA G 287 -38.15 68.51 -53.46
CA ALA G 287 -38.53 69.46 -54.54
C ALA G 287 -37.68 69.04 -55.74
N THR G 288 -36.35 68.82 -55.62
CA THR G 288 -35.33 68.50 -56.71
C THR G 288 -35.24 67.02 -57.11
N THR G 289 -35.74 66.05 -56.34
CA THR G 289 -36.03 64.68 -56.73
C THR G 289 -37.08 64.70 -57.82
N GLY G 290 -38.16 65.42 -57.56
CA GLY G 290 -39.12 65.78 -58.57
C GLY G 290 -38.49 66.56 -59.72
N ASN G 291 -37.68 67.57 -59.47
CA ASN G 291 -37.18 68.45 -60.52
C ASN G 291 -36.19 67.74 -61.45
N PHE G 292 -35.48 66.74 -60.95
CA PHE G 292 -34.86 65.75 -61.82
C PHE G 292 -35.96 64.99 -62.59
N ASP G 293 -36.83 64.29 -61.87
CA ASP G 293 -37.69 63.26 -62.42
C ASP G 293 -38.74 63.76 -63.43
N GLU G 294 -39.21 64.98 -63.25
CA GLU G 294 -40.23 65.65 -64.05
C GLU G 294 -39.73 65.99 -65.45
N THR G 295 -36.08 66.38 -76.21
CA THR G 295 -34.77 65.73 -76.22
C THR G 295 -33.61 66.63 -76.68
N VAL G 296 -32.43 66.43 -76.10
CA VAL G 296 -31.13 66.89 -76.60
C VAL G 296 -30.30 65.68 -76.99
N LYS G 297 -29.81 65.60 -78.23
CA LYS G 297 -29.00 64.47 -78.71
C LYS G 297 -27.53 64.86 -78.68
N ILE G 298 -26.65 64.13 -78.01
CA ILE G 298 -25.21 64.44 -77.93
C ILE G 298 -24.40 63.26 -78.43
N ALA G 299 -23.48 63.46 -79.37
CA ALA G 299 -22.56 62.39 -79.77
C ALA G 299 -21.35 62.43 -78.83
N LEU G 300 -21.11 61.36 -78.09
CA LEU G 300 -19.89 61.18 -77.32
C LEU G 300 -18.97 60.30 -78.13
N VAL G 301 -17.83 60.85 -78.54
CA VAL G 301 -16.93 60.27 -79.52
C VAL G 301 -15.61 59.92 -78.87
N GLY G 302 -15.25 58.65 -78.79
CA GLY G 302 -14.00 58.26 -78.16
C GLY G 302 -13.58 56.85 -78.46
N LYS G 303 -12.49 56.37 -77.85
CA LYS G 303 -12.05 54.97 -77.93
C LYS G 303 -12.97 54.02 -77.15
N TYR G 304 -13.27 52.87 -77.72
CA TYR G 304 -13.92 51.73 -77.04
C TYR G 304 -15.17 52.14 -76.24
N THR G 305 -16.02 52.99 -76.82
CA THR G 305 -17.31 53.38 -76.23
C THR G 305 -18.26 52.22 -75.93
N ASN G 306 -17.98 51.03 -76.46
CA ASN G 306 -18.64 49.77 -76.09
C ASN G 306 -18.54 49.50 -74.57
N LEU G 307 -17.42 49.93 -73.99
CA LEU G 307 -17.06 49.80 -72.59
C LEU G 307 -17.67 50.95 -71.78
N LYS G 308 -18.99 50.94 -71.64
CA LYS G 308 -19.73 52.14 -71.20
C LYS G 308 -19.43 52.61 -69.76
N ASP G 309 -19.03 51.72 -68.86
CA ASP G 309 -18.60 52.16 -67.54
C ASP G 309 -17.34 53.04 -67.57
N SER G 310 -16.50 52.91 -68.61
CA SER G 310 -15.28 53.69 -68.74
C SER G 310 -15.53 55.19 -68.94
N TYR G 311 -16.77 55.57 -69.25
CA TYR G 311 -17.18 56.95 -69.43
C TYR G 311 -18.23 57.39 -68.42
N LEU G 312 -18.41 56.63 -67.34
CA LEU G 312 -19.51 56.83 -66.41
C LEU G 312 -19.62 58.25 -65.87
N SER G 313 -18.53 58.85 -65.40
CA SER G 313 -18.59 60.21 -64.83
C SER G 313 -19.08 61.20 -65.86
N VAL G 314 -18.64 61.04 -67.11
CA VAL G 314 -19.08 61.85 -68.24
C VAL G 314 -20.57 61.73 -68.38
N ILE G 315 -21.10 60.50 -68.34
CA ILE G 315 -22.54 60.30 -68.45
C ILE G 315 -23.26 61.01 -67.32
N LYS G 316 -22.81 60.82 -66.08
CA LYS G 316 -23.50 61.42 -64.94
C LYS G 316 -23.47 62.94 -65.01
N ALA G 317 -22.34 63.51 -65.40
CA ALA G 317 -22.24 64.94 -65.57
C ALA G 317 -23.25 65.50 -66.59
N LEU G 318 -23.41 64.82 -67.73
CA LEU G 318 -24.43 65.17 -68.71
C LEU G 318 -25.84 65.02 -68.14
N GLU G 319 -26.12 64.01 -67.31
CA GLU G 319 -27.42 63.85 -66.66
C GLU G 319 -27.71 65.00 -65.70
N HIS G 320 -26.76 65.39 -64.85
CA HIS G 320 -26.99 66.45 -63.85
C HIS G 320 -27.38 67.75 -64.55
N SER G 321 -26.63 68.09 -65.58
CA SER G 321 -26.87 69.29 -66.38
C SER G 321 -28.17 69.21 -67.16
N SER G 322 -28.52 68.07 -67.75
CA SER G 322 -29.76 67.93 -68.50
C SER G 322 -31.02 68.15 -67.67
N MET G 323 -31.00 67.77 -66.40
CA MET G 323 -32.09 68.05 -65.47
C MET G 323 -32.28 69.57 -65.27
N LYS G 324 -31.19 70.37 -65.22
CA LYS G 324 -31.28 71.83 -65.12
C LYS G 324 -31.91 72.45 -66.37
N CYS G 325 -31.53 72.00 -67.56
CA CYS G 325 -32.15 72.40 -68.83
C CYS G 325 -33.57 71.86 -69.08
N ARG G 326 -34.06 71.01 -68.16
CA ARG G 326 -35.34 70.31 -68.20
C ARG G 326 -35.53 69.47 -69.49
N ARG G 327 -34.44 69.06 -70.14
CA ARG G 327 -34.44 68.35 -71.43
C ARG G 327 -33.92 66.94 -71.29
N LYS G 328 -34.50 66.02 -72.03
CA LYS G 328 -34.19 64.59 -71.98
C LYS G 328 -32.88 64.32 -72.69
N LEU G 329 -31.96 63.62 -72.05
CA LEU G 329 -30.63 63.36 -72.61
C LEU G 329 -30.62 62.08 -73.45
N ASP G 330 -30.05 62.16 -74.64
CA ASP G 330 -29.87 61.02 -75.53
C ASP G 330 -28.43 60.96 -76.03
N ILE G 331 -27.56 60.27 -75.29
CA ILE G 331 -26.16 60.11 -75.69
C ILE G 331 -26.09 59.10 -76.85
N LYS G 332 -25.56 59.53 -78.00
CA LYS G 332 -25.13 58.60 -79.06
C LYS G 332 -23.70 58.19 -78.78
N TRP G 333 -23.45 56.90 -78.68
CA TRP G 333 -22.13 56.33 -78.49
C TRP G 333 -21.46 56.07 -79.82
N VAL G 334 -20.37 56.78 -80.11
CA VAL G 334 -19.59 56.64 -81.33
C VAL G 334 -18.21 56.08 -81.03
N GLU G 335 -17.82 54.98 -81.64
CA GLU G 335 -16.41 54.59 -81.64
C GLU G 335 -15.66 55.54 -82.56
N ALA G 336 -14.69 56.27 -82.03
CA ALA G 336 -13.94 57.26 -82.78
C ALA G 336 -13.26 56.67 -84.02
N THR G 337 -12.71 55.47 -83.93
CA THR G 337 -12.06 54.83 -85.08
C THR G 337 -12.99 54.51 -86.24
N ASP G 338 -14.30 54.35 -86.00
CA ASP G 338 -15.26 54.11 -87.08
C ASP G 338 -15.54 55.36 -87.92
N LEU G 339 -15.12 56.54 -87.51
CA LEU G 339 -15.21 57.75 -88.31
C LEU G 339 -14.12 57.84 -89.38
N GLU G 340 -13.04 57.06 -89.27
CA GLU G 340 -11.85 57.24 -90.09
C GLU G 340 -12.09 56.94 -91.58
N PRO G 341 -11.45 57.66 -92.52
CA PRO G 341 -11.49 57.35 -93.94
C PRO G 341 -11.05 55.92 -94.31
N GLU G 342 -10.21 55.29 -93.48
CA GLU G 342 -9.81 53.88 -93.62
C GLU G 342 -10.93 52.90 -93.25
N ALA G 343 -11.76 53.26 -92.27
CA ALA G 343 -12.85 52.38 -91.83
C ALA G 343 -13.87 52.14 -92.96
N GLN G 344 -13.99 53.08 -93.91
CA GLN G 344 -14.93 52.99 -95.04
C GLN G 344 -14.71 51.76 -95.93
N GLU G 345 -13.46 51.35 -96.16
CA GLU G 345 -13.20 50.09 -96.89
C GLU G 345 -13.14 48.87 -95.96
N SER G 346 -12.72 49.07 -94.71
CA SER G 346 -12.51 47.97 -93.76
C SER G 346 -13.81 47.40 -93.20
N ASN G 347 -14.73 48.27 -92.77
CA ASN G 347 -15.95 47.91 -92.05
C ASN G 347 -17.08 48.91 -92.34
N LYS G 348 -17.44 49.06 -93.61
CA LYS G 348 -18.28 50.15 -94.14
C LYS G 348 -19.57 50.39 -93.35
N THR G 349 -20.26 49.33 -92.93
CA THR G 349 -21.57 49.43 -92.27
C THR G 349 -21.49 50.23 -90.98
N LYS G 350 -20.53 49.92 -90.12
CA LYS G 350 -20.36 50.63 -88.84
C LYS G 350 -19.88 52.06 -89.04
N PHE G 351 -19.10 52.31 -90.08
CA PHE G 351 -18.68 53.65 -90.46
C PHE G 351 -19.86 54.56 -90.81
N ARG G 352 -20.87 54.07 -91.54
CA ARG G 352 -22.10 54.85 -91.77
C ARG G 352 -22.88 55.07 -90.48
N GLU G 353 -22.99 54.07 -89.60
CA GLU G 353 -23.68 54.27 -88.32
C GLU G 353 -22.99 55.36 -87.47
N ALA G 354 -21.66 55.35 -87.42
CA ALA G 354 -20.89 56.36 -86.72
C ALA G 354 -21.12 57.76 -87.28
N TRP G 355 -21.05 57.91 -88.60
CA TRP G 355 -21.26 59.21 -89.21
C TRP G 355 -22.70 59.70 -89.14
N ASN G 356 -23.70 58.83 -89.20
CA ASN G 356 -25.07 59.26 -88.94
C ASN G 356 -25.22 59.85 -87.54
N MET G 357 -24.64 59.23 -86.51
CA MET G 357 -24.68 59.75 -85.16
C MET G 357 -24.04 61.13 -85.10
N VAL G 358 -22.83 61.31 -85.65
CA VAL G 358 -22.15 62.62 -85.66
C VAL G 358 -22.96 63.69 -86.37
N SER G 359 -23.58 63.34 -87.50
CA SER G 359 -24.43 64.23 -88.30
C SER G 359 -25.76 64.58 -87.66
N THR G 360 -26.31 63.70 -86.84
CA THR G 360 -27.60 63.90 -86.15
C THR G 360 -27.46 64.79 -84.95
N ALA G 361 -26.36 64.70 -84.20
CA ALA G 361 -26.27 65.21 -82.85
C ALA G 361 -26.39 66.74 -82.75
N ASP G 362 -27.07 67.22 -81.73
CA ASP G 362 -27.17 68.63 -81.37
C ASP G 362 -25.93 69.17 -80.68
N GLY G 363 -25.04 68.30 -80.23
CA GLY G 363 -23.76 68.65 -79.64
C GLY G 363 -22.74 67.53 -79.82
N ILE G 364 -21.45 67.86 -79.82
CA ILE G 364 -20.37 66.88 -79.88
C ILE G 364 -19.55 66.96 -78.59
N LEU G 365 -19.06 65.82 -78.14
CA LEU G 365 -18.31 65.67 -76.90
C LEU G 365 -17.18 64.70 -77.13
N ILE G 366 -15.95 65.17 -76.96
CA ILE G 366 -14.76 64.32 -76.99
C ILE G 366 -14.32 64.15 -75.53
N PRO G 367 -14.37 62.95 -74.95
CA PRO G 367 -14.55 62.80 -73.50
C PRO G 367 -13.25 62.73 -72.67
N GLY G 368 -12.07 62.85 -73.28
CA GLY G 368 -10.79 62.62 -72.58
C GLY G 368 -10.38 61.15 -72.55
N GLY G 369 -10.35 60.50 -73.72
CA GLY G 369 -10.03 59.08 -73.89
C GLY G 369 -8.62 58.64 -73.47
N PHE G 370 -8.42 57.34 -73.45
CA PHE G 370 -7.19 56.66 -73.03
C PHE G 370 -6.40 56.20 -74.25
N GLY G 371 -5.13 56.56 -74.33
CA GLY G 371 -4.25 56.19 -75.43
C GLY G 371 -4.57 56.84 -76.78
N VAL G 372 -3.81 56.50 -77.82
CA VAL G 372 -3.80 57.25 -79.10
C VAL G 372 -4.84 56.80 -80.13
N ARG G 373 -5.30 55.53 -80.09
CA ARG G 373 -6.01 54.85 -81.19
C ARG G 373 -7.12 55.66 -81.85
N GLY G 374 -8.02 56.24 -81.08
CA GLY G 374 -9.20 56.97 -81.60
C GLY G 374 -8.90 58.32 -82.26
N THR G 375 -7.67 58.84 -82.14
CA THR G 375 -7.36 60.24 -82.43
C THR G 375 -7.82 60.69 -83.81
N GLU G 376 -7.58 59.91 -84.87
CA GLU G 376 -7.83 60.35 -86.24
C GLU G 376 -9.31 60.64 -86.48
N GLY G 377 -10.22 59.84 -85.94
CA GLY G 377 -11.64 60.11 -86.03
C GLY G 377 -12.08 61.28 -85.15
N MET G 378 -11.54 61.40 -83.95
CA MET G 378 -11.84 62.51 -83.05
C MET G 378 -11.43 63.86 -83.64
N VAL G 379 -10.42 63.93 -84.48
CA VAL G 379 -10.08 65.12 -85.26
C VAL G 379 -11.23 65.53 -86.18
N LEU G 380 -11.77 64.59 -86.96
CA LEU G 380 -12.87 64.83 -87.90
C LEU G 380 -14.16 65.20 -87.17
N ALA G 381 -14.43 64.67 -85.99
CA ALA G 381 -15.53 65.12 -85.14
C ALA G 381 -15.33 66.55 -84.62
N ALA G 382 -14.12 66.97 -84.28
CA ALA G 382 -13.85 68.34 -83.88
C ALA G 382 -13.98 69.34 -85.05
N ARG G 383 -13.55 68.94 -86.25
CA ARG G 383 -13.67 69.68 -87.52
C ARG G 383 -15.13 69.90 -87.88
N TRP G 384 -15.93 68.85 -87.75
CA TRP G 384 -17.36 68.90 -87.98
C TRP G 384 -18.08 69.94 -87.12
N ALA G 385 -17.69 70.11 -85.87
CA ALA G 385 -18.25 71.13 -84.98
C ALA G 385 -17.55 72.50 -85.04
N ARG G 386 -16.31 72.60 -85.53
CA ARG G 386 -15.68 73.90 -85.76
C ARG G 386 -16.37 74.59 -86.93
N GLU G 387 -16.52 73.89 -88.05
CA GLU G 387 -16.94 74.49 -89.31
C GLU G 387 -18.44 74.80 -89.32
N ASN G 388 -19.26 73.75 -89.24
CA ASN G 388 -20.68 73.86 -88.95
C ASN G 388 -20.84 74.25 -87.48
N HIS G 389 -21.65 75.23 -87.11
CA HIS G 389 -21.72 75.75 -85.73
C HIS G 389 -22.39 74.84 -84.68
N ILE G 390 -22.04 73.56 -84.63
CA ILE G 390 -22.48 72.58 -83.63
C ILE G 390 -21.83 72.88 -82.27
N PRO G 391 -22.54 72.92 -81.14
CA PRO G 391 -21.94 72.98 -79.81
C PRO G 391 -20.97 71.84 -79.53
N PHE G 392 -19.88 72.12 -78.83
CA PHE G 392 -18.80 71.17 -78.59
C PHE G 392 -18.20 71.33 -77.19
N LEU G 393 -17.83 70.20 -76.57
CA LEU G 393 -16.90 70.17 -75.44
C LEU G 393 -15.78 69.15 -75.67
N GLY G 394 -14.54 69.58 -75.52
CA GLY G 394 -13.37 68.70 -75.47
C GLY G 394 -12.84 68.59 -74.04
N VAL G 395 -12.74 67.37 -73.51
CA VAL G 395 -12.18 67.15 -72.16
C VAL G 395 -10.82 66.48 -72.28
N CYS G 396 -9.80 67.03 -71.63
CA CYS G 396 -8.42 66.55 -71.64
C CYS G 396 -7.87 66.27 -73.06
N LEU G 397 -7.81 65.00 -73.49
CA LEU G 397 -7.51 64.63 -74.88
C LEU G 397 -8.42 65.32 -75.90
N GLY G 398 -9.63 65.70 -75.51
CA GLY G 398 -10.50 66.53 -76.31
C GLY G 398 -9.99 67.95 -76.51
N LEU G 399 -9.38 68.59 -75.50
CA LEU G 399 -8.69 69.89 -75.73
C LEU G 399 -7.49 69.72 -76.65
N GLN G 400 -6.73 68.65 -76.42
CA GLN G 400 -5.61 68.27 -77.27
C GLN G 400 -6.06 68.12 -78.72
N ILE G 401 -7.17 67.43 -78.96
CA ILE G 401 -7.71 67.24 -80.30
C ILE G 401 -8.43 68.46 -80.86
N ALA G 402 -9.05 69.30 -80.05
CA ALA G 402 -9.51 70.61 -80.49
C ALA G 402 -8.34 71.47 -80.99
N THR G 403 -7.18 71.39 -80.33
CA THR G 403 -6.00 72.14 -80.74
C THR G 403 -5.28 71.52 -81.93
N ILE G 404 -5.12 70.20 -81.98
CA ILE G 404 -4.62 69.50 -83.16
C ILE G 404 -5.51 69.81 -84.36
N GLU G 405 -6.83 69.81 -84.24
CA GLU G 405 -7.70 70.08 -85.39
C GLU G 405 -7.58 71.54 -85.84
N PHE G 406 -7.71 72.49 -84.93
CA PHE G 406 -7.58 73.90 -85.29
C PHE G 406 -6.20 74.21 -85.91
N THR G 407 -5.14 73.58 -85.45
CA THR G 407 -3.83 73.61 -86.10
C THR G 407 -3.91 73.00 -87.50
N ARG G 408 -4.39 71.76 -87.63
CA ARG G 408 -4.46 70.95 -88.85
C ARG G 408 -5.39 71.50 -89.95
N SER G 409 -6.24 72.48 -89.65
CA SER G 409 -7.24 72.99 -90.60
C SER G 409 -7.30 74.51 -90.71
N VAL G 410 -6.99 75.26 -89.64
CA VAL G 410 -7.00 76.72 -89.67
C VAL G 410 -5.61 77.28 -89.94
N LEU G 411 -4.54 76.68 -89.39
CA LEU G 411 -3.14 77.06 -89.68
C LEU G 411 -2.52 76.30 -90.86
N GLY G 412 -3.26 75.44 -91.55
CA GLY G 412 -2.67 74.43 -92.45
C GLY G 412 -2.00 73.31 -91.66
N ARG G 413 -0.66 73.25 -91.66
CA ARG G 413 0.18 72.37 -90.80
C ARG G 413 -0.30 70.91 -90.71
N LYS G 414 -0.63 70.30 -91.86
CA LYS G 414 -1.31 68.98 -91.94
C LYS G 414 -0.54 67.81 -91.30
N ASP G 415 0.77 67.94 -91.11
CA ASP G 415 1.63 66.95 -90.42
C ASP G 415 1.51 66.98 -88.88
N SER G 416 0.88 67.98 -88.26
CA SER G 416 0.87 68.13 -86.81
C SER G 416 0.07 67.02 -86.09
N HIS G 417 0.50 66.64 -84.89
CA HIS G 417 0.07 65.45 -84.17
C HIS G 417 0.35 65.62 -82.67
N SER G 418 -0.22 64.77 -81.83
CA SER G 418 0.13 64.69 -80.40
C SER G 418 1.63 64.39 -80.19
N ALA G 419 2.20 64.83 -79.07
CA ALA G 419 3.55 64.48 -78.65
C ALA G 419 3.78 62.96 -78.52
N GLU G 420 2.70 62.18 -78.45
CA GLU G 420 2.73 60.72 -78.52
C GLU G 420 3.48 60.19 -79.77
N PHE G 421 3.38 60.85 -80.94
CA PHE G 421 4.17 60.53 -82.13
C PHE G 421 5.55 61.21 -82.04
N TYR G 422 6.30 60.78 -81.02
CA TYR G 422 7.55 61.39 -80.58
C TYR G 422 8.59 61.68 -81.69
N PRO G 423 8.93 60.74 -82.60
CA PRO G 423 10.06 60.92 -83.52
C PRO G 423 9.81 61.90 -84.69
N ASP G 424 8.60 62.47 -84.82
CA ASP G 424 8.37 63.57 -85.77
C ASP G 424 9.01 64.90 -85.29
N ILE G 425 9.20 65.07 -83.98
CA ILE G 425 9.85 66.19 -83.30
C ILE G 425 9.26 67.59 -83.65
N ASP G 426 9.58 68.15 -84.82
CA ASP G 426 9.30 69.55 -85.18
C ASP G 426 7.80 69.89 -85.21
N GLU G 427 6.94 68.91 -85.50
CA GLU G 427 5.49 69.07 -85.67
C GLU G 427 4.64 68.56 -84.48
N LYS G 428 5.27 68.21 -83.36
CA LYS G 428 4.56 67.85 -82.12
C LYS G 428 3.74 69.04 -81.61
N ASN G 429 2.43 68.85 -81.47
CA ASN G 429 1.49 69.87 -81.01
C ASN G 429 1.54 70.10 -79.48
N HIS G 430 2.22 69.23 -78.74
CA HIS G 430 2.23 69.17 -77.28
C HIS G 430 3.65 69.04 -76.70
N VAL G 431 3.80 69.24 -75.39
CA VAL G 431 5.04 69.08 -74.64
C VAL G 431 4.78 68.29 -73.35
N VAL G 432 5.74 67.46 -72.95
CA VAL G 432 5.74 66.74 -71.68
C VAL G 432 5.75 67.70 -70.49
N VAL G 433 4.97 67.39 -69.46
CA VAL G 433 4.95 68.11 -68.19
C VAL G 433 4.58 67.15 -67.05
N PHE G 434 5.56 66.35 -66.58
CA PHE G 434 5.33 65.31 -65.57
C PHE G 434 5.15 65.84 -64.12
N MET G 435 5.60 67.05 -63.80
CA MET G 435 5.68 67.61 -62.44
C MET G 435 6.23 66.63 -61.39
N MET G 436 2.86 62.74 -63.66
CA MET G 436 1.52 63.18 -64.05
C MET G 436 1.01 64.33 -63.18
N ARG G 437 0.40 65.36 -63.77
CA ARG G 437 -0.33 66.40 -63.03
C ARG G 437 -1.67 65.82 -62.58
N LEU G 438 -1.96 65.88 -61.28
CA LEU G 438 -3.11 65.23 -60.62
C LEU G 438 -3.78 66.16 -59.62
N GLY G 439 -5.00 65.79 -59.19
CA GLY G 439 -5.70 66.39 -58.07
C GLY G 439 -6.22 67.80 -58.32
N LEU G 440 -6.84 68.39 -57.29
CA LEU G 440 -7.45 69.69 -57.36
C LEU G 440 -6.38 70.76 -57.46
N ARG G 441 -6.32 71.42 -58.61
CA ARG G 441 -5.46 72.60 -58.84
C ARG G 441 -6.32 73.79 -59.30
N PRO G 442 -5.96 75.04 -59.01
CA PRO G 442 -6.70 76.21 -59.49
C PRO G 442 -6.57 76.40 -61.01
N THR G 443 -7.39 77.27 -61.58
CA THR G 443 -7.22 77.84 -62.92
C THR G 443 -7.82 79.23 -62.92
N PHE G 444 -7.15 80.15 -63.58
CA PHE G 444 -7.41 81.59 -63.53
C PHE G 444 -7.79 82.09 -64.92
N PHE G 445 -8.89 82.83 -65.02
CA PHE G 445 -9.26 83.40 -66.31
C PHE G 445 -8.27 84.48 -66.75
N GLN G 446 -8.05 84.61 -68.05
CA GLN G 446 -7.23 85.68 -68.62
C GLN G 446 -8.02 87.01 -68.57
N ASN G 447 -7.46 88.07 -68.01
CA ASN G 447 -8.23 89.19 -67.44
C ASN G 447 -9.06 90.03 -68.42
N GLU G 448 -8.86 89.89 -69.73
CA GLU G 448 -9.57 90.61 -70.81
C GLU G 448 -10.81 89.88 -71.34
N THR G 449 -10.96 88.57 -71.08
CA THR G 449 -11.90 87.70 -71.81
C THR G 449 -13.36 87.80 -71.33
N GLU G 450 -13.88 89.01 -71.19
CA GLU G 450 -15.24 89.32 -70.73
C GLU G 450 -16.33 88.81 -71.68
N TRP G 451 -16.00 88.56 -72.95
CA TRP G 451 -16.88 88.02 -73.97
C TRP G 451 -17.25 86.55 -73.78
N SER G 452 -16.41 85.79 -73.05
CA SER G 452 -16.44 84.33 -72.97
C SER G 452 -17.77 83.76 -72.50
N GLN G 453 -18.29 82.76 -73.20
CA GLN G 453 -19.47 82.03 -72.76
C GLN G 453 -19.17 81.20 -71.52
N ILE G 454 -18.02 80.53 -71.45
CA ILE G 454 -17.71 79.66 -70.31
C ILE G 454 -17.46 80.46 -69.03
N LYS G 455 -16.69 81.54 -69.07
CA LYS G 455 -16.45 82.33 -67.84
C LYS G 455 -17.69 83.09 -67.37
N LYS G 456 -18.72 83.22 -68.20
CA LYS G 456 -20.05 83.65 -67.78
C LYS G 456 -20.75 82.56 -66.98
N LEU G 457 -20.74 81.30 -67.41
CA LEU G 457 -21.33 80.18 -66.65
C LEU G 457 -20.74 80.03 -65.24
N TYR G 458 -19.43 80.27 -65.09
CA TYR G 458 -18.74 80.34 -63.78
C TYR G 458 -19.06 81.59 -62.94
N GLY G 459 -20.12 82.33 -63.28
CA GLY G 459 -20.66 83.40 -62.44
C GLY G 459 -19.80 84.65 -62.33
N ASP G 460 -18.89 84.87 -63.29
CA ASP G 460 -17.88 85.94 -63.26
C ASP G 460 -16.88 85.86 -62.08
N VAL G 461 -16.77 84.71 -61.42
CA VAL G 461 -15.74 84.46 -60.40
C VAL G 461 -14.33 84.48 -61.01
N SER G 462 -13.34 84.98 -60.28
CA SER G 462 -11.96 85.19 -60.75
C SER G 462 -11.18 83.91 -61.06
N GLU G 463 -11.49 82.80 -60.41
CA GLU G 463 -10.82 81.52 -60.59
C GLU G 463 -11.73 80.33 -60.29
N VAL G 464 -11.26 79.16 -60.70
CA VAL G 464 -11.91 77.86 -60.54
C VAL G 464 -10.90 76.83 -60.02
N HIS G 465 -11.37 75.72 -59.45
CA HIS G 465 -10.49 74.64 -58.96
C HIS G 465 -10.98 73.31 -59.51
N GLU G 466 -10.10 72.51 -60.10
CA GLU G 466 -10.49 71.38 -60.96
C GLU G 466 -9.53 70.19 -60.89
N ARG G 467 -9.99 69.01 -61.30
CA ARG G 467 -9.19 67.76 -61.29
C ARG G 467 -8.45 67.52 -62.61
N HIS G 468 -7.22 67.04 -62.50
CA HIS G 468 -6.29 66.84 -63.61
C HIS G 468 -5.76 65.40 -63.63
N ARG G 469 -5.29 64.90 -64.79
CA ARG G 469 -4.71 63.56 -64.95
C ARG G 469 -3.71 63.47 -66.11
N HIS G 470 -3.05 64.57 -66.46
CA HIS G 470 -2.40 64.69 -67.77
C HIS G 470 -0.88 64.68 -67.66
N ARG G 471 -0.25 64.08 -68.67
CA ARG G 471 1.22 64.12 -68.86
C ARG G 471 1.69 65.04 -69.99
N TYR G 472 0.80 65.49 -70.87
CA TYR G 472 1.11 66.39 -71.97
C TYR G 472 0.36 67.71 -71.82
N GLU G 473 0.92 68.79 -72.33
CA GLU G 473 0.21 70.06 -72.51
C GLU G 473 0.49 70.64 -73.90
N ILE G 474 -0.36 71.54 -74.39
CA ILE G 474 -0.12 72.21 -75.67
C ILE G 474 1.18 72.99 -75.58
N ASN G 475 1.98 72.92 -76.64
CA ASN G 475 3.32 73.51 -76.63
C ASN G 475 3.24 75.05 -76.53
N PRO G 476 3.73 75.70 -75.45
CA PRO G 476 3.60 77.14 -75.24
C PRO G 476 4.10 77.99 -76.40
N LYS G 477 5.10 77.49 -77.13
CA LYS G 477 5.67 78.14 -78.32
C LYS G 477 4.60 78.49 -79.37
N MET G 478 3.60 77.63 -79.53
CA MET G 478 2.52 77.82 -80.51
C MET G 478 1.36 78.68 -80.02
N VAL G 479 1.20 78.88 -78.72
CA VAL G 479 -0.04 79.41 -78.16
C VAL G 479 -0.35 80.84 -78.62
N ASP G 480 0.65 81.67 -78.86
CA ASP G 480 0.41 83.00 -79.44
C ASP G 480 -0.24 82.93 -80.82
N GLU G 481 0.16 81.97 -81.65
CA GLU G 481 -0.38 81.75 -82.99
C GLU G 481 -1.84 81.34 -82.93
N LEU G 482 -2.18 80.44 -82.02
CA LEU G 482 -3.53 79.99 -81.75
C LEU G 482 -4.40 81.12 -81.16
N GLU G 483 -3.90 81.89 -80.19
CA GLU G 483 -4.61 83.05 -79.65
C GLU G 483 -4.87 84.13 -80.71
N ASN G 484 -3.89 84.43 -81.56
CA ASN G 484 -4.01 85.41 -82.65
C ASN G 484 -4.99 84.95 -83.75
N ASN G 485 -5.08 83.65 -84.02
CA ASN G 485 -6.05 83.09 -84.98
C ASN G 485 -7.45 82.87 -84.40
N GLY G 486 -7.64 82.98 -83.09
CA GLY G 486 -8.96 83.03 -82.43
C GLY G 486 -9.29 81.84 -81.52
N LEU G 487 -8.42 80.85 -81.42
CA LEU G 487 -8.53 79.75 -80.45
C LEU G 487 -8.07 80.23 -79.07
N ILE G 488 -8.78 81.20 -78.48
CA ILE G 488 -8.31 81.94 -77.32
C ILE G 488 -8.28 81.06 -76.06
N PHE G 489 -7.13 80.91 -75.43
CA PHE G 489 -6.98 80.16 -74.18
C PHE G 489 -7.48 80.98 -72.99
N VAL G 490 -8.80 80.97 -72.77
CA VAL G 490 -9.47 81.81 -71.76
C VAL G 490 -9.13 81.50 -70.30
N GLY G 491 -8.45 80.38 -70.01
CA GLY G 491 -7.97 80.04 -68.69
C GLY G 491 -6.62 79.37 -68.68
N LYS G 492 -5.76 79.77 -67.75
CA LYS G 492 -4.43 79.20 -67.55
C LYS G 492 -4.16 78.99 -66.06
N ASP G 493 -3.05 78.33 -65.77
CA ASP G 493 -2.63 78.03 -64.41
C ASP G 493 -2.07 79.25 -63.67
N ASP G 494 -1.62 79.02 -62.44
CA ASP G 494 -0.93 80.00 -61.59
C ASP G 494 0.28 80.66 -62.30
N THR G 495 1.11 79.90 -63.03
CA THR G 495 2.30 80.44 -63.73
C THR G 495 1.95 81.17 -65.03
N GLY G 496 0.80 80.86 -65.65
CA GLY G 496 0.44 81.32 -66.98
C GLY G 496 1.12 80.57 -68.11
N LYS G 497 1.90 79.53 -67.82
CA LYS G 497 2.58 78.70 -68.81
C LYS G 497 1.69 77.57 -69.36
N ARG G 498 0.68 77.12 -68.60
CA ARG G 498 -0.10 75.90 -68.88
C ARG G 498 -1.48 76.21 -69.46
N CYS G 499 -1.86 75.48 -70.50
CA CYS G 499 -3.12 75.64 -71.22
C CYS G 499 -4.27 74.91 -70.50
N GLU G 500 -5.09 75.60 -69.72
CA GLU G 500 -6.13 74.96 -68.90
C GLU G 500 -7.52 74.97 -69.56
N ILE G 501 -7.85 76.04 -70.27
CA ILE G 501 -9.12 76.20 -71.00
C ILE G 501 -8.87 76.89 -72.33
N LEU G 502 -9.58 76.46 -73.38
CA LEU G 502 -9.78 77.25 -74.59
C LEU G 502 -11.26 77.46 -74.92
N GLU G 503 -11.53 78.58 -75.56
CA GLU G 503 -12.79 78.89 -76.23
C GLU G 503 -12.47 79.48 -77.60
N LEU G 504 -13.10 78.98 -78.65
CA LEU G 504 -12.98 79.56 -79.98
C LEU G 504 -13.83 80.82 -80.06
N LYS G 505 -13.20 81.98 -80.29
CA LYS G 505 -13.85 83.29 -80.41
C LYS G 505 -14.92 83.26 -81.51
N ASN G 506 -16.11 83.80 -81.21
CA ASN G 506 -17.25 83.92 -82.14
C ASN G 506 -17.69 82.57 -82.75
N HIS G 507 -17.95 81.58 -81.89
CA HIS G 507 -18.69 80.35 -82.16
C HIS G 507 -19.77 80.14 -81.08
N PRO G 508 -20.96 79.61 -81.35
CA PRO G 508 -22.03 79.51 -80.35
C PRO G 508 -21.68 78.80 -79.05
N TYR G 509 -20.87 77.74 -79.09
CA TYR G 509 -20.31 77.07 -77.92
C TYR G 509 -19.23 76.07 -78.35
N TYR G 510 -17.97 76.44 -78.33
CA TYR G 510 -16.87 75.53 -78.65
C TYR G 510 -15.79 75.71 -77.60
N ILE G 511 -15.84 74.79 -76.65
CA ILE G 511 -15.03 74.79 -75.45
C ILE G 511 -14.16 73.56 -75.42
N ALA G 512 -12.97 73.68 -74.85
CA ALA G 512 -12.31 72.52 -74.28
C ALA G 512 -11.60 72.85 -72.96
N THR G 513 -11.41 71.82 -72.14
CA THR G 513 -10.75 71.88 -70.84
C THR G 513 -9.65 70.84 -70.80
N GLN G 514 -8.49 71.19 -70.26
CA GLN G 514 -7.45 70.19 -70.03
C GLN G 514 -7.83 69.26 -68.86
N TYR G 515 -8.46 69.83 -67.83
CA TYR G 515 -9.02 69.11 -66.70
C TYR G 515 -10.26 68.28 -67.06
N HIS G 516 -10.69 67.45 -66.10
CA HIS G 516 -11.85 66.56 -66.13
C HIS G 516 -13.01 67.08 -65.25
N PRO G 517 -13.84 68.00 -65.76
CA PRO G 517 -14.91 68.64 -64.97
C PRO G 517 -15.97 67.66 -64.46
N GLU G 518 -16.14 66.51 -65.10
CA GLU G 518 -17.02 65.44 -64.65
C GLU G 518 -16.59 64.86 -63.31
N TYR G 519 -15.38 65.13 -62.85
CA TYR G 519 -14.97 64.81 -61.49
C TYR G 519 -15.50 65.80 -60.45
N THR G 520 -16.27 66.82 -60.84
CA THR G 520 -16.89 67.74 -59.88
C THR G 520 -18.32 68.12 -60.21
N SER G 521 -18.94 67.47 -61.18
CA SER G 521 -20.39 67.56 -61.42
C SER G 521 -21.19 66.98 -60.25
N LYS G 522 -22.13 67.74 -59.69
CA LYS G 522 -23.04 67.29 -58.61
C LYS G 522 -24.49 67.36 -59.09
N VAL G 523 -25.36 66.53 -58.52
CA VAL G 523 -26.77 66.42 -58.94
C VAL G 523 -27.53 67.74 -58.82
N LEU G 524 -27.22 68.54 -57.79
CA LEU G 524 -27.82 69.86 -57.57
C LEU G 524 -26.89 71.04 -57.98
N ASP G 525 -25.63 70.77 -58.30
CA ASP G 525 -24.67 71.75 -58.83
C ASP G 525 -23.90 71.13 -60.01
N PRO G 526 -24.43 71.21 -61.25
CA PRO G 526 -23.80 70.62 -62.41
C PRO G 526 -22.47 71.32 -62.78
N SER G 527 -21.47 70.57 -63.26
CA SER G 527 -20.16 71.12 -63.65
C SER G 527 -20.30 72.01 -64.90
N LYS G 528 -19.90 73.28 -64.79
CA LYS G 528 -20.23 74.33 -65.78
C LYS G 528 -19.92 73.99 -67.25
N PRO G 529 -18.79 73.36 -67.63
CA PRO G 529 -18.48 73.07 -69.04
C PRO G 529 -19.47 72.12 -69.71
N PHE G 530 -20.00 71.18 -68.95
CA PHE G 530 -21.06 70.30 -69.39
C PHE G 530 -22.42 71.01 -69.38
N LEU G 531 -22.72 71.86 -68.38
CA LEU G 531 -23.97 72.62 -68.45
C LEU G 531 -24.05 73.45 -69.73
N GLY G 532 -22.97 74.14 -70.09
CA GLY G 532 -22.90 74.88 -71.34
C GLY G 532 -23.10 74.01 -72.58
N LEU G 533 -22.50 72.82 -72.64
CA LEU G 533 -22.70 71.89 -73.77
C LEU G 533 -24.16 71.49 -73.91
N VAL G 534 -24.85 71.12 -72.85
CA VAL G 534 -26.26 70.76 -72.95
C VAL G 534 -27.09 72.00 -73.29
N ALA G 535 -26.90 73.11 -72.59
CA ALA G 535 -27.70 74.30 -72.81
C ALA G 535 -27.55 74.86 -74.23
N ALA G 536 -26.37 74.85 -74.81
CA ALA G 536 -26.18 75.25 -76.20
C ALA G 536 -26.74 74.22 -77.18
N SER G 537 -26.68 72.92 -76.89
CA SER G 537 -27.34 71.89 -77.68
C SER G 537 -28.86 72.07 -77.70
N ALA G 538 -29.42 72.50 -76.58
CA ALA G 538 -30.82 72.92 -76.44
C ALA G 538 -31.13 74.31 -77.04
N GLY G 539 -30.11 75.06 -77.45
CA GLY G 539 -30.27 76.40 -78.00
C GLY G 539 -30.75 77.45 -76.99
N ILE G 540 -30.50 77.20 -75.69
CA ILE G 540 -30.99 77.99 -74.56
C ILE G 540 -29.89 78.60 -73.69
N LEU G 541 -28.63 78.52 -74.13
CA LEU G 541 -27.43 78.87 -73.36
C LEU G 541 -27.52 80.26 -72.74
N GLN G 542 -27.97 81.26 -73.49
CA GLN G 542 -28.13 82.62 -72.99
C GLN G 542 -28.99 82.67 -71.72
N ASP G 543 -30.11 81.96 -71.72
CA ASP G 543 -31.12 82.05 -70.68
C ASP G 543 -30.74 81.27 -69.43
N VAL G 544 -29.93 80.21 -69.59
CA VAL G 544 -29.28 79.50 -68.49
C VAL G 544 -28.26 80.39 -67.81
N ILE G 545 -27.47 81.15 -68.56
CA ILE G 545 -26.51 82.11 -68.00
C ILE G 545 -27.25 83.26 -67.30
N GLU G 546 -28.32 83.76 -67.89
CA GLU G 546 -29.16 84.83 -67.31
C GLU G 546 -29.98 84.37 -66.09
N GLY G 547 -30.16 83.06 -65.88
CA GLY G 547 -30.72 82.49 -64.66
C GLY G 547 -32.15 81.95 -64.73
N LYS G 548 -32.69 81.69 -65.92
CA LYS G 548 -34.05 81.14 -66.14
C LYS G 548 -34.26 79.68 -65.69
N TYR G 549 -33.26 79.06 -65.07
CA TYR G 549 -33.25 77.62 -64.74
C TYR G 549 -32.59 77.28 -63.40
N ASP G 550 -32.27 78.23 -62.53
CA ASP G 550 -31.93 77.94 -61.13
C ASP G 550 -33.12 77.34 -60.36
N LEU G 551 -32.84 76.45 -59.40
CA LEU G 551 -33.88 75.56 -58.84
C LEU G 551 -34.73 76.20 -57.72
N GLU G 552 -34.33 77.37 -57.21
CA GLU G 552 -35.05 78.17 -56.22
C GLU G 552 -34.97 79.66 -56.59
N ALA G 553 -36.05 80.45 -56.44
CA ALA G 553 -36.03 81.87 -56.80
C ALA G 553 -35.04 82.69 -55.96
N MET H 1 -23.36 -1.84 -64.63
CA MET H 1 -24.18 -0.91 -65.46
C MET H 1 -23.63 0.52 -65.38
N LYS H 2 -23.80 1.32 -66.43
CA LYS H 2 -23.40 2.72 -66.45
C LYS H 2 -24.48 3.65 -65.91
N TYR H 3 -24.09 4.78 -65.34
CA TYR H 3 -25.08 5.74 -64.80
C TYR H 3 -24.63 7.19 -65.02
N VAL H 4 -25.55 8.13 -65.22
CA VAL H 4 -25.26 9.56 -65.37
C VAL H 4 -26.19 10.36 -64.47
N VAL H 5 -25.70 10.99 -63.43
CA VAL H 5 -26.50 11.96 -62.67
C VAL H 5 -26.61 13.28 -63.43
N VAL H 6 -27.78 13.89 -63.42
CA VAL H 6 -27.99 15.30 -63.74
C VAL H 6 -28.56 15.96 -62.51
N SER H 7 -27.96 17.04 -62.04
CA SER H 7 -28.31 17.68 -60.76
C SER H 7 -28.04 19.18 -60.76
N GLY H 8 -28.36 19.89 -59.68
CA GLY H 8 -27.60 21.11 -59.35
C GLY H 8 -28.28 22.48 -59.39
N GLY H 9 -27.44 23.50 -59.26
CA GLY H 9 -27.75 24.92 -59.46
C GLY H 9 -27.97 25.72 -58.17
N VAL H 10 -27.99 27.06 -58.26
CA VAL H 10 -28.48 27.95 -57.20
C VAL H 10 -30.00 28.24 -57.26
N ILE H 11 -30.72 27.73 -58.25
CA ILE H 11 -32.15 27.96 -58.45
C ILE H 11 -32.81 26.67 -58.96
N SER H 12 -34.05 26.43 -58.55
CA SER H 12 -34.92 25.48 -59.24
C SER H 12 -35.42 26.10 -60.55
N GLY H 13 -35.64 25.32 -61.60
CA GLY H 13 -36.08 25.82 -62.91
C GLY H 13 -34.96 26.17 -63.89
N ILE H 14 -33.72 25.78 -63.59
CA ILE H 14 -32.51 26.09 -64.35
C ILE H 14 -32.40 25.42 -65.73
N GLY H 15 -33.02 24.26 -65.94
CA GLY H 15 -32.96 23.54 -67.23
C GLY H 15 -32.67 22.04 -67.21
N LYS H 16 -32.71 21.35 -66.09
CA LYS H 16 -32.31 19.95 -65.90
C LYS H 16 -32.86 19.00 -66.95
N GLY H 17 -34.15 18.73 -66.99
CA GLY H 17 -34.79 17.80 -67.87
C GLY H 17 -34.35 17.78 -69.31
N VAL H 18 -34.17 18.91 -69.95
CA VAL H 18 -33.69 19.11 -71.32
C VAL H 18 -32.26 18.66 -71.42
N LEU H 19 -31.45 18.86 -70.40
CA LEU H 19 -30.06 18.43 -70.25
C LEU H 19 -30.03 16.95 -69.94
N ALA H 20 -31.07 16.40 -69.37
CA ALA H 20 -31.25 15.04 -68.92
C ALA H 20 -31.63 14.12 -70.07
N SER H 21 -32.87 14.13 -70.49
CA SER H 21 -33.40 13.28 -71.55
C SER H 21 -32.59 13.59 -72.78
N SER H 22 -32.36 14.84 -73.09
CA SER H 22 -31.45 15.16 -74.22
C SER H 22 -30.07 14.47 -74.16
N THR H 23 -29.44 14.28 -73.01
CA THR H 23 -28.22 13.52 -72.79
C THR H 23 -28.53 12.07 -73.09
N GLY H 24 -29.67 11.58 -72.67
CA GLY H 24 -30.14 10.25 -72.86
C GLY H 24 -30.52 9.90 -74.26
N MET H 25 -30.98 10.83 -75.06
CA MET H 25 -31.23 10.65 -76.49
C MET H 25 -29.90 10.35 -77.17
N LEU H 26 -28.90 11.13 -76.76
CA LEU H 26 -27.58 11.00 -77.30
C LEU H 26 -26.95 9.67 -76.92
N MET H 27 -27.27 9.11 -75.75
CA MET H 27 -26.77 7.77 -75.42
C MET H 27 -27.32 6.75 -76.42
N LYS H 28 -28.58 6.88 -76.81
CA LYS H 28 -29.20 6.06 -77.86
C LYS H 28 -28.59 6.23 -79.24
N THR H 29 -28.04 7.42 -79.51
CA THR H 29 -27.29 7.68 -80.74
C THR H 29 -26.11 6.73 -80.88
N LEU H 30 -25.46 6.39 -79.76
CA LEU H 30 -24.39 5.42 -79.75
C LEU H 30 -24.91 3.98 -79.93
N GLY H 31 -26.22 3.78 -80.03
CA GLY H 31 -26.90 2.50 -80.18
C GLY H 31 -27.32 1.86 -78.86
N LEU H 32 -27.18 2.58 -77.74
CA LEU H 32 -27.31 2.03 -76.38
C LEU H 32 -28.75 1.76 -75.96
N LYS H 33 -28.96 0.74 -75.11
CA LYS H 33 -30.20 0.57 -74.35
C LYS H 33 -30.21 1.59 -73.22
N VAL H 34 -31.27 2.39 -73.11
CA VAL H 34 -31.24 3.54 -72.17
C VAL H 34 -32.50 3.62 -71.34
N THR H 35 -32.36 4.13 -70.12
CA THR H 35 -33.44 4.31 -69.15
C THR H 35 -33.25 5.60 -68.40
N SER H 36 -34.23 6.02 -67.62
CA SER H 36 -34.18 7.26 -66.87
C SER H 36 -34.95 7.17 -65.57
N ILE H 37 -34.47 7.78 -64.50
CA ILE H 37 -35.15 7.86 -63.21
C ILE H 37 -35.23 9.32 -62.80
N LYS H 38 -36.40 9.81 -62.40
CA LYS H 38 -36.46 11.14 -61.81
C LYS H 38 -36.67 11.01 -60.32
N ILE H 39 -35.75 11.64 -59.61
CA ILE H 39 -35.78 11.74 -58.16
C ILE H 39 -36.42 13.07 -57.81
N ASP H 40 -37.56 13.01 -57.14
CA ASP H 40 -38.31 14.18 -56.73
C ASP H 40 -38.23 14.48 -55.24
N PRO H 41 -37.79 15.69 -54.87
CA PRO H 41 -37.72 15.99 -53.45
C PRO H 41 -39.07 16.21 -52.77
N TYR H 42 -40.17 16.38 -53.49
CA TYR H 42 -41.47 16.58 -52.84
C TYR H 42 -41.98 15.34 -52.11
N MET H 43 -42.97 15.55 -51.24
CA MET H 43 -43.50 14.49 -50.38
C MET H 43 -44.78 13.80 -50.86
N ASN H 44 -45.39 14.23 -51.95
CA ASN H 44 -46.45 13.43 -52.56
C ASN H 44 -45.88 12.08 -53.02
N ILE H 45 -46.58 10.99 -52.74
CA ILE H 45 -46.20 9.67 -53.24
C ILE H 45 -46.47 9.53 -54.75
N ASP H 46 -47.51 10.20 -55.25
CA ASP H 46 -47.90 10.23 -56.65
C ASP H 46 -48.70 11.49 -57.00
N ALA H 47 -48.90 11.74 -58.29
CA ALA H 47 -49.67 12.89 -58.77
C ALA H 47 -51.18 12.68 -58.70
N GLY H 48 -51.67 11.50 -58.28
CA GLY H 48 -53.10 11.24 -58.24
C GLY H 48 -53.84 12.11 -57.23
N THR H 49 -53.18 12.48 -56.14
CA THR H 49 -53.70 13.47 -55.19
C THR H 49 -53.53 14.92 -55.67
N MET H 50 -52.64 15.15 -56.63
CA MET H 50 -52.24 16.49 -57.03
C MET H 50 -53.18 17.05 -58.10
N SER H 51 -53.93 18.10 -57.75
CA SER H 51 -54.78 18.83 -58.69
C SER H 51 -53.93 19.51 -59.78
N PRO H 52 -54.28 19.43 -61.09
CA PRO H 52 -53.45 19.98 -62.16
C PRO H 52 -53.17 21.49 -62.11
N LEU H 53 -53.85 22.24 -61.24
CA LEU H 53 -53.62 23.66 -60.97
C LEU H 53 -52.16 23.96 -60.60
N GLU H 54 -51.52 23.06 -59.88
CA GLU H 54 -50.15 23.23 -59.41
C GLU H 54 -49.37 21.93 -59.56
N HIS H 55 -48.10 22.05 -59.90
CA HIS H 55 -47.29 21.00 -60.52
C HIS H 55 -47.82 20.48 -61.88
N GLY H 56 -48.95 21.00 -62.35
CA GLY H 56 -49.44 20.74 -63.69
C GLY H 56 -50.03 19.35 -63.91
N GLU H 57 -50.07 18.99 -65.17
CA GLU H 57 -50.65 17.79 -65.77
C GLU H 57 -50.16 16.45 -65.15
N CYS H 58 -51.07 15.62 -64.63
CA CYS H 58 -50.75 14.28 -64.11
C CYS H 58 -50.40 13.31 -65.26
N PHE H 59 -49.12 13.18 -65.63
CA PHE H 59 -48.71 12.32 -66.74
C PHE H 59 -49.08 10.85 -66.49
N VAL H 60 -49.50 10.12 -67.50
CA VAL H 60 -49.91 8.71 -67.30
C VAL H 60 -49.13 7.63 -68.07
N LEU H 61 -48.72 6.66 -67.29
CA LEU H 61 -47.94 5.52 -67.73
C LEU H 61 -48.76 4.53 -68.54
N ASP H 62 -48.02 3.68 -69.25
CA ASP H 62 -48.47 2.36 -69.69
C ASP H 62 -49.10 1.57 -68.52
N ASP H 63 -48.39 1.46 -67.38
CA ASP H 63 -48.89 0.87 -66.13
C ASP H 63 -49.98 1.69 -65.41
N GLY H 64 -50.43 2.81 -65.97
CA GLY H 64 -51.60 3.56 -65.48
C GLY H 64 -51.44 4.32 -64.17
N GLY H 65 -50.22 4.43 -63.64
CA GLY H 65 -49.89 5.37 -62.58
C GLY H 65 -49.91 6.82 -63.05
N GLU H 66 -50.55 7.69 -62.27
CA GLU H 66 -50.47 9.16 -62.39
C GLU H 66 -49.14 9.67 -61.82
N THR H 67 -48.16 9.78 -62.69
CA THR H 67 -46.76 10.19 -62.36
C THR H 67 -46.55 11.68 -62.33
N ASP H 68 -45.37 12.06 -61.84
CA ASP H 68 -44.75 13.32 -62.21
C ASP H 68 -44.84 13.56 -63.71
N LEU H 69 -45.19 14.78 -64.07
CA LEU H 69 -45.28 15.20 -65.46
C LEU H 69 -44.00 14.96 -66.24
N ASP H 70 -42.85 15.30 -65.65
CA ASP H 70 -41.60 15.38 -66.39
C ASP H 70 -41.13 14.02 -66.94
N LEU H 71 -41.60 12.90 -66.38
CA LEU H 71 -41.32 11.60 -66.98
C LEU H 71 -41.73 11.53 -68.44
N GLY H 72 -42.82 12.20 -68.81
CA GLY H 72 -43.21 12.32 -70.21
C GLY H 72 -42.05 12.82 -71.06
N ASN H 73 -41.24 13.75 -70.56
CA ASN H 73 -40.13 14.35 -71.29
C ASN H 73 -39.14 13.26 -71.67
N TYR H 74 -39.04 12.16 -70.94
CA TYR H 74 -38.14 11.02 -71.09
C TYR H 74 -38.71 9.96 -72.01
N GLU H 75 -40.03 9.83 -72.02
CA GLU H 75 -40.63 8.84 -72.89
C GLU H 75 -40.48 9.34 -74.32
N ARG H 76 -40.65 10.66 -74.51
CA ARG H 76 -40.50 11.41 -75.76
C ARG H 76 -39.10 11.32 -76.35
N TYR H 77 -38.11 11.70 -75.54
CA TYR H 77 -36.73 11.92 -75.97
C TYR H 77 -35.92 10.63 -76.13
N LEU H 78 -36.35 9.53 -75.50
CA LEU H 78 -35.73 8.20 -75.51
C LEU H 78 -36.50 7.20 -76.32
N GLY H 79 -37.83 7.25 -76.30
CA GLY H 79 -38.67 6.22 -76.90
C GLY H 79 -38.71 4.98 -76.03
N VAL H 80 -39.13 5.14 -74.77
CA VAL H 80 -39.14 4.08 -73.76
C VAL H 80 -40.43 4.08 -72.97
N THR H 81 -40.83 2.91 -72.48
CA THR H 81 -41.97 2.77 -71.56
C THR H 81 -41.44 2.69 -70.14
N LEU H 82 -41.63 3.75 -69.36
CA LEU H 82 -41.27 3.75 -67.94
C LEU H 82 -42.37 3.09 -67.08
N THR H 83 -42.17 3.05 -65.77
CA THR H 83 -43.09 2.43 -64.79
C THR H 83 -43.28 3.34 -63.59
N LYS H 84 -44.24 3.04 -62.71
CA LYS H 84 -44.50 3.84 -61.51
C LYS H 84 -43.29 3.94 -60.57
N ASP H 85 -42.37 2.99 -60.65
CA ASP H 85 -41.13 2.99 -59.86
C ASP H 85 -40.04 3.93 -60.38
N HIS H 86 -40.05 4.36 -61.65
CA HIS H 86 -39.06 5.30 -62.19
C HIS H 86 -39.20 6.73 -61.67
N ASN H 87 -40.26 7.04 -60.94
CA ASN H 87 -40.40 8.30 -60.25
C ASN H 87 -40.20 8.10 -58.76
N ILE H 88 -38.95 8.17 -58.32
CA ILE H 88 -38.62 8.18 -56.89
C ILE H 88 -39.11 9.50 -56.32
N THR H 89 -39.76 9.51 -55.16
CA THR H 89 -40.13 10.75 -54.47
C THR H 89 -39.83 10.64 -52.98
N THR H 90 -39.65 11.76 -52.30
CA THR H 90 -39.39 11.76 -50.86
C THR H 90 -40.50 11.08 -50.08
N GLY H 91 -41.75 11.29 -50.46
CA GLY H 91 -42.87 10.59 -49.82
C GLY H 91 -42.90 9.09 -50.11
N LYS H 92 -42.44 8.68 -51.29
CA LYS H 92 -42.42 7.28 -51.70
C LYS H 92 -41.36 6.51 -50.92
N ILE H 93 -40.18 7.06 -50.76
CA ILE H 93 -39.08 6.36 -50.08
C ILE H 93 -39.21 6.40 -48.56
N TYR H 94 -39.67 7.48 -47.93
CA TYR H 94 -40.00 7.39 -46.51
C TYR H 94 -41.09 6.37 -46.24
N SER H 95 -42.11 6.24 -47.08
CA SER H 95 -43.15 5.21 -46.93
C SER H 95 -42.60 3.80 -47.03
N HIS H 96 -41.68 3.54 -47.96
CA HIS H 96 -41.12 2.21 -48.16
C HIS H 96 -40.24 1.77 -47.01
N VAL H 97 -39.37 2.63 -46.50
CA VAL H 97 -38.58 2.33 -45.30
C VAL H 97 -39.45 2.23 -44.04
N ILE H 98 -40.44 3.10 -43.86
CA ILE H 98 -41.37 2.99 -42.73
C ILE H 98 -42.21 1.71 -42.82
N ALA H 99 -42.56 1.20 -44.00
CA ALA H 99 -43.24 -0.09 -44.10
C ALA H 99 -42.35 -1.23 -43.57
N LYS H 100 -41.11 -1.28 -44.04
CA LYS H 100 -40.12 -2.25 -43.55
C LYS H 100 -39.84 -2.12 -42.05
N GLU H 101 -39.92 -0.92 -41.47
CA GLU H 101 -39.80 -0.70 -40.02
C GLU H 101 -40.90 -1.38 -39.20
N ARG H 102 -42.17 -1.33 -39.65
CA ARG H 102 -43.29 -1.97 -38.93
C ARG H 102 -43.45 -3.45 -39.25
N LYS H 103 -43.06 -3.89 -40.45
CA LYS H 103 -42.90 -5.31 -40.76
C LYS H 103 -41.74 -5.93 -39.97
N GLY H 104 -40.76 -5.12 -39.56
CA GLY H 104 -39.63 -5.55 -38.74
C GLY H 104 -38.45 -6.08 -39.56
N ASP H 105 -38.32 -5.71 -40.83
CA ASP H 105 -37.26 -6.20 -41.71
C ASP H 105 -35.85 -5.73 -41.30
N TYR H 106 -35.75 -4.74 -40.41
CA TYR H 106 -34.50 -4.29 -39.80
C TYR H 106 -34.09 -5.11 -38.57
N LEU H 107 -34.70 -6.26 -38.29
CA LEU H 107 -34.29 -7.18 -37.22
C LEU H 107 -34.13 -6.49 -35.87
N GLY H 108 -35.04 -5.57 -35.57
CA GLY H 108 -35.09 -4.82 -34.32
C GLY H 108 -33.95 -3.83 -34.09
N LYS H 109 -33.06 -3.58 -35.05
CA LYS H 109 -32.13 -2.43 -35.00
C LYS H 109 -32.94 -1.13 -34.98
N THR H 110 -32.38 -0.03 -34.49
CA THR H 110 -32.94 1.29 -34.83
C THR H 110 -32.61 1.60 -36.28
N VAL H 111 -33.54 2.24 -36.99
CA VAL H 111 -33.42 2.55 -38.41
C VAL H 111 -33.22 4.04 -38.57
N GLN H 112 -32.24 4.42 -39.38
CA GLN H 112 -31.63 5.75 -39.38
C GLN H 112 -31.64 6.34 -40.78
N ILE H 113 -31.57 7.66 -40.93
CA ILE H 113 -31.50 8.23 -42.28
C ILE H 113 -30.20 7.81 -42.95
N VAL H 114 -29.10 7.75 -42.21
CA VAL H 114 -27.84 7.11 -42.65
C VAL H 114 -27.47 6.01 -41.66
N PRO H 115 -27.20 4.76 -42.06
CA PRO H 115 -27.13 4.28 -43.43
C PRO H 115 -28.43 3.69 -44.00
N HIS H 116 -29.47 3.42 -43.21
CA HIS H 116 -30.59 2.61 -43.71
C HIS H 116 -31.38 3.26 -44.83
N LEU H 117 -31.81 4.51 -44.70
CA LEU H 117 -32.54 5.17 -45.79
C LEU H 117 -31.64 5.49 -46.99
N THR H 118 -30.38 5.86 -46.79
CA THR H 118 -29.48 6.06 -47.94
C THR H 118 -29.12 4.76 -48.64
N ASN H 119 -29.13 3.63 -47.96
CA ASN H 119 -29.10 2.32 -48.60
C ASN H 119 -30.38 2.07 -49.38
N ALA H 120 -31.56 2.37 -48.84
CA ALA H 120 -32.82 2.16 -49.56
C ALA H 120 -32.84 2.90 -50.91
N ILE H 121 -32.41 4.15 -50.94
CA ILE H 121 -32.34 4.93 -52.18
C ILE H 121 -31.37 4.28 -53.18
N GLN H 122 -30.18 3.86 -52.79
CA GLN H 122 -29.26 3.14 -53.69
C GLN H 122 -29.85 1.82 -54.18
N ASP H 123 -30.49 1.06 -53.28
CA ASP H 123 -31.12 -0.21 -53.63
C ASP H 123 -32.32 -0.01 -54.56
N TRP H 124 -33.01 1.13 -54.50
CA TRP H 124 -34.07 1.51 -55.44
C TRP H 124 -33.51 1.87 -56.81
N ILE H 125 -32.50 2.74 -56.89
CA ILE H 125 -31.89 3.13 -58.16
C ILE H 125 -31.35 1.90 -58.90
N GLU H 126 -30.55 1.05 -58.25
CA GLU H 126 -30.03 -0.13 -58.93
C GLU H 126 -31.10 -1.19 -59.18
N ARG H 127 -32.21 -1.22 -58.43
CA ARG H 127 -33.36 -2.09 -58.74
C ARG H 127 -33.98 -1.65 -60.03
N VAL H 128 -34.40 -0.39 -60.10
CA VAL H 128 -35.15 0.15 -61.23
C VAL H 128 -34.31 0.18 -62.50
N ALA H 129 -33.02 0.44 -62.42
CA ALA H 129 -32.12 0.43 -63.57
C ALA H 129 -31.95 -0.94 -64.25
N LYS H 130 -32.42 -2.05 -63.66
CA LYS H 130 -32.51 -3.36 -64.32
C LYS H 130 -33.69 -3.49 -65.29
N ILE H 131 -34.78 -2.77 -65.06
CA ILE H 131 -36.05 -2.96 -65.76
C ILE H 131 -35.87 -2.68 -67.27
N PRO H 132 -36.31 -3.56 -68.19
CA PRO H 132 -36.09 -3.41 -69.62
C PRO H 132 -37.15 -2.49 -70.27
N VAL H 133 -36.95 -1.19 -70.18
CA VAL H 133 -37.89 -0.17 -70.68
C VAL H 133 -37.88 0.03 -72.20
N ASP H 134 -36.95 -0.61 -72.89
CA ASP H 134 -36.54 -0.35 -74.27
C ASP H 134 -37.17 -1.31 -75.29
N ASP H 135 -36.92 -1.10 -76.59
CA ASP H 135 -37.53 -1.85 -77.71
C ASP H 135 -37.11 -3.33 -77.83
N THR H 136 -36.33 -3.86 -76.91
CA THR H 136 -36.12 -5.29 -76.70
C THR H 136 -35.85 -5.55 -75.23
N GLY H 137 -36.21 -6.73 -74.74
CA GLY H 137 -36.29 -7.06 -73.32
C GLY H 137 -34.98 -7.13 -72.53
N MET H 138 -33.84 -6.70 -73.08
CA MET H 138 -32.58 -6.62 -72.35
C MET H 138 -32.56 -5.46 -71.36
N GLU H 139 -31.84 -5.65 -70.25
CA GLU H 139 -31.63 -4.58 -69.28
C GLU H 139 -30.88 -3.37 -69.89
N PRO H 140 -31.19 -2.13 -69.51
CA PRO H 140 -30.50 -0.95 -70.01
C PRO H 140 -28.99 -0.94 -69.76
N ASP H 141 -28.25 -0.31 -70.66
CA ASP H 141 -26.80 -0.17 -70.56
C ASP H 141 -26.45 1.05 -69.72
N VAL H 142 -27.24 2.13 -69.85
CA VAL H 142 -27.05 3.39 -69.13
C VAL H 142 -28.35 3.86 -68.53
N CYS H 143 -28.28 4.45 -67.34
CA CYS H 143 -29.42 5.09 -66.68
C CYS H 143 -29.13 6.57 -66.43
N ILE H 144 -30.00 7.46 -66.88
CA ILE H 144 -29.92 8.90 -66.59
C ILE H 144 -30.70 9.18 -65.32
N ILE H 145 -30.06 9.64 -64.25
CA ILE H 145 -30.71 9.93 -62.97
C ILE H 145 -30.84 11.43 -62.82
N GLU H 146 -32.04 12.00 -62.85
CA GLU H 146 -32.22 13.42 -62.62
C GLU H 146 -32.60 13.67 -61.18
N LEU H 147 -31.77 14.40 -60.47
CA LEU H 147 -32.00 14.83 -59.10
C LEU H 147 -32.73 16.16 -59.09
N GLY H 148 -34.01 16.19 -58.77
CA GLY H 148 -34.78 17.43 -58.61
C GLY H 148 -34.38 18.25 -57.39
N GLY H 149 -35.01 19.43 -57.26
CA GLY H 149 -34.64 20.44 -56.28
C GLY H 149 -33.28 21.06 -56.56
N THR H 150 -32.61 21.60 -55.55
CA THR H 150 -31.22 22.06 -55.65
C THR H 150 -30.36 21.43 -54.56
N VAL H 151 -29.11 21.13 -54.88
CA VAL H 151 -28.15 20.65 -53.89
C VAL H 151 -27.97 21.71 -52.79
N GLY H 152 -28.08 21.32 -51.53
CA GLY H 152 -28.12 22.24 -50.38
C GLY H 152 -29.52 22.61 -49.88
N ASP H 153 -30.54 21.99 -50.48
CA ASP H 153 -31.92 22.11 -49.96
C ASP H 153 -31.99 21.15 -48.77
N ILE H 154 -32.83 21.40 -47.74
CA ILE H 154 -33.02 20.45 -46.60
C ILE H 154 -33.96 19.34 -47.07
N GLU H 155 -34.48 19.39 -48.26
CA GLU H 155 -35.41 18.48 -48.93
C GLU H 155 -34.66 17.48 -49.78
N SER H 156 -33.52 17.84 -50.30
CA SER H 156 -32.66 17.10 -51.23
C SER H 156 -31.48 16.46 -50.54
N ALA H 157 -31.30 16.68 -49.22
CA ALA H 157 -30.10 16.21 -48.49
C ALA H 157 -30.04 14.67 -48.43
N PRO H 158 -31.13 13.90 -48.25
CA PRO H 158 -31.05 12.44 -48.26
C PRO H 158 -30.55 11.84 -49.57
N PHE H 159 -30.90 12.45 -50.70
CA PHE H 159 -30.52 11.96 -52.02
C PHE H 159 -29.08 12.23 -52.41
N VAL H 160 -28.51 13.39 -52.07
CA VAL H 160 -27.07 13.63 -52.29
C VAL H 160 -26.20 12.76 -51.39
N GLU H 161 -26.64 12.39 -50.19
CA GLU H 161 -25.99 11.33 -49.43
C GLU H 161 -26.07 10.00 -50.17
N ALA H 162 -27.25 9.58 -50.58
CA ALA H 162 -27.41 8.29 -51.22
C ALA H 162 -26.62 8.19 -52.52
N LEU H 163 -26.64 9.23 -53.35
CA LEU H 163 -25.85 9.31 -54.56
C LEU H 163 -24.34 9.33 -54.25
N ARG H 164 -23.85 10.01 -53.21
CA ARG H 164 -22.41 9.96 -52.86
C ARG H 164 -21.98 8.52 -52.59
N GLN H 165 -22.70 7.82 -51.72
CA GLN H 165 -22.41 6.43 -51.41
C GLN H 165 -22.52 5.57 -52.68
N PHE H 166 -23.44 5.90 -53.58
CA PHE H 166 -23.59 5.23 -54.86
C PHE H 166 -22.40 5.41 -55.78
N GLN H 167 -21.59 6.47 -55.67
CA GLN H 167 -20.35 6.62 -56.44
C GLN H 167 -19.31 5.54 -56.09
N PHE H 168 -19.54 4.76 -55.02
CA PHE H 168 -18.65 3.70 -54.55
C PHE H 168 -19.30 2.32 -54.68
N LYS H 169 -20.61 2.22 -54.43
CA LYS H 169 -21.38 0.99 -54.64
C LYS H 169 -21.37 0.61 -56.13
N VAL H 170 -21.57 1.60 -57.00
CA VAL H 170 -21.15 1.62 -58.41
C VAL H 170 -19.73 2.17 -58.45
N GLY H 171 -18.88 1.74 -59.37
CA GLY H 171 -17.53 2.31 -59.50
C GLY H 171 -17.46 3.68 -60.17
N LYS H 172 -16.39 4.44 -59.92
CA LYS H 172 -15.91 5.45 -60.88
C LYS H 172 -15.52 4.72 -62.18
N GLU H 173 -15.61 5.40 -63.32
CA GLU H 173 -15.67 4.75 -64.65
C GLU H 173 -16.93 3.89 -64.88
N ASN H 174 -17.93 3.93 -63.99
CA ASN H 174 -19.31 3.51 -64.27
C ASN H 174 -20.31 4.61 -63.94
N PHE H 175 -20.05 5.49 -63.00
CA PHE H 175 -20.88 6.65 -62.65
C PHE H 175 -20.23 7.97 -63.08
N ALA H 176 -21.01 8.92 -63.58
CA ALA H 176 -20.59 10.30 -63.87
C ALA H 176 -21.68 11.31 -63.55
N LEU H 177 -21.33 12.57 -63.28
CA LEU H 177 -22.29 13.61 -62.91
C LEU H 177 -22.17 14.85 -63.79
N ILE H 178 -23.31 15.36 -64.25
CA ILE H 178 -23.48 16.64 -64.94
C ILE H 178 -24.15 17.60 -63.95
N HIS H 179 -23.53 18.73 -63.63
CA HIS H 179 -24.11 19.71 -62.72
C HIS H 179 -24.56 20.92 -63.52
N VAL H 180 -25.81 21.31 -63.38
CA VAL H 180 -26.40 22.39 -64.19
C VAL H 180 -26.42 23.65 -63.33
N SER H 181 -25.88 24.77 -63.79
CA SER H 181 -25.61 25.93 -62.91
C SER H 181 -25.83 27.27 -63.59
N LEU H 182 -25.96 28.36 -62.81
CA LEU H 182 -26.40 29.64 -63.34
C LEU H 182 -25.21 30.57 -63.61
N VAL H 183 -25.17 31.18 -64.78
CA VAL H 183 -24.29 32.31 -65.06
C VAL H 183 -25.20 33.52 -65.29
N PRO H 184 -25.58 34.30 -64.25
CA PRO H 184 -26.40 35.47 -64.46
C PRO H 184 -25.61 36.53 -65.20
N VAL H 185 -26.22 37.19 -66.20
CA VAL H 185 -25.54 38.23 -67.05
C VAL H 185 -26.19 39.59 -66.72
N ILE H 186 -25.68 40.34 -65.73
CA ILE H 186 -26.20 41.69 -65.34
C ILE H 186 -25.03 42.68 -65.23
N HIS H 187 -25.29 43.99 -65.35
CA HIS H 187 -24.25 45.05 -65.19
C HIS H 187 -23.12 44.84 -66.22
N GLY H 188 -23.45 44.38 -67.44
CA GLY H 188 -22.45 44.24 -68.54
C GLY H 188 -21.36 43.21 -68.25
N GLU H 189 -21.67 42.05 -67.63
CA GLU H 189 -20.67 40.95 -67.42
C GLU H 189 -21.36 39.62 -67.06
N GLN H 190 -20.84 38.47 -67.55
CA GLN H 190 -21.35 37.12 -67.21
C GLN H 190 -20.70 36.74 -65.87
N LYS H 191 -21.45 36.69 -64.75
CA LYS H 191 -20.85 36.49 -63.43
C LYS H 191 -20.73 35.00 -63.11
N THR H 192 -19.55 34.53 -62.72
CA THR H 192 -19.31 33.10 -62.42
C THR H 192 -19.67 32.70 -61.00
N LYS H 193 -19.77 33.63 -60.05
CA LYS H 193 -19.80 33.30 -58.62
C LYS H 193 -20.96 32.41 -58.16
N PRO H 194 -22.18 32.44 -58.69
CA PRO H 194 -23.20 31.48 -58.28
C PRO H 194 -22.80 30.04 -58.61
N THR H 195 -22.08 29.80 -59.71
CA THR H 195 -21.48 28.48 -59.99
C THR H 195 -20.38 28.11 -59.01
N GLN H 196 -19.52 29.05 -58.59
CA GLN H 196 -18.51 28.76 -57.55
C GLN H 196 -19.17 28.38 -56.22
N ALA H 197 -20.11 29.16 -55.69
CA ALA H 197 -20.81 28.87 -54.45
C ALA H 197 -21.64 27.58 -54.50
N ALA H 198 -22.28 27.24 -55.62
CA ALA H 198 -23.02 25.99 -55.77
C ALA H 198 -22.12 24.77 -56.00
N ILE H 199 -20.91 24.94 -56.53
CA ILE H 199 -19.92 23.87 -56.63
C ILE H 199 -19.24 23.64 -55.28
N LYS H 200 -18.96 24.69 -54.52
CA LYS H 200 -18.60 24.59 -53.11
C LYS H 200 -19.64 23.78 -52.34
N GLY H 201 -20.93 24.10 -52.49
CA GLY H 201 -22.01 23.28 -51.94
C GLY H 201 -21.95 21.83 -52.40
N LEU H 202 -21.79 21.57 -53.71
CA LEU H 202 -21.74 20.22 -54.25
C LEU H 202 -20.60 19.39 -53.64
N ARG H 203 -19.36 19.90 -53.63
CA ARG H 203 -18.24 19.14 -53.07
C ARG H 203 -18.37 18.95 -51.56
N SER H 204 -19.04 19.84 -50.84
CA SER H 204 -19.31 19.64 -49.42
C SER H 204 -20.06 18.35 -49.15
N LEU H 205 -21.10 18.05 -49.93
CA LEU H 205 -21.88 16.80 -49.83
C LEU H 205 -21.20 15.61 -50.53
N GLY H 206 -20.20 15.85 -51.36
CA GLY H 206 -19.16 14.88 -51.72
C GLY H 206 -19.20 14.37 -53.15
N LEU H 207 -20.22 14.74 -53.90
CA LEU H 207 -20.30 14.52 -55.33
C LEU H 207 -19.28 15.42 -56.04
N VAL H 208 -18.68 14.97 -57.13
CA VAL H 208 -17.78 15.78 -57.97
C VAL H 208 -18.28 15.79 -59.41
N PRO H 209 -18.41 16.96 -60.05
CA PRO H 209 -18.99 17.05 -61.38
C PRO H 209 -17.96 16.70 -62.43
N ASP H 210 -18.32 15.82 -63.34
CA ASP H 210 -17.53 15.49 -64.51
C ASP H 210 -17.81 16.44 -65.66
N MET H 211 -18.93 17.13 -65.61
CA MET H 211 -19.28 18.26 -66.45
C MET H 211 -19.99 19.33 -65.66
N ILE H 212 -19.87 20.58 -66.10
CA ILE H 212 -20.77 21.64 -65.69
C ILE H 212 -21.55 22.06 -66.92
N ALA H 213 -22.82 22.39 -66.79
CA ALA H 213 -23.64 22.89 -67.88
C ALA H 213 -24.36 24.18 -67.48
N CYS H 214 -24.19 25.26 -68.22
CA CYS H 214 -24.68 26.55 -67.75
C CYS H 214 -26.01 26.98 -68.37
N ARG H 215 -26.96 27.36 -67.52
CA ARG H 215 -28.04 28.28 -67.90
C ARG H 215 -27.42 29.66 -68.00
N CYS H 216 -27.49 30.25 -69.18
CA CYS H 216 -27.02 31.61 -69.39
C CYS H 216 -27.90 32.29 -70.46
N SER H 217 -28.06 33.60 -70.35
CA SER H 217 -28.77 34.40 -71.34
C SER H 217 -28.01 34.53 -72.66
N GLU H 218 -26.74 34.10 -72.73
CA GLU H 218 -25.81 34.34 -73.82
C GLU H 218 -25.02 33.09 -74.21
N THR H 219 -24.27 33.14 -75.30
CA THR H 219 -23.13 32.22 -75.43
C THR H 219 -22.09 32.57 -74.36
N LEU H 220 -21.65 31.59 -73.55
CA LEU H 220 -20.59 31.84 -72.57
C LEU H 220 -19.36 32.42 -73.26
N ASP H 221 -18.82 33.50 -72.73
CA ASP H 221 -17.53 34.02 -73.16
C ASP H 221 -16.42 33.01 -72.89
N LYS H 222 -15.41 32.97 -73.75
CA LYS H 222 -14.17 32.21 -73.57
C LYS H 222 -13.57 32.39 -72.17
N PRO H 223 -13.43 33.61 -71.60
CA PRO H 223 -13.03 33.79 -70.20
C PRO H 223 -14.00 33.24 -69.17
N THR H 224 -15.32 33.22 -69.41
CA THR H 224 -16.27 32.64 -68.44
C THR H 224 -16.07 31.15 -68.30
N ILE H 225 -15.89 30.43 -69.41
CA ILE H 225 -15.53 29.01 -69.39
C ILE H 225 -14.23 28.79 -68.63
N ASP H 226 -13.20 29.61 -68.87
CA ASP H 226 -11.93 29.49 -68.16
C ASP H 226 -12.07 29.78 -66.66
N LYS H 227 -12.84 30.78 -66.24
CA LYS H 227 -13.04 31.13 -64.83
C LYS H 227 -13.99 30.19 -64.10
N ILE H 228 -14.85 29.42 -64.77
CA ILE H 228 -15.52 28.24 -64.17
C ILE H 228 -14.55 27.07 -64.06
N ALA H 229 -13.83 26.69 -65.12
CA ALA H 229 -12.92 25.55 -65.07
C ALA H 229 -11.71 25.75 -64.13
N MET H 230 -11.28 26.99 -63.88
CA MET H 230 -10.27 27.32 -62.85
C MET H 230 -10.79 27.12 -61.41
N PHE H 231 -12.09 26.89 -61.23
CA PHE H 231 -12.77 26.78 -59.93
C PHE H 231 -13.50 25.46 -59.71
N CYS H 232 -13.44 24.55 -60.67
CA CYS H 232 -14.07 23.23 -60.65
C CYS H 232 -13.15 22.18 -61.29
N HIS H 233 -13.36 20.91 -60.99
CA HIS H 233 -12.43 19.85 -61.42
C HIS H 233 -12.70 19.32 -62.85
N VAL H 234 -13.06 20.21 -63.77
CA VAL H 234 -13.43 19.93 -65.16
C VAL H 234 -12.45 20.62 -66.12
N GLY H 235 -12.14 20.04 -67.28
CA GLY H 235 -11.44 20.76 -68.33
C GLY H 235 -12.32 21.86 -68.92
N PRO H 236 -11.77 22.87 -69.61
CA PRO H 236 -12.59 23.92 -70.20
C PRO H 236 -13.54 23.42 -71.30
N GLU H 237 -13.27 22.25 -71.88
CA GLU H 237 -14.11 21.58 -72.88
C GLU H 237 -15.34 20.83 -72.28
N GLN H 238 -15.43 20.70 -70.95
CA GLN H 238 -16.59 20.15 -70.24
C GLN H 238 -17.40 21.21 -69.47
N VAL H 239 -17.24 22.49 -69.77
CA VAL H 239 -18.22 23.50 -69.41
C VAL H 239 -19.19 23.67 -70.57
N VAL H 240 -20.06 22.66 -70.68
CA VAL H 240 -21.13 22.66 -71.71
C VAL H 240 -21.92 23.95 -71.48
N ASN H 241 -22.50 24.55 -72.50
CA ASN H 241 -23.47 25.68 -72.35
C ASN H 241 -24.74 25.15 -73.02
N VAL H 242 -25.93 25.54 -72.60
CA VAL H 242 -27.18 25.17 -73.33
C VAL H 242 -27.87 26.52 -73.53
N HIS H 243 -27.53 27.21 -74.62
CA HIS H 243 -28.01 28.60 -74.91
C HIS H 243 -29.28 28.58 -75.75
N ASP H 244 -29.77 29.76 -76.13
CA ASP H 244 -30.92 29.92 -77.02
C ASP H 244 -30.71 29.20 -78.36
N VAL H 245 -31.69 28.39 -78.77
CA VAL H 245 -31.70 27.60 -80.02
C VAL H 245 -33.06 27.67 -80.68
N ASN H 246 -33.15 27.31 -81.96
CA ASN H 246 -34.37 27.52 -82.75
C ASN H 246 -35.58 26.78 -82.14
N SER H 247 -35.35 25.58 -81.60
CA SER H 247 -36.28 24.84 -80.78
C SER H 247 -35.54 23.91 -79.81
N THR H 248 -36.23 23.50 -78.77
CA THR H 248 -35.74 22.60 -77.70
C THR H 248 -35.07 21.34 -78.25
N TYR H 249 -35.61 20.73 -79.31
CA TYR H 249 -35.05 19.52 -79.88
C TYR H 249 -33.70 19.73 -80.60
N HIS H 250 -33.30 20.97 -80.89
CA HIS H 250 -31.93 21.24 -81.33
C HIS H 250 -30.94 21.02 -80.20
N VAL H 251 -31.36 21.11 -78.94
CA VAL H 251 -30.49 20.94 -77.78
C VAL H 251 -29.66 19.66 -77.83
N PRO H 252 -30.18 18.45 -78.08
CA PRO H 252 -29.30 17.28 -78.17
C PRO H 252 -28.21 17.44 -79.24
N LEU H 253 -28.55 18.01 -80.40
CA LEU H 253 -27.53 18.27 -81.41
C LEU H 253 -26.57 19.36 -80.93
N LEU H 254 -27.05 20.38 -80.23
CA LEU H 254 -26.21 21.35 -79.55
C LEU H 254 -25.21 20.68 -78.61
N LEU H 255 -25.66 19.76 -77.75
CA LEU H 255 -24.80 19.02 -76.84
C LEU H 255 -23.78 18.18 -77.60
N LEU H 256 -24.20 17.49 -78.66
CA LEU H 256 -23.33 16.76 -79.55
C LEU H 256 -22.26 17.67 -80.18
N GLU H 257 -22.66 18.84 -80.67
CA GLU H 257 -21.77 19.80 -81.31
C GLU H 257 -20.73 20.36 -80.34
N GLN H 258 -21.13 20.55 -79.09
CA GLN H 258 -20.25 20.91 -77.97
C GLN H 258 -19.39 19.73 -77.47
N LYS H 259 -19.27 18.64 -78.23
CA LYS H 259 -18.47 17.45 -77.92
C LYS H 259 -18.82 16.83 -76.56
N MET H 260 -20.06 16.96 -76.13
CA MET H 260 -20.50 16.45 -74.84
C MET H 260 -20.37 14.93 -74.76
N ILE H 261 -20.81 14.20 -75.78
CA ILE H 261 -20.72 12.74 -75.83
C ILE H 261 -19.31 12.24 -76.10
N ASP H 262 -18.49 12.96 -76.85
CA ASP H 262 -17.12 12.55 -77.11
C ASP H 262 -16.29 12.50 -75.82
N TYR H 263 -16.70 13.22 -74.78
CA TYR H 263 -16.21 13.02 -73.42
C TYR H 263 -16.90 11.83 -72.74
N LEU H 264 -18.24 11.76 -72.66
CA LEU H 264 -18.92 10.68 -71.93
C LEU H 264 -18.55 9.29 -72.46
N HIS H 265 -18.31 9.13 -73.74
CA HIS H 265 -17.75 7.92 -74.33
C HIS H 265 -16.48 7.45 -73.62
N ALA H 266 -15.52 8.35 -73.35
CA ALA H 266 -14.29 8.06 -72.64
C ALA H 266 -14.50 7.98 -71.12
N ARG H 267 -15.24 8.93 -70.54
CA ARG H 267 -15.45 9.06 -69.09
C ARG H 267 -16.25 7.92 -68.48
N LEU H 268 -17.16 7.35 -69.26
CA LEU H 268 -17.91 6.17 -68.88
C LEU H 268 -17.48 4.94 -69.68
N LYS H 269 -16.43 5.05 -70.49
CA LYS H 269 -15.79 3.92 -71.15
C LYS H 269 -16.81 3.09 -71.93
N LEU H 270 -17.56 3.78 -72.78
CA LEU H 270 -18.72 3.27 -73.50
C LEU H 270 -18.33 2.44 -74.71
N ASP H 271 -17.08 2.56 -75.14
CA ASP H 271 -16.39 1.61 -76.00
C ASP H 271 -16.39 0.18 -75.44
N GLU H 272 -16.51 0.01 -74.12
CA GLU H 272 -16.71 -1.32 -73.52
C GLU H 272 -18.07 -1.94 -73.84
N ILE H 273 -19.05 -1.15 -74.28
CA ILE H 273 -20.36 -1.67 -74.70
C ILE H 273 -20.26 -2.19 -76.14
N SER H 274 -19.95 -3.48 -76.27
CA SER H 274 -19.84 -4.20 -77.55
C SER H 274 -21.22 -4.52 -78.15
N LEU H 275 -21.90 -3.49 -78.67
CA LEU H 275 -23.21 -3.60 -79.31
C LEU H 275 -23.21 -4.57 -80.51
N THR H 276 -24.35 -5.23 -80.77
CA THR H 276 -24.51 -5.91 -82.07
C THR H 276 -24.58 -4.87 -83.20
N GLU H 277 -24.31 -5.29 -84.43
CA GLU H 277 -24.44 -4.44 -85.60
C GLU H 277 -25.89 -4.13 -85.97
N GLU H 278 -26.87 -4.75 -85.31
CA GLU H 278 -28.26 -4.26 -85.28
C GLU H 278 -28.50 -3.21 -84.17
N GLU H 279 -27.59 -3.08 -83.23
CA GLU H 279 -27.57 -2.02 -82.23
C GLU H 279 -26.60 -0.94 -82.66
N GLU H 280 -27.16 2.34 -87.40
CA GLU H 280 -28.06 3.05 -88.30
C GLU H 280 -29.17 3.78 -87.56
N LEU H 281 -29.62 3.33 -86.39
CA LEU H 281 -30.54 4.10 -85.56
C LEU H 281 -29.95 5.47 -85.24
N LEU H 282 -28.65 5.54 -84.99
CA LEU H 282 -27.86 6.75 -84.91
C LEU H 282 -28.06 7.60 -86.17
N SER H 283 -27.86 7.01 -87.34
CA SER H 283 -27.92 7.68 -88.64
C SER H 283 -29.32 8.20 -88.92
N LYS H 284 -30.28 7.26 -88.97
CA LYS H 284 -31.72 7.57 -89.14
C LYS H 284 -32.07 8.60 -88.07
N TRP H 285 -31.47 8.55 -86.86
CA TRP H 285 -31.73 9.61 -85.84
C TRP H 285 -31.04 10.88 -86.38
N LYS H 286 -29.72 11.01 -86.57
CA LYS H 286 -29.00 12.22 -87.09
C LYS H 286 -29.67 12.71 -88.38
N ALA H 287 -30.34 11.82 -89.14
CA ALA H 287 -31.08 12.17 -90.37
C ALA H 287 -32.27 13.00 -89.89
N THR H 288 -33.05 12.57 -88.87
CA THR H 288 -34.33 13.20 -88.34
C THR H 288 -34.12 14.35 -87.31
N THR H 289 -32.96 14.52 -86.69
CA THR H 289 -32.53 15.72 -85.98
C THR H 289 -32.47 16.87 -86.96
N GLY H 290 -31.80 16.63 -88.09
CA GLY H 290 -31.88 17.49 -89.24
C GLY H 290 -33.30 17.65 -89.75
N ASN H 291 -34.07 16.58 -89.91
CA ASN H 291 -35.38 16.65 -90.55
C ASN H 291 -36.41 17.40 -89.69
N PHE H 292 -36.25 17.38 -88.37
CA PHE H 292 -36.87 18.38 -87.52
C PHE H 292 -36.32 19.77 -87.88
N ASP H 293 -35.02 19.96 -87.70
CA ASP H 293 -34.38 21.29 -87.64
C ASP H 293 -34.46 22.09 -88.95
N GLU H 294 -34.43 21.40 -90.08
CA GLU H 294 -34.44 21.94 -91.44
C GLU H 294 -35.79 22.59 -91.78
N THR H 295 -45.17 28.91 -92.94
CA THR H 295 -45.87 28.84 -91.66
C THR H 295 -47.27 28.24 -91.72
N VAL H 296 -47.68 27.53 -90.69
CA VAL H 296 -49.06 27.16 -90.36
C VAL H 296 -49.46 27.87 -89.06
N LYS H 297 -50.55 28.64 -89.07
CA LYS H 297 -51.02 29.38 -87.89
C LYS H 297 -52.17 28.62 -87.25
N ILE H 298 -52.12 28.26 -85.98
CA ILE H 298 -53.19 27.50 -85.29
C ILE H 298 -53.66 28.28 -84.07
N ALA H 299 -54.95 28.53 -83.92
CA ALA H 299 -55.47 29.12 -82.69
C ALA H 299 -55.76 28.00 -81.70
N LEU H 300 -55.09 28.01 -80.55
CA LEU H 300 -55.40 27.11 -79.45
C LEU H 300 -56.25 27.90 -78.46
N VAL H 301 -57.49 27.48 -78.27
CA VAL H 301 -58.53 28.24 -77.58
C VAL H 301 -58.93 27.49 -76.32
N GLY H 302 -58.68 28.06 -75.15
CA GLY H 302 -59.04 27.39 -73.90
C GLY H 302 -59.03 28.31 -72.70
N LYS H 303 -59.25 27.76 -71.50
CA LYS H 303 -59.12 28.48 -70.22
C LYS H 303 -57.66 28.80 -69.87
N TYR H 304 -57.39 30.01 -69.39
CA TYR H 304 -56.12 30.40 -68.77
C TYR H 304 -54.89 30.02 -69.61
N THR H 305 -54.96 30.24 -70.92
CA THR H 305 -53.82 30.02 -71.84
C THR H 305 -52.56 30.82 -71.49
N ASN H 306 -52.67 31.81 -70.61
CA ASN H 306 -51.54 32.52 -70.00
C ASN H 306 -50.57 31.54 -69.30
N LEU H 307 -51.14 30.47 -68.74
CA LEU H 307 -50.48 29.40 -68.01
C LEU H 307 -49.95 28.34 -68.99
N LYS H 308 -48.94 28.72 -69.76
CA LYS H 308 -48.56 27.94 -70.97
C LYS H 308 -48.04 26.52 -70.70
N ASP H 309 -47.46 26.25 -69.55
CA ASP H 309 -47.09 24.87 -69.21
C ASP H 309 -48.31 23.94 -69.08
N SER H 310 -49.49 24.47 -68.77
CA SER H 310 -50.71 23.68 -68.61
C SER H 310 -51.18 23.03 -69.93
N TYR H 311 -50.63 23.47 -71.06
CA TYR H 311 -50.93 22.93 -72.38
C TYR H 311 -49.73 22.29 -73.04
N LEU H 312 -48.66 22.02 -72.29
CA LEU H 312 -47.39 21.61 -72.84
C LEU H 312 -47.47 20.42 -73.79
N SER H 313 -48.16 19.34 -73.42
CA SER H 313 -48.23 18.15 -74.28
C SER H 313 -48.86 18.49 -75.61
N VAL H 314 -49.90 19.33 -75.57
CA VAL H 314 -50.58 19.83 -76.76
C VAL H 314 -49.57 20.53 -77.65
N ILE H 315 -48.75 21.41 -77.07
CA ILE H 315 -47.73 22.11 -77.84
C ILE H 315 -46.77 21.12 -78.48
N LYS H 316 -46.25 20.18 -77.70
CA LYS H 316 -45.27 19.24 -78.23
C LYS H 316 -45.86 18.37 -79.33
N ALA H 317 -47.10 17.92 -79.16
CA ALA H 317 -47.78 17.16 -80.21
C ALA H 317 -47.90 17.95 -81.53
N LEU H 318 -48.26 19.23 -81.47
CA LEU H 318 -48.27 20.09 -82.65
C LEU H 318 -46.87 20.26 -83.24
N GLU H 319 -45.81 20.35 -82.44
CA GLU H 319 -44.44 20.42 -82.93
C GLU H 319 -44.04 19.15 -83.68
N HIS H 320 -44.31 17.97 -83.11
CA HIS H 320 -43.91 16.69 -83.74
C HIS H 320 -44.52 16.57 -85.13
N SER H 321 -45.80 16.86 -85.22
CA SER H 321 -46.55 16.81 -86.47
C SER H 321 -46.09 17.89 -87.46
N SER H 322 -45.81 19.11 -87.01
CA SER H 322 -45.36 20.18 -87.90
C SER H 322 -44.04 19.88 -88.60
N MET H 323 -43.13 19.18 -87.93
CA MET H 323 -41.89 18.71 -88.55
C MET H 323 -42.16 17.74 -89.71
N LYS H 324 -43.17 16.86 -89.60
CA LYS H 324 -43.56 15.95 -90.69
C LYS H 324 -44.11 16.72 -91.90
N CYS H 325 -44.96 17.71 -91.68
CA CYS H 325 -45.46 18.61 -92.74
C CYS H 325 -44.42 19.61 -93.29
N ARG H 326 -43.21 19.61 -92.71
CA ARG H 326 -42.09 20.50 -93.00
C ARG H 326 -42.45 22.00 -92.89
N ARG H 327 -43.48 22.34 -92.11
CA ARG H 327 -44.03 23.70 -91.96
C ARG H 327 -43.83 24.24 -90.56
N LYS H 328 -43.56 25.54 -90.47
CA LYS H 328 -43.24 26.22 -89.23
C LYS H 328 -44.51 26.44 -88.43
N LEU H 329 -44.52 26.07 -87.16
CA LEU H 329 -45.69 26.17 -86.31
C LEU H 329 -45.78 27.52 -85.62
N ASP H 330 -46.95 28.14 -85.67
CA ASP H 330 -47.23 29.40 -84.99
C ASP H 330 -48.53 29.31 -84.19
N ILE H 331 -48.45 28.86 -82.94
CA ILE H 331 -49.62 28.77 -82.06
C ILE H 331 -50.04 30.18 -81.64
N LYS H 332 -51.27 30.58 -81.94
CA LYS H 332 -51.90 31.74 -81.32
C LYS H 332 -52.59 31.28 -80.04
N TRP H 333 -52.24 31.88 -78.92
CA TRP H 333 -52.87 31.61 -77.63
C TRP H 333 -54.08 32.51 -77.41
N VAL H 334 -55.26 31.91 -77.34
CA VAL H 334 -56.53 32.62 -77.12
C VAL H 334 -57.11 32.24 -75.77
N GLU H 335 -57.37 33.20 -74.90
CA GLU H 335 -58.24 32.93 -73.75
C GLU H 335 -59.66 32.78 -74.23
N ALA H 336 -60.26 31.63 -74.01
CA ALA H 336 -61.60 31.32 -74.48
C ALA H 336 -62.64 32.35 -73.99
N THR H 337 -62.55 32.80 -72.75
CA THR H 337 -63.50 33.77 -72.22
C THR H 337 -63.45 35.14 -72.90
N ASP H 338 -62.33 35.51 -73.53
CA ASP H 338 -62.25 36.77 -74.26
C ASP H 338 -63.01 36.76 -75.59
N LEU H 339 -63.46 35.60 -76.07
CA LEU H 339 -64.31 35.51 -77.24
C LEU H 339 -65.77 35.86 -76.94
N GLU H 340 -66.18 35.85 -75.68
CA GLU H 340 -67.60 35.92 -75.31
C GLU H 340 -68.25 37.27 -75.68
N PRO H 341 -69.54 37.30 -76.08
CA PRO H 341 -70.28 38.55 -76.29
C PRO H 341 -70.32 39.50 -75.09
N GLU H 342 -70.17 38.97 -73.86
CA GLU H 342 -70.05 39.76 -72.62
C GLU H 342 -68.69 40.46 -72.50
N ALA H 343 -67.62 39.84 -73.00
CA ALA H 343 -66.28 40.41 -72.90
C ALA H 343 -66.19 41.73 -73.69
N GLN H 344 -67.01 41.92 -74.71
CA GLN H 344 -67.02 43.11 -75.57
C GLN H 344 -67.31 44.40 -74.80
N GLU H 345 -68.18 44.39 -73.79
CA GLU H 345 -68.38 45.57 -72.93
C GLU H 345 -67.41 45.58 -71.74
N SER H 346 -67.00 44.40 -71.24
CA SER H 346 -66.18 44.29 -70.03
C SER H 346 -64.71 44.68 -70.27
N ASN H 347 -64.11 44.19 -71.35
CA ASN H 347 -62.67 44.29 -71.63
C ASN H 347 -62.41 44.30 -73.15
N LYS H 348 -62.99 45.27 -73.85
CA LYS H 348 -63.12 45.30 -75.31
C LYS H 348 -61.81 45.04 -76.05
N THR H 349 -60.69 45.60 -75.59
CA THR H 349 -59.40 45.51 -76.29
C THR H 349 -58.94 44.08 -76.46
N LYS H 350 -58.97 43.30 -75.37
CA LYS H 350 -58.55 41.90 -75.41
C LYS H 350 -59.50 41.03 -76.21
N PHE H 351 -60.78 41.36 -76.20
CA PHE H 351 -61.79 40.71 -77.03
C PHE H 351 -61.49 40.83 -78.54
N ARG H 352 -61.05 42.00 -79.02
CA ARG H 352 -60.61 42.15 -80.41
C ARG H 352 -59.33 41.35 -80.69
N GLU H 353 -58.36 41.33 -79.77
CA GLU H 353 -57.16 40.53 -79.97
C GLU H 353 -57.50 39.04 -80.09
N ALA H 354 -58.39 38.53 -79.24
CA ALA H 354 -58.85 37.16 -79.29
C ALA H 354 -59.52 36.82 -80.61
N TRP H 355 -60.44 37.67 -81.07
CA TRP H 355 -61.14 37.42 -82.32
C TRP H 355 -60.25 37.58 -83.55
N ASN H 356 -59.28 38.48 -83.56
CA ASN H 356 -58.31 38.53 -84.64
C ASN H 356 -57.55 37.21 -84.76
N MET H 357 -57.10 36.63 -83.64
CA MET H 357 -56.40 35.35 -83.66
C MET H 357 -57.30 34.27 -84.26
N VAL H 358 -58.55 34.13 -83.79
CA VAL H 358 -59.50 33.13 -84.31
C VAL H 358 -59.73 33.31 -85.82
N SER H 359 -59.89 34.54 -86.27
CA SER H 359 -60.10 34.90 -87.68
C SER H 359 -58.89 34.69 -88.57
N THR H 360 -57.69 34.81 -88.03
CA THR H 360 -56.42 34.65 -88.77
C THR H 360 -56.08 33.18 -88.99
N ALA H 361 -56.36 32.32 -88.01
CA ALA H 361 -55.76 31.00 -87.94
C ALA H 361 -56.16 30.07 -89.09
N ASP H 362 -55.21 29.27 -89.57
CA ASP H 362 -55.41 28.22 -90.56
C ASP H 362 -56.05 26.96 -89.98
N GLY H 363 -56.07 26.83 -88.66
CA GLY H 363 -56.74 25.75 -87.95
C GLY H 363 -57.18 26.20 -86.56
N ILE H 364 -58.19 25.55 -85.99
CA ILE H 364 -58.64 25.79 -84.63
C ILE H 364 -58.46 24.52 -83.80
N LEU H 365 -58.11 24.70 -82.54
CA LEU H 365 -57.82 23.62 -81.60
C LEU H 365 -58.43 23.96 -80.26
N ILE H 366 -59.34 23.14 -79.79
CA ILE H 366 -59.90 23.24 -78.44
C ILE H 366 -59.25 22.11 -77.62
N PRO H 367 -58.42 22.42 -76.61
CA PRO H 367 -57.35 21.52 -76.18
C PRO H 367 -57.73 20.50 -75.09
N GLY H 368 -58.98 20.45 -74.63
CA GLY H 368 -59.35 19.64 -73.46
C GLY H 368 -59.11 20.34 -72.11
N GLY H 369 -59.63 21.56 -71.97
CA GLY H 369 -59.46 22.42 -70.80
C GLY H 369 -60.03 21.87 -69.47
N PHE H 370 -59.72 22.56 -68.39
CA PHE H 370 -60.08 22.22 -67.03
C PHE H 370 -61.24 23.11 -66.55
N GLY H 371 -62.30 22.50 -66.04
CA GLY H 371 -63.48 23.22 -65.55
C GLY H 371 -64.31 23.92 -66.62
N VAL H 372 -65.37 24.62 -66.20
CA VAL H 372 -66.44 25.11 -67.11
C VAL H 372 -66.19 26.49 -67.72
N ARG H 373 -65.39 27.36 -67.08
CA ARG H 373 -65.34 28.81 -67.35
C ARG H 373 -65.27 29.21 -68.82
N GLY H 374 -64.34 28.62 -69.57
CA GLY H 374 -64.10 28.98 -70.99
C GLY H 374 -65.19 28.56 -71.98
N THR H 375 -66.16 27.74 -71.56
CA THR H 375 -67.05 27.01 -72.47
C THR H 375 -67.73 27.92 -73.48
N GLU H 376 -68.29 29.05 -73.08
CA GLU H 376 -69.12 29.89 -73.96
C GLU H 376 -68.33 30.42 -75.16
N GLY H 377 -67.07 30.81 -74.97
CA GLY H 377 -66.22 31.20 -76.09
C GLY H 377 -65.79 30.03 -76.96
N MET H 378 -65.46 28.89 -76.35
CA MET H 378 -65.07 27.69 -77.07
C MET H 378 -66.19 27.18 -77.99
N VAL H 379 -67.46 27.40 -77.65
CA VAL H 379 -68.60 27.15 -78.54
C VAL H 379 -68.50 27.97 -79.81
N LEU H 380 -68.28 29.29 -79.70
CA LEU H 380 -68.17 30.21 -80.83
C LEU H 380 -66.94 29.92 -81.69
N ALA H 381 -65.83 29.46 -81.11
CA ALA H 381 -64.69 28.96 -81.88
C ALA H 381 -65.01 27.67 -82.66
N ALA H 382 -65.80 26.76 -82.10
CA ALA H 382 -66.22 25.56 -82.82
C ALA H 382 -67.20 25.87 -83.96
N ARG H 383 -68.12 26.82 -83.77
CA ARG H 383 -69.07 27.35 -84.75
C ARG H 383 -68.36 28.00 -85.91
N TRP H 384 -67.33 28.80 -85.61
CA TRP H 384 -66.48 29.44 -86.60
C TRP H 384 -65.82 28.46 -87.56
N ALA H 385 -65.38 27.30 -87.07
CA ALA H 385 -64.79 26.26 -87.90
C ALA H 385 -65.79 25.24 -88.48
N ARG H 386 -67.00 25.12 -87.92
CA ARG H 386 -68.04 24.30 -88.55
C ARG H 386 -68.53 24.97 -89.82
N GLU H 387 -68.87 26.26 -89.73
CA GLU H 387 -69.57 26.96 -90.80
C GLU H 387 -68.62 27.32 -91.95
N ASN H 388 -67.63 28.16 -91.67
CA ASN H 388 -66.50 28.38 -92.56
C ASN H 388 -65.61 27.14 -92.50
N HIS H 389 -65.15 26.57 -93.62
CA HIS H 389 -64.43 25.28 -93.64
C HIS H 389 -62.99 25.30 -93.08
N ILE H 390 -62.75 25.90 -91.91
CA ILE H 390 -61.48 25.90 -91.18
C ILE H 390 -61.21 24.50 -90.61
N PRO H 391 -60.01 23.90 -90.74
CA PRO H 391 -59.63 22.69 -90.03
C PRO H 391 -59.73 22.82 -88.52
N PHE H 392 -60.17 21.76 -87.83
CA PHE H 392 -60.45 21.77 -86.40
C PHE H 392 -60.05 20.46 -85.74
N LEU H 393 -59.54 20.54 -84.50
CA LEU H 393 -59.48 19.41 -83.58
C LEU H 393 -60.05 19.79 -82.21
N GLY H 394 -60.97 18.98 -81.71
CA GLY H 394 -61.46 19.05 -80.33
C GLY H 394 -60.91 17.91 -79.50
N VAL H 395 -60.23 18.19 -78.40
CA VAL H 395 -59.69 17.15 -77.50
C VAL H 395 -60.49 17.15 -76.20
N CYS H 396 -61.01 16.00 -75.78
CA CYS H 396 -61.81 15.80 -74.57
C CYS H 396 -62.97 16.82 -74.44
N LEU H 397 -62.85 17.85 -73.60
CA LEU H 397 -63.80 18.98 -73.55
C LEU H 397 -64.02 19.63 -74.93
N GLY H 398 -63.05 19.55 -75.84
CA GLY H 398 -63.24 19.95 -77.21
C GLY H 398 -64.22 19.08 -77.98
N LEU H 399 -64.25 17.75 -77.78
CA LEU H 399 -65.31 16.91 -78.37
C LEU H 399 -66.67 17.26 -77.76
N GLN H 400 -66.69 17.46 -76.45
CA GLN H 400 -67.87 17.90 -75.73
C GLN H 400 -68.41 19.20 -76.32
N ILE H 401 -67.53 20.17 -76.58
CA ILE H 401 -67.92 21.46 -77.17
C ILE H 401 -68.19 21.40 -78.66
N ALA H 402 -67.54 20.53 -79.43
CA ALA H 402 -67.96 20.23 -80.79
C ALA H 402 -69.39 19.68 -80.83
N THR H 403 -69.77 18.84 -79.86
CA THR H 403 -71.11 18.27 -79.80
C THR H 403 -72.13 19.26 -79.25
N ILE H 404 -71.81 20.03 -78.21
CA ILE H 404 -72.66 21.12 -77.73
C ILE H 404 -72.89 22.12 -78.86
N GLU H 405 -71.89 22.50 -79.64
CA GLU H 405 -72.08 23.48 -80.71
C GLU H 405 -72.96 22.91 -81.83
N PHE H 406 -72.64 21.72 -82.34
CA PHE H 406 -73.43 21.11 -83.39
C PHE H 406 -74.90 20.90 -82.94
N THR H 407 -75.13 20.56 -81.68
CA THR H 407 -76.47 20.57 -81.08
C THR H 407 -77.07 21.97 -81.10
N ARG H 408 -76.38 22.96 -80.54
CA ARG H 408 -76.81 24.36 -80.34
C ARG H 408 -77.03 25.16 -81.64
N SER H 409 -76.59 24.66 -82.79
CA SER H 409 -76.65 25.40 -84.07
C SER H 409 -77.21 24.60 -85.24
N VAL H 410 -77.03 23.28 -85.28
CA VAL H 410 -77.55 22.43 -86.36
C VAL H 410 -78.89 21.81 -85.98
N LEU H 411 -79.09 21.40 -84.72
CA LEU H 411 -80.38 20.89 -84.22
C LEU H 411 -81.29 21.98 -83.61
N GLY H 412 -80.89 23.25 -83.65
CA GLY H 412 -81.51 24.29 -82.83
C GLY H 412 -81.10 24.15 -81.36
N ARG H 413 -82.02 23.72 -80.48
CA ARG H 413 -81.77 23.31 -79.07
C ARG H 413 -80.87 24.28 -78.28
N LYS H 414 -81.13 25.59 -78.36
CA LYS H 414 -80.25 26.65 -77.85
C LYS H 414 -79.98 26.61 -76.34
N ASP H 415 -80.83 25.94 -75.57
CA ASP H 415 -80.66 25.72 -74.12
C ASP H 415 -79.64 24.63 -73.75
N SER H 416 -79.16 23.81 -74.70
CA SER H 416 -78.29 22.66 -74.38
C SER H 416 -76.91 23.08 -73.87
N HIS H 417 -76.33 22.27 -72.98
CA HIS H 417 -75.16 22.60 -72.17
C HIS H 417 -74.49 21.32 -71.68
N SER H 418 -73.27 21.40 -71.16
CA SER H 418 -72.61 20.29 -70.47
C SER H 418 -73.42 19.80 -69.26
N ALA H 419 -73.28 18.51 -68.91
CA ALA H 419 -73.85 17.95 -67.69
C ALA H 419 -73.39 18.66 -66.41
N GLU H 420 -72.31 19.45 -66.47
CA GLU H 420 -71.87 20.36 -65.42
C GLU H 420 -72.98 21.31 -64.94
N PHE H 421 -73.87 21.81 -65.82
CA PHE H 421 -75.06 22.59 -65.45
C PHE H 421 -76.20 21.64 -65.05
N TYR H 422 -75.96 20.89 -63.99
CA TYR H 422 -76.76 19.77 -63.52
C TYR H 422 -78.29 20.05 -63.41
N PRO H 423 -78.76 21.13 -62.77
CA PRO H 423 -80.19 21.31 -62.48
C PRO H 423 -81.08 21.67 -63.68
N ASP H 424 -80.52 21.86 -64.89
CA ASP H 424 -81.33 21.97 -66.11
C ASP H 424 -81.94 20.62 -66.55
N ILE H 425 -81.32 19.50 -66.17
CA ILE H 425 -81.75 18.11 -66.39
C ILE H 425 -82.04 17.76 -67.86
N ASP H 426 -83.18 18.16 -68.42
CA ASP H 426 -83.70 17.70 -69.71
C ASP H 426 -82.79 18.05 -70.90
N GLU H 427 -82.01 19.13 -70.81
CA GLU H 427 -81.16 19.67 -71.88
C GLU H 427 -79.64 19.40 -71.69
N LYS H 428 -79.27 18.57 -70.71
CA LYS H 428 -77.88 18.12 -70.53
C LYS H 428 -77.42 17.35 -71.76
N ASN H 429 -76.34 17.81 -72.39
CA ASN H 429 -75.75 17.20 -73.58
C ASN H 429 -74.91 15.93 -73.27
N HIS H 430 -74.63 15.67 -72.00
CA HIS H 430 -73.70 14.64 -71.52
C HIS H 430 -74.30 13.80 -70.38
N VAL H 431 -73.66 12.68 -70.06
CA VAL H 431 -74.00 11.79 -68.94
C VAL H 431 -72.75 11.41 -68.15
N VAL H 432 -72.88 11.27 -66.83
CA VAL H 432 -71.84 10.77 -65.95
C VAL H 432 -71.45 9.34 -66.28
N VAL H 433 -70.15 9.04 -66.24
CA VAL H 433 -69.60 7.70 -66.40
C VAL H 433 -68.30 7.57 -65.60
N PHE H 434 -68.41 7.35 -64.28
CA PHE H 434 -67.26 7.30 -63.37
C PHE H 434 -66.42 6.01 -63.44
N MET H 435 -66.97 4.90 -63.94
CA MET H 435 -66.37 3.56 -63.91
C MET H 435 -65.77 3.18 -62.55
N MET H 436 -63.45 8.30 -62.47
CA MET H 436 -62.90 8.80 -63.74
C MET H 436 -62.40 7.66 -64.64
N ARG H 437 -62.70 7.70 -65.93
CA ARG H 437 -62.09 6.80 -66.94
C ARG H 437 -60.67 7.29 -67.20
N LEU H 438 -59.68 6.41 -67.05
CA LEU H 438 -58.24 6.71 -67.10
C LEU H 438 -57.46 5.66 -67.91
N GLY H 439 -56.22 6.00 -68.26
CA GLY H 439 -55.24 5.07 -68.82
C GLY H 439 -55.52 4.61 -70.24
N LEU H 440 -54.66 3.73 -70.75
CA LEU H 440 -54.73 3.22 -72.10
C LEU H 440 -55.92 2.29 -72.23
N ARG H 441 -56.91 2.72 -73.01
CA ARG H 441 -58.06 1.89 -73.41
C ARG H 441 -58.15 1.83 -74.94
N PRO H 442 -58.67 0.74 -75.54
CA PRO H 442 -58.85 0.67 -76.99
C PRO H 442 -59.95 1.62 -77.49
N THR H 443 -60.03 1.81 -78.80
CA THR H 443 -61.18 2.39 -79.51
C THR H 443 -61.25 1.78 -80.89
N PHE H 444 -62.46 1.47 -81.34
CA PHE H 444 -62.73 0.68 -82.52
C PHE H 444 -63.51 1.53 -83.54
N PHE H 445 -63.07 1.56 -84.79
CA PHE H 445 -63.80 2.29 -85.81
C PHE H 445 -65.14 1.62 -86.11
N GLN H 446 -66.15 2.42 -86.45
CA GLN H 446 -67.45 1.91 -86.88
C GLN H 446 -67.33 1.37 -88.32
N ASN H 447 -67.75 0.13 -88.58
CA ASN H 447 -67.24 -0.67 -89.71
C ASN H 447 -67.57 -0.15 -91.13
N GLU H 448 -68.47 0.81 -91.29
CA GLU H 448 -68.90 1.41 -92.56
C GLU H 448 -68.09 2.67 -92.95
N THR H 449 -67.37 3.29 -92.02
CA THR H 449 -66.85 4.68 -92.18
C THR H 449 -65.57 4.78 -93.02
N GLU H 450 -65.54 4.13 -94.18
CA GLU H 450 -64.41 4.10 -95.11
C GLU H 450 -64.06 5.48 -95.70
N TRP H 451 -64.99 6.42 -95.68
CA TRP H 451 -64.82 7.79 -96.14
C TRP H 451 -63.93 8.66 -95.23
N SER H 452 -63.79 8.28 -93.96
CA SER H 452 -63.21 9.10 -92.88
C SER H 452 -61.79 9.55 -93.16
N GLN H 453 -61.51 10.84 -92.95
CA GLN H 453 -60.15 11.37 -93.02
C GLN H 453 -59.29 10.83 -91.87
N ILE H 454 -59.83 10.79 -90.65
CA ILE H 454 -59.05 10.35 -89.48
C ILE H 454 -58.70 8.86 -89.54
N LYS H 455 -59.64 7.98 -89.86
CA LYS H 455 -59.33 6.55 -89.94
C LYS H 455 -58.43 6.19 -91.12
N LYS H 456 -58.27 7.08 -92.10
CA LYS H 456 -57.23 6.98 -93.11
C LYS H 456 -55.85 7.28 -92.52
N LEU H 457 -55.69 8.33 -91.71
CA LEU H 457 -54.41 8.65 -91.05
C LEU H 457 -53.90 7.52 -90.16
N TYR H 458 -54.80 6.80 -89.48
CA TYR H 458 -54.50 5.57 -88.72
C TYR H 458 -54.19 4.32 -89.59
N GLY H 459 -53.92 4.50 -90.88
CA GLY H 459 -53.39 3.45 -91.75
C GLY H 459 -54.37 2.33 -92.10
N ASP H 460 -55.68 2.58 -91.97
CA ASP H 460 -56.75 1.58 -92.11
C ASP H 460 -56.69 0.41 -91.09
N VAL H 461 -55.95 0.59 -89.99
CA VAL H 461 -55.94 -0.37 -88.86
C VAL H 461 -57.33 -0.43 -88.20
N SER H 462 -57.74 -1.61 -87.72
CA SER H 462 -59.08 -1.87 -87.17
C SER H 462 -59.38 -1.17 -85.83
N GLU H 463 -58.36 -0.88 -85.02
CA GLU H 463 -58.50 -0.22 -83.73
C GLU H 463 -57.25 0.58 -83.35
N VAL H 464 -57.43 1.40 -82.32
CA VAL H 464 -56.42 2.28 -81.73
C VAL H 464 -56.45 2.15 -80.21
N HIS H 465 -55.38 2.55 -79.51
CA HIS H 465 -55.31 2.54 -78.05
C HIS H 465 -54.84 3.89 -77.54
N GLU H 466 -55.56 4.48 -76.58
CA GLU H 466 -55.42 5.91 -76.26
C GLU H 466 -55.63 6.22 -74.77
N ARG H 467 -55.16 7.38 -74.32
CA ARG H 467 -55.27 7.83 -72.91
C ARG H 467 -56.52 8.67 -72.66
N HIS H 468 -57.15 8.44 -71.52
CA HIS H 468 -58.42 9.05 -71.12
C HIS H 468 -58.31 9.72 -69.75
N ARG H 469 -59.18 10.70 -69.43
CA ARG H 469 -59.23 11.40 -68.14
C ARG H 469 -60.61 11.95 -67.79
N HIS H 470 -61.68 11.32 -68.29
CA HIS H 470 -62.99 11.98 -68.35
C HIS H 470 -63.98 11.37 -67.37
N ARG H 471 -64.84 12.25 -66.84
CA ARG H 471 -66.00 11.84 -66.01
C ARG H 471 -67.36 11.96 -66.72
N TYR H 472 -67.43 12.64 -67.86
CA TYR H 472 -68.65 12.81 -68.65
C TYR H 472 -68.49 12.18 -70.02
N GLU H 473 -69.58 11.72 -70.62
CA GLU H 473 -69.63 11.36 -72.03
C GLU H 473 -70.89 11.92 -72.69
N ILE H 474 -70.92 12.05 -74.01
CA ILE H 474 -72.11 12.51 -74.72
C ILE H 474 -73.25 11.52 -74.46
N ASN H 475 -74.44 12.05 -74.23
CA ASN H 475 -75.57 11.23 -73.81
C ASN H 475 -76.00 10.28 -74.95
N PRO H 476 -75.90 8.94 -74.81
CA PRO H 476 -76.18 7.99 -75.88
C PRO H 476 -77.55 8.14 -76.53
N LYS H 477 -78.54 8.62 -75.76
CA LYS H 477 -79.91 8.90 -76.23
C LYS H 477 -79.93 9.83 -77.45
N MET H 478 -79.02 10.81 -77.50
CA MET H 478 -78.93 11.79 -78.58
C MET H 478 -78.12 11.34 -79.78
N VAL H 479 -77.26 10.32 -79.65
CA VAL H 479 -76.23 10.03 -80.64
C VAL H 479 -76.79 9.63 -82.00
N ASP H 480 -77.94 8.97 -82.07
CA ASP H 480 -78.59 8.69 -83.35
C ASP H 480 -78.97 9.98 -84.10
N GLU H 481 -79.43 11.00 -83.40
CA GLU H 481 -79.81 12.28 -83.97
C GLU H 481 -78.60 13.00 -84.56
N LEU H 482 -77.48 12.98 -83.84
CA LEU H 482 -76.21 13.53 -84.29
C LEU H 482 -75.64 12.74 -85.47
N GLU H 483 -75.65 11.40 -85.43
CA GLU H 483 -75.22 10.57 -86.56
C GLU H 483 -76.07 10.80 -87.82
N ASN H 484 -77.39 10.90 -87.68
CA ASN H 484 -78.33 11.15 -88.78
C ASN H 484 -78.17 12.57 -89.38
N ASN H 485 -77.81 13.56 -88.57
CA ASN H 485 -77.53 14.93 -89.04
C ASN H 485 -76.11 15.13 -89.59
N GLY H 486 -75.19 14.17 -89.40
CA GLY H 486 -73.88 14.14 -90.05
C GLY H 486 -72.67 14.28 -89.14
N LEU H 487 -72.87 14.48 -87.84
CA LEU H 487 -71.81 14.47 -86.83
C LEU H 487 -71.43 13.02 -86.49
N ILE H 488 -70.92 12.27 -87.46
CA ILE H 488 -70.78 10.82 -87.37
C ILE H 488 -69.72 10.43 -86.34
N PHE H 489 -70.09 9.65 -85.34
CA PHE H 489 -69.15 9.13 -84.34
C PHE H 489 -68.34 7.95 -84.88
N VAL H 490 -67.28 8.26 -85.64
CA VAL H 490 -66.48 7.26 -86.37
C VAL H 490 -65.70 6.26 -85.51
N GLY H 491 -65.61 6.48 -84.19
CA GLY H 491 -65.00 5.54 -83.26
C GLY H 491 -65.72 5.46 -81.93
N LYS H 492 -65.88 4.25 -81.42
CA LYS H 492 -66.50 3.98 -80.11
C LYS H 492 -65.68 2.92 -79.36
N ASP H 493 -66.05 2.71 -78.11
CA ASP H 493 -65.39 1.75 -77.22
C ASP H 493 -65.76 0.29 -77.54
N ASP H 494 -65.22 -0.62 -76.75
CA ASP H 494 -65.54 -2.05 -76.79
C ASP H 494 -67.05 -2.35 -76.72
N THR H 495 -67.82 -1.67 -75.87
CA THR H 495 -69.27 -1.89 -75.73
C THR H 495 -70.09 -1.26 -76.86
N GLY H 496 -69.56 -0.23 -77.53
CA GLY H 496 -70.30 0.60 -78.47
C GLY H 496 -71.22 1.64 -77.83
N LYS H 497 -71.21 1.76 -76.51
CA LYS H 497 -72.02 2.74 -75.77
C LYS H 497 -71.35 4.11 -75.66
N ARG H 498 -70.01 4.18 -75.74
CA ARG H 498 -69.21 5.37 -75.42
C ARG H 498 -68.70 6.10 -76.65
N CYS H 499 -68.82 7.42 -76.67
CA CYS H 499 -68.44 8.28 -77.78
C CYS H 499 -66.93 8.60 -77.75
N GLU H 500 -66.11 7.91 -78.54
CA GLU H 500 -64.65 8.05 -78.47
C GLU H 500 -64.09 9.02 -79.52
N ILE H 501 -64.67 9.01 -80.73
CA ILE H 501 -64.29 9.90 -81.84
C ILE H 501 -65.53 10.37 -82.58
N LEU H 502 -65.53 11.64 -83.02
CA LEU H 502 -66.42 12.12 -84.07
C LEU H 502 -65.65 12.75 -85.23
N GLU H 503 -66.26 12.66 -86.41
CA GLU H 503 -65.90 13.40 -87.61
C GLU H 503 -67.18 13.93 -88.24
N LEU H 504 -67.22 15.21 -88.58
CA LEU H 504 -68.33 15.79 -89.30
C LEU H 504 -68.22 15.42 -90.77
N LYS H 505 -69.21 14.68 -91.30
CA LYS H 505 -69.29 14.23 -92.68
C LYS H 505 -69.21 15.41 -93.65
N ASN H 506 -68.37 15.30 -94.69
CA ASN H 506 -68.19 16.30 -95.75
C ASN H 506 -67.79 17.69 -95.22
N HIS H 507 -66.72 17.72 -94.42
CA HIS H 507 -65.95 18.92 -94.06
C HIS H 507 -64.45 18.62 -94.26
N PRO H 508 -63.59 19.56 -94.70
CA PRO H 508 -62.19 19.27 -94.99
C PRO H 508 -61.37 18.61 -93.88
N TYR H 509 -61.60 18.98 -92.62
CA TYR H 509 -61.04 18.33 -91.44
C TYR H 509 -61.70 18.86 -90.16
N TYR H 510 -62.72 18.18 -89.65
CA TYR H 510 -63.37 18.56 -88.40
C TYR H 510 -63.54 17.32 -87.56
N ILE H 511 -62.59 17.18 -86.64
CA ILE H 511 -62.41 16.02 -85.78
C ILE H 511 -62.58 16.43 -84.34
N ALA H 512 -63.10 15.53 -83.53
CA ALA H 512 -62.81 15.58 -82.11
C ALA H 512 -62.60 14.18 -81.52
N THR H 513 -61.86 14.11 -80.42
CA THR H 513 -61.53 12.90 -79.66
C THR H 513 -61.91 13.09 -78.22
N GLN H 514 -62.52 12.09 -77.59
CA GLN H 514 -62.76 12.15 -76.15
C GLN H 514 -61.45 11.97 -75.37
N TYR H 515 -60.57 11.12 -75.88
CA TYR H 515 -59.21 10.91 -75.37
C TYR H 515 -58.27 12.10 -75.63
N HIS H 516 -57.10 12.03 -75.02
CA HIS H 516 -55.99 12.99 -75.10
C HIS H 516 -54.81 12.45 -75.93
N PRO H 517 -54.86 12.56 -77.27
CA PRO H 517 -53.85 11.99 -78.17
C PRO H 517 -52.43 12.57 -77.97
N GLU H 518 -52.32 13.76 -77.42
CA GLU H 518 -51.05 14.39 -77.05
C GLU H 518 -50.30 13.60 -75.98
N TYR H 519 -50.98 12.68 -75.29
CA TYR H 519 -50.29 11.74 -74.41
C TYR H 519 -49.63 10.57 -75.16
N THR H 520 -49.68 10.53 -76.48
CA THR H 520 -48.98 9.51 -77.25
C THR H 520 -48.31 10.03 -78.53
N SER H 521 -48.26 11.34 -78.72
CA SER H 521 -47.43 11.95 -79.74
C SER H 521 -45.93 11.74 -79.48
N LYS H 522 -45.18 11.20 -80.45
CA LYS H 522 -43.72 11.01 -80.38
C LYS H 522 -43.02 11.81 -81.47
N VAL H 523 -41.76 12.20 -81.24
CA VAL H 523 -41.00 13.07 -82.15
C VAL H 523 -40.86 12.45 -83.56
N LEU H 524 -40.71 11.12 -83.64
CA LEU H 524 -40.61 10.40 -84.91
C LEU H 524 -41.92 9.68 -85.31
N ASP H 525 -42.92 9.63 -84.42
CA ASP H 525 -44.27 9.10 -84.69
C ASP H 525 -45.33 10.06 -84.11
N PRO H 526 -45.75 11.09 -84.87
CA PRO H 526 -46.71 12.07 -84.39
C PRO H 526 -48.11 11.46 -84.18
N SER H 527 -48.85 11.90 -83.16
CA SER H 527 -50.20 11.41 -82.86
C SER H 527 -51.19 11.83 -83.95
N LYS H 528 -51.84 10.86 -84.59
CA LYS H 528 -52.60 11.08 -85.85
C LYS H 528 -53.61 12.25 -85.85
N PRO H 529 -54.41 12.51 -84.80
CA PRO H 529 -55.41 13.59 -84.80
C PRO H 529 -54.80 14.99 -84.93
N PHE H 530 -53.63 15.17 -84.33
CA PHE H 530 -52.85 16.38 -84.50
C PHE H 530 -52.14 16.43 -85.84
N LEU H 531 -51.61 15.31 -86.37
CA LEU H 531 -51.03 15.35 -87.71
C LEU H 531 -52.07 15.81 -88.73
N GLY H 532 -53.28 15.30 -88.67
CA GLY H 532 -54.38 15.74 -89.54
C GLY H 532 -54.70 17.23 -89.39
N LEU H 533 -54.75 17.77 -88.17
CA LEU H 533 -54.97 19.19 -87.94
C LEU H 533 -53.89 20.05 -88.60
N VAL H 534 -52.62 19.73 -88.44
CA VAL H 534 -51.57 20.52 -89.09
C VAL H 534 -51.63 20.32 -90.60
N ALA H 535 -51.71 19.10 -91.08
CA ALA H 535 -51.71 18.83 -92.51
C ALA H 535 -52.89 19.48 -93.25
N ALA H 536 -54.08 19.49 -92.68
CA ALA H 536 -55.21 20.20 -93.26
C ALA H 536 -55.06 21.73 -93.14
N SER H 537 -54.48 22.25 -92.07
CA SER H 537 -54.14 23.68 -91.96
C SER H 537 -53.15 24.10 -93.03
N ALA H 538 -52.20 23.24 -93.38
CA ALA H 538 -51.29 23.38 -94.51
C ALA H 538 -51.93 23.11 -95.88
N GLY H 539 -53.16 22.61 -95.92
CA GLY H 539 -53.86 22.27 -97.16
C GLY H 539 -53.26 21.09 -97.91
N ILE H 540 -52.54 20.20 -97.20
CA ILE H 540 -51.77 19.08 -97.75
C ILE H 540 -52.22 17.71 -97.27
N LEU H 541 -53.34 17.63 -96.55
CA LEU H 541 -53.84 16.44 -95.84
C LEU H 541 -53.88 15.19 -96.72
N GLN H 542 -54.37 15.32 -97.95
CA GLN H 542 -54.42 14.20 -98.90
C GLN H 542 -53.05 13.55 -99.08
N ASP H 543 -52.02 14.37 -99.27
CA ASP H 543 -50.69 13.91 -99.66
C ASP H 543 -49.91 13.32 -98.48
N VAL H 544 -50.20 13.79 -97.27
CA VAL H 544 -49.74 13.18 -96.02
C VAL H 544 -50.34 11.79 -95.84
N ILE H 545 -51.62 11.62 -96.13
CA ILE H 545 -52.28 10.31 -96.07
C ILE H 545 -51.72 9.37 -97.15
N GLU H 546 -51.53 9.89 -98.35
CA GLU H 546 -50.95 9.14 -99.48
C GLU H 546 -49.45 8.80 -99.31
N GLY H 547 -48.74 9.49 -98.40
CA GLY H 547 -47.39 9.13 -97.97
C GLY H 547 -46.24 10.00 -98.49
N LYS H 548 -46.51 11.21 -98.98
CA LYS H 548 -45.50 12.17 -99.49
C LYS H 548 -44.57 12.77 -98.43
N TYR H 549 -44.66 12.33 -97.16
CA TYR H 549 -43.97 12.94 -96.03
C TYR H 549 -43.47 11.94 -94.97
N ASP H 550 -43.49 10.62 -95.22
CA ASP H 550 -42.77 9.66 -94.38
C ASP H 550 -41.24 9.87 -94.45
N LEU H 551 -40.52 9.61 -93.35
CA LEU H 551 -39.15 10.08 -93.18
C LEU H 551 -38.08 9.19 -93.86
N GLU H 552 -38.44 7.99 -94.30
CA GLU H 552 -37.59 7.05 -95.05
C GLU H 552 -38.42 6.41 -96.20
N ALA H 553 -37.84 6.21 -97.39
CA ALA H 553 -38.57 5.63 -98.52
C ALA H 553 -39.03 4.19 -98.25
#